data_6B9T
#
_entry.id   6B9T
#
_cell.length_a   70.850
_cell.length_b   351.250
_cell.length_c   76.870
_cell.angle_alpha   90.00
_cell.angle_beta   103.36
_cell.angle_gamma   90.00
#
_symmetry.space_group_name_H-M   'P 1 21 1'
#
loop_
_entity.id
_entity.type
_entity.pdbx_description
1 polymer 'Methylphosphonate synthase'
2 non-polymer 'FE (III) ION'
3 non-polymer '(2-hydroxyethyl)phosphonic acid'
4 non-polymer 'FORMIC ACID'
5 water water
#
_entity_poly.entity_id   1
_entity_poly.type   'polypeptide(L)'
_entity_poly.pdbx_seq_one_letter_code
;MEKKIDFKPDSYLIRSGNNFLGILNDIKRRPEDAANELGVSIEEINSIISGKQKISPSLIEKAVNIWPVNERDFYIVSDD
CSSGILIMTSQDSIKSSRIMERAGKPYYEYRDTAMSKTAPFRPEWILELCKVENNDPENPKAQWNNGHFMHQFTYFIGEV
NFYYKDPEGKKHVAIMNTGDSMYITPFTPHTFTTRDGASQNGLILALTYGSKLTGDIQQELSSLSLDCGSQYALDFTNHE
NASLSLLEYYFELSNLTKEKFAKRTNFSMETLADFFTKKKLPTFDELKIIAKALNVNSRDLMPNDLTESKVIVKTHDQCD
HWKYPESGNYEFYELASTTALPHSKAFEIDVSSSEDLNLDLKVGLHQYVYNIGDSALTINWNYENKTYQKSLNPGDSAYI
KPFVPHNFRGNGKILILRIGGKISGDSQRELSFVGRENTQRAISETMQWFDPKGSNS
;
_entity_poly.pdbx_strand_id   A,B,C,D,E,F,G,H
#
# COMPACT_ATOMS: atom_id res chain seq x y z
N ASP A 10 23.09 0.11 35.64
CA ASP A 10 23.44 1.13 36.62
C ASP A 10 23.85 2.44 35.95
N SER A 11 24.51 2.34 34.78
CA SER A 11 24.70 3.55 33.97
C SER A 11 23.37 4.10 33.49
N TYR A 12 22.33 3.26 33.44
CA TYR A 12 21.00 3.76 33.16
C TYR A 12 20.54 4.67 34.28
N LEU A 13 20.82 4.29 35.53
CA LEU A 13 20.40 5.10 36.68
C LEU A 13 21.19 6.40 36.76
N ILE A 14 22.47 6.38 36.38
CA ILE A 14 23.24 7.61 36.37
C ILE A 14 22.64 8.59 35.35
N ARG A 15 22.38 8.10 34.14
CA ARG A 15 21.76 8.93 33.12
C ARG A 15 20.37 9.37 33.55
N SER A 16 19.64 8.48 34.24
CA SER A 16 18.32 8.84 34.75
C SER A 16 18.41 9.90 35.84
N GLY A 17 19.44 9.84 36.68
CA GLY A 17 19.63 10.88 37.68
C GLY A 17 20.02 12.20 37.08
N ASN A 18 20.92 12.18 36.08
CA ASN A 18 21.27 13.38 35.35
C ASN A 18 20.04 13.99 34.69
N ASN A 19 19.14 13.15 34.21
CA ASN A 19 17.93 13.65 33.57
C ASN A 19 17.01 14.34 34.58
N PHE A 20 16.86 13.77 35.77
CA PHE A 20 16.03 14.41 36.79
C PHE A 20 16.67 15.71 37.29
N LEU A 21 17.99 15.71 37.47
CA LEU A 21 18.67 16.94 37.88
C LEU A 21 18.47 18.05 36.86
N GLY A 22 18.57 17.71 35.58
CA GLY A 22 18.34 18.72 34.54
C GLY A 22 16.93 19.27 34.59
N ILE A 23 15.94 18.43 34.86
CA ILE A 23 14.56 18.90 34.97
C ILE A 23 14.44 19.91 36.11
N LEU A 24 15.08 19.63 37.24
CA LEU A 24 15.02 20.54 38.37
C LEU A 24 15.74 21.85 38.06
N ASN A 25 16.89 21.78 37.38
CA ASN A 25 17.59 23.00 36.98
C ASN A 25 16.72 23.87 36.08
N ASP A 26 16.01 23.25 35.13
CA ASP A 26 15.29 24.02 34.12
C ASP A 26 14.10 24.78 34.70
N ILE A 27 13.47 24.24 35.74
CA ILE A 27 12.34 24.92 36.37
C ILE A 27 12.77 25.74 37.59
N LYS A 28 14.07 25.86 37.83
CA LYS A 28 14.62 26.62 38.96
C LYS A 28 14.11 26.08 40.28
N ARG A 29 14.23 24.77 40.47
CA ARG A 29 13.89 24.12 41.73
C ARG A 29 15.15 23.44 42.26
N ARG A 30 15.54 23.82 43.48
CA ARG A 30 16.63 23.14 44.15
C ARG A 30 16.16 21.77 44.65
N PRO A 31 17.10 20.88 45.01
CA PRO A 31 16.69 19.62 45.64
C PRO A 31 15.77 19.82 46.83
N GLU A 32 16.00 20.85 47.63
CA GLU A 32 15.12 21.15 48.75
C GLU A 32 13.73 21.58 48.26
N ASP A 33 13.67 22.34 47.17
CA ASP A 33 12.39 22.77 46.63
C ASP A 33 11.56 21.59 46.15
N ALA A 34 12.22 20.59 45.53
CA ALA A 34 11.51 19.43 45.04
C ALA A 34 10.91 18.63 46.19
N ALA A 35 11.66 18.47 47.29
CA ALA A 35 11.14 17.73 48.43
C ALA A 35 9.91 18.41 49.02
N ASN A 36 9.97 19.74 49.20
CA ASN A 36 8.86 20.46 49.81
C ASN A 36 7.62 20.47 48.91
N GLU A 37 7.82 20.66 47.60
CA GLU A 37 6.69 20.80 46.69
C GLU A 37 6.08 19.46 46.30
N LEU A 38 6.89 18.40 46.27
CA LEU A 38 6.41 17.07 45.93
C LEU A 38 5.98 16.26 47.15
N GLY A 39 6.15 16.80 48.35
CA GLY A 39 5.75 16.10 49.57
C GLY A 39 6.52 14.84 49.86
N VAL A 40 7.84 14.86 49.62
CA VAL A 40 8.71 13.72 49.85
C VAL A 40 9.98 14.21 50.57
N SER A 41 10.70 13.26 51.17
CA SER A 41 11.93 13.58 51.88
C SER A 41 13.02 14.02 50.91
N ILE A 42 13.96 14.82 51.42
CA ILE A 42 15.08 15.25 50.60
C ILE A 42 16.06 14.11 50.33
N GLU A 43 16.06 13.06 51.16
CA GLU A 43 16.93 11.92 50.89
C GLU A 43 16.49 11.19 49.64
N GLU A 44 15.17 11.07 49.43
CA GLU A 44 14.68 10.42 48.21
C GLU A 44 15.05 11.22 46.97
N ILE A 45 14.93 12.55 47.04
CA ILE A 45 15.28 13.40 45.90
C ILE A 45 16.77 13.28 45.59
N ASN A 46 17.62 13.36 46.61
CA ASN A 46 19.06 13.26 46.39
C ASN A 46 19.48 11.87 45.94
N SER A 47 18.77 10.83 46.39
CA SER A 47 19.10 9.47 45.95
C SER A 47 18.78 9.28 44.47
N ILE A 48 17.74 9.95 43.97
CA ILE A 48 17.44 9.90 42.55
C ILE A 48 18.49 10.66 41.75
N ILE A 49 18.86 11.86 42.22
CA ILE A 49 19.81 12.70 41.50
C ILE A 49 21.15 11.99 41.36
N SER A 50 21.61 11.34 42.42
CA SER A 50 22.90 10.65 42.38
C SER A 50 22.87 9.34 41.61
N GLY A 51 21.68 8.84 41.25
CA GLY A 51 21.59 7.60 40.52
C GLY A 51 21.56 6.37 41.39
N LYS A 52 21.20 6.49 42.66
CA LYS A 52 21.13 5.34 43.55
C LYS A 52 19.82 4.60 43.39
N GLN A 53 18.70 5.32 43.46
CA GLN A 53 17.37 4.74 43.39
C GLN A 53 16.61 5.30 42.20
N LYS A 54 15.97 4.41 41.44
CA LYS A 54 15.16 4.85 40.30
C LYS A 54 13.94 5.61 40.77
N ILE A 55 13.57 6.65 40.01
CA ILE A 55 12.40 7.45 40.35
C ILE A 55 11.14 6.60 40.21
N SER A 56 10.18 6.75 41.19
CA SER A 56 8.95 5.96 41.28
C SER A 56 7.85 6.56 40.42
N PRO A 57 6.90 5.74 39.96
CA PRO A 57 5.74 6.29 39.24
C PRO A 57 4.89 7.22 40.09
N SER A 58 4.86 7.03 41.42
CA SER A 58 4.11 7.94 42.27
C SER A 58 4.72 9.33 42.27
N LEU A 59 6.06 9.41 42.32
CA LEU A 59 6.72 10.70 42.30
C LEU A 59 6.57 11.39 40.96
N ILE A 60 6.63 10.63 39.86
CA ILE A 60 6.45 11.20 38.54
C ILE A 60 5.08 11.83 38.40
N GLU A 61 4.03 11.17 38.90
CA GLU A 61 2.69 11.72 38.77
C GLU A 61 2.50 12.96 39.63
N LYS A 62 3.15 13.02 40.81
CA LYS A 62 3.11 14.25 41.60
C LYS A 62 3.76 15.41 40.85
N ALA A 63 4.85 15.12 40.14
CA ALA A 63 5.57 16.16 39.42
C ALA A 63 4.75 16.72 38.26
N VAL A 64 4.05 15.85 37.53
CA VAL A 64 3.20 16.32 36.44
C VAL A 64 2.08 17.19 36.96
N ASN A 65 1.68 16.99 38.23
CA ASN A 65 0.53 17.70 38.79
C ASN A 65 0.83 19.13 39.21
N ILE A 66 2.09 19.47 39.48
CA ILE A 66 2.43 20.81 39.94
C ILE A 66 3.36 21.55 39.00
N TRP A 67 4.08 20.86 38.12
CA TRP A 67 5.06 21.46 37.24
C TRP A 67 4.65 21.26 35.79
N PRO A 68 5.10 22.15 34.89
CA PRO A 68 4.81 22.00 33.46
C PRO A 68 5.66 20.93 32.78
N VAL A 69 5.70 19.74 33.37
CA VAL A 69 6.48 18.63 32.88
C VAL A 69 5.53 17.50 32.49
N ASN A 70 5.99 16.66 31.58
CA ASN A 70 5.22 15.50 31.13
C ASN A 70 5.83 14.21 31.67
N GLU A 71 5.03 13.16 31.66
CA GLU A 71 5.50 11.86 32.15
C GLU A 71 6.67 11.35 31.32
N ARG A 72 6.63 11.55 30.01
CA ARG A 72 7.69 11.05 29.14
C ARG A 72 9.03 11.73 29.41
N ASP A 73 9.03 12.89 30.09
CA ASP A 73 10.27 13.58 30.41
C ASP A 73 11.11 12.82 31.43
N PHE A 74 10.53 11.86 32.15
CA PHE A 74 11.22 11.16 33.21
C PHE A 74 11.73 9.78 32.81
N TYR A 75 11.31 9.26 31.66
CA TYR A 75 11.77 7.96 31.19
C TYR A 75 12.80 8.15 30.09
N ILE A 76 14.03 7.71 30.35
CA ILE A 76 15.12 7.90 29.40
C ILE A 76 15.18 6.67 28.50
N VAL A 77 15.97 6.75 27.42
CA VAL A 77 16.10 5.66 26.47
C VAL A 77 17.10 4.64 27.02
N SER A 78 16.70 3.37 27.03
CA SER A 78 17.59 2.30 27.45
C SER A 78 18.61 1.99 26.36
N ASP A 79 19.87 1.88 26.74
CA ASP A 79 20.97 1.58 25.81
C ASP A 79 21.07 0.06 25.64
N ASP A 80 20.54 -0.45 24.53
CA ASP A 80 20.57 -1.87 24.24
C ASP A 80 21.72 -2.29 23.33
N CYS A 81 22.68 -1.40 23.07
CA CYS A 81 23.84 -1.71 22.23
C CYS A 81 25.12 -1.13 22.87
N SER A 82 25.39 -1.54 24.11
CA SER A 82 26.46 -0.91 24.88
C SER A 82 27.85 -1.15 24.31
N SER A 83 28.03 -2.17 23.48
CA SER A 83 29.34 -2.44 22.90
C SER A 83 29.59 -1.64 21.63
N GLY A 84 28.61 -0.84 21.20
CA GLY A 84 28.72 0.02 20.04
C GLY A 84 28.11 -0.52 18.76
N ILE A 85 28.00 -1.83 18.62
CA ILE A 85 27.39 -2.44 17.44
C ILE A 85 26.48 -3.58 17.90
N LEU A 86 25.27 -3.64 17.35
CA LEU A 86 24.28 -4.66 17.69
C LEU A 86 23.99 -5.51 16.47
N ILE A 87 24.15 -6.83 16.62
CA ILE A 87 24.02 -7.79 15.54
C ILE A 87 22.80 -8.66 15.79
N MET A 88 22.00 -8.89 14.73
CA MET A 88 20.88 -9.81 14.76
C MET A 88 21.10 -10.91 13.73
N THR A 89 20.97 -12.16 14.16
CA THR A 89 21.28 -13.28 13.29
C THR A 89 20.13 -13.56 12.33
N SER A 90 20.49 -14.21 11.21
CA SER A 90 19.48 -14.67 10.26
C SER A 90 18.47 -15.60 10.92
N GLN A 91 18.93 -16.41 11.88
CA GLN A 91 18.04 -17.32 12.56
C GLN A 91 17.00 -16.57 13.40
N ASP A 92 17.42 -15.51 14.10
CA ASP A 92 16.48 -14.71 14.87
C ASP A 92 15.47 -14.00 13.96
N SER A 93 15.88 -13.62 12.76
CA SER A 93 14.95 -13.02 11.81
C SER A 93 13.87 -14.01 11.40
N ILE A 94 14.25 -15.28 11.21
CA ILE A 94 13.29 -16.31 10.86
C ILE A 94 12.28 -16.52 11.97
N LYS A 95 12.72 -16.44 13.23
CA LYS A 95 11.81 -16.65 14.35
C LYS A 95 10.73 -15.58 14.44
N SER A 96 11.02 -14.37 13.96
CA SER A 96 10.07 -13.26 14.00
C SER A 96 9.14 -13.24 12.79
N SER A 97 9.20 -14.25 11.93
CA SER A 97 8.43 -14.24 10.69
C SER A 97 6.93 -14.17 10.96
N ARG A 98 6.23 -13.41 10.13
CA ARG A 98 4.77 -13.37 10.19
C ARG A 98 4.19 -13.14 8.80
N ILE A 99 3.18 -13.93 8.46
CA ILE A 99 2.53 -13.88 7.15
C ILE A 99 1.31 -12.98 7.25
N MET A 100 1.18 -12.06 6.30
CA MET A 100 0.02 -11.17 6.24
C MET A 100 -0.75 -11.44 4.96
N GLU A 101 -2.05 -11.61 5.08
CA GLU A 101 -2.91 -11.87 3.94
C GLU A 101 -3.54 -10.56 3.48
N ARG A 102 -3.74 -10.47 2.17
CA ARG A 102 -4.50 -9.37 1.58
C ARG A 102 -5.47 -9.97 0.58
N ALA A 103 -6.75 -9.62 0.71
CA ALA A 103 -7.81 -10.17 -0.13
C ALA A 103 -7.83 -11.71 -0.07
N GLY A 104 -7.59 -12.26 1.12
CA GLY A 104 -7.78 -13.67 1.39
C GLY A 104 -6.62 -14.58 1.04
N LYS A 105 -5.55 -14.08 0.45
CA LYS A 105 -4.41 -14.91 0.06
C LYS A 105 -3.13 -14.36 0.67
N PRO A 106 -2.17 -15.24 0.98
CA PRO A 106 -0.89 -14.76 1.52
C PRO A 106 -0.21 -13.81 0.56
N TYR A 107 0.13 -12.61 1.06
CA TYR A 107 0.66 -11.55 0.21
C TYR A 107 2.09 -11.17 0.59
N TYR A 108 2.39 -11.01 1.87
CA TYR A 108 3.74 -10.67 2.34
C TYR A 108 4.17 -11.61 3.45
N GLU A 109 5.48 -11.82 3.56
CA GLU A 109 6.10 -12.39 4.75
C GLU A 109 7.08 -11.35 5.29
N TYR A 110 6.80 -10.85 6.49
CA TYR A 110 7.69 -9.90 7.16
C TYR A 110 8.64 -10.64 8.07
N ARG A 111 9.88 -10.15 8.12
CA ARG A 111 10.86 -10.58 9.11
C ARG A 111 11.57 -9.36 9.64
N ASP A 112 11.74 -9.32 10.96
CA ASP A 112 12.51 -8.24 11.57
C ASP A 112 14.00 -8.42 11.27
N THR A 113 14.69 -7.31 11.14
CA THR A 113 16.15 -7.28 11.07
C THR A 113 16.66 -6.38 12.19
N ALA A 114 17.97 -6.10 12.17
CA ALA A 114 18.62 -5.41 13.27
C ALA A 114 18.00 -4.04 13.55
N MET A 115 17.50 -3.85 14.77
CA MET A 115 17.02 -2.55 15.22
C MET A 115 17.50 -2.32 16.65
N SER A 116 17.53 -1.05 17.05
CA SER A 116 17.95 -0.66 18.38
C SER A 116 16.98 0.36 18.95
N LYS A 117 16.78 0.29 20.26
CA LYS A 117 15.95 1.29 20.95
C LYS A 117 16.55 2.70 20.83
N THR A 118 17.82 2.83 20.46
CA THR A 118 18.47 4.12 20.35
C THR A 118 18.45 4.69 18.94
N ALA A 119 17.89 3.98 17.97
CA ALA A 119 17.98 4.39 16.58
C ALA A 119 16.61 4.34 15.92
N PRO A 120 16.38 5.14 14.87
CA PRO A 120 15.06 5.19 14.24
C PRO A 120 14.82 4.18 13.13
N PHE A 121 15.69 3.18 12.96
CA PHE A 121 15.52 2.22 11.88
C PHE A 121 14.30 1.32 12.14
N ARG A 122 13.55 1.05 11.09
CA ARG A 122 12.52 0.00 11.09
C ARG A 122 12.72 -0.83 9.83
N PRO A 123 13.79 -1.63 9.77
CA PRO A 123 14.12 -2.33 8.53
C PRO A 123 13.45 -3.68 8.43
N GLU A 124 12.71 -3.90 7.35
CA GLU A 124 11.88 -5.10 7.22
C GLU A 124 12.35 -5.95 6.06
N TRP A 125 12.54 -7.24 6.34
CA TRP A 125 12.68 -8.26 5.32
C TRP A 125 11.28 -8.67 4.88
N ILE A 126 10.94 -8.45 3.60
CA ILE A 126 9.58 -8.65 3.12
C ILE A 126 9.65 -9.46 1.83
N LEU A 127 9.13 -10.68 1.87
CA LEU A 127 9.04 -11.55 0.71
C LEU A 127 7.70 -11.35 0.00
N GLU A 128 7.74 -11.29 -1.33
CA GLU A 128 6.55 -11.04 -2.15
C GLU A 128 5.89 -12.37 -2.52
N LEU A 129 4.76 -12.66 -1.88
CA LEU A 129 4.06 -13.93 -2.07
C LEU A 129 3.06 -13.92 -3.22
N CYS A 130 2.65 -12.75 -3.70
CA CYS A 130 1.69 -12.67 -4.80
C CYS A 130 2.42 -12.58 -6.13
N LYS A 131 2.08 -13.48 -7.06
CA LYS A 131 2.67 -13.50 -8.39
C LYS A 131 1.70 -12.91 -9.40
N VAL A 132 2.23 -12.11 -10.33
CA VAL A 132 1.42 -11.45 -11.35
C VAL A 132 1.86 -11.93 -12.72
N GLU A 133 0.90 -11.99 -13.64
CA GLU A 133 1.12 -12.52 -14.99
C GLU A 133 1.52 -11.44 -15.99
N ASN A 134 1.40 -10.16 -15.64
CA ASN A 134 1.79 -9.07 -16.52
C ASN A 134 2.41 -7.96 -15.67
N ASN A 135 2.88 -6.91 -16.35
CA ASN A 135 3.45 -5.74 -15.67
C ASN A 135 2.53 -4.53 -15.80
N ASP A 136 1.23 -4.75 -15.84
CA ASP A 136 0.27 -3.66 -15.92
C ASP A 136 0.10 -3.04 -14.54
N PRO A 137 0.35 -1.75 -14.37
CA PRO A 137 0.20 -1.13 -13.04
C PRO A 137 -1.20 -1.20 -12.47
N GLU A 138 -2.22 -1.41 -13.30
CA GLU A 138 -3.60 -1.51 -12.85
C GLU A 138 -4.03 -2.94 -12.47
N ASN A 139 -3.12 -3.91 -12.55
CA ASN A 139 -3.42 -5.32 -12.32
C ASN A 139 -4.13 -5.51 -10.97
N PRO A 140 -5.33 -6.10 -10.97
CA PRO A 140 -6.08 -6.25 -9.71
C PRO A 140 -5.45 -7.21 -8.70
N LYS A 141 -4.43 -7.98 -9.09
CA LYS A 141 -3.76 -8.82 -8.10
C LYS A 141 -2.97 -7.99 -7.10
N ALA A 142 -2.53 -6.79 -7.50
CA ALA A 142 -1.78 -5.92 -6.59
C ALA A 142 -2.71 -5.39 -5.51
N GLN A 143 -2.37 -5.65 -4.25
CA GLN A 143 -3.14 -5.19 -3.09
C GLN A 143 -2.40 -4.02 -2.45
N TRP A 144 -2.98 -2.83 -2.55
CA TRP A 144 -2.32 -1.60 -2.16
C TRP A 144 -2.52 -1.29 -0.69
N ASN A 145 -1.54 -0.61 -0.11
CA ASN A 145 -1.68 -0.12 1.26
C ASN A 145 -2.18 1.32 1.23
N ASN A 146 -2.27 1.92 2.42
CA ASN A 146 -2.71 3.29 2.59
C ASN A 146 -1.57 4.30 2.59
N GLY A 147 -0.34 3.86 2.38
CA GLY A 147 0.81 4.66 2.72
C GLY A 147 1.02 4.69 4.23
N HIS A 148 2.27 4.94 4.64
CA HIS A 148 2.60 4.90 6.05
C HIS A 148 3.57 6.01 6.42
N PHE A 149 3.66 6.22 7.73
CA PHE A 149 4.39 7.35 8.32
C PHE A 149 5.89 7.25 8.08
N MET A 150 6.46 6.04 8.13
CA MET A 150 7.90 5.90 8.01
C MET A 150 8.37 6.22 6.59
N HIS A 151 9.46 6.98 6.49
CA HIS A 151 10.20 7.05 5.24
C HIS A 151 10.66 5.65 4.86
N GLN A 152 10.80 5.40 3.56
CA GLN A 152 11.15 4.06 3.11
C GLN A 152 12.20 4.12 2.02
N PHE A 153 13.38 3.56 2.29
CA PHE A 153 14.32 3.15 1.28
C PHE A 153 14.18 1.65 1.06
N THR A 154 14.40 1.20 -0.18
CA THR A 154 14.17 -0.20 -0.52
C THR A 154 15.24 -0.72 -1.48
N TYR A 155 15.73 -1.92 -1.21
CA TYR A 155 16.65 -2.64 -2.07
C TYR A 155 15.94 -3.89 -2.61
N PHE A 156 16.05 -4.13 -3.91
CA PHE A 156 15.29 -5.20 -4.55
C PHE A 156 16.19 -6.41 -4.80
N ILE A 157 15.65 -7.59 -4.54
CA ILE A 157 16.33 -8.87 -4.78
C ILE A 157 15.37 -9.75 -5.58
N GLY A 158 15.69 -10.00 -6.84
CA GLY A 158 14.83 -10.82 -7.66
C GLY A 158 13.90 -10.00 -8.55
N GLU A 159 12.90 -10.69 -9.08
CA GLU A 159 11.99 -10.08 -10.06
C GLU A 159 10.80 -9.49 -9.33
N VAL A 160 11.01 -8.29 -8.80
CA VAL A 160 10.00 -7.60 -8.01
C VAL A 160 9.39 -6.50 -8.86
N ASN A 161 8.07 -6.35 -8.76
CA ASN A 161 7.37 -5.21 -9.33
C ASN A 161 7.06 -4.24 -8.21
N PHE A 162 7.43 -2.98 -8.39
CA PHE A 162 7.21 -1.93 -7.40
C PHE A 162 6.08 -1.03 -7.90
N TYR A 163 4.93 -1.11 -7.25
CA TYR A 163 3.77 -0.31 -7.58
C TYR A 163 3.71 0.89 -6.64
N TYR A 164 3.34 2.05 -7.18
CA TYR A 164 3.23 3.27 -6.40
C TYR A 164 2.31 4.23 -7.13
N LYS A 165 1.80 5.21 -6.41
CA LYS A 165 0.94 6.24 -6.97
C LYS A 165 1.66 7.58 -7.01
N ASP A 166 1.41 8.35 -8.07
CA ASP A 166 1.92 9.71 -8.16
C ASP A 166 1.01 10.64 -7.34
N PRO A 167 1.40 11.91 -7.15
CA PRO A 167 0.55 12.81 -6.36
C PRO A 167 -0.89 12.94 -6.86
N GLU A 168 -1.15 12.66 -8.14
CA GLU A 168 -2.50 12.77 -8.67
C GLU A 168 -3.36 11.54 -8.38
N GLY A 169 -2.76 10.44 -7.93
CA GLY A 169 -3.50 9.22 -7.67
C GLY A 169 -3.43 8.18 -8.76
N LYS A 170 -2.68 8.44 -9.83
CA LYS A 170 -2.52 7.48 -10.91
C LYS A 170 -1.51 6.41 -10.52
N LYS A 171 -1.79 5.17 -10.91
CA LYS A 171 -0.97 4.03 -10.53
C LYS A 171 0.19 3.86 -11.49
N HIS A 172 1.37 3.61 -10.95
CA HIS A 172 2.54 3.29 -11.73
C HIS A 172 3.15 2.00 -11.21
N VAL A 173 4.00 1.38 -12.03
CA VAL A 173 4.73 0.19 -11.63
C VAL A 173 6.15 0.28 -12.18
N ALA A 174 7.11 -0.17 -11.38
CA ALA A 174 8.52 -0.26 -11.78
C ALA A 174 8.92 -1.72 -11.81
N ILE A 175 9.45 -2.16 -12.95
CA ILE A 175 9.84 -3.55 -13.15
C ILE A 175 11.27 -3.68 -12.62
N MET A 176 11.40 -4.21 -11.41
CA MET A 176 12.67 -4.17 -10.70
C MET A 176 13.40 -5.51 -10.76
N ASN A 177 14.72 -5.45 -10.62
CA ASN A 177 15.60 -6.61 -10.58
C ASN A 177 16.61 -6.41 -9.45
N THR A 178 17.42 -7.43 -9.22
CA THR A 178 18.40 -7.41 -8.13
C THR A 178 19.35 -6.23 -8.28
N GLY A 179 19.51 -5.47 -7.19
CA GLY A 179 20.36 -4.31 -7.20
C GLY A 179 19.66 -2.99 -7.48
N ASP A 180 18.43 -3.04 -7.97
CA ASP A 180 17.64 -1.82 -8.07
C ASP A 180 17.26 -1.33 -6.68
N SER A 181 16.95 -0.04 -6.59
CA SER A 181 16.60 0.55 -5.31
C SER A 181 15.64 1.71 -5.55
N MET A 182 14.97 2.12 -4.47
CA MET A 182 14.02 3.22 -4.57
C MET A 182 13.90 3.90 -3.22
N TYR A 183 13.33 5.10 -3.25
CA TYR A 183 12.86 5.81 -2.06
C TYR A 183 11.43 6.24 -2.31
N ILE A 184 10.60 6.21 -1.27
CA ILE A 184 9.20 6.60 -1.39
C ILE A 184 8.82 7.47 -0.20
N THR A 185 8.23 8.63 -0.50
CA THR A 185 7.88 9.62 0.52
C THR A 185 6.78 9.08 1.45
N PRO A 186 6.83 9.40 2.74
CA PRO A 186 5.77 8.95 3.66
C PRO A 186 4.36 9.25 3.16
N PHE A 187 3.47 8.28 3.36
CA PHE A 187 2.03 8.30 3.05
C PHE A 187 1.76 8.14 1.56
N THR A 188 2.78 7.87 0.74
CA THR A 188 2.55 7.49 -0.65
C THR A 188 2.18 6.02 -0.71
N PRO A 189 0.99 5.67 -1.22
CA PRO A 189 0.60 4.25 -1.27
C PRO A 189 1.47 3.45 -2.22
N HIS A 190 1.69 2.19 -1.86
CA HIS A 190 2.56 1.32 -2.66
C HIS A 190 2.28 -0.13 -2.32
N THR A 191 2.76 -1.01 -3.18
CA THR A 191 2.68 -2.45 -2.98
C THR A 191 3.68 -3.12 -3.92
N PHE A 192 3.95 -4.40 -3.64
CA PHE A 192 4.97 -5.16 -4.35
C PHE A 192 4.45 -6.54 -4.69
N THR A 193 4.86 -7.06 -5.85
CA THR A 193 4.56 -8.42 -6.25
C THR A 193 5.83 -9.03 -6.86
N THR A 194 5.74 -10.33 -7.15
CA THR A 194 6.77 -11.05 -7.89
C THR A 194 6.28 -11.30 -9.32
N ARG A 195 7.16 -11.13 -10.30
CA ARG A 195 6.77 -11.42 -11.66
C ARG A 195 6.68 -12.92 -11.91
N ASP A 196 5.69 -13.30 -12.72
CA ASP A 196 5.52 -14.70 -13.05
C ASP A 196 6.70 -15.20 -13.87
N GLY A 197 7.10 -16.44 -13.64
CA GLY A 197 8.26 -16.98 -14.31
C GLY A 197 9.57 -16.81 -13.58
N ALA A 198 9.56 -16.12 -12.44
CA ALA A 198 10.78 -15.94 -11.65
C ALA A 198 11.19 -17.26 -11.00
N SER A 199 12.51 -17.48 -10.90
CA SER A 199 13.01 -18.72 -10.34
C SER A 199 12.61 -18.86 -8.87
N GLN A 200 12.56 -17.75 -8.13
CA GLN A 200 12.14 -17.76 -6.73
C GLN A 200 11.29 -16.52 -6.47
N ASN A 201 10.67 -16.47 -5.30
CA ASN A 201 9.86 -15.32 -4.94
C ASN A 201 10.73 -14.08 -4.84
N GLY A 202 10.16 -12.94 -5.22
CA GLY A 202 10.87 -11.70 -5.07
C GLY A 202 10.98 -11.30 -3.62
N LEU A 203 12.06 -10.58 -3.30
CA LEU A 203 12.35 -10.14 -1.95
C LEU A 203 12.77 -8.69 -2.00
N ILE A 204 12.30 -7.90 -1.04
CA ILE A 204 12.76 -6.53 -0.87
C ILE A 204 13.28 -6.37 0.55
N LEU A 205 14.34 -5.57 0.68
CA LEU A 205 14.83 -5.13 1.98
C LEU A 205 14.33 -3.70 2.12
N ALA A 206 13.17 -3.56 2.77
CA ALA A 206 12.52 -2.27 2.96
C ALA A 206 13.11 -1.63 4.20
N LEU A 207 14.06 -0.70 3.99
CA LEU A 207 14.72 -0.03 5.11
C LEU A 207 13.96 1.26 5.41
N THR A 208 12.95 1.14 6.28
CA THR A 208 12.12 2.27 6.67
C THR A 208 12.62 2.90 7.96
N TYR A 209 12.31 4.18 8.14
CA TYR A 209 12.86 4.91 9.27
C TYR A 209 12.13 6.22 9.47
N GLY A 210 12.20 6.73 10.70
CA GLY A 210 11.75 8.07 10.99
C GLY A 210 12.91 9.03 10.91
N SER A 211 12.59 10.30 10.72
CA SER A 211 13.62 11.33 10.57
C SER A 211 13.44 12.43 11.59
N LYS A 212 12.70 13.48 11.23
CA LYS A 212 12.53 14.65 12.09
C LYS A 212 11.07 14.89 12.47
N LEU A 213 10.20 13.88 12.36
CA LEU A 213 8.80 14.03 12.73
C LEU A 213 8.35 13.01 13.77
N THR A 214 9.25 12.25 14.35
CA THR A 214 8.90 11.24 15.34
C THR A 214 9.20 11.74 16.75
N GLY A 215 8.62 11.07 17.73
CA GLY A 215 8.97 11.35 19.11
C GLY A 215 8.47 12.71 19.58
N ASP A 216 9.40 13.51 20.13
CA ASP A 216 9.05 14.77 20.77
C ASP A 216 8.37 15.72 19.78
N ILE A 217 8.96 15.88 18.61
CA ILE A 217 8.44 16.84 17.64
C ILE A 217 7.00 16.48 17.27
N GLN A 218 6.71 15.19 17.13
CA GLN A 218 5.35 14.79 16.80
C GLN A 218 4.39 15.17 17.91
N GLN A 219 4.80 14.99 19.17
CA GLN A 219 3.96 15.37 20.31
C GLN A 219 3.75 16.88 20.37
N GLU A 220 4.78 17.66 20.05
CA GLU A 220 4.62 19.11 20.01
C GLU A 220 3.57 19.52 18.98
N LEU A 221 3.47 18.79 17.88
CA LEU A 221 2.44 19.07 16.88
C LEU A 221 1.06 18.57 17.28
N SER A 222 0.99 17.44 18.00
CA SER A 222 -0.30 16.81 18.28
C SER A 222 -1.18 17.65 19.18
N SER A 223 -0.57 18.47 20.05
CA SER A 223 -1.33 19.34 20.94
C SER A 223 -1.89 20.56 20.22
N LEU A 224 -1.51 20.79 18.97
CA LEU A 224 -2.02 21.89 18.18
C LEU A 224 -3.31 21.47 17.49
N SER A 225 -4.18 22.44 17.26
CA SER A 225 -5.33 22.18 16.41
C SER A 225 -4.85 21.82 15.01
N LEU A 226 -5.64 21.02 14.31
CA LEU A 226 -5.27 20.65 12.94
C LEU A 226 -5.14 21.87 12.05
N ASP A 227 -5.98 22.88 12.27
CA ASP A 227 -5.91 24.10 11.46
C ASP A 227 -4.58 24.83 11.70
N CYS A 228 -4.16 24.94 12.96
CA CYS A 228 -2.88 25.60 13.23
C CYS A 228 -1.71 24.72 12.82
N GLY A 229 -1.77 23.42 13.16
CA GLY A 229 -0.66 22.54 12.83
C GLY A 229 -0.42 22.42 11.34
N SER A 230 -1.49 22.39 10.54
CA SER A 230 -1.32 22.24 9.10
C SER A 230 -0.63 23.45 8.48
N GLN A 231 -0.65 24.60 9.15
CA GLN A 231 0.00 25.78 8.60
C GLN A 231 1.52 25.72 8.71
N TYR A 232 2.07 24.76 9.45
CA TYR A 232 3.51 24.55 9.40
C TYR A 232 3.94 23.97 8.07
N ALA A 233 3.06 23.22 7.41
CA ALA A 233 3.38 22.58 6.14
C ALA A 233 3.33 23.64 5.04
N LEU A 234 4.50 24.11 4.62
CA LEU A 234 4.59 25.11 3.56
C LEU A 234 4.47 24.45 2.19
N ASP A 235 4.25 25.29 1.18
CA ASP A 235 4.13 24.82 -0.20
C ASP A 235 5.53 24.59 -0.77
N PHE A 236 5.96 23.33 -0.80
CA PHE A 236 7.24 22.93 -1.38
C PHE A 236 7.04 22.12 -2.66
N THR A 237 5.93 22.37 -3.37
CA THR A 237 5.63 21.57 -4.57
C THR A 237 6.63 21.84 -5.69
N ASN A 238 7.24 23.02 -5.73
CA ASN A 238 8.30 23.30 -6.69
C ASN A 238 9.22 24.36 -6.09
N HIS A 239 10.37 24.56 -6.76
CA HIS A 239 11.43 25.39 -6.20
C HIS A 239 10.97 26.84 -6.01
N GLU A 240 10.24 27.38 -6.99
CA GLU A 240 9.79 28.77 -6.87
C GLU A 240 8.78 28.93 -5.74
N ASN A 241 7.85 27.99 -5.59
CA ASN A 241 6.90 28.07 -4.49
C ASN A 241 7.60 27.95 -3.14
N ALA A 242 8.63 27.10 -3.06
CA ALA A 242 9.36 26.97 -1.81
C ALA A 242 10.07 28.26 -1.45
N SER A 243 10.64 28.96 -2.44
CA SER A 243 11.31 30.23 -2.16
C SER A 243 10.34 31.26 -1.59
N LEU A 244 9.16 31.38 -2.18
CA LEU A 244 8.18 32.33 -1.67
C LEU A 244 7.62 31.90 -0.32
N SER A 245 7.36 30.59 -0.15
CA SER A 245 6.83 30.10 1.12
C SER A 245 7.76 30.42 2.27
N LEU A 246 9.08 30.21 2.07
CA LEU A 246 10.05 30.52 3.11
C LEU A 246 10.16 32.03 3.34
N LEU A 247 10.15 32.81 2.26
CA LEU A 247 10.20 34.27 2.40
C LEU A 247 9.00 34.77 3.21
N GLU A 248 7.80 34.35 2.83
CA GLU A 248 6.60 34.76 3.55
C GLU A 248 6.66 34.36 5.02
N TYR A 249 7.10 33.13 5.28
CA TYR A 249 7.11 32.64 6.66
C TYR A 249 8.03 33.49 7.54
N TYR A 250 9.24 33.76 7.06
CA TYR A 250 10.18 34.54 7.87
C TYR A 250 9.86 36.03 7.85
N PHE A 251 9.20 36.52 6.81
CA PHE A 251 8.68 37.89 6.87
C PHE A 251 7.62 38.01 7.96
N GLU A 252 6.76 37.01 8.09
CA GLU A 252 5.75 37.02 9.14
C GLU A 252 6.39 36.89 10.52
N LEU A 253 7.47 36.10 10.63
CA LEU A 253 8.15 35.95 11.92
C LEU A 253 8.69 37.30 12.41
N SER A 254 9.17 38.14 11.48
CA SER A 254 9.80 39.40 11.88
C SER A 254 8.79 40.40 12.44
N ASN A 255 7.52 40.27 12.05
CA ASN A 255 6.45 41.22 12.40
C ASN A 255 6.70 42.61 11.83
N LEU A 256 7.52 42.70 10.78
CA LEU A 256 7.70 43.95 10.05
C LEU A 256 6.49 44.25 9.17
N THR A 257 6.33 45.54 8.87
CA THR A 257 5.49 45.94 7.76
C THR A 257 6.28 45.86 6.45
N LYS A 258 5.56 45.86 5.33
CA LYS A 258 6.25 45.95 4.05
C LYS A 258 7.07 47.23 3.94
N GLU A 259 6.58 48.32 4.53
CA GLU A 259 7.27 49.61 4.45
C GLU A 259 8.55 49.60 5.27
N LYS A 260 8.48 49.10 6.51
CA LYS A 260 9.68 49.00 7.33
C LYS A 260 10.67 48.01 6.75
N PHE A 261 10.16 46.89 6.19
CA PHE A 261 11.00 45.93 5.51
C PHE A 261 11.75 46.60 4.36
N ALA A 262 11.04 47.40 3.56
CA ALA A 262 11.68 48.12 2.46
C ALA A 262 12.70 49.13 2.98
N LYS A 263 12.33 49.87 4.02
CA LYS A 263 13.25 50.86 4.57
C LYS A 263 14.51 50.20 5.13
N ARG A 264 14.35 49.01 5.72
CA ARG A 264 15.49 48.33 6.33
C ARG A 264 16.47 47.79 5.28
N THR A 265 15.95 47.23 4.18
CA THR A 265 16.81 46.69 3.13
C THR A 265 17.29 47.75 2.16
N ASN A 266 16.68 48.94 2.17
CA ASN A 266 16.89 49.95 1.12
C ASN A 266 16.47 49.41 -0.24
N PHE A 267 15.49 48.53 -0.25
CA PHE A 267 14.81 48.11 -1.47
C PHE A 267 13.53 48.94 -1.62
N SER A 268 13.13 49.18 -2.85
CA SER A 268 11.87 49.86 -3.06
C SER A 268 10.69 48.94 -2.70
N MET A 269 9.54 49.57 -2.45
CA MET A 269 8.31 48.81 -2.22
C MET A 269 7.95 47.98 -3.45
N GLU A 270 8.33 48.45 -4.64
CA GLU A 270 8.03 47.71 -5.87
C GLU A 270 8.95 46.50 -6.01
N THR A 271 10.23 46.66 -5.66
CA THR A 271 11.16 45.53 -5.66
C THR A 271 10.65 44.40 -4.76
N LEU A 272 10.19 44.74 -3.55
CA LEU A 272 9.61 43.72 -2.67
C LEU A 272 8.38 43.08 -3.30
N ALA A 273 7.54 43.89 -3.96
CA ALA A 273 6.33 43.36 -4.58
C ALA A 273 6.66 42.33 -5.66
N ASP A 274 7.76 42.55 -6.39
CA ASP A 274 8.16 41.57 -7.40
C ASP A 274 8.52 40.24 -6.78
N PHE A 275 9.08 40.27 -5.56
CA PHE A 275 9.44 39.02 -4.88
C PHE A 275 8.20 38.26 -4.41
N PHE A 276 7.25 38.96 -3.77
CA PHE A 276 6.09 38.29 -3.17
C PHE A 276 5.04 37.87 -4.19
N THR A 277 5.18 38.25 -5.46
CA THR A 277 4.26 37.83 -6.51
C THR A 277 4.90 36.83 -7.47
N LYS A 278 6.08 36.30 -7.13
CA LYS A 278 6.84 35.36 -7.94
C LYS A 278 7.26 35.96 -9.28
N LYS A 279 7.16 37.28 -9.44
CA LYS A 279 7.61 37.93 -10.67
C LYS A 279 9.11 37.84 -10.81
N LYS A 280 9.84 38.17 -9.75
CA LYS A 280 11.28 38.06 -9.69
C LYS A 280 11.67 37.14 -8.54
N LEU A 281 12.83 36.52 -8.69
CA LEU A 281 13.41 35.71 -7.65
C LEU A 281 14.60 36.45 -7.07
N PRO A 282 14.72 36.57 -5.75
CA PRO A 282 15.86 37.30 -5.19
C PRO A 282 17.16 36.61 -5.55
N THR A 283 18.14 37.39 -5.99
CA THR A 283 19.46 36.86 -6.25
C THR A 283 20.14 36.51 -4.94
N PHE A 284 21.29 35.84 -5.03
CA PHE A 284 22.04 35.47 -3.83
C PHE A 284 22.41 36.70 -3.02
N ASP A 285 22.81 37.79 -3.69
CA ASP A 285 23.14 39.01 -2.97
C ASP A 285 21.90 39.65 -2.36
N GLU A 286 20.77 39.60 -3.07
CA GLU A 286 19.53 40.13 -2.53
C GLU A 286 19.04 39.29 -1.36
N LEU A 287 19.22 37.98 -1.45
CA LEU A 287 18.76 37.09 -0.38
C LEU A 287 19.52 37.35 0.92
N LYS A 288 20.81 37.67 0.82
CA LYS A 288 21.60 37.95 2.01
C LYS A 288 21.15 39.23 2.70
N ILE A 289 20.82 40.26 1.92
CA ILE A 289 20.30 41.50 2.50
C ILE A 289 18.92 41.28 3.10
N ILE A 290 18.06 40.50 2.42
CA ILE A 290 16.74 40.18 2.95
C ILE A 290 16.85 39.43 4.27
N ALA A 291 17.76 38.46 4.34
CA ALA A 291 17.92 37.66 5.55
C ALA A 291 18.38 38.52 6.73
N LYS A 292 19.33 39.42 6.49
CA LYS A 292 19.81 40.29 7.57
C LYS A 292 18.71 41.18 8.10
N ALA A 293 17.86 41.71 7.20
CA ALA A 293 16.75 42.54 7.62
C ALA A 293 15.72 41.76 8.43
N LEU A 294 15.54 40.47 8.13
CA LEU A 294 14.61 39.61 8.83
C LEU A 294 15.22 38.91 10.04
N ASN A 295 16.47 39.23 10.39
CA ASN A 295 17.17 38.66 11.54
C ASN A 295 17.29 37.14 11.45
N VAL A 296 17.54 36.63 10.25
CA VAL A 296 17.79 35.23 10.02
C VAL A 296 18.98 35.09 9.08
N ASN A 297 19.32 33.85 8.76
CA ASN A 297 20.42 33.56 7.85
C ASN A 297 19.89 33.30 6.45
N SER A 298 20.71 33.60 5.45
CA SER A 298 20.34 33.26 4.08
C SER A 298 20.07 31.76 3.95
N ARG A 299 20.82 30.96 4.71
CA ARG A 299 20.56 29.52 4.81
C ARG A 299 19.11 29.24 5.21
N ASP A 300 18.55 30.05 6.10
CA ASP A 300 17.19 29.81 6.58
C ASP A 300 16.15 30.17 5.52
N LEU A 301 16.45 31.11 4.64
CA LEU A 301 15.51 31.48 3.58
C LEU A 301 15.62 30.60 2.34
N MET A 302 16.71 29.87 2.21
CA MET A 302 16.91 29.09 1.00
C MET A 302 16.12 27.79 1.05
N PRO A 303 15.46 27.41 -0.02
CA PRO A 303 14.96 26.05 -0.15
C PRO A 303 16.12 25.15 -0.55
N ASN A 304 15.81 23.86 -0.69
CA ASN A 304 16.79 22.95 -1.25
C ASN A 304 17.12 23.37 -2.69
N ASP A 305 18.23 22.81 -3.20
CA ASP A 305 18.69 23.24 -4.52
C ASP A 305 17.69 22.86 -5.60
N LEU A 306 17.11 21.67 -5.53
CA LEU A 306 16.07 21.28 -6.48
C LEU A 306 14.98 20.49 -5.76
N THR A 307 13.84 20.35 -6.43
CA THR A 307 12.69 19.64 -5.89
C THR A 307 12.69 18.22 -6.43
N GLU A 308 12.75 17.25 -5.52
CA GLU A 308 12.77 15.84 -5.92
C GLU A 308 11.35 15.32 -6.14
N SER A 309 11.25 14.25 -6.92
CA SER A 309 9.97 13.55 -7.02
C SER A 309 9.65 12.89 -5.69
N LYS A 310 8.35 12.61 -5.48
CA LYS A 310 7.93 11.93 -4.27
C LYS A 310 8.42 10.50 -4.25
N VAL A 311 8.64 9.91 -5.42
CA VAL A 311 9.13 8.56 -5.57
C VAL A 311 10.40 8.62 -6.41
N ILE A 312 11.47 8.00 -5.93
CA ILE A 312 12.75 7.94 -6.63
C ILE A 312 13.03 6.50 -6.98
N VAL A 313 13.24 6.21 -8.26
CA VAL A 313 13.57 4.87 -8.74
C VAL A 313 14.95 4.93 -9.37
N LYS A 314 15.82 3.99 -8.99
CA LYS A 314 17.19 3.96 -9.49
C LYS A 314 17.55 2.51 -9.77
N THR A 315 17.79 2.18 -11.04
CA THR A 315 18.25 0.84 -11.36
C THR A 315 19.74 0.71 -11.05
N HIS A 316 20.19 -0.54 -10.88
CA HIS A 316 21.55 -0.77 -10.43
C HIS A 316 22.57 -0.25 -11.45
N ASP A 317 22.25 -0.34 -12.74
CA ASP A 317 23.16 0.13 -13.77
C ASP A 317 23.38 1.63 -13.71
N GLN A 318 22.50 2.37 -13.03
CA GLN A 318 22.65 3.80 -12.87
C GLN A 318 23.53 4.18 -11.68
N CYS A 319 24.01 3.20 -10.91
CA CYS A 319 24.75 3.50 -9.69
C CYS A 319 26.21 3.78 -10.00
N ASP A 320 26.66 4.98 -9.69
CA ASP A 320 28.08 5.28 -9.72
C ASP A 320 28.80 4.48 -8.64
N HIS A 321 30.08 4.22 -8.87
CA HIS A 321 30.85 3.43 -7.93
C HIS A 321 32.30 3.89 -7.94
N TRP A 322 33.01 3.54 -6.86
CA TRP A 322 34.40 3.94 -6.68
C TRP A 322 35.03 3.02 -5.64
N LYS A 323 36.36 2.99 -5.65
CA LYS A 323 37.12 2.20 -4.68
C LYS A 323 37.36 3.02 -3.42
N TYR A 324 37.22 2.37 -2.27
CA TYR A 324 37.49 3.02 -0.99
C TYR A 324 38.11 2.06 0.01
N PRO A 325 39.16 2.51 0.72
CA PRO A 325 39.83 3.79 0.49
C PRO A 325 40.81 3.68 -0.68
N GLU A 326 41.87 4.49 -0.66
CA GLU A 326 42.90 4.38 -1.70
C GLU A 326 43.46 2.97 -1.77
N SER A 327 43.55 2.28 -0.64
CA SER A 327 44.06 0.90 -0.64
C SER A 327 43.10 -0.02 -1.38
N GLY A 328 41.80 0.23 -1.27
CA GLY A 328 40.81 -0.44 -2.09
C GLY A 328 40.12 -1.58 -1.41
N ASN A 329 39.92 -1.51 -0.09
CA ASN A 329 39.29 -2.61 0.63
C ASN A 329 37.82 -2.76 0.27
N TYR A 330 37.19 -1.69 -0.23
CA TYR A 330 35.77 -1.72 -0.54
C TYR A 330 35.53 -1.13 -1.93
N GLU A 331 34.39 -1.48 -2.50
CA GLU A 331 33.85 -0.82 -3.69
C GLU A 331 32.45 -0.36 -3.34
N PHE A 332 32.25 0.96 -3.28
CA PHE A 332 31.00 1.56 -2.88
C PHE A 332 30.10 1.79 -4.08
N TYR A 333 28.83 1.41 -3.96
CA TYR A 333 27.82 1.64 -4.99
C TYR A 333 26.76 2.58 -4.45
N GLU A 334 26.53 3.68 -5.17
CA GLU A 334 25.61 4.73 -4.74
C GLU A 334 24.17 4.35 -5.07
N LEU A 335 23.39 3.99 -4.06
CA LEU A 335 22.01 3.56 -4.26
C LEU A 335 21.06 4.76 -4.29
N ALA A 336 19.75 4.47 -4.33
CA ALA A 336 18.76 5.52 -4.50
C ALA A 336 18.83 6.53 -3.37
N SER A 337 18.54 7.79 -3.70
CA SER A 337 18.62 8.86 -2.71
C SER A 337 17.75 10.02 -3.16
N THR A 338 17.57 10.95 -2.23
CA THR A 338 16.85 12.18 -2.50
C THR A 338 17.45 13.28 -1.65
N THR A 339 17.67 14.45 -2.26
CA THR A 339 18.18 15.59 -1.52
C THR A 339 17.16 16.14 -0.54
N ALA A 340 15.93 15.64 -0.57
CA ALA A 340 14.97 15.94 0.49
C ALA A 340 15.41 15.36 1.82
N LEU A 341 16.25 14.32 1.81
CA LEU A 341 16.83 13.73 3.02
C LEU A 341 18.34 13.69 2.83
N PRO A 342 19.02 14.82 3.00
CA PRO A 342 20.47 14.86 2.72
C PRO A 342 21.33 13.99 3.62
N HIS A 343 20.81 13.51 4.75
CA HIS A 343 21.58 12.67 5.65
C HIS A 343 21.22 11.20 5.52
N SER A 344 20.44 10.83 4.51
CA SER A 344 20.11 9.44 4.25
C SER A 344 21.00 8.97 3.11
N LYS A 345 21.94 8.08 3.43
CA LYS A 345 22.91 7.57 2.47
C LYS A 345 22.77 6.06 2.43
N ALA A 346 22.55 5.54 1.23
CA ALA A 346 22.37 4.10 1.01
C ALA A 346 23.46 3.62 0.07
N PHE A 347 24.14 2.55 0.47
CA PHE A 347 25.28 2.04 -0.28
C PHE A 347 25.20 0.54 -0.42
N GLU A 348 25.65 0.06 -1.58
CA GLU A 348 25.99 -1.33 -1.81
C GLU A 348 27.51 -1.41 -1.83
N ILE A 349 28.08 -2.26 -0.99
CA ILE A 349 29.53 -2.27 -0.77
C ILE A 349 30.04 -3.67 -1.06
N ASP A 350 31.00 -3.77 -1.98
CA ASP A 350 31.73 -5.00 -2.22
C ASP A 350 32.94 -5.01 -1.28
N VAL A 351 33.04 -6.04 -0.45
CA VAL A 351 34.12 -6.18 0.52
C VAL A 351 35.09 -7.21 -0.03
N SER A 352 36.35 -6.81 -0.21
CA SER A 352 37.40 -7.72 -0.68
C SER A 352 38.71 -7.38 0.03
N SER A 353 38.79 -7.75 1.31
CA SER A 353 39.95 -7.42 2.12
C SER A 353 40.03 -8.41 3.28
N SER A 354 41.19 -9.04 3.44
CA SER A 354 41.33 -10.06 4.47
C SER A 354 42.69 -10.02 5.15
N GLU A 355 43.45 -8.95 4.99
CA GLU A 355 44.85 -8.92 5.41
C GLU A 355 45.07 -8.32 6.79
N ASP A 356 44.07 -7.65 7.38
CA ASP A 356 44.30 -6.97 8.65
C ASP A 356 42.97 -6.67 9.33
N LEU A 357 43.07 -6.09 10.54
CA LEU A 357 41.92 -5.69 11.34
C LEU A 357 41.85 -4.17 11.53
N ASN A 358 42.52 -3.40 10.68
CA ASN A 358 42.58 -1.96 10.88
C ASN A 358 41.26 -1.30 10.51
N LEU A 359 40.92 -0.23 11.24
CA LEU A 359 39.61 0.41 11.15
C LEU A 359 39.67 1.54 10.13
N ASP A 360 39.06 1.31 8.96
CA ASP A 360 39.16 2.24 7.84
C ASP A 360 37.85 2.96 7.51
N LEU A 361 36.77 2.72 8.25
CA LEU A 361 35.48 3.36 8.04
C LEU A 361 35.01 4.10 9.29
N LYS A 362 34.47 5.30 9.09
CA LYS A 362 33.96 6.11 10.20
C LYS A 362 33.03 7.19 9.67
N VAL A 363 31.83 7.28 10.23
CA VAL A 363 30.83 8.21 9.72
C VAL A 363 29.89 8.63 10.85
N GLY A 364 29.55 9.91 10.88
CA GLY A 364 28.67 10.44 11.91
C GLY A 364 27.20 10.30 11.61
N LEU A 365 26.73 9.07 11.42
CA LEU A 365 25.32 8.79 11.16
C LEU A 365 24.98 7.44 11.78
N HIS A 366 23.69 7.24 12.05
CA HIS A 366 23.22 5.90 12.38
C HIS A 366 23.39 4.99 11.16
N GLN A 367 23.76 3.74 11.42
CA GLN A 367 24.03 2.81 10.34
C GLN A 367 23.34 1.48 10.56
N TYR A 368 22.77 0.95 9.48
CA TYR A 368 22.17 -0.38 9.40
C TYR A 368 22.88 -1.17 8.31
N VAL A 369 23.21 -2.43 8.61
CA VAL A 369 23.94 -3.30 7.69
C VAL A 369 23.14 -4.58 7.49
N TYR A 370 23.18 -5.12 6.27
CA TYR A 370 22.58 -6.41 5.97
C TYR A 370 23.49 -7.14 4.99
N ASN A 371 23.84 -8.39 5.31
CA ASN A 371 24.69 -9.21 4.44
C ASN A 371 23.84 -9.80 3.31
N ILE A 372 23.92 -9.17 2.13
CA ILE A 372 23.16 -9.63 0.98
C ILE A 372 23.92 -10.64 0.13
N GLY A 373 25.19 -10.89 0.42
CA GLY A 373 25.96 -11.88 -0.29
C GLY A 373 25.68 -13.28 0.23
N ASP A 374 26.52 -14.22 -0.22
CA ASP A 374 26.39 -15.61 0.18
C ASP A 374 27.58 -16.10 1.00
N SER A 375 28.45 -15.19 1.42
CA SER A 375 29.64 -15.52 2.19
C SER A 375 29.62 -14.78 3.52
N ALA A 376 30.32 -15.35 4.50
CA ALA A 376 30.40 -14.72 5.81
C ALA A 376 31.41 -13.58 5.81
N LEU A 377 31.14 -12.56 6.61
CA LEU A 377 32.02 -11.41 6.77
C LEU A 377 32.22 -11.13 8.26
N THR A 378 33.34 -10.47 8.57
CA THR A 378 33.67 -10.06 9.93
C THR A 378 33.60 -8.53 10.05
N ILE A 379 33.06 -8.07 11.17
CA ILE A 379 33.04 -6.64 11.50
C ILE A 379 34.01 -6.41 12.64
N ASN A 380 34.98 -5.53 12.43
CA ASN A 380 35.90 -5.09 13.47
C ASN A 380 35.56 -3.66 13.87
N TRP A 381 35.59 -3.37 15.17
CA TRP A 381 35.31 -2.03 15.63
C TRP A 381 35.90 -1.81 17.01
N ASN A 382 35.92 -0.55 17.42
CA ASN A 382 36.44 -0.14 18.71
C ASN A 382 35.40 0.76 19.37
N TYR A 383 35.18 0.57 20.67
CA TYR A 383 34.17 1.35 21.37
C TYR A 383 34.51 1.38 22.85
N GLU A 384 34.68 2.59 23.39
CA GLU A 384 34.98 2.79 24.80
C GLU A 384 36.21 1.99 25.21
N ASN A 385 37.30 2.20 24.46
CA ASN A 385 38.62 1.63 24.76
C ASN A 385 38.62 0.10 24.70
N LYS A 386 37.77 -0.48 23.85
CA LYS A 386 37.75 -1.92 23.69
C LYS A 386 37.55 -2.26 22.22
N THR A 387 38.26 -3.28 21.75
CA THR A 387 38.19 -3.74 20.37
C THR A 387 37.41 -5.04 20.30
N TYR A 388 36.52 -5.13 19.31
CA TYR A 388 35.65 -6.28 19.15
C TYR A 388 35.79 -6.84 17.74
N GLN A 389 35.36 -8.09 17.59
CA GLN A 389 35.30 -8.73 16.27
C GLN A 389 34.18 -9.74 16.30
N LYS A 390 33.23 -9.60 15.38
CA LYS A 390 32.08 -10.49 15.31
C LYS A 390 31.81 -10.84 13.86
N SER A 391 31.07 -11.94 13.66
CA SER A 391 30.77 -12.44 12.33
C SER A 391 29.42 -11.94 11.86
N LEU A 392 29.35 -11.61 10.57
CA LEU A 392 28.12 -11.22 9.89
C LEU A 392 27.93 -12.23 8.76
N ASN A 393 27.10 -13.24 9.00
CA ASN A 393 26.83 -14.30 8.03
C ASN A 393 25.78 -13.85 7.03
N PRO A 394 25.62 -14.57 5.92
CA PRO A 394 24.54 -14.24 4.99
C PRO A 394 23.19 -14.19 5.69
N GLY A 395 22.48 -13.07 5.47
CA GLY A 395 21.21 -12.84 6.12
C GLY A 395 21.29 -12.19 7.50
N ASP A 396 22.49 -12.05 8.06
CA ASP A 396 22.64 -11.33 9.31
C ASP A 396 22.55 -9.83 9.06
N SER A 397 22.13 -9.09 10.09
CA SER A 397 22.03 -7.65 10.02
C SER A 397 22.68 -7.01 11.25
N ALA A 398 22.95 -5.71 11.16
CA ALA A 398 23.65 -5.02 12.25
C ALA A 398 23.23 -3.55 12.30
N TYR A 399 23.25 -3.01 13.52
CA TYR A 399 23.14 -1.57 13.75
C TYR A 399 24.45 -1.04 14.32
N ILE A 400 24.88 0.12 13.83
CA ILE A 400 26.15 0.74 14.21
C ILE A 400 25.87 2.15 14.73
N LYS A 401 26.36 2.44 15.93
CA LYS A 401 26.19 3.77 16.51
C LYS A 401 27.00 4.81 15.74
N PRO A 402 26.58 6.08 15.77
CA PRO A 402 27.31 7.12 15.04
C PRO A 402 28.74 7.27 15.52
N PHE A 403 29.65 7.52 14.57
CA PHE A 403 31.07 7.82 14.76
C PHE A 403 31.91 6.65 15.22
N VAL A 404 31.34 5.44 15.32
CA VAL A 404 32.10 4.26 15.72
C VAL A 404 33.07 3.86 14.60
N PRO A 405 34.38 3.83 14.85
CA PRO A 405 35.32 3.40 13.80
C PRO A 405 35.27 1.88 13.62
N HIS A 406 35.27 1.45 12.36
CA HIS A 406 35.00 0.06 12.05
C HIS A 406 35.57 -0.30 10.68
N ASN A 407 35.50 -1.59 10.35
CA ASN A 407 35.77 -2.06 8.99
C ASN A 407 34.89 -3.28 8.74
N PHE A 408 34.91 -3.74 7.48
CA PHE A 408 34.33 -5.02 7.09
C PHE A 408 35.42 -5.81 6.41
N ARG A 409 35.57 -7.08 6.77
CA ARG A 409 36.65 -7.91 6.26
C ARG A 409 36.11 -9.22 5.70
N GLY A 410 36.73 -9.68 4.61
CA GLY A 410 36.36 -10.89 3.91
C GLY A 410 36.08 -10.65 2.44
N ASN A 411 35.31 -11.55 1.81
CA ASN A 411 34.89 -11.40 0.42
C ASN A 411 33.39 -11.57 0.39
N GLY A 412 32.69 -10.49 0.03
CA GLY A 412 31.24 -10.52 0.04
C GLY A 412 30.67 -9.16 -0.33
N LYS A 413 29.37 -9.03 -0.08
CA LYS A 413 28.62 -7.85 -0.49
C LYS A 413 27.64 -7.49 0.63
N ILE A 414 27.53 -6.20 0.95
CA ILE A 414 26.64 -5.75 2.01
C ILE A 414 25.81 -4.59 1.54
N LEU A 415 24.64 -4.44 2.17
CA LEU A 415 23.76 -3.29 2.02
C LEU A 415 23.87 -2.43 3.27
N ILE A 416 24.05 -1.13 3.08
CA ILE A 416 24.19 -0.19 4.20
C ILE A 416 23.25 0.98 3.97
N LEU A 417 22.49 1.35 5.00
CA LEU A 417 21.71 2.58 5.01
C LEU A 417 22.17 3.43 6.18
N ARG A 418 22.49 4.69 5.90
CA ARG A 418 22.91 5.66 6.90
C ARG A 418 21.84 6.74 6.97
N ILE A 419 21.41 7.09 8.19
CA ILE A 419 20.43 8.15 8.39
C ILE A 419 20.91 9.04 9.53
N GLY A 420 20.41 10.28 9.53
CA GLY A 420 20.83 11.30 10.47
C GLY A 420 20.12 11.25 11.80
N GLY A 421 18.96 10.60 11.86
CA GLY A 421 18.17 10.63 13.07
C GLY A 421 17.72 12.04 13.37
N LYS A 422 17.67 12.38 14.66
CA LYS A 422 17.26 13.71 15.08
C LYS A 422 18.41 14.68 15.26
N ILE A 423 19.66 14.20 15.21
CA ILE A 423 20.80 15.05 15.55
C ILE A 423 21.23 15.89 14.36
N SER A 424 21.41 15.26 13.20
CA SER A 424 21.99 15.96 12.06
C SER A 424 21.10 17.10 11.61
N GLY A 425 21.73 18.21 11.22
CA GLY A 425 20.97 19.38 10.82
C GLY A 425 20.95 20.46 11.89
N ASP A 426 19.75 20.88 12.27
CA ASP A 426 19.61 21.98 13.23
C ASP A 426 20.25 21.64 14.57
N SER A 427 19.99 20.42 15.08
CA SER A 427 20.47 20.04 16.40
C SER A 427 22.00 20.00 16.44
N GLN A 428 22.62 19.39 15.43
CA GLN A 428 24.07 19.35 15.38
C GLN A 428 24.65 20.76 15.35
N ARG A 429 24.03 21.65 14.58
CA ARG A 429 24.49 23.03 14.50
C ARG A 429 24.35 23.76 15.83
N GLU A 430 23.22 23.58 16.51
CA GLU A 430 23.06 24.21 17.82
C GLU A 430 24.11 23.72 18.81
N LEU A 431 24.33 22.40 18.84
CA LEU A 431 25.34 21.83 19.73
C LEU A 431 26.74 22.37 19.41
N SER A 432 27.02 22.67 18.15
CA SER A 432 28.32 23.22 17.80
C SER A 432 28.48 24.65 18.33
N PHE A 433 27.40 25.44 18.27
CA PHE A 433 27.47 26.81 18.77
C PHE A 433 27.67 26.84 20.28
N VAL A 434 27.04 25.90 21.00
CA VAL A 434 27.18 25.84 22.45
C VAL A 434 28.63 25.63 22.84
N GLY A 435 29.39 24.91 22.03
CA GLY A 435 30.82 24.79 22.28
C GLY A 435 31.21 23.38 22.66
N ARG A 436 32.37 22.94 22.16
CA ARG A 436 32.84 21.58 22.41
C ARG A 436 33.16 21.35 23.88
N GLU A 437 33.55 22.41 24.60
CA GLU A 437 33.84 22.25 26.02
C GLU A 437 32.58 22.00 26.84
N ASN A 438 31.40 22.27 26.28
CA ASN A 438 30.14 22.09 26.98
C ASN A 438 29.33 20.89 26.49
N THR A 439 29.85 20.10 25.55
CA THR A 439 29.06 19.03 24.96
C THR A 439 28.67 17.98 26.00
N GLN A 440 29.58 17.66 26.92
CA GLN A 440 29.29 16.65 27.93
C GLN A 440 28.15 17.09 28.84
N ARG A 441 28.19 18.33 29.34
CA ARG A 441 27.10 18.83 30.16
C ARG A 441 25.82 19.03 29.36
N ALA A 442 25.96 19.43 28.08
CA ALA A 442 24.78 19.60 27.25
C ALA A 442 24.05 18.29 27.05
N ILE A 443 24.81 17.19 26.94
CA ILE A 443 24.20 15.88 26.75
C ILE A 443 23.58 15.37 28.05
N SER A 444 24.28 15.54 29.17
CA SER A 444 23.80 15.03 30.45
C SER A 444 24.33 15.91 31.58
N GLU A 445 23.42 16.57 32.28
CA GLU A 445 23.79 17.51 33.34
C GLU A 445 24.25 16.78 34.58
N THR A 446 25.33 17.29 35.18
CA THR A 446 25.92 16.66 36.35
C THR A 446 25.97 17.56 37.58
N MET A 447 25.61 18.84 37.46
CA MET A 447 25.71 19.75 38.59
C MET A 447 24.47 20.62 38.66
N GLN A 448 24.13 21.04 39.88
CA GLN A 448 23.08 22.03 40.06
C GLN A 448 23.48 23.35 39.42
N TRP A 449 22.48 24.11 38.96
CA TRP A 449 22.76 25.30 38.17
C TRP A 449 23.44 26.40 38.98
N PHE A 450 23.44 26.31 40.31
CA PHE A 450 24.20 27.24 41.13
C PHE A 450 24.62 26.55 42.42
N ASP A 451 25.70 27.06 43.02
CA ASP A 451 26.17 26.57 44.31
C ASP A 451 25.68 27.49 45.41
N PRO A 452 24.86 27.03 46.35
CA PRO A 452 24.32 27.93 47.37
C PRO A 452 25.36 28.46 48.34
N LYS A 453 26.49 27.78 48.51
CA LYS A 453 27.56 28.31 49.34
C LYS A 453 28.19 29.55 48.74
N GLY A 454 28.03 29.76 47.44
CA GLY A 454 28.53 30.94 46.76
C GLY A 454 29.76 30.65 45.92
N SER A 455 30.08 31.59 45.04
CA SER A 455 31.28 31.53 44.23
C SER A 455 32.42 32.34 44.84
N ASN A 456 32.23 32.89 46.03
CA ASN A 456 33.22 33.76 46.65
C ASN A 456 33.91 33.09 47.83
N ASP B 10 -12.41 10.93 26.51
CA ASP B 10 -11.34 11.92 26.57
C ASP B 10 -10.53 11.93 25.28
N SER B 11 -10.27 13.14 24.77
CA SER B 11 -9.35 13.29 23.64
C SER B 11 -7.94 12.83 23.99
N TYR B 12 -7.60 12.78 25.28
CA TYR B 12 -6.31 12.22 25.67
C TYR B 12 -6.19 10.74 25.31
N LEU B 13 -7.25 9.96 25.59
CA LEU B 13 -7.21 8.54 25.30
C LEU B 13 -7.23 8.27 23.81
N ILE B 14 -7.92 9.12 23.04
CA ILE B 14 -7.93 8.96 21.59
C ILE B 14 -6.53 9.19 21.03
N ARG B 15 -5.88 10.29 21.45
CA ARG B 15 -4.52 10.56 20.99
C ARG B 15 -3.55 9.48 21.47
N SER B 16 -3.74 9.00 22.70
CA SER B 16 -2.87 7.96 23.23
C SER B 16 -3.05 6.65 22.46
N GLY B 17 -4.28 6.35 22.04
CA GLY B 17 -4.49 5.17 21.22
C GLY B 17 -3.92 5.33 19.83
N ASN B 18 -4.07 6.52 19.23
CA ASN B 18 -3.46 6.79 17.94
C ASN B 18 -1.94 6.64 18.04
N ASN B 19 -1.36 7.03 19.17
CA ASN B 19 0.08 6.88 19.34
C ASN B 19 0.48 5.41 19.38
N PHE B 20 -0.32 4.57 20.05
CA PHE B 20 -0.04 3.15 20.08
C PHE B 20 -0.20 2.52 18.69
N LEU B 21 -1.20 2.97 17.92
CA LEU B 21 -1.35 2.49 16.55
C LEU B 21 -0.11 2.82 15.73
N GLY B 22 0.44 4.03 15.90
CA GLY B 22 1.63 4.40 15.18
C GLY B 22 2.82 3.50 15.48
N ILE B 23 2.97 3.12 16.75
CA ILE B 23 4.05 2.20 17.12
C ILE B 23 3.88 0.86 16.39
N LEU B 24 2.65 0.35 16.33
CA LEU B 24 2.41 -0.94 15.68
C LEU B 24 2.62 -0.85 14.18
N ASN B 25 2.15 0.23 13.54
CA ASN B 25 2.37 0.39 12.11
C ASN B 25 3.86 0.40 11.77
N ASP B 26 4.66 1.06 12.60
CA ASP B 26 6.08 1.23 12.27
C ASP B 26 6.85 -0.08 12.35
N ILE B 27 6.44 -1.00 13.22
CA ILE B 27 7.08 -2.30 13.34
C ILE B 27 6.36 -3.37 12.55
N LYS B 28 5.36 -3.00 11.74
CA LYS B 28 4.60 -3.92 10.91
C LYS B 28 3.91 -5.01 11.75
N ARG B 29 3.18 -4.57 12.77
CA ARG B 29 2.41 -5.48 13.60
C ARG B 29 0.94 -5.10 13.49
N ARG B 30 0.12 -6.07 13.08
CA ARG B 30 -1.32 -5.91 13.13
C ARG B 30 -1.79 -6.04 14.58
N PRO B 31 -3.02 -5.62 14.90
CA PRO B 31 -3.54 -5.87 16.24
C PRO B 31 -3.44 -7.33 16.65
N GLU B 32 -3.69 -8.25 15.71
CA GLU B 32 -3.55 -9.67 16.04
C GLU B 32 -2.09 -10.02 16.33
N ASP B 33 -1.15 -9.41 15.60
CA ASP B 33 0.27 -9.66 15.83
C ASP B 33 0.70 -9.15 17.21
N ALA B 34 0.19 -7.99 17.61
CA ALA B 34 0.52 -7.46 18.94
C ALA B 34 -0.07 -8.34 20.03
N ALA B 35 -1.30 -8.84 19.83
CA ALA B 35 -1.92 -9.68 20.85
C ALA B 35 -1.12 -10.97 21.07
N ASN B 36 -0.71 -11.61 19.99
CA ASN B 36 0.01 -12.88 20.12
C ASN B 36 1.38 -12.68 20.77
N GLU B 37 2.09 -11.62 20.41
CA GLU B 37 3.45 -11.45 20.91
C GLU B 37 3.47 -10.92 22.33
N LEU B 38 2.46 -10.14 22.72
CA LEU B 38 2.37 -9.60 24.07
C LEU B 38 1.57 -10.50 25.01
N GLY B 39 0.99 -11.58 24.51
CA GLY B 39 0.24 -12.49 25.37
C GLY B 39 -1.01 -11.90 25.98
N VAL B 40 -1.78 -11.13 25.21
CA VAL B 40 -3.02 -10.53 25.67
C VAL B 40 -4.08 -10.72 24.59
N SER B 41 -5.33 -10.53 24.98
CA SER B 41 -6.44 -10.68 24.05
C SER B 41 -6.42 -9.57 23.00
N ILE B 42 -7.00 -9.88 21.84
CA ILE B 42 -7.09 -8.86 20.80
C ILE B 42 -8.08 -7.77 21.17
N GLU B 43 -9.01 -8.06 22.10
CA GLU B 43 -9.92 -7.01 22.55
C GLU B 43 -9.17 -5.94 23.33
N GLU B 44 -8.21 -6.34 24.15
CA GLU B 44 -7.42 -5.36 24.90
C GLU B 44 -6.61 -4.47 23.96
N ILE B 45 -6.06 -5.05 22.89
CA ILE B 45 -5.30 -4.28 21.92
C ILE B 45 -6.19 -3.25 21.23
N ASN B 46 -7.37 -3.70 20.77
CA ASN B 46 -8.28 -2.79 20.08
C ASN B 46 -8.87 -1.75 21.02
N SER B 47 -9.11 -2.11 22.28
CA SER B 47 -9.64 -1.12 23.22
C SER B 47 -8.62 -0.01 23.49
N ILE B 48 -7.33 -0.32 23.45
CA ILE B 48 -6.33 0.72 23.60
C ILE B 48 -6.31 1.60 22.35
N ILE B 49 -6.31 0.96 21.17
CA ILE B 49 -6.20 1.69 19.91
C ILE B 49 -7.38 2.65 19.72
N SER B 50 -8.59 2.20 20.03
CA SER B 50 -9.78 3.04 19.88
C SER B 50 -9.92 4.06 20.99
N GLY B 51 -9.13 3.97 22.06
CA GLY B 51 -9.21 4.89 23.17
C GLY B 51 -10.21 4.52 24.24
N LYS B 52 -10.62 3.25 24.31
CA LYS B 52 -11.57 2.82 25.33
C LYS B 52 -10.91 2.46 26.66
N GLN B 53 -9.58 2.41 26.71
CA GLN B 53 -8.87 2.07 27.94
C GLN B 53 -7.41 2.45 27.80
N LYS B 54 -6.85 3.07 28.84
CA LYS B 54 -5.43 3.40 28.83
C LYS B 54 -4.59 2.13 28.87
N ILE B 55 -3.49 2.12 28.12
CA ILE B 55 -2.60 0.97 28.13
C ILE B 55 -2.01 0.83 29.52
N SER B 56 -1.86 -0.41 29.97
CA SER B 56 -1.39 -0.66 31.32
C SER B 56 0.13 -0.62 31.38
N PRO B 57 0.68 -0.31 32.56
CA PRO B 57 2.15 -0.42 32.69
C PRO B 57 2.64 -1.84 32.43
N SER B 58 1.82 -2.84 32.74
CA SER B 58 2.21 -4.22 32.47
C SER B 58 2.37 -4.48 30.98
N LEU B 59 1.46 -3.95 30.17
CA LEU B 59 1.56 -4.16 28.74
C LEU B 59 2.75 -3.38 28.16
N ILE B 60 2.98 -2.17 28.65
CA ILE B 60 4.13 -1.38 28.18
C ILE B 60 5.43 -2.11 28.48
N GLU B 61 5.60 -2.54 29.74
CA GLU B 61 6.81 -3.27 30.11
C GLU B 61 7.02 -4.48 29.21
N LYS B 62 5.93 -5.16 28.85
CA LYS B 62 6.03 -6.31 27.97
C LYS B 62 6.41 -5.89 26.55
N ALA B 63 5.93 -4.74 26.09
CA ALA B 63 6.28 -4.27 24.76
C ALA B 63 7.75 -3.88 24.68
N VAL B 64 8.26 -3.22 25.73
CA VAL B 64 9.66 -2.84 25.77
C VAL B 64 10.56 -4.07 25.76
N ASN B 65 10.06 -5.19 26.26
CA ASN B 65 10.87 -6.40 26.36
C ASN B 65 11.01 -7.16 25.03
N ILE B 66 10.12 -6.96 24.07
CA ILE B 66 10.20 -7.67 22.80
C ILE B 66 10.40 -6.75 21.59
N TRP B 67 10.07 -5.47 21.68
CA TRP B 67 10.14 -4.55 20.56
C TRP B 67 11.14 -3.44 20.84
N PRO B 68 11.71 -2.81 19.79
CA PRO B 68 12.69 -1.73 19.97
C PRO B 68 12.09 -0.38 20.35
N VAL B 69 11.23 -0.38 21.37
CA VAL B 69 10.55 0.82 21.83
C VAL B 69 10.98 1.08 23.27
N ASN B 70 10.89 2.35 23.67
CA ASN B 70 11.15 2.77 25.04
C ASN B 70 9.82 3.13 25.69
N GLU B 71 9.80 3.15 27.03
CA GLU B 71 8.56 3.48 27.73
C GLU B 71 8.08 4.88 27.38
N ARG B 72 9.00 5.84 27.21
CA ARG B 72 8.58 7.21 26.92
C ARG B 72 7.83 7.30 25.61
N ASP B 73 7.95 6.29 24.73
CA ASP B 73 7.22 6.30 23.48
C ASP B 73 5.72 6.12 23.68
N PHE B 74 5.29 5.65 24.86
CA PHE B 74 3.89 5.37 25.12
C PHE B 74 3.17 6.48 25.90
N TYR B 75 3.91 7.46 26.43
CA TYR B 75 3.32 8.54 27.22
C TYR B 75 3.27 9.81 26.37
N ILE B 76 2.06 10.29 26.07
CA ILE B 76 1.91 11.48 25.24
C ILE B 76 1.80 12.72 26.12
N VAL B 77 1.88 13.90 25.50
CA VAL B 77 1.79 15.18 26.21
C VAL B 77 0.33 15.56 26.44
N SER B 78 -0.02 15.89 27.68
CA SER B 78 -1.35 16.40 27.99
C SER B 78 -1.48 17.85 27.54
N ASP B 79 -2.57 18.15 26.84
CA ASP B 79 -2.84 19.50 26.35
C ASP B 79 -3.51 20.30 27.46
N ASP B 80 -2.73 21.14 28.14
CA ASP B 80 -3.23 22.00 29.21
C ASP B 80 -3.62 23.39 28.71
N CYS B 81 -3.72 23.58 27.40
CA CYS B 81 -4.01 24.87 26.80
C CYS B 81 -5.08 24.69 25.72
N SER B 82 -6.21 24.09 26.12
CA SER B 82 -7.21 23.64 25.15
C SER B 82 -7.90 24.79 24.42
N SER B 83 -7.84 26.01 24.97
CA SER B 83 -8.44 27.18 24.32
C SER B 83 -7.51 27.87 23.34
N GLY B 84 -6.26 27.42 23.22
CA GLY B 84 -5.31 28.02 22.32
C GLY B 84 -4.41 29.05 23.00
N ILE B 85 -4.88 29.64 24.09
CA ILE B 85 -4.11 30.59 24.87
C ILE B 85 -4.35 30.30 26.35
N LEU B 86 -3.27 30.28 27.13
CA LEU B 86 -3.31 30.00 28.56
C LEU B 86 -2.77 31.21 29.32
N ILE B 87 -3.54 31.70 30.28
CA ILE B 87 -3.20 32.93 31.01
C ILE B 87 -2.87 32.56 32.45
N MET B 88 -1.80 33.15 32.98
CA MET B 88 -1.45 33.01 34.38
C MET B 88 -1.49 34.37 35.05
N THR B 89 -2.17 34.46 36.18
CA THR B 89 -2.38 35.73 36.85
C THR B 89 -1.17 36.12 37.69
N SER B 90 -1.06 37.43 37.95
CA SER B 90 -0.02 37.93 38.86
C SER B 90 -0.12 37.31 40.24
N GLN B 91 -1.34 37.00 40.69
CA GLN B 91 -1.52 36.36 41.99
C GLN B 91 -0.96 34.95 41.98
N ASP B 92 -1.18 34.20 40.89
CA ASP B 92 -0.61 32.87 40.79
C ASP B 92 0.91 32.92 40.78
N SER B 93 1.49 33.97 40.20
CA SER B 93 2.94 34.13 40.23
C SER B 93 3.44 34.39 41.65
N ILE B 94 2.72 35.19 42.42
CA ILE B 94 3.11 35.42 43.81
C ILE B 94 3.02 34.14 44.61
N LYS B 95 2.00 33.32 44.33
CA LYS B 95 1.83 32.06 45.08
C LYS B 95 2.98 31.10 44.81
N SER B 96 3.61 31.18 43.64
CA SER B 96 4.73 30.34 43.29
C SER B 96 6.06 30.89 43.79
N SER B 97 6.03 31.97 44.57
CA SER B 97 7.25 32.64 45.00
C SER B 97 8.13 31.73 45.85
N ARG B 98 9.44 31.81 45.61
CA ARG B 98 10.42 31.16 46.46
C ARG B 98 11.68 32.02 46.48
N ILE B 99 12.17 32.32 47.67
CA ILE B 99 13.36 33.13 47.85
C ILE B 99 14.54 32.18 48.05
N MET B 100 15.63 32.42 47.32
CA MET B 100 16.81 31.58 47.38
C MET B 100 17.98 32.37 47.94
N GLU B 101 18.71 31.77 48.87
CA GLU B 101 19.87 32.41 49.47
C GLU B 101 21.14 31.93 48.79
N ARG B 102 22.12 32.83 48.71
CA ARG B 102 23.46 32.52 48.25
C ARG B 102 24.46 33.14 49.21
N ALA B 103 25.41 32.33 49.68
CA ALA B 103 26.40 32.75 50.66
C ALA B 103 25.72 33.29 51.93
N GLY B 104 24.61 32.67 52.32
CA GLY B 104 23.95 32.95 53.58
C GLY B 104 22.95 34.08 53.58
N LYS B 105 22.79 34.80 52.48
CA LYS B 105 21.86 35.92 52.43
C LYS B 105 20.89 35.74 51.27
N PRO B 106 19.64 36.21 51.43
CA PRO B 106 18.69 36.14 50.31
C PRO B 106 19.20 36.90 49.10
N TYR B 107 19.22 36.23 47.95
CA TYR B 107 19.81 36.74 46.73
C TYR B 107 18.79 36.96 45.62
N TYR B 108 17.88 36.02 45.41
CA TYR B 108 16.85 36.11 44.39
C TYR B 108 15.49 35.77 45.00
N GLU B 109 14.45 36.36 44.42
CA GLU B 109 13.07 35.88 44.60
C GLU B 109 12.55 35.46 43.23
N TYR B 110 12.33 34.16 43.06
CA TYR B 110 11.77 33.61 41.84
C TYR B 110 10.25 33.57 41.90
N ARG B 111 9.61 33.82 40.76
CA ARG B 111 8.19 33.60 40.59
C ARG B 111 7.97 32.93 39.24
N ASP B 112 7.12 31.91 39.22
CA ASP B 112 6.74 31.29 37.97
C ASP B 112 5.80 32.21 37.19
N THR B 113 5.91 32.17 35.87
CA THR B 113 4.98 32.84 34.97
C THR B 113 4.40 31.80 34.00
N ALA B 114 3.64 32.28 33.02
CA ALA B 114 2.84 31.40 32.16
C ALA B 114 3.70 30.33 31.50
N MET B 115 3.35 29.07 31.74
CA MET B 115 4.01 27.93 31.13
C MET B 115 2.98 26.90 30.68
N SER B 116 3.37 26.09 29.70
CA SER B 116 2.51 25.03 29.19
C SER B 116 3.33 23.77 28.99
N LYS B 117 2.71 22.62 29.26
CA LYS B 117 3.36 21.34 29.02
C LYS B 117 3.65 21.11 27.54
N THR B 118 3.04 21.88 26.65
CA THR B 118 3.20 21.71 25.21
C THR B 118 4.27 22.62 24.62
N ALA B 119 4.92 23.45 25.42
CA ALA B 119 5.85 24.45 24.94
C ALA B 119 7.14 24.39 25.75
N PRO B 120 8.25 24.84 25.18
CA PRO B 120 9.54 24.76 25.88
C PRO B 120 9.91 25.98 26.72
N PHE B 121 8.96 26.88 27.01
CA PHE B 121 9.26 28.05 27.81
C PHE B 121 9.55 27.66 29.25
N ARG B 122 10.55 28.31 29.84
CA ARG B 122 10.78 28.29 31.29
C ARG B 122 11.00 29.72 31.74
N PRO B 123 9.94 30.55 31.74
CA PRO B 123 10.12 31.99 32.04
C PRO B 123 9.98 32.31 33.51
N GLU B 124 11.00 32.95 34.08
CA GLU B 124 11.05 33.21 35.52
C GLU B 124 11.08 34.71 35.78
N TRP B 125 10.20 35.14 36.68
CA TRP B 125 10.24 36.45 37.31
C TRP B 125 11.24 36.38 38.46
N ILE B 126 12.30 37.18 38.39
CA ILE B 126 13.42 37.05 39.34
C ILE B 126 13.77 38.44 39.85
N LEU B 127 13.52 38.67 41.14
CA LEU B 127 13.84 39.94 41.79
C LEU B 127 15.25 39.88 42.36
N GLU B 128 16.02 40.94 42.15
CA GLU B 128 17.41 40.99 42.58
C GLU B 128 17.44 41.56 44.00
N LEU B 129 17.68 40.68 44.98
CA LEU B 129 17.66 41.09 46.38
C LEU B 129 19.02 41.57 46.87
N CYS B 130 20.10 41.27 46.16
CA CYS B 130 21.44 41.68 46.55
C CYS B 130 21.75 43.03 45.91
N LYS B 131 22.12 44.01 46.74
CA LYS B 131 22.49 45.33 46.29
C LYS B 131 24.00 45.48 46.33
N VAL B 132 24.56 46.16 45.34
CA VAL B 132 26.00 46.35 45.24
C VAL B 132 26.30 47.83 45.32
N GLU B 133 27.46 48.16 45.91
CA GLU B 133 27.83 49.54 46.13
C GLU B 133 28.65 50.13 44.99
N ASN B 134 29.14 49.30 44.06
CA ASN B 134 29.88 49.77 42.91
C ASN B 134 29.50 48.92 41.71
N ASN B 135 30.09 49.24 40.55
CA ASN B 135 29.85 48.51 39.32
C ASN B 135 31.08 47.69 38.91
N ASP B 136 31.83 47.20 39.90
CA ASP B 136 33.01 46.37 39.63
C ASP B 136 32.58 44.94 39.30
N PRO B 137 32.96 44.39 38.15
CA PRO B 137 32.59 43.01 37.84
C PRO B 137 33.18 41.99 38.81
N GLU B 138 34.24 42.34 39.54
CA GLU B 138 34.87 41.44 40.50
C GLU B 138 34.26 41.53 41.89
N ASN B 139 33.25 42.38 42.08
CA ASN B 139 32.66 42.62 43.39
C ASN B 139 32.24 41.29 44.03
N PRO B 140 32.76 40.97 45.23
CA PRO B 140 32.46 39.67 45.84
C PRO B 140 31.01 39.48 46.27
N LYS B 141 30.20 40.55 46.28
CA LYS B 141 28.79 40.38 46.60
C LYS B 141 28.06 39.63 45.49
N ALA B 142 28.54 39.74 44.25
CA ALA B 142 27.93 39.01 43.15
C ALA B 142 28.21 37.52 43.32
N GLN B 143 27.15 36.73 43.38
CA GLN B 143 27.23 35.28 43.55
C GLN B 143 26.91 34.62 42.22
N TRP B 144 27.91 33.99 41.62
CA TRP B 144 27.79 33.46 40.27
C TRP B 144 27.21 32.05 40.27
N ASN B 145 26.52 31.73 39.18
CA ASN B 145 26.04 30.37 38.97
C ASN B 145 27.04 29.61 38.12
N ASN B 146 26.70 28.37 37.78
CA ASN B 146 27.55 27.51 36.96
C ASN B 146 27.21 27.59 35.48
N GLY B 147 26.30 28.45 35.08
CA GLY B 147 25.67 28.35 33.78
C GLY B 147 24.64 27.23 33.77
N HIS B 148 23.68 27.33 32.85
CA HIS B 148 22.62 26.34 32.82
C HIS B 148 22.28 25.95 31.39
N PHE B 149 21.56 24.83 31.28
CA PHE B 149 21.29 24.24 29.99
C PHE B 149 20.39 25.11 29.13
N MET B 150 19.41 25.78 29.75
CA MET B 150 18.43 26.54 28.99
C MET B 150 19.04 27.77 28.33
N HIS B 151 18.68 28.00 27.07
CA HIS B 151 18.89 29.31 26.48
C HIS B 151 18.13 30.34 27.30
N GLN B 152 18.68 31.56 27.37
CA GLN B 152 18.11 32.59 28.24
C GLN B 152 18.05 33.92 27.50
N PHE B 153 16.84 34.43 27.32
CA PHE B 153 16.59 35.83 27.01
C PHE B 153 16.21 36.53 28.31
N THR B 154 16.58 37.81 28.42
CA THR B 154 16.31 38.57 29.63
C THR B 154 15.88 39.98 29.28
N TYR B 155 14.83 40.45 29.94
CA TYR B 155 14.35 41.82 29.85
C TYR B 155 14.59 42.49 31.19
N PHE B 156 15.13 43.71 31.16
CA PHE B 156 15.54 44.39 32.39
C PHE B 156 14.52 45.43 32.81
N ILE B 157 14.19 45.43 34.10
CA ILE B 157 13.29 46.41 34.70
C ILE B 157 13.99 46.95 35.95
N GLY B 158 14.38 48.21 35.92
CA GLY B 158 15.07 48.82 37.03
C GLY B 158 16.57 48.85 36.83
N GLU B 159 17.27 49.14 37.92
CA GLU B 159 18.72 49.34 37.86
C GLU B 159 19.42 48.02 38.17
N VAL B 160 19.48 47.18 37.14
CA VAL B 160 20.05 45.84 37.25
C VAL B 160 21.44 45.81 36.63
N ASN B 161 22.36 45.12 37.29
CA ASN B 161 23.67 44.82 36.74
C ASN B 161 23.67 43.39 36.22
N PHE B 162 24.09 43.20 34.97
CA PHE B 162 24.13 41.88 34.36
C PHE B 162 25.58 41.45 34.30
N TYR B 163 25.93 40.46 35.12
CA TYR B 163 27.28 39.91 35.17
C TYR B 163 27.35 38.66 34.32
N TYR B 164 28.47 38.48 33.63
CA TYR B 164 28.66 37.31 32.78
C TYR B 164 30.16 37.11 32.57
N LYS B 165 30.50 35.90 32.13
CA LYS B 165 31.89 35.56 31.82
C LYS B 165 32.07 35.46 30.31
N ASP B 166 33.23 35.88 29.83
CA ASP B 166 33.59 35.71 28.43
C ASP B 166 34.12 34.31 28.21
N PRO B 167 34.35 33.90 26.95
CA PRO B 167 34.89 32.55 26.72
C PRO B 167 36.22 32.27 27.42
N GLU B 168 36.98 33.29 27.79
CA GLU B 168 38.24 33.11 28.49
C GLU B 168 38.08 33.08 30.00
N GLY B 169 36.85 33.04 30.50
CA GLY B 169 36.60 32.97 31.92
C GLY B 169 36.72 34.27 32.68
N LYS B 170 36.95 35.39 32.01
CA LYS B 170 37.02 36.68 32.68
C LYS B 170 35.62 37.19 32.99
N LYS B 171 35.50 37.95 34.09
CA LYS B 171 34.21 38.47 34.52
C LYS B 171 33.95 39.85 33.91
N HIS B 172 32.73 40.05 33.42
CA HIS B 172 32.25 41.32 32.92
C HIS B 172 30.97 41.71 33.63
N VAL B 173 30.60 42.98 33.48
CA VAL B 173 29.31 43.45 33.95
C VAL B 173 28.76 44.45 32.94
N ALA B 174 27.47 44.37 32.68
CA ALA B 174 26.78 45.32 31.82
C ALA B 174 25.80 46.08 32.70
N ILE B 175 25.90 47.41 32.67
CA ILE B 175 25.09 48.26 33.54
C ILE B 175 23.77 48.51 32.80
N MET B 176 22.73 47.78 33.22
CA MET B 176 21.47 47.73 32.50
C MET B 176 20.42 48.61 33.16
N ASN B 177 19.38 48.93 32.39
CA ASN B 177 18.28 49.76 32.85
C ASN B 177 16.99 49.27 32.20
N THR B 178 15.88 49.90 32.59
CA THR B 178 14.58 49.48 32.10
C THR B 178 14.52 49.54 30.58
N GLY B 179 14.05 48.45 29.96
CA GLY B 179 13.98 48.36 28.52
C GLY B 179 15.18 47.72 27.87
N ASP B 180 16.29 47.56 28.58
CA ASP B 180 17.42 46.81 28.06
C ASP B 180 17.08 45.32 28.01
N SER B 181 17.82 44.59 27.17
CA SER B 181 17.58 43.17 26.97
C SER B 181 18.89 42.51 26.60
N MET B 182 18.93 41.19 26.72
CA MET B 182 20.15 40.45 26.44
C MET B 182 19.80 39.03 26.02
N TYR B 183 20.78 38.34 25.44
CA TYR B 183 20.74 36.90 25.23
C TYR B 183 22.07 36.32 25.73
N ILE B 184 22.01 35.15 26.34
CA ILE B 184 23.21 34.50 26.85
C ILE B 184 23.17 33.03 26.48
N THR B 185 24.24 32.54 25.86
CA THR B 185 24.33 31.17 25.37
C THR B 185 24.31 30.19 26.54
N PRO B 186 23.67 29.03 26.39
CA PRO B 186 23.65 28.04 27.46
C PRO B 186 25.03 27.74 28.03
N PHE B 187 25.09 27.59 29.35
CA PHE B 187 26.25 27.24 30.16
C PHE B 187 27.23 28.39 30.34
N THR B 188 26.91 29.59 29.85
CA THR B 188 27.72 30.76 30.18
C THR B 188 27.33 31.25 31.56
N PRO B 189 28.27 31.30 32.51
CA PRO B 189 27.91 31.73 33.87
C PRO B 189 27.50 33.19 33.91
N HIS B 190 26.58 33.49 34.83
CA HIS B 190 26.03 34.83 34.96
C HIS B 190 25.37 34.98 36.32
N THR B 191 25.07 36.22 36.67
CA THR B 191 24.33 36.55 37.87
C THR B 191 23.85 37.99 37.76
N PHE B 192 22.93 38.37 38.65
CA PHE B 192 22.32 39.69 38.60
C PHE B 192 22.26 40.28 40.00
N THR B 193 22.47 41.60 40.09
CA THR B 193 22.33 42.34 41.34
C THR B 193 21.61 43.66 41.06
N THR B 194 21.29 44.36 42.14
CA THR B 194 20.70 45.70 42.05
C THR B 194 21.75 46.75 42.35
N ARG B 195 21.77 47.81 41.55
CA ARG B 195 22.68 48.92 41.81
C ARG B 195 22.19 49.68 43.03
N ASP B 196 23.14 50.26 43.77
CA ASP B 196 22.78 51.01 44.97
C ASP B 196 21.94 52.24 44.58
N GLY B 197 21.74 53.16 45.49
CA GLY B 197 20.88 54.31 45.24
C GLY B 197 19.59 54.13 44.45
N ALA B 198 19.31 52.92 43.94
CA ALA B 198 18.07 52.70 43.22
C ALA B 198 16.89 52.69 44.17
N SER B 199 15.77 53.26 43.74
CA SER B 199 14.60 53.41 44.60
C SER B 199 14.02 52.07 45.02
N GLN B 200 14.06 51.07 44.13
CA GLN B 200 13.53 49.76 44.45
C GLN B 200 14.46 48.70 43.89
N ASN B 201 14.21 47.46 44.27
CA ASN B 201 15.03 46.35 43.79
C ASN B 201 14.85 46.17 42.28
N GLY B 202 15.94 45.81 41.61
CA GLY B 202 15.85 45.53 40.19
C GLY B 202 15.15 44.21 39.91
N LEU B 203 14.56 44.12 38.72
CA LEU B 203 13.80 42.95 38.30
C LEU B 203 14.22 42.55 36.89
N ILE B 204 14.31 41.25 36.65
CA ILE B 204 14.53 40.72 35.31
C ILE B 204 13.42 39.73 35.01
N LEU B 205 13.00 39.70 33.75
CA LEU B 205 12.12 38.65 33.24
C LEU B 205 13.01 37.74 32.42
N ALA B 206 13.52 36.69 33.07
CA ALA B 206 14.44 35.75 32.41
C ALA B 206 13.59 34.72 31.68
N LEU B 207 13.39 34.94 30.38
CA LEU B 207 12.56 34.05 29.58
C LEU B 207 13.48 33.00 28.98
N THR B 208 13.67 31.91 29.73
CA THR B 208 14.55 30.84 29.29
C THR B 208 13.74 29.76 28.58
N TYR B 209 14.42 28.99 27.74
CA TYR B 209 13.73 28.04 26.89
C TYR B 209 14.72 27.05 26.30
N GLY B 210 14.19 25.89 25.90
CA GLY B 210 14.93 24.92 25.14
C GLY B 210 14.62 25.08 23.66
N SER B 211 15.53 24.57 22.83
CA SER B 211 15.37 24.68 21.39
C SER B 211 15.44 23.30 20.74
N LYS B 212 16.63 22.88 20.32
CA LYS B 212 16.78 21.65 19.54
C LYS B 212 17.67 20.62 20.23
N LEU B 213 17.92 20.74 21.54
CA LEU B 213 18.77 19.81 22.27
C LEU B 213 18.07 19.17 23.47
N THR B 214 16.77 19.36 23.62
CA THR B 214 16.04 18.82 24.76
C THR B 214 15.29 17.55 24.37
N GLY B 215 14.92 16.78 25.37
CA GLY B 215 14.03 15.65 25.12
C GLY B 215 14.70 14.55 24.31
N ASP B 216 14.04 14.17 23.22
CA ASP B 216 14.49 13.04 22.43
C ASP B 216 15.89 13.25 21.88
N ILE B 217 16.20 14.46 21.41
CA ILE B 217 17.52 14.73 20.86
C ILE B 217 18.58 14.48 21.93
N GLN B 218 18.35 15.00 23.14
CA GLN B 218 19.26 14.76 24.25
C GLN B 218 19.36 13.27 24.55
N GLN B 219 18.23 12.55 24.49
CA GLN B 219 18.25 11.11 24.72
C GLN B 219 19.04 10.38 23.64
N GLU B 220 18.91 10.80 22.38
CA GLU B 220 19.66 10.18 21.31
C GLU B 220 21.17 10.35 21.50
N LEU B 221 21.61 11.49 22.05
CA LEU B 221 23.02 11.68 22.34
C LEU B 221 23.46 10.96 23.61
N SER B 222 22.56 10.85 24.60
CA SER B 222 22.95 10.32 25.90
C SER B 222 23.37 8.86 25.83
N SER B 223 22.82 8.08 24.91
CA SER B 223 23.21 6.68 24.79
C SER B 223 24.54 6.49 24.08
N LEU B 224 25.12 7.53 23.49
CA LEU B 224 26.42 7.40 22.86
C LEU B 224 27.53 7.63 23.87
N SER B 225 28.67 7.01 23.63
CA SER B 225 29.85 7.30 24.42
C SER B 225 30.22 8.77 24.26
N LEU B 226 30.84 9.32 25.30
CA LEU B 226 31.27 10.71 25.24
C LEU B 226 32.22 10.94 24.07
N ASP B 227 33.06 9.94 23.76
CA ASP B 227 33.99 10.05 22.65
C ASP B 227 33.25 10.20 21.32
N CYS B 228 32.23 9.37 21.11
CA CYS B 228 31.46 9.44 19.86
C CYS B 228 30.51 10.63 19.87
N GLY B 229 29.81 10.87 20.98
CA GLY B 229 28.86 11.96 21.03
C GLY B 229 29.49 13.32 20.83
N SER B 230 30.69 13.54 21.38
CA SER B 230 31.32 14.85 21.29
C SER B 230 31.72 15.20 19.86
N GLN B 231 31.86 14.22 18.98
CA GLN B 231 32.24 14.49 17.60
C GLN B 231 31.12 15.12 16.79
N TYR B 232 29.90 15.16 17.31
CA TYR B 232 28.84 15.91 16.63
C TYR B 232 29.08 17.42 16.72
N ALA B 233 29.79 17.87 17.75
CA ALA B 233 30.07 19.29 17.94
C ALA B 233 31.15 19.72 16.96
N LEU B 234 30.75 20.41 15.90
CA LEU B 234 31.68 20.93 14.91
C LEU B 234 32.31 22.23 15.40
N ASP B 235 33.39 22.64 14.73
CA ASP B 235 34.10 23.89 15.07
C ASP B 235 33.36 25.07 14.46
N PHE B 236 32.61 25.78 15.28
CA PHE B 236 31.90 26.99 14.88
C PHE B 236 32.47 28.23 15.54
N THR B 237 33.77 28.20 15.87
CA THR B 237 34.39 29.34 16.56
C THR B 237 34.42 30.58 15.69
N ASN B 238 34.48 30.42 14.36
CA ASN B 238 34.35 31.55 13.45
C ASN B 238 33.80 31.04 12.12
N HIS B 239 33.46 31.98 11.25
CA HIS B 239 32.77 31.64 10.01
C HIS B 239 33.59 30.70 9.13
N GLU B 240 34.90 30.99 8.99
CA GLU B 240 35.73 30.17 8.11
C GLU B 240 35.86 28.76 8.66
N ASN B 241 36.05 28.62 9.98
CA ASN B 241 36.12 27.29 10.58
C ASN B 241 34.80 26.56 10.43
N ALA B 242 33.68 27.26 10.55
CA ALA B 242 32.38 26.63 10.36
C ALA B 242 32.21 26.13 8.94
N SER B 243 32.71 26.88 7.96
CA SER B 243 32.63 26.46 6.57
C SER B 243 33.41 25.18 6.33
N LEU B 244 34.64 25.12 6.85
CA LEU B 244 35.45 23.92 6.67
C LEU B 244 34.89 22.74 7.47
N SER B 245 34.41 22.99 8.70
CA SER B 245 33.84 21.92 9.50
C SER B 245 32.68 21.25 8.79
N LEU B 246 31.78 22.05 8.21
CA LEU B 246 30.63 21.48 7.51
C LEU B 246 31.05 20.74 6.25
N LEU B 247 32.00 21.32 5.50
CA LEU B 247 32.50 20.66 4.29
C LEU B 247 33.08 19.29 4.62
N GLU B 248 33.90 19.21 5.67
CA GLU B 248 34.53 17.95 6.02
C GLU B 248 33.51 16.94 6.51
N TYR B 249 32.55 17.38 7.34
CA TYR B 249 31.53 16.47 7.84
C TYR B 249 30.75 15.82 6.70
N TYR B 250 30.30 16.63 5.74
CA TYR B 250 29.52 16.10 4.63
C TYR B 250 30.36 15.36 3.60
N PHE B 251 31.65 15.67 3.49
CA PHE B 251 32.53 14.85 2.67
C PHE B 251 32.65 13.44 3.26
N GLU B 252 32.76 13.34 4.59
CA GLU B 252 32.85 12.03 5.23
C GLU B 252 31.55 11.23 5.08
N LEU B 253 30.40 11.92 5.13
CA LEU B 253 29.12 11.23 4.96
C LEU B 253 29.02 10.57 3.59
N SER B 254 29.60 11.20 2.56
CA SER B 254 29.51 10.67 1.21
C SER B 254 30.31 9.38 1.04
N ASN B 255 31.35 9.18 1.85
CA ASN B 255 32.28 8.06 1.76
C ASN B 255 33.06 8.05 0.44
N LEU B 256 33.15 9.21 -0.22
CA LEU B 256 34.02 9.34 -1.38
C LEU B 256 35.48 9.39 -0.94
N THR B 257 36.36 9.04 -1.87
CA THR B 257 37.76 9.43 -1.71
C THR B 257 37.92 10.86 -2.23
N LYS B 258 39.03 11.49 -1.85
CA LYS B 258 39.32 12.82 -2.38
C LYS B 258 39.42 12.77 -3.90
N GLU B 259 39.95 11.68 -4.45
CA GLU B 259 40.16 11.58 -5.89
C GLU B 259 38.83 11.49 -6.64
N LYS B 260 37.94 10.61 -6.20
CA LYS B 260 36.61 10.54 -6.81
C LYS B 260 35.85 11.85 -6.61
N PHE B 261 36.03 12.48 -5.46
CA PHE B 261 35.45 13.81 -5.22
C PHE B 261 35.93 14.81 -6.27
N ALA B 262 37.23 14.79 -6.58
CA ALA B 262 37.76 15.71 -7.60
C ALA B 262 37.18 15.40 -8.97
N LYS B 263 37.10 14.12 -9.33
CA LYS B 263 36.55 13.74 -10.63
C LYS B 263 35.07 14.10 -10.73
N ARG B 264 34.33 13.98 -9.62
CA ARG B 264 32.90 14.26 -9.66
C ARG B 264 32.64 15.76 -9.80
N THR B 265 33.45 16.59 -9.14
CA THR B 265 33.26 18.04 -9.22
C THR B 265 33.90 18.68 -10.44
N ASN B 266 34.83 17.98 -11.11
CA ASN B 266 35.66 18.56 -12.16
C ASN B 266 36.45 19.76 -11.65
N PHE B 267 36.86 19.72 -10.37
CA PHE B 267 37.78 20.69 -9.82
C PHE B 267 39.21 20.15 -9.83
N SER B 268 40.17 21.06 -9.94
CA SER B 268 41.56 20.68 -9.83
C SER B 268 41.91 20.35 -8.37
N MET B 269 42.98 19.57 -8.20
CA MET B 269 43.45 19.26 -6.85
C MET B 269 43.93 20.52 -6.12
N GLU B 270 44.50 21.49 -6.86
CA GLU B 270 44.88 22.74 -6.22
C GLU B 270 43.67 23.47 -5.66
N THR B 271 42.52 23.34 -6.34
CA THR B 271 41.31 23.99 -5.85
C THR B 271 40.79 23.32 -4.59
N LEU B 272 40.75 21.98 -4.59
CA LEU B 272 40.34 21.25 -3.39
C LEU B 272 41.30 21.48 -2.23
N ALA B 273 42.61 21.48 -2.50
CA ALA B 273 43.58 21.66 -1.44
C ALA B 273 43.43 23.04 -0.78
N ASP B 274 43.13 24.06 -1.60
CA ASP B 274 42.91 25.39 -1.03
C ASP B 274 41.67 25.42 -0.14
N PHE B 275 40.66 24.61 -0.44
CA PHE B 275 39.48 24.56 0.41
C PHE B 275 39.79 23.94 1.76
N PHE B 276 40.45 22.79 1.76
CA PHE B 276 40.67 22.04 2.99
C PHE B 276 41.77 22.62 3.86
N THR B 277 42.51 23.62 3.37
CA THR B 277 43.52 24.31 4.17
C THR B 277 43.09 25.73 4.53
N LYS B 278 41.84 26.09 4.22
CA LYS B 278 41.27 27.42 4.47
C LYS B 278 41.99 28.52 3.70
N LYS B 279 42.77 28.16 2.67
CA LYS B 279 43.39 29.20 1.85
C LYS B 279 42.33 29.98 1.09
N LYS B 280 41.45 29.26 0.39
CA LYS B 280 40.31 29.86 -0.29
C LYS B 280 39.03 29.20 0.21
N LEU B 281 37.95 29.95 0.16
CA LEU B 281 36.63 29.41 0.49
C LEU B 281 35.80 29.32 -0.78
N PRO B 282 35.04 28.24 -0.94
CA PRO B 282 34.28 28.07 -2.19
C PRO B 282 33.28 29.18 -2.42
N THR B 283 33.23 29.65 -3.66
CA THR B 283 32.21 30.61 -4.05
C THR B 283 30.84 29.93 -4.07
N PHE B 284 29.80 30.76 -4.19
CA PHE B 284 28.44 30.25 -4.21
C PHE B 284 28.22 29.29 -5.38
N ASP B 285 28.79 29.61 -6.54
CA ASP B 285 28.65 28.71 -7.69
C ASP B 285 29.41 27.40 -7.44
N GLU B 286 30.58 27.49 -6.82
CA GLU B 286 31.35 26.29 -6.48
C GLU B 286 30.63 25.46 -5.41
N LEU B 287 29.99 26.14 -4.45
CA LEU B 287 29.30 25.42 -3.39
C LEU B 287 28.15 24.57 -3.92
N LYS B 288 27.47 25.05 -4.96
CA LYS B 288 26.42 24.24 -5.58
C LYS B 288 27.00 23.01 -6.24
N ILE B 289 28.19 23.13 -6.84
CA ILE B 289 28.86 21.98 -7.44
C ILE B 289 29.29 20.99 -6.37
N ILE B 290 29.83 21.49 -5.25
CA ILE B 290 30.25 20.60 -4.16
C ILE B 290 29.04 19.85 -3.59
N ALA B 291 27.92 20.54 -3.38
CA ALA B 291 26.74 19.92 -2.78
C ALA B 291 26.18 18.83 -3.69
N LYS B 292 26.09 19.11 -4.99
CA LYS B 292 25.60 18.08 -5.91
C LYS B 292 26.49 16.85 -5.87
N ALA B 293 27.80 17.06 -5.79
CA ALA B 293 28.74 15.94 -5.72
C ALA B 293 28.61 15.17 -4.41
N LEU B 294 28.30 15.85 -3.31
CA LEU B 294 28.11 15.16 -2.04
C LEU B 294 26.66 14.74 -1.81
N ASN B 295 25.78 14.96 -2.79
CA ASN B 295 24.36 14.56 -2.72
C ASN B 295 23.64 15.21 -1.54
N VAL B 296 23.91 16.48 -1.31
CA VAL B 296 23.23 17.30 -0.31
C VAL B 296 22.89 18.64 -0.94
N ASN B 297 22.32 19.53 -0.14
CA ASN B 297 21.97 20.85 -0.62
C ASN B 297 23.05 21.86 -0.21
N SER B 298 23.22 22.89 -1.04
CA SER B 298 24.16 23.94 -0.69
C SER B 298 23.82 24.57 0.66
N ARG B 299 22.52 24.72 0.96
CA ARG B 299 22.13 25.17 2.29
C ARG B 299 22.66 24.26 3.39
N ASP B 300 22.80 22.95 3.11
CA ASP B 300 23.31 22.04 4.14
C ASP B 300 24.81 22.26 4.35
N LEU B 301 25.53 22.72 3.33
CA LEU B 301 26.95 23.02 3.45
C LEU B 301 27.20 24.43 3.98
N MET B 302 26.21 25.30 3.92
CA MET B 302 26.41 26.68 4.33
C MET B 302 26.38 26.81 5.85
N PRO B 303 27.29 27.58 6.42
CA PRO B 303 27.14 28.03 7.81
C PRO B 303 26.20 29.23 7.85
N ASN B 304 25.95 29.73 9.05
CA ASN B 304 25.26 30.99 9.21
C ASN B 304 26.05 32.11 8.56
N ASP B 305 25.38 33.24 8.32
CA ASP B 305 26.01 34.33 7.57
C ASP B 305 27.18 34.92 8.34
N LEU B 306 27.02 35.13 9.64
CA LEU B 306 28.11 35.59 10.47
C LEU B 306 28.04 34.88 11.81
N THR B 307 29.12 34.99 12.57
CA THR B 307 29.26 34.37 13.88
C THR B 307 28.93 35.38 14.96
N GLU B 308 27.91 35.09 15.77
CA GLU B 308 27.48 35.98 16.83
C GLU B 308 28.31 35.75 18.09
N SER B 309 28.38 36.79 18.92
CA SER B 309 28.99 36.67 20.23
C SER B 309 28.15 35.77 21.14
N LYS B 310 28.81 35.19 22.14
CA LYS B 310 28.13 34.29 23.07
C LYS B 310 27.13 35.03 23.95
N VAL B 311 27.39 36.32 24.21
CA VAL B 311 26.51 37.16 25.02
C VAL B 311 26.15 38.39 24.19
N ILE B 312 24.86 38.67 24.08
CA ILE B 312 24.34 39.79 23.31
C ILE B 312 23.70 40.77 24.29
N VAL B 313 24.16 42.02 24.27
CA VAL B 313 23.60 43.07 25.13
C VAL B 313 23.04 44.16 24.24
N LYS B 314 21.80 44.56 24.51
CA LYS B 314 21.12 45.54 23.66
C LYS B 314 20.33 46.50 24.55
N THR B 315 20.71 47.77 24.55
CA THR B 315 19.99 48.79 25.29
C THR B 315 18.70 49.20 24.57
N HIS B 316 17.81 49.85 25.31
CA HIS B 316 16.56 50.30 24.70
C HIS B 316 16.82 51.24 23.54
N ASP B 317 17.81 52.13 23.69
CA ASP B 317 18.10 53.09 22.63
C ASP B 317 18.53 52.41 21.34
N GLN B 318 19.07 51.19 21.42
CA GLN B 318 19.56 50.48 20.25
C GLN B 318 18.48 49.67 19.55
N CYS B 319 17.24 49.67 20.05
CA CYS B 319 16.17 48.88 19.46
C CYS B 319 15.52 49.66 18.32
N ASP B 320 15.58 49.11 17.13
CA ASP B 320 14.80 49.65 16.03
C ASP B 320 13.32 49.43 16.31
N HIS B 321 12.48 50.31 15.76
CA HIS B 321 11.05 50.20 16.04
C HIS B 321 10.25 50.70 14.84
N TRP B 322 8.99 50.27 14.79
CA TRP B 322 8.13 50.62 13.68
C TRP B 322 6.68 50.44 14.11
N LYS B 323 5.80 51.09 13.36
CA LYS B 323 4.37 51.01 13.59
C LYS B 323 3.81 49.80 12.87
N TYR B 324 2.94 49.06 13.56
CA TYR B 324 2.32 47.86 12.98
C TYR B 324 0.86 47.74 13.38
N PRO B 325 -0.01 47.40 12.40
CA PRO B 325 0.37 47.34 10.99
C PRO B 325 0.44 48.74 10.37
N GLU B 326 0.24 48.86 9.05
CA GLU B 326 0.24 50.18 8.44
C GLU B 326 -0.78 51.11 9.10
N SER B 327 -1.92 50.57 9.55
CA SER B 327 -2.94 51.39 10.21
C SER B 327 -2.46 51.90 11.56
N GLY B 328 -1.69 51.11 12.30
CA GLY B 328 -1.02 51.63 13.47
C GLY B 328 -1.51 51.30 14.86
N ASN B 329 -2.02 50.08 15.08
CA ASN B 329 -2.45 49.70 16.42
C ASN B 329 -1.30 49.51 17.39
N TYR B 330 -0.09 49.22 16.88
CA TYR B 330 1.03 48.87 17.74
C TYR B 330 2.28 49.65 17.36
N GLU B 331 3.21 49.70 18.29
CA GLU B 331 4.59 50.09 18.00
C GLU B 331 5.47 48.97 18.51
N PHE B 332 6.14 48.27 17.58
CA PHE B 332 6.97 47.12 17.90
C PHE B 332 8.41 47.58 18.12
N TYR B 333 9.04 47.07 19.18
CA TYR B 333 10.44 47.34 19.47
C TYR B 333 11.22 46.03 19.41
N GLU B 334 12.25 46.00 18.57
CA GLU B 334 13.05 44.79 18.35
C GLU B 334 14.06 44.65 19.47
N LEU B 335 13.87 43.65 20.33
CA LEU B 335 14.73 43.45 21.48
C LEU B 335 15.96 42.63 21.08
N ALA B 336 16.75 42.21 22.07
CA ALA B 336 18.00 41.50 21.78
C ALA B 336 17.73 40.19 21.04
N SER B 337 18.65 39.84 20.15
CA SER B 337 18.50 38.64 19.34
C SER B 337 19.87 38.19 18.85
N THR B 338 19.91 36.99 18.28
CA THR B 338 21.11 36.42 17.70
C THR B 338 20.73 35.52 16.53
N THR B 339 21.49 35.64 15.43
CA THR B 339 21.24 34.78 14.28
C THR B 339 21.60 33.32 14.54
N ALA B 340 22.20 33.01 15.70
CA ALA B 340 22.36 31.62 16.13
C ALA B 340 21.02 30.96 16.44
N LEU B 341 20.00 31.74 16.76
CA LEU B 341 18.64 31.25 16.97
C LEU B 341 17.69 32.08 16.12
N PRO B 342 17.62 31.80 14.81
CA PRO B 342 16.80 32.63 13.92
C PRO B 342 15.31 32.59 14.22
N HIS B 343 14.82 31.65 15.02
CA HIS B 343 13.40 31.57 15.34
C HIS B 343 13.08 32.14 16.72
N SER B 344 14.03 32.82 17.36
CA SER B 344 13.79 33.48 18.64
C SER B 344 13.63 34.97 18.38
N LYS B 345 12.42 35.49 18.55
CA LYS B 345 12.11 36.89 18.31
C LYS B 345 11.52 37.48 19.57
N ALA B 346 12.10 38.58 20.03
CA ALA B 346 11.68 39.23 21.27
C ALA B 346 11.26 40.65 20.96
N PHE B 347 10.08 41.04 21.46
CA PHE B 347 9.52 42.36 21.17
C PHE B 347 8.98 43.01 22.43
N GLU B 348 9.13 44.32 22.50
CA GLU B 348 8.38 45.17 23.43
C GLU B 348 7.37 45.94 22.60
N ILE B 349 6.10 45.83 22.97
CA ILE B 349 5.01 46.34 22.14
C ILE B 349 4.20 47.35 22.95
N ASP B 350 4.07 48.56 22.40
CA ASP B 350 3.14 49.55 22.91
C ASP B 350 1.82 49.41 22.17
N VAL B 351 0.75 49.18 22.92
CA VAL B 351 -0.58 48.98 22.34
C VAL B 351 -1.37 50.26 22.55
N SER B 352 -1.84 50.85 21.45
CA SER B 352 -2.69 52.03 21.51
C SER B 352 -3.78 51.89 20.47
N SER B 353 -4.68 50.93 20.70
CA SER B 353 -5.80 50.65 19.80
C SER B 353 -7.01 50.31 20.66
N SER B 354 -8.13 50.98 20.40
CA SER B 354 -9.32 50.77 21.20
C SER B 354 -10.37 49.91 20.51
N GLU B 355 -10.60 50.12 19.20
CA GLU B 355 -11.73 49.50 18.50
C GLU B 355 -11.33 49.08 17.09
N ASP B 356 -10.56 47.99 16.98
CA ASP B 356 -10.31 47.33 15.70
C ASP B 356 -10.62 45.85 15.88
N LEU B 357 -11.55 45.35 15.06
CA LEU B 357 -12.01 43.97 15.20
C LEU B 357 -11.02 42.96 14.67
N ASN B 358 -10.27 43.30 13.62
CA ASN B 358 -9.39 42.35 12.96
C ASN B 358 -8.39 41.73 13.93
N LEU B 359 -8.24 40.40 13.84
CA LEU B 359 -7.12 39.71 14.48
C LEU B 359 -5.92 39.94 13.59
N ASP B 360 -5.02 40.83 14.02
CA ASP B 360 -3.96 41.31 13.15
C ASP B 360 -2.57 40.75 13.49
N LEU B 361 -2.48 39.83 14.44
CA LEU B 361 -1.22 39.19 14.76
C LEU B 361 -1.36 37.69 14.54
N LYS B 362 -0.40 37.10 13.84
CA LYS B 362 -0.42 35.68 13.51
C LYS B 362 0.98 35.25 13.12
N VAL B 363 1.51 34.23 13.78
CA VAL B 363 2.91 33.84 13.58
C VAL B 363 3.06 32.36 13.91
N GLY B 364 3.84 31.65 13.11
CA GLY B 364 4.07 30.24 13.35
C GLY B 364 5.18 29.96 14.33
N LEU B 365 5.04 30.44 15.56
CA LEU B 365 6.02 30.20 16.61
C LEU B 365 5.29 30.11 17.93
N HIS B 366 5.92 29.46 18.91
CA HIS B 366 5.44 29.54 20.28
C HIS B 366 5.61 30.97 20.77
N GLN B 367 4.66 31.44 21.57
CA GLN B 367 4.66 32.82 22.01
C GLN B 367 4.43 32.91 23.52
N TYR B 368 5.20 33.79 24.16
CA TYR B 368 5.04 34.11 25.57
C TYR B 368 4.80 35.61 25.69
N VAL B 369 3.82 35.99 26.50
CA VAL B 369 3.44 37.38 26.70
C VAL B 369 3.48 37.70 28.18
N TYR B 370 3.91 38.93 28.51
CA TYR B 370 3.90 39.41 29.88
C TYR B 370 3.52 40.89 29.85
N ASN B 371 2.55 41.27 30.68
CA ASN B 371 2.12 42.66 30.75
C ASN B 371 3.12 43.43 31.59
N ILE B 372 4.03 44.16 30.91
CA ILE B 372 5.03 44.97 31.61
C ILE B 372 4.55 46.38 31.89
N GLY B 373 3.39 46.77 31.36
CA GLY B 373 2.82 48.07 31.64
C GLY B 373 2.06 48.10 32.96
N ASP B 374 1.52 49.28 33.26
CA ASP B 374 0.69 49.47 34.46
C ASP B 374 -0.78 49.63 34.11
N SER B 375 -1.19 49.19 32.92
CA SER B 375 -2.59 49.21 32.53
C SER B 375 -2.98 47.85 32.00
N ALA B 376 -4.25 47.52 32.14
CA ALA B 376 -4.78 46.26 31.65
C ALA B 376 -5.03 46.33 30.15
N LEU B 377 -4.88 45.19 29.49
CA LEU B 377 -5.13 45.08 28.06
C LEU B 377 -6.05 43.89 27.82
N THR B 378 -6.75 43.93 26.70
CA THR B 378 -7.64 42.86 26.29
C THR B 378 -7.02 42.09 25.14
N ILE B 379 -7.07 40.77 25.23
CA ILE B 379 -6.59 39.87 24.18
C ILE B 379 -7.80 39.21 23.54
N ASN B 380 -7.95 39.39 22.23
CA ASN B 380 -8.98 38.74 21.46
C ASN B 380 -8.33 37.67 20.58
N TRP B 381 -8.94 36.50 20.49
CA TRP B 381 -8.35 35.45 19.66
C TRP B 381 -9.42 34.42 19.29
N ASN B 382 -9.06 33.59 18.31
CA ASN B 382 -9.93 32.55 17.81
C ASN B 382 -9.16 31.23 17.80
N TYR B 383 -9.83 30.16 18.20
CA TYR B 383 -9.18 28.84 18.23
C TYR B 383 -10.26 27.78 18.12
N GLU B 384 -10.16 26.95 17.08
CA GLU B 384 -11.09 25.85 16.84
C GLU B 384 -12.54 26.34 16.80
N ASN B 385 -12.78 27.33 15.93
CA ASN B 385 -14.13 27.83 15.65
C ASN B 385 -14.80 28.41 16.89
N LYS B 386 -14.01 28.99 17.79
CA LYS B 386 -14.53 29.59 19.02
C LYS B 386 -13.76 30.87 19.31
N THR B 387 -14.46 31.99 19.35
CA THR B 387 -13.87 33.29 19.61
C THR B 387 -13.85 33.56 21.11
N TYR B 388 -12.71 34.07 21.61
CA TYR B 388 -12.53 34.35 23.02
C TYR B 388 -12.12 35.80 23.22
N GLN B 389 -12.28 36.25 24.46
CA GLN B 389 -11.86 37.59 24.88
C GLN B 389 -11.52 37.54 26.36
N LYS B 390 -10.30 37.91 26.71
CA LYS B 390 -9.86 37.86 28.10
C LYS B 390 -9.03 39.10 28.42
N SER B 391 -8.91 39.38 29.71
CA SER B 391 -8.18 40.54 30.20
C SER B 391 -6.77 40.13 30.63
N LEU B 392 -5.79 40.99 30.34
CA LEU B 392 -4.39 40.78 30.72
C LEU B 392 -3.99 41.95 31.61
N ASN B 393 -3.98 41.72 32.92
CA ASN B 393 -3.67 42.75 33.90
C ASN B 393 -2.16 42.90 34.08
N PRO B 394 -1.71 44.00 34.70
CA PRO B 394 -0.28 44.15 34.99
C PRO B 394 0.29 42.98 35.77
N GLY B 395 1.38 42.41 35.26
CA GLY B 395 2.00 41.25 35.87
C GLY B 395 1.43 39.92 35.44
N ASP B 396 0.32 39.90 34.72
CA ASP B 396 -0.18 38.64 34.17
C ASP B 396 0.65 38.22 32.97
N SER B 397 0.71 36.92 32.72
CA SER B 397 1.42 36.37 31.58
C SER B 397 0.53 35.40 30.85
N ALA B 398 0.93 35.06 29.62
CA ALA B 398 0.13 34.17 28.79
C ALA B 398 1.06 33.39 27.86
N TYR B 399 0.63 32.18 27.52
CA TYR B 399 1.26 31.39 26.46
C TYR B 399 0.30 31.31 25.28
N ILE B 400 0.83 31.47 24.07
CA ILE B 400 0.01 31.48 22.87
C ILE B 400 0.52 30.39 21.93
N LYS B 401 -0.38 29.50 21.52
CA LYS B 401 0.01 28.43 20.62
C LYS B 401 0.31 28.99 19.22
N PRO B 402 1.16 28.31 18.47
CA PRO B 402 1.52 28.80 17.13
C PRO B 402 0.32 28.95 16.21
N PHE B 403 0.37 30.00 15.38
CA PHE B 403 -0.58 30.33 14.32
C PHE B 403 -1.94 30.78 14.82
N VAL B 404 -2.13 30.95 16.12
CA VAL B 404 -3.40 31.44 16.67
C VAL B 404 -3.56 32.91 16.28
N PRO B 405 -4.60 33.28 15.55
CA PRO B 405 -4.81 34.70 15.25
C PRO B 405 -5.36 35.45 16.46
N HIS B 406 -4.79 36.62 16.72
CA HIS B 406 -5.09 37.32 17.96
C HIS B 406 -4.80 38.81 17.78
N ASN B 407 -5.16 39.59 18.81
CA ASN B 407 -4.77 40.99 18.90
C ASN B 407 -4.66 41.39 20.36
N PHE B 408 -4.14 42.60 20.57
CA PHE B 408 -4.12 43.25 21.87
C PHE B 408 -4.81 44.59 21.73
N ARG B 409 -5.71 44.90 22.66
CA ARG B 409 -6.53 46.10 22.55
C ARG B 409 -6.48 46.90 23.85
N GLY B 410 -6.43 48.22 23.71
CA GLY B 410 -6.33 49.09 24.87
C GLY B 410 -5.12 50.01 24.80
N ASN B 411 -4.66 50.46 25.97
CA ASN B 411 -3.46 51.28 26.07
C ASN B 411 -2.54 50.67 27.12
N GLY B 412 -1.37 50.22 26.68
CA GLY B 412 -0.45 49.56 27.59
C GLY B 412 0.79 49.09 26.86
N LYS B 413 1.56 48.27 27.56
CA LYS B 413 2.85 47.78 27.07
C LYS B 413 3.03 46.31 27.44
N ILE B 414 3.52 45.52 26.48
CA ILE B 414 3.72 44.09 26.71
C ILE B 414 5.11 43.67 26.27
N LEU B 415 5.58 42.59 26.87
CA LEU B 415 6.81 41.90 26.48
C LEU B 415 6.43 40.59 25.80
N ILE B 416 7.05 40.31 24.66
CA ILE B 416 6.74 39.11 23.88
C ILE B 416 8.03 38.42 23.49
N LEU B 417 8.08 37.10 23.74
CA LEU B 417 9.15 36.23 23.26
C LEU B 417 8.54 35.15 22.39
N ARG B 418 9.08 35.00 21.18
CA ARG B 418 8.65 33.97 20.24
C ARG B 418 9.82 33.02 20.00
N ILE B 419 9.55 31.71 20.07
CA ILE B 419 10.56 30.68 19.83
C ILE B 419 9.97 29.58 18.95
N GLY B 420 10.87 28.88 18.27
CA GLY B 420 10.48 27.85 17.31
C GLY B 420 10.26 26.49 17.91
N GLY B 421 10.78 26.25 19.10
CA GLY B 421 10.70 24.91 19.67
C GLY B 421 11.43 23.93 18.78
N LYS B 422 10.85 22.72 18.66
CA LYS B 422 11.44 21.71 17.82
C LYS B 422 10.87 21.72 16.40
N ILE B 423 9.85 22.53 16.14
CA ILE B 423 9.15 22.45 14.86
C ILE B 423 9.89 23.24 13.79
N SER B 424 10.26 24.48 14.09
CA SER B 424 10.85 25.35 13.08
C SER B 424 12.19 24.80 12.60
N GLY B 425 12.45 24.93 11.31
CA GLY B 425 13.68 24.44 10.73
C GLY B 425 13.50 23.12 10.00
N ASP B 426 14.30 22.13 10.39
CA ASP B 426 14.31 20.85 9.68
C ASP B 426 12.94 20.15 9.73
N SER B 427 12.32 20.11 10.91
CA SER B 427 11.05 19.40 11.04
C SER B 427 9.98 20.02 10.16
N GLN B 428 9.88 21.36 10.19
CA GLN B 428 8.93 22.05 9.33
C GLN B 428 9.19 21.77 7.86
N ARG B 429 10.47 21.76 7.46
CA ARG B 429 10.80 21.49 6.06
C ARG B 429 10.40 20.07 5.67
N GLU B 430 10.67 19.10 6.54
CA GLU B 430 10.26 17.73 6.26
C GLU B 430 8.73 17.63 6.14
N LEU B 431 8.00 18.25 7.06
CA LEU B 431 6.55 18.23 6.99
C LEU B 431 6.05 18.88 5.70
N SER B 432 6.76 19.90 5.22
CA SER B 432 6.37 20.55 3.98
C SER B 432 6.56 19.62 2.78
N PHE B 433 7.64 18.84 2.79
CA PHE B 433 7.88 17.90 1.69
C PHE B 433 6.85 16.76 1.71
N VAL B 434 6.47 16.29 2.90
CA VAL B 434 5.49 15.22 3.02
C VAL B 434 4.16 15.64 2.40
N GLY B 435 3.80 16.91 2.50
CA GLY B 435 2.62 17.44 1.84
C GLY B 435 1.57 17.85 2.86
N ARG B 436 0.94 19.01 2.61
CA ARG B 436 -0.03 19.52 3.58
C ARG B 436 -1.24 18.61 3.68
N GLU B 437 -1.63 17.97 2.58
CA GLU B 437 -2.74 17.02 2.57
C GLU B 437 -2.51 15.82 3.48
N ASN B 438 -1.28 15.59 3.93
CA ASN B 438 -0.95 14.45 4.78
C ASN B 438 -0.71 14.87 6.23
N THR B 439 -0.95 16.13 6.57
CA THR B 439 -0.58 16.63 7.89
C THR B 439 -1.32 15.92 9.02
N GLN B 440 -2.61 15.62 8.84
CA GLN B 440 -3.39 15.02 9.93
C GLN B 440 -2.81 13.67 10.34
N ARG B 441 -2.54 12.80 9.37
CA ARG B 441 -1.96 11.51 9.69
C ARG B 441 -0.51 11.62 10.15
N ALA B 442 0.25 12.57 9.59
CA ALA B 442 1.63 12.76 10.01
C ALA B 442 1.70 13.16 11.48
N ILE B 443 0.76 13.99 11.93
CA ILE B 443 0.73 14.43 13.32
C ILE B 443 0.21 13.30 14.22
N SER B 444 -0.84 12.61 13.77
CA SER B 444 -1.46 11.56 14.59
C SER B 444 -2.08 10.55 13.64
N GLU B 445 -1.54 9.32 13.62
CA GLU B 445 -2.03 8.29 12.72
C GLU B 445 -3.33 7.69 13.25
N THR B 446 -4.30 7.51 12.36
CA THR B 446 -5.62 7.02 12.74
C THR B 446 -6.05 5.73 12.05
N MET B 447 -5.27 5.23 11.10
CA MET B 447 -5.66 4.04 10.36
C MET B 447 -4.49 3.09 10.26
N GLN B 448 -4.80 1.79 10.16
CA GLN B 448 -3.79 0.80 9.90
C GLN B 448 -3.17 1.04 8.53
N TRP B 449 -1.88 0.71 8.40
CA TRP B 449 -1.15 1.07 7.20
C TRP B 449 -1.64 0.33 5.96
N PHE B 450 -2.43 -0.74 6.13
CA PHE B 450 -3.05 -1.43 5.01
C PHE B 450 -4.38 -2.03 5.46
N ASP B 451 -5.26 -2.24 4.48
CA ASP B 451 -6.55 -2.88 4.73
C ASP B 451 -6.44 -4.37 4.41
N PRO B 452 -6.59 -5.27 5.38
CA PRO B 452 -6.42 -6.70 5.10
C PRO B 452 -7.41 -7.26 4.09
N LYS B 453 -8.45 -6.51 3.71
CA LYS B 453 -9.39 -6.98 2.70
C LYS B 453 -8.94 -6.64 1.28
N GLY B 454 -8.01 -5.71 1.12
CA GLY B 454 -7.54 -5.32 -0.19
C GLY B 454 -7.85 -3.87 -0.50
N SER B 455 -7.37 -3.43 -1.66
CA SER B 455 -7.49 -2.04 -2.11
C SER B 455 -8.96 -1.60 -2.20
N ASP C 10 -8.51 30.59 -2.70
CA ASP C 10 -7.40 30.00 -3.44
C ASP C 10 -7.88 28.87 -4.35
N SER C 11 -8.58 27.90 -3.77
CA SER C 11 -9.14 26.82 -4.58
C SER C 11 -10.21 27.33 -5.53
N TYR C 12 -10.85 28.45 -5.22
CA TYR C 12 -11.76 29.07 -6.17
C TYR C 12 -11.01 29.61 -7.38
N LEU C 13 -9.87 30.29 -7.16
CA LEU C 13 -9.14 30.92 -8.25
C LEU C 13 -8.50 29.90 -9.17
N ILE C 14 -8.05 28.76 -8.64
CA ILE C 14 -7.50 27.72 -9.49
C ILE C 14 -8.58 27.17 -10.41
N ARG C 15 -9.75 26.83 -9.85
CA ARG C 15 -10.85 26.33 -10.68
C ARG C 15 -11.32 27.37 -11.68
N SER C 16 -11.38 28.64 -11.26
CA SER C 16 -11.80 29.69 -12.18
C SER C 16 -10.80 29.86 -13.31
N GLY C 17 -9.50 29.71 -13.01
CA GLY C 17 -8.50 29.79 -14.06
C GLY C 17 -8.55 28.58 -14.98
N ASN C 18 -8.74 27.39 -14.42
CA ASN C 18 -8.95 26.21 -15.25
C ASN C 18 -10.19 26.38 -16.12
N ASN C 19 -11.24 26.98 -15.58
CA ASN C 19 -12.46 27.18 -16.36
C ASN C 19 -12.24 28.16 -17.49
N PHE C 20 -11.47 29.23 -17.23
CA PHE C 20 -11.16 30.20 -18.28
C PHE C 20 -10.29 29.58 -19.36
N LEU C 21 -9.33 28.75 -18.95
CA LEU C 21 -8.48 28.04 -19.90
C LEU C 21 -9.31 27.13 -20.80
N GLY C 22 -10.28 26.41 -20.23
CA GLY C 22 -11.10 25.53 -21.05
C GLY C 22 -11.89 26.28 -22.10
N ILE C 23 -12.41 27.46 -21.74
CA ILE C 23 -13.14 28.27 -22.72
C ILE C 23 -12.22 28.68 -23.87
N LEU C 24 -10.98 29.09 -23.55
CA LEU C 24 -10.05 29.49 -24.60
C LEU C 24 -9.68 28.30 -25.49
N ASN C 25 -9.45 27.13 -24.89
CA ASN C 25 -9.21 25.93 -25.68
C ASN C 25 -10.37 25.64 -26.62
N ASP C 26 -11.60 25.82 -26.15
CA ASP C 26 -12.77 25.41 -26.93
C ASP C 26 -12.98 26.29 -28.16
N ILE C 27 -12.62 27.57 -28.11
CA ILE C 27 -12.75 28.44 -29.27
C ILE C 27 -11.45 28.57 -30.04
N LYS C 28 -10.44 27.76 -29.72
CA LYS C 28 -9.15 27.75 -30.42
C LYS C 28 -8.47 29.13 -30.32
N ARG C 29 -8.38 29.65 -29.11
CA ARG C 29 -7.67 30.91 -28.86
C ARG C 29 -6.53 30.64 -27.89
N ARG C 30 -5.32 30.97 -28.32
CA ARG C 30 -4.16 30.96 -27.45
C ARG C 30 -4.21 32.16 -26.51
N PRO C 31 -3.41 32.14 -25.42
CA PRO C 31 -3.30 33.36 -24.59
C PRO C 31 -3.00 34.61 -25.38
N GLU C 32 -2.13 34.50 -26.40
CA GLU C 32 -1.83 35.65 -27.25
C GLU C 32 -3.05 36.10 -28.03
N ASP C 33 -3.86 35.15 -28.49
CA ASP C 33 -5.07 35.50 -29.22
C ASP C 33 -6.08 36.20 -28.31
N ALA C 34 -6.21 35.73 -27.07
CA ALA C 34 -7.13 36.36 -26.13
C ALA C 34 -6.67 37.76 -25.75
N ALA C 35 -5.37 37.95 -25.58
CA ALA C 35 -4.85 39.28 -25.24
C ALA C 35 -5.16 40.27 -26.35
N ASN C 36 -4.94 39.89 -27.61
CA ASN C 36 -5.16 40.80 -28.72
C ASN C 36 -6.65 41.11 -28.90
N GLU C 37 -7.51 40.10 -28.77
CA GLU C 37 -8.93 40.32 -29.07
C GLU C 37 -9.66 41.00 -27.92
N LEU C 38 -9.25 40.74 -26.68
CA LEU C 38 -9.87 41.35 -25.51
C LEU C 38 -9.20 42.65 -25.08
N GLY C 39 -8.13 43.05 -25.74
CA GLY C 39 -7.45 44.31 -25.44
C GLY C 39 -6.78 44.38 -24.09
N VAL C 40 -6.11 43.31 -23.67
CA VAL C 40 -5.41 43.26 -22.40
C VAL C 40 -4.03 42.66 -22.62
N SER C 41 -3.17 42.85 -21.62
CA SER C 41 -1.83 42.30 -21.67
C SER C 41 -1.89 40.78 -21.56
N ILE C 42 -0.87 40.12 -22.12
CA ILE C 42 -0.81 38.66 -22.01
C ILE C 42 -0.53 38.25 -20.58
N GLU C 43 0.03 39.14 -19.76
CA GLU C 43 0.21 38.84 -18.35
C GLU C 43 -1.14 38.74 -17.65
N GLU C 44 -2.08 39.61 -18.02
CA GLU C 44 -3.42 39.56 -17.43
C GLU C 44 -4.11 38.25 -17.77
N ILE C 45 -3.98 37.80 -19.02
CA ILE C 45 -4.58 36.52 -19.40
C ILE C 45 -3.93 35.38 -18.62
N ASN C 46 -2.60 35.39 -18.51
CA ASN C 46 -1.90 34.32 -17.80
C ASN C 46 -2.14 34.34 -16.29
N SER C 47 -2.31 35.52 -15.70
CA SER C 47 -2.56 35.57 -14.26
C SER C 47 -3.93 35.00 -13.90
N ILE C 48 -4.91 35.14 -14.80
CA ILE C 48 -6.21 34.51 -14.60
C ILE C 48 -6.09 33.00 -14.73
N ILE C 49 -5.40 32.53 -15.78
CA ILE C 49 -5.30 31.10 -16.05
C ILE C 49 -4.60 30.36 -14.92
N SER C 50 -3.50 30.91 -14.41
CA SER C 50 -2.78 30.25 -13.32
C SER C 50 -3.47 30.40 -11.98
N GLY C 51 -4.47 31.26 -11.88
CA GLY C 51 -5.20 31.45 -10.64
C GLY C 51 -4.60 32.47 -9.71
N LYS C 52 -3.74 33.36 -10.20
CA LYS C 52 -3.17 34.40 -9.35
C LYS C 52 -4.12 35.58 -9.23
N GLN C 53 -4.81 35.92 -10.31
CA GLN C 53 -5.70 37.07 -10.39
C GLN C 53 -7.09 36.58 -10.75
N LYS C 54 -8.10 37.08 -10.06
CA LYS C 54 -9.46 36.75 -10.43
C LYS C 54 -9.83 37.49 -11.71
N ILE C 55 -10.56 36.82 -12.60
CA ILE C 55 -10.98 37.45 -13.85
C ILE C 55 -11.95 38.57 -13.51
N SER C 56 -11.83 39.65 -14.21
CA SER C 56 -12.61 40.84 -13.95
C SER C 56 -13.94 40.82 -14.70
N PRO C 57 -14.94 41.53 -14.20
CA PRO C 57 -16.18 41.71 -14.99
C PRO C 57 -15.94 42.43 -16.30
N SER C 58 -14.90 43.27 -16.37
CA SER C 58 -14.59 43.98 -17.61
C SER C 58 -14.18 43.01 -18.70
N LEU C 59 -13.35 42.03 -18.36
CA LEU C 59 -12.88 41.08 -19.37
C LEU C 59 -14.03 40.19 -19.86
N ILE C 60 -14.90 39.78 -18.94
CA ILE C 60 -16.05 38.95 -19.28
C ILE C 60 -16.96 39.68 -20.26
N GLU C 61 -17.33 40.91 -19.93
CA GLU C 61 -18.19 41.70 -20.81
C GLU C 61 -17.57 41.88 -22.19
N LYS C 62 -16.25 42.05 -22.25
CA LYS C 62 -15.59 42.16 -23.54
C LYS C 62 -15.61 40.82 -24.27
N ALA C 63 -15.44 39.71 -23.55
CA ALA C 63 -15.45 38.40 -24.22
C ALA C 63 -16.84 38.08 -24.74
N VAL C 64 -17.88 38.36 -23.95
CA VAL C 64 -19.26 38.15 -24.38
C VAL C 64 -19.59 39.05 -25.57
N ASN C 65 -18.88 40.16 -25.72
CA ASN C 65 -19.15 41.13 -26.76
C ASN C 65 -18.62 40.71 -28.13
N ILE C 66 -17.60 39.85 -28.19
CA ILE C 66 -17.03 39.43 -29.47
C ILE C 66 -17.11 37.94 -29.72
N TRP C 67 -17.28 37.12 -28.70
CA TRP C 67 -17.26 35.66 -28.82
C TRP C 67 -18.62 35.07 -28.50
N PRO C 68 -18.93 33.87 -29.03
CA PRO C 68 -20.21 33.22 -28.76
C PRO C 68 -20.26 32.59 -27.36
N VAL C 69 -19.86 33.36 -26.35
CA VAL C 69 -19.81 32.88 -24.99
C VAL C 69 -20.78 33.71 -24.17
N ASN C 70 -21.27 33.12 -23.09
CA ASN C 70 -22.18 33.81 -22.20
C ASN C 70 -21.49 34.16 -20.89
N GLU C 71 -22.07 35.13 -20.19
CA GLU C 71 -21.51 35.57 -18.92
C GLU C 71 -21.48 34.42 -17.92
N ARG C 72 -22.52 33.60 -17.92
CA ARG C 72 -22.60 32.48 -17.00
C ARG C 72 -21.49 31.45 -17.22
N ASP C 73 -20.84 31.46 -18.39
CA ASP C 73 -19.72 30.56 -18.63
C ASP C 73 -18.47 30.93 -17.83
N PHE C 74 -18.37 32.16 -17.34
CA PHE C 74 -17.16 32.63 -16.67
C PHE C 74 -17.25 32.65 -15.15
N TYR C 75 -18.45 32.51 -14.58
CA TYR C 75 -18.63 32.47 -13.15
C TYR C 75 -18.81 31.02 -12.74
N ILE C 76 -17.90 30.52 -11.92
CA ILE C 76 -17.94 29.13 -11.50
C ILE C 76 -18.76 29.02 -10.23
N VAL C 77 -19.10 27.80 -9.83
CA VAL C 77 -19.88 27.57 -8.63
C VAL C 77 -18.94 27.65 -7.43
N SER C 78 -19.30 28.48 -6.45
CA SER C 78 -18.51 28.59 -5.23
C SER C 78 -18.74 27.37 -4.35
N ASP C 79 -17.65 26.78 -3.88
CA ASP C 79 -17.72 25.60 -3.01
C ASP C 79 -17.93 26.11 -1.58
N ASP C 80 -19.19 26.07 -1.12
CA ASP C 80 -19.53 26.47 0.24
C ASP C 80 -19.56 25.28 1.18
N CYS C 81 -19.06 24.13 0.74
CA CYS C 81 -19.07 22.87 1.46
C CYS C 81 -17.69 22.22 1.38
N SER C 82 -16.66 22.97 1.78
CA SER C 82 -15.28 22.54 1.53
C SER C 82 -14.87 21.33 2.36
N SER C 83 -15.57 21.05 3.46
CA SER C 83 -15.24 19.89 4.29
C SER C 83 -15.96 18.62 3.85
N GLY C 84 -16.83 18.69 2.85
CA GLY C 84 -17.56 17.55 2.36
C GLY C 84 -18.97 17.43 2.90
N ILE C 85 -19.24 18.01 4.08
CA ILE C 85 -20.57 18.02 4.68
C ILE C 85 -20.84 19.41 5.22
N LEU C 86 -22.04 19.92 4.96
CA LEU C 86 -22.47 21.24 5.43
C LEU C 86 -23.68 21.07 6.32
N ILE C 87 -23.60 21.60 7.54
CA ILE C 87 -24.64 21.42 8.55
C ILE C 87 -25.32 22.76 8.81
N MET C 88 -26.65 22.75 8.90
CA MET C 88 -27.41 23.91 9.29
C MET C 88 -28.17 23.61 10.57
N THR C 89 -28.05 24.50 11.55
CA THR C 89 -28.63 24.23 12.85
C THR C 89 -30.13 24.52 12.85
N SER C 90 -30.82 23.88 13.79
CA SER C 90 -32.23 24.19 14.01
C SER C 90 -32.42 25.67 14.34
N GLN C 91 -31.45 26.27 15.04
CA GLN C 91 -31.53 27.68 15.39
C GLN C 91 -31.44 28.55 14.13
N ASP C 92 -30.55 28.21 13.21
CA ASP C 92 -30.46 28.95 11.96
C ASP C 92 -31.73 28.81 11.13
N SER C 93 -32.40 27.65 11.19
CA SER C 93 -33.65 27.49 10.46
C SER C 93 -34.75 28.37 11.06
N ILE C 94 -34.79 28.49 12.39
CA ILE C 94 -35.79 29.34 13.03
C ILE C 94 -35.56 30.80 12.66
N LYS C 95 -34.31 31.21 12.50
CA LYS C 95 -34.03 32.60 12.17
C LYS C 95 -34.55 32.97 10.78
N SER C 96 -34.65 32.01 9.86
CA SER C 96 -35.15 32.27 8.52
C SER C 96 -36.66 32.16 8.42
N SER C 97 -37.35 32.00 9.55
CA SER C 97 -38.80 31.80 9.54
C SER C 97 -39.52 32.99 8.94
N ARG C 98 -40.56 32.70 8.15
CA ARG C 98 -41.44 33.73 7.63
C ARG C 98 -42.84 33.15 7.48
N ILE C 99 -43.82 33.88 7.96
CA ILE C 99 -45.22 33.47 7.92
C ILE C 99 -45.83 34.06 6.67
N MET C 100 -46.54 33.23 5.91
CA MET C 100 -47.21 33.67 4.68
C MET C 100 -48.71 33.48 4.84
N GLU C 101 -49.47 34.53 4.51
CA GLU C 101 -50.92 34.50 4.60
C GLU C 101 -51.53 34.18 3.24
N ARG C 102 -52.65 33.48 3.28
CA ARG C 102 -53.46 33.22 2.10
C ARG C 102 -54.92 33.50 2.43
N ALA C 103 -55.57 34.32 1.59
CA ALA C 103 -56.95 34.74 1.80
C ALA C 103 -57.14 35.43 3.15
N GLY C 104 -56.16 36.25 3.53
CA GLY C 104 -56.30 37.09 4.71
C GLY C 104 -55.94 36.46 6.04
N LYS C 105 -55.60 35.17 6.06
CA LYS C 105 -55.23 34.52 7.30
C LYS C 105 -53.87 33.83 7.14
N PRO C 106 -53.07 33.78 8.20
CA PRO C 106 -51.79 33.05 8.12
C PRO C 106 -52.01 31.58 7.78
N TYR C 107 -51.28 31.12 6.77
CA TYR C 107 -51.47 29.79 6.20
C TYR C 107 -50.27 28.86 6.38
N TYR C 108 -49.06 29.35 6.16
CA TYR C 108 -47.84 28.55 6.29
C TYR C 108 -46.78 29.26 7.11
N GLU C 109 -45.91 28.48 7.75
CA GLU C 109 -44.65 28.99 8.26
C GLU C 109 -43.53 28.22 7.55
N TYR C 110 -42.76 28.93 6.74
CA TYR C 110 -41.61 28.35 6.06
C TYR C 110 -40.35 28.55 6.88
N ARG C 111 -39.49 27.52 6.89
CA ARG C 111 -38.15 27.62 7.44
C ARG C 111 -37.19 26.93 6.48
N ASP C 112 -36.07 27.60 6.20
CA ASP C 112 -35.02 27.01 5.39
C ASP C 112 -34.28 25.93 6.15
N THR C 113 -33.86 24.89 5.44
CA THR C 113 -32.96 23.88 5.96
C THR C 113 -31.72 23.82 5.06
N ALA C 114 -30.88 22.81 5.30
CA ALA C 114 -29.55 22.73 4.69
C ALA C 114 -29.61 22.83 3.18
N MET C 115 -28.89 23.81 2.64
CA MET C 115 -28.75 24.00 1.21
C MET C 115 -27.29 24.32 0.90
N SER C 116 -26.90 24.03 -0.34
CA SER C 116 -25.54 24.31 -0.78
C SER C 116 -25.59 24.90 -2.17
N LYS C 117 -24.69 25.86 -2.44
CA LYS C 117 -24.57 26.43 -3.77
C LYS C 117 -24.15 25.39 -4.81
N THR C 118 -23.63 24.24 -4.36
CA THR C 118 -23.15 23.18 -5.26
C THR C 118 -24.19 22.09 -5.49
N ALA C 119 -25.36 22.20 -4.89
CA ALA C 119 -26.35 21.15 -4.86
C ALA C 119 -27.72 21.69 -5.27
N PRO C 120 -28.60 20.83 -5.78
CA PRO C 120 -29.91 21.31 -6.25
C PRO C 120 -31.04 21.24 -5.22
N PHE C 121 -30.74 20.99 -3.95
CA PHE C 121 -31.80 20.92 -2.94
C PHE C 121 -32.41 22.28 -2.68
N ARG C 122 -33.73 22.30 -2.52
CA ARG C 122 -34.47 23.43 -1.98
C ARG C 122 -35.42 22.91 -0.90
N PRO C 123 -34.89 22.47 0.24
CA PRO C 123 -35.72 21.80 1.24
C PRO C 123 -36.33 22.78 2.24
N GLU C 124 -37.64 22.75 2.39
CA GLU C 124 -38.35 23.71 3.22
C GLU C 124 -39.09 23.01 4.35
N TRP C 125 -38.87 23.52 5.56
CA TRP C 125 -39.68 23.18 6.73
C TRP C 125 -40.95 24.02 6.67
N ILE C 126 -42.11 23.38 6.60
CA ILE C 126 -43.38 24.08 6.36
C ILE C 126 -44.43 23.60 7.36
N LEU C 127 -44.84 24.48 8.28
CA LEU C 127 -45.87 24.18 9.26
C LEU C 127 -47.24 24.60 8.74
N GLU C 128 -48.23 23.75 8.92
CA GLU C 128 -49.58 23.99 8.41
C GLU C 128 -50.40 24.76 9.45
N LEU C 129 -50.64 26.04 9.19
CA LEU C 129 -51.36 26.90 10.12
C LEU C 129 -52.87 26.90 9.91
N CYS C 130 -53.35 26.44 8.76
CA CYS C 130 -54.78 26.41 8.50
C CYS C 130 -55.37 25.08 8.93
N LYS C 131 -56.38 25.12 9.78
CA LYS C 131 -57.07 23.94 10.27
C LYS C 131 -58.40 23.77 9.55
N VAL C 132 -58.75 22.53 9.22
CA VAL C 132 -59.97 22.22 8.48
C VAL C 132 -60.85 21.34 9.35
N GLU C 133 -62.17 21.48 9.16
CA GLU C 133 -63.16 20.78 9.95
C GLU C 133 -63.58 19.44 9.35
N ASN C 134 -63.25 19.18 8.07
CA ASN C 134 -63.57 17.91 7.43
C ASN C 134 -62.44 17.54 6.48
N ASN C 135 -62.59 16.38 5.83
CA ASN C 135 -61.63 15.87 4.86
C ASN C 135 -62.16 15.93 3.43
N ASP C 136 -62.97 16.94 3.14
CA ASP C 136 -63.48 17.15 1.79
C ASP C 136 -62.40 17.82 0.95
N PRO C 137 -61.98 17.21 -0.16
CA PRO C 137 -60.97 17.88 -1.00
C PRO C 137 -61.44 19.20 -1.56
N GLU C 138 -62.75 19.43 -1.60
CA GLU C 138 -63.32 20.67 -2.11
C GLU C 138 -63.40 21.77 -1.05
N ASN C 139 -62.94 21.48 0.17
CA ASN C 139 -63.07 22.41 1.28
C ASN C 139 -62.52 23.78 0.92
N PRO C 140 -63.33 24.84 0.97
CA PRO C 140 -62.84 26.17 0.59
C PRO C 140 -61.78 26.75 1.52
N LYS C 141 -61.54 26.13 2.67
CA LYS C 141 -60.45 26.60 3.54
C LYS C 141 -59.08 26.30 2.94
N ALA C 142 -58.97 25.25 2.12
CA ALA C 142 -57.70 24.93 1.49
C ALA C 142 -57.36 25.99 0.44
N GLN C 143 -56.21 26.62 0.58
CA GLN C 143 -55.75 27.65 -0.35
C GLN C 143 -54.68 27.06 -1.25
N TRP C 144 -55.00 26.93 -2.53
CA TRP C 144 -54.17 26.21 -3.49
C TRP C 144 -53.13 27.13 -4.10
N ASN C 145 -52.00 26.54 -4.48
CA ASN C 145 -50.96 27.25 -5.22
C ASN C 145 -51.16 27.02 -6.71
N ASN C 146 -50.21 27.51 -7.51
CA ASN C 146 -50.24 27.34 -8.95
C ASN C 146 -49.46 26.12 -9.43
N GLY C 147 -48.91 25.32 -8.51
CA GLY C 147 -47.88 24.36 -8.89
C GLY C 147 -46.56 25.08 -9.12
N HIS C 148 -45.43 24.40 -8.99
CA HIS C 148 -44.14 25.07 -9.11
C HIS C 148 -43.14 24.21 -9.87
N PHE C 149 -42.05 24.87 -10.29
CA PHE C 149 -41.03 24.26 -11.13
C PHE C 149 -40.27 23.15 -10.41
N MET C 150 -40.01 23.32 -9.11
CA MET C 150 -39.21 22.34 -8.40
C MET C 150 -39.97 21.03 -8.25
N HIS C 151 -39.28 19.91 -8.49
CA HIS C 151 -39.79 18.63 -8.03
C HIS C 151 -39.94 18.69 -6.51
N GLN C 152 -40.89 17.93 -5.98
CA GLN C 152 -41.17 17.97 -4.55
C GLN C 152 -41.33 16.57 -3.98
N PHE C 153 -40.42 16.21 -3.08
CA PHE C 153 -40.64 15.11 -2.15
C PHE C 153 -41.08 15.70 -0.81
N THR C 154 -41.93 14.96 -0.10
CA THR C 154 -42.50 15.46 1.15
C THR C 154 -42.59 14.35 2.18
N TYR C 155 -42.20 14.66 3.40
CA TYR C 155 -42.33 13.78 4.57
C TYR C 155 -43.31 14.44 5.53
N PHE C 156 -44.27 13.67 6.04
CA PHE C 156 -45.36 14.21 6.83
C PHE C 156 -45.13 13.94 8.32
N ILE C 157 -45.35 14.96 9.15
CA ILE C 157 -45.24 14.87 10.60
C ILE C 157 -46.50 15.45 11.21
N GLY C 158 -47.33 14.61 11.80
CA GLY C 158 -48.60 15.03 12.35
C GLY C 158 -49.77 14.71 11.43
N GLU C 159 -50.90 15.32 11.74
CA GLU C 159 -52.16 15.06 11.03
C GLU C 159 -52.30 16.07 9.90
N VAL C 160 -51.64 15.78 8.79
CA VAL C 160 -51.60 16.67 7.62
C VAL C 160 -52.53 16.15 6.54
N ASN C 161 -53.27 17.06 5.91
CA ASN C 161 -54.02 16.77 4.70
C ASN C 161 -53.25 17.30 3.50
N PHE C 162 -53.01 16.44 2.53
CA PHE C 162 -52.29 16.78 1.31
C PHE C 162 -53.31 16.83 0.17
N TYR C 163 -53.56 18.03 -0.33
CA TYR C 163 -54.48 18.27 -1.44
C TYR C 163 -53.70 18.38 -2.74
N TYR C 164 -54.28 17.87 -3.82
CA TYR C 164 -53.64 17.97 -5.12
C TYR C 164 -54.69 17.80 -6.21
N LYS C 165 -54.37 18.26 -7.42
CA LYS C 165 -55.22 18.13 -8.60
C LYS C 165 -54.64 17.11 -9.57
N ASP C 166 -55.52 16.34 -10.21
CA ASP C 166 -55.09 15.45 -11.28
C ASP C 166 -54.98 16.23 -12.58
N PRO C 167 -54.47 15.63 -13.66
CA PRO C 167 -54.35 16.38 -14.93
C PRO C 167 -55.66 16.96 -15.46
N GLU C 168 -56.82 16.44 -15.05
CA GLU C 168 -58.09 16.98 -15.51
C GLU C 168 -58.62 18.12 -14.64
N GLY C 169 -57.90 18.48 -13.59
CA GLY C 169 -58.33 19.57 -12.73
C GLY C 169 -59.20 19.17 -11.56
N LYS C 170 -59.36 17.87 -11.30
CA LYS C 170 -60.17 17.41 -10.19
C LYS C 170 -59.35 17.41 -8.91
N LYS C 171 -59.92 18.00 -7.86
CA LYS C 171 -59.25 18.09 -6.58
C LYS C 171 -59.29 16.76 -5.85
N HIS C 172 -58.16 16.35 -5.29
CA HIS C 172 -58.07 15.15 -4.46
C HIS C 172 -57.46 15.55 -3.11
N VAL C 173 -57.60 14.67 -2.13
CA VAL C 173 -56.98 14.89 -0.83
C VAL C 173 -56.44 13.56 -0.33
N ALA C 174 -55.28 13.61 0.31
CA ALA C 174 -54.66 12.47 0.96
C ALA C 174 -54.60 12.75 2.45
N ILE C 175 -55.17 11.87 3.26
CA ILE C 175 -55.23 12.05 4.71
C ILE C 175 -53.95 11.44 5.27
N MET C 176 -53.00 12.29 5.63
CA MET C 176 -51.65 11.84 5.95
C MET C 176 -51.38 11.83 7.44
N ASN C 177 -50.38 11.04 7.83
CA ASN C 177 -49.96 10.88 9.20
C ASN C 177 -48.45 10.77 9.25
N THR C 178 -47.91 10.81 10.47
CA THR C 178 -46.46 10.85 10.64
C THR C 178 -45.83 9.63 9.98
N GLY C 179 -44.79 9.87 9.18
CA GLY C 179 -44.11 8.81 8.45
C GLY C 179 -44.62 8.58 7.04
N ASP C 180 -45.79 9.10 6.68
CA ASP C 180 -46.23 9.05 5.30
C ASP C 180 -45.39 10.01 4.45
N SER C 181 -45.36 9.77 3.15
CA SER C 181 -44.54 10.57 2.25
C SER C 181 -45.18 10.59 0.86
N MET C 182 -44.72 11.53 0.03
CA MET C 182 -45.27 11.65 -1.30
C MET C 182 -44.24 12.26 -2.26
N TYR C 183 -44.52 12.13 -3.54
CA TYR C 183 -43.85 12.88 -4.61
C TYR C 183 -44.92 13.51 -5.48
N ILE C 184 -44.67 14.73 -5.94
CA ILE C 184 -45.62 15.43 -6.79
C ILE C 184 -44.86 16.07 -7.96
N THR C 185 -45.34 15.79 -9.17
CA THR C 185 -44.67 16.23 -10.39
C THR C 185 -44.70 17.76 -10.48
N PRO C 186 -43.64 18.38 -10.98
CA PRO C 186 -43.63 19.84 -11.13
C PRO C 186 -44.88 20.37 -11.80
N PHE C 187 -45.36 21.51 -11.29
CA PHE C 187 -46.50 22.28 -11.78
C PHE C 187 -47.83 21.64 -11.47
N THR C 188 -47.86 20.56 -10.70
CA THR C 188 -49.11 20.03 -10.20
C THR C 188 -49.55 20.86 -9.01
N PRO C 189 -50.74 21.46 -9.03
CA PRO C 189 -51.17 22.28 -7.89
C PRO C 189 -51.40 21.43 -6.65
N HIS C 190 -51.12 22.03 -5.49
CA HIS C 190 -51.27 21.32 -4.23
C HIS C 190 -51.35 22.33 -3.10
N THR C 191 -51.78 21.85 -1.93
CA THR C 191 -51.81 22.65 -0.71
C THR C 191 -51.92 21.71 0.48
N PHE C 192 -51.69 22.25 1.67
CA PHE C 192 -51.66 21.44 2.89
C PHE C 192 -52.41 22.15 4.00
N THR C 193 -53.11 21.38 4.83
CA THR C 193 -53.76 21.89 6.02
C THR C 193 -53.55 20.92 7.17
N THR C 194 -53.95 21.36 8.36
CA THR C 194 -53.96 20.52 9.55
C THR C 194 -55.39 20.13 9.89
N ARG C 195 -55.58 18.87 10.26
CA ARG C 195 -56.90 18.42 10.70
C ARG C 195 -57.17 18.94 12.11
N ASP C 196 -58.45 19.20 12.40
CA ASP C 196 -58.81 19.68 13.73
C ASP C 196 -58.51 18.60 14.77
N GLY C 197 -59.04 18.73 15.97
CA GLY C 197 -58.73 17.81 17.05
C GLY C 197 -57.30 17.34 17.24
N ALA C 198 -56.38 17.75 16.36
CA ALA C 198 -54.97 17.40 16.52
C ALA C 198 -54.34 18.21 17.65
N SER C 199 -53.46 17.55 18.40
CA SER C 199 -52.84 18.21 19.56
C SER C 199 -51.99 19.40 19.15
N GLN C 200 -51.32 19.32 18.00
CA GLN C 200 -50.52 20.42 17.49
C GLN C 200 -50.69 20.52 15.98
N ASN C 201 -50.15 21.60 15.41
CA ASN C 201 -50.21 21.80 13.97
C ASN C 201 -49.42 20.73 13.22
N GLY C 202 -49.91 20.39 12.03
CA GLY C 202 -49.18 19.47 11.17
C GLY C 202 -47.95 20.13 10.57
N LEU C 203 -46.96 19.30 10.27
CA LEU C 203 -45.69 19.75 9.73
C LEU C 203 -45.31 18.90 8.52
N ILE C 204 -44.77 19.53 7.50
CA ILE C 204 -44.21 18.77 6.39
C ILE C 204 -42.77 19.19 6.20
N LEU C 205 -41.94 18.22 5.81
CA LEU C 205 -40.58 18.50 5.35
C LEU C 205 -40.64 18.41 3.84
N ALA C 206 -40.81 19.56 3.19
CA ALA C 206 -40.94 19.65 1.73
C ALA C 206 -39.55 19.69 1.11
N LEU C 207 -39.07 18.53 0.67
CA LEU C 207 -37.74 18.42 0.10
C LEU C 207 -37.86 18.59 -1.41
N THR C 208 -37.79 19.84 -1.87
CA THR C 208 -37.89 20.14 -3.29
C THR C 208 -36.50 20.27 -3.89
N TYR C 209 -36.43 20.06 -5.20
CA TYR C 209 -35.14 20.02 -5.88
C TYR C 209 -35.36 20.08 -7.38
N GLY C 210 -34.32 20.50 -8.08
CA GLY C 210 -34.29 20.42 -9.52
C GLY C 210 -33.58 19.15 -9.97
N SER C 211 -33.84 18.77 -11.22
CA SER C 211 -33.23 17.56 -11.74
C SER C 211 -32.46 17.85 -13.03
N LYS C 212 -33.12 17.72 -14.18
CA LYS C 212 -32.45 17.88 -15.47
C LYS C 212 -33.01 19.03 -16.29
N LEU C 213 -33.73 19.96 -15.66
CA LEU C 213 -34.29 21.10 -16.40
C LEU C 213 -33.86 22.45 -15.82
N THR C 214 -32.91 22.45 -14.89
CA THR C 214 -32.44 23.69 -14.25
C THR C 214 -31.12 24.14 -14.86
N GLY C 215 -30.79 25.39 -14.62
CA GLY C 215 -29.48 25.91 -15.02
C GLY C 215 -29.34 26.02 -16.52
N ASP C 216 -28.24 25.45 -17.04
CA ASP C 216 -27.89 25.63 -18.45
C ASP C 216 -28.99 25.09 -19.37
N ILE C 217 -29.41 23.85 -19.15
CA ILE C 217 -30.40 23.22 -20.02
C ILE C 217 -31.65 24.09 -20.15
N GLN C 218 -32.04 24.75 -19.06
CA GLN C 218 -33.18 25.64 -19.13
C GLN C 218 -32.88 26.86 -20.01
N GLN C 219 -31.67 27.41 -19.90
CA GLN C 219 -31.29 28.53 -20.75
C GLN C 219 -31.24 28.14 -22.21
N GLU C 220 -30.76 26.93 -22.48
CA GLU C 220 -30.72 26.42 -23.85
C GLU C 220 -32.13 26.34 -24.44
N LEU C 221 -33.12 25.99 -23.61
CA LEU C 221 -34.51 25.94 -24.06
C LEU C 221 -35.17 27.31 -24.11
N SER C 222 -34.79 28.21 -23.21
CA SER C 222 -35.44 29.51 -23.11
C SER C 222 -35.15 30.36 -24.34
N SER C 223 -34.03 30.13 -25.01
CA SER C 223 -33.68 30.85 -26.22
C SER C 223 -34.48 30.38 -27.43
N LEU C 224 -35.26 29.30 -27.30
CA LEU C 224 -36.11 28.79 -28.37
C LEU C 224 -37.49 29.45 -28.30
N SER C 225 -38.12 29.54 -29.46
CA SER C 225 -39.53 29.93 -29.51
C SER C 225 -40.39 28.91 -28.77
N LEU C 226 -41.54 29.37 -28.27
CA LEU C 226 -42.46 28.46 -27.58
C LEU C 226 -42.89 27.32 -28.49
N ASP C 227 -43.08 27.60 -29.79
CA ASP C 227 -43.48 26.56 -30.72
C ASP C 227 -42.40 25.49 -30.86
N CYS C 228 -41.13 25.89 -30.99
CA CYS C 228 -40.06 24.92 -31.17
C CYS C 228 -39.75 24.19 -29.88
N GLY C 229 -39.66 24.91 -28.77
CA GLY C 229 -39.32 24.27 -27.52
C GLY C 229 -40.33 23.22 -27.09
N SER C 230 -41.62 23.50 -27.31
CA SER C 230 -42.66 22.56 -26.86
C SER C 230 -42.61 21.24 -27.61
N GLN C 231 -42.00 21.21 -28.80
CA GLN C 231 -41.94 19.95 -29.53
C GLN C 231 -40.92 18.99 -28.94
N TYR C 232 -40.09 19.45 -27.99
CA TYR C 232 -39.25 18.54 -27.23
C TYR C 232 -40.08 17.70 -26.26
N ALA C 233 -41.24 18.20 -25.85
CA ALA C 233 -42.08 17.48 -24.90
C ALA C 233 -42.81 16.36 -25.64
N LEU C 234 -42.32 15.15 -25.48
CA LEU C 234 -42.93 13.99 -26.12
C LEU C 234 -44.15 13.53 -25.33
N ASP C 235 -44.99 12.71 -25.98
CA ASP C 235 -46.21 12.17 -25.37
C ASP C 235 -45.81 10.96 -24.53
N PHE C 236 -45.71 11.15 -23.21
CA PHE C 236 -45.41 10.10 -22.26
C PHE C 236 -46.60 9.79 -21.35
N THR C 237 -47.82 10.06 -21.82
CA THR C 237 -48.98 9.87 -20.95
C THR C 237 -49.17 8.41 -20.58
N ASN C 238 -48.72 7.48 -21.42
CA ASN C 238 -48.75 6.07 -21.07
C ASN C 238 -47.65 5.35 -21.85
N HIS C 239 -47.41 4.09 -21.46
CA HIS C 239 -46.25 3.35 -21.97
C HIS C 239 -46.31 3.16 -23.48
N GLU C 240 -47.48 2.81 -24.00
CA GLU C 240 -47.58 2.56 -25.43
C GLU C 240 -47.34 3.82 -26.24
N ASN C 241 -47.89 4.95 -25.80
CA ASN C 241 -47.66 6.21 -26.50
C ASN C 241 -46.20 6.62 -26.37
N ALA C 242 -45.58 6.34 -25.23
CA ALA C 242 -44.17 6.68 -25.05
C ALA C 242 -43.30 5.90 -26.03
N SER C 243 -43.64 4.65 -26.30
CA SER C 243 -42.89 3.87 -27.29
C SER C 243 -42.97 4.51 -28.66
N LEU C 244 -44.18 4.91 -29.07
CA LEU C 244 -44.34 5.53 -30.38
C LEU C 244 -43.68 6.89 -30.43
N SER C 245 -43.79 7.68 -29.36
CA SER C 245 -43.19 9.01 -29.34
C SER C 245 -41.69 8.94 -29.57
N LEU C 246 -41.01 7.99 -28.91
CA LEU C 246 -39.57 7.83 -29.08
C LEU C 246 -39.23 7.31 -30.47
N LEU C 247 -40.00 6.34 -30.97
CA LEU C 247 -39.75 5.83 -32.32
C LEU C 247 -39.85 6.93 -33.35
N GLU C 248 -40.88 7.79 -33.23
CA GLU C 248 -41.05 8.89 -34.16
C GLU C 248 -39.87 9.87 -34.08
N TYR C 249 -39.50 10.27 -32.85
CA TYR C 249 -38.42 11.24 -32.69
C TYR C 249 -37.11 10.72 -33.28
N TYR C 250 -36.74 9.48 -32.96
CA TYR C 250 -35.47 8.97 -33.45
C TYR C 250 -35.53 8.58 -34.93
N PHE C 251 -36.72 8.25 -35.44
CA PHE C 251 -36.87 8.09 -36.88
C PHE C 251 -36.63 9.42 -37.59
N GLU C 252 -37.13 10.52 -37.01
CA GLU C 252 -36.90 11.84 -37.58
C GLU C 252 -35.43 12.23 -37.53
N LEU C 253 -34.75 11.89 -36.42
CA LEU C 253 -33.33 12.24 -36.32
C LEU C 253 -32.52 11.55 -37.41
N SER C 254 -32.89 10.32 -37.77
CA SER C 254 -32.13 9.56 -38.75
C SER C 254 -32.21 10.17 -40.14
N ASN C 255 -33.30 10.89 -40.44
CA ASN C 255 -33.56 11.48 -41.75
C ASN C 255 -33.71 10.41 -42.83
N LEU C 256 -33.96 9.18 -42.44
CA LEU C 256 -34.31 8.15 -43.40
C LEU C 256 -35.73 8.37 -43.92
N THR C 257 -35.99 7.86 -45.12
CA THR C 257 -37.37 7.67 -45.51
C THR C 257 -37.86 6.36 -44.88
N LYS C 258 -39.19 6.22 -44.80
CA LYS C 258 -39.72 4.95 -44.33
C LYS C 258 -39.29 3.80 -45.23
N GLU C 259 -39.17 4.07 -46.55
CA GLU C 259 -38.66 3.08 -47.48
C GLU C 259 -37.26 2.63 -47.09
N LYS C 260 -36.32 3.58 -47.01
CA LYS C 260 -34.95 3.25 -46.64
C LYS C 260 -34.90 2.61 -45.27
N PHE C 261 -35.76 3.07 -44.35
CA PHE C 261 -35.86 2.45 -43.04
C PHE C 261 -36.19 0.97 -43.17
N ALA C 262 -37.12 0.63 -44.07
CA ALA C 262 -37.48 -0.76 -44.31
C ALA C 262 -36.33 -1.56 -44.90
N LYS C 263 -35.62 -0.98 -45.88
CA LYS C 263 -34.50 -1.70 -46.48
C LYS C 263 -33.40 -1.95 -45.46
N ARG C 264 -33.18 -0.99 -44.56
CA ARG C 264 -32.09 -1.14 -43.58
C ARG C 264 -32.43 -2.18 -42.53
N THR C 265 -33.69 -2.24 -42.09
CA THR C 265 -34.14 -3.19 -41.08
C THR C 265 -34.51 -4.55 -41.66
N ASN C 266 -34.68 -4.66 -42.97
CA ASN C 266 -35.26 -5.84 -43.62
C ASN C 266 -36.66 -6.14 -43.09
N PHE C 267 -37.38 -5.10 -42.68
CA PHE C 267 -38.79 -5.20 -42.35
C PHE C 267 -39.60 -4.76 -43.56
N SER C 268 -40.79 -5.34 -43.69
CA SER C 268 -41.70 -4.91 -44.74
C SER C 268 -42.26 -3.54 -44.41
N MET C 269 -42.77 -2.86 -45.44
CA MET C 269 -43.42 -1.58 -45.22
C MET C 269 -44.65 -1.72 -44.34
N GLU C 270 -45.32 -2.87 -44.40
CA GLU C 270 -46.53 -3.06 -43.60
C GLU C 270 -46.18 -3.28 -42.13
N THR C 271 -45.08 -3.98 -41.85
CA THR C 271 -44.64 -4.15 -40.47
C THR C 271 -44.28 -2.81 -39.85
N LEU C 272 -43.52 -1.99 -40.59
CA LEU C 272 -43.17 -0.66 -40.10
C LEU C 272 -44.42 0.19 -39.90
N ALA C 273 -45.36 0.12 -40.83
CA ALA C 273 -46.59 0.91 -40.69
C ALA C 273 -47.36 0.51 -39.45
N ASP C 274 -47.38 -0.79 -39.12
CA ASP C 274 -48.06 -1.24 -37.91
C ASP C 274 -47.42 -0.68 -36.65
N PHE C 275 -46.10 -0.45 -36.67
CA PHE C 275 -45.45 0.15 -35.52
C PHE C 275 -45.85 1.61 -35.37
N PHE C 276 -45.88 2.36 -36.46
CA PHE C 276 -46.17 3.78 -36.38
C PHE C 276 -47.64 4.09 -36.10
N THR C 277 -48.52 3.10 -36.13
CA THR C 277 -49.92 3.31 -35.74
C THR C 277 -50.28 2.61 -34.44
N LYS C 278 -49.30 2.03 -33.73
CA LYS C 278 -49.50 1.31 -32.48
C LYS C 278 -50.36 0.04 -32.64
N LYS C 279 -50.52 -0.47 -33.86
CA LYS C 279 -51.22 -1.74 -34.05
C LYS C 279 -50.43 -2.89 -33.44
N LYS C 280 -49.13 -2.95 -33.72
CA LYS C 280 -48.24 -3.93 -33.11
C LYS C 280 -47.11 -3.20 -32.39
N LEU C 281 -46.59 -3.83 -31.37
CA LEU C 281 -45.46 -3.24 -30.68
C LEU C 281 -44.19 -4.02 -30.96
N PRO C 282 -43.07 -3.34 -31.20
CA PRO C 282 -41.83 -4.05 -31.50
C PRO C 282 -41.40 -4.90 -30.31
N THR C 283 -40.98 -6.12 -30.60
CA THR C 283 -40.39 -6.93 -29.55
C THR C 283 -39.03 -6.35 -29.16
N PHE C 284 -38.46 -6.88 -28.08
CA PHE C 284 -37.13 -6.43 -27.68
C PHE C 284 -36.11 -6.74 -28.76
N ASP C 285 -36.23 -7.92 -29.40
CA ASP C 285 -35.30 -8.28 -30.46
C ASP C 285 -35.51 -7.41 -31.69
N GLU C 286 -36.76 -7.06 -31.99
CA GLU C 286 -37.02 -6.14 -33.10
C GLU C 286 -36.53 -4.74 -32.78
N LEU C 287 -36.65 -4.32 -31.52
CA LEU C 287 -36.22 -2.98 -31.12
C LEU C 287 -34.72 -2.81 -31.30
N LYS C 288 -33.94 -3.85 -31.03
CA LYS C 288 -32.49 -3.74 -31.24
C LYS C 288 -32.16 -3.57 -32.71
N ILE C 289 -32.89 -4.27 -33.59
CA ILE C 289 -32.68 -4.09 -35.03
C ILE C 289 -33.12 -2.69 -35.45
N ILE C 290 -34.24 -2.21 -34.90
CA ILE C 290 -34.70 -0.86 -35.22
C ILE C 290 -33.66 0.17 -34.76
N ALA C 291 -33.11 0.00 -33.56
CA ALA C 291 -32.13 0.94 -33.05
C ALA C 291 -30.88 0.95 -33.90
N LYS C 292 -30.40 -0.23 -34.31
CA LYS C 292 -29.19 -0.27 -35.14
C LYS C 292 -29.41 0.46 -36.46
N ALA C 293 -30.59 0.29 -37.05
CA ALA C 293 -30.91 0.97 -38.30
C ALA C 293 -31.00 2.48 -38.13
N LEU C 294 -31.42 2.95 -36.95
CA LEU C 294 -31.52 4.37 -36.69
C LEU C 294 -30.24 4.97 -36.10
N ASN C 295 -29.17 4.18 -35.98
CA ASN C 295 -27.89 4.64 -35.42
C ASN C 295 -28.02 5.15 -33.99
N VAL C 296 -28.81 4.45 -33.18
CA VAL C 296 -28.90 4.72 -31.76
C VAL C 296 -28.87 3.38 -31.03
N ASN C 297 -28.98 3.44 -29.70
CA ASN C 297 -29.00 2.23 -28.89
C ASN C 297 -30.45 1.88 -28.59
N SER C 298 -30.71 0.58 -28.39
CA SER C 298 -32.05 0.18 -27.98
C SER C 298 -32.45 0.88 -26.70
N ARG C 299 -31.48 1.14 -25.81
CA ARG C 299 -31.72 1.95 -24.62
C ARG C 299 -32.32 3.30 -24.97
N ASP C 300 -31.91 3.89 -26.10
CA ASP C 300 -32.39 5.22 -26.46
C ASP C 300 -33.83 5.18 -26.95
N LEU C 301 -34.26 4.07 -27.54
CA LEU C 301 -35.63 3.93 -28.01
C LEU C 301 -36.57 3.48 -26.91
N MET C 302 -36.05 2.96 -25.82
CA MET C 302 -36.91 2.40 -24.80
C MET C 302 -37.49 3.51 -23.92
N PRO C 303 -38.77 3.44 -23.61
CA PRO C 303 -39.31 4.22 -22.50
C PRO C 303 -39.00 3.51 -21.20
N ASN C 304 -39.38 4.14 -20.09
CA ASN C 304 -39.33 3.49 -18.79
C ASN C 304 -40.19 2.24 -18.80
N ASP C 305 -40.00 1.38 -17.78
CA ASP C 305 -40.68 0.10 -17.74
C ASP C 305 -42.19 0.28 -17.53
N LEU C 306 -42.59 1.23 -16.69
CA LEU C 306 -44.00 1.55 -16.54
C LEU C 306 -44.17 3.06 -16.40
N THR C 307 -45.41 3.50 -16.55
CA THR C 307 -45.77 4.91 -16.45
C THR C 307 -46.30 5.18 -15.04
N GLU C 308 -45.66 6.09 -14.32
CA GLU C 308 -46.06 6.42 -12.96
C GLU C 308 -47.16 7.48 -12.97
N SER C 309 -47.92 7.53 -11.88
CA SER C 309 -48.85 8.63 -11.68
C SER C 309 -48.09 9.94 -11.45
N LYS C 310 -48.76 11.06 -11.75
CA LYS C 310 -48.14 12.36 -11.52
C LYS C 310 -47.93 12.62 -10.04
N VAL C 311 -48.75 12.00 -9.19
CA VAL C 311 -48.65 12.13 -7.74
C VAL C 311 -48.52 10.74 -7.15
N ILE C 312 -47.50 10.54 -6.31
CA ILE C 312 -47.26 9.27 -5.64
C ILE C 312 -47.46 9.50 -4.16
N VAL C 313 -48.34 8.71 -3.55
CA VAL C 313 -48.60 8.75 -2.12
C VAL C 313 -48.23 7.40 -1.54
N LYS C 314 -47.45 7.40 -0.47
CA LYS C 314 -47.00 6.17 0.16
C LYS C 314 -47.14 6.37 1.67
N THR C 315 -48.10 5.67 2.26
CA THR C 315 -48.23 5.75 3.70
C THR C 315 -47.18 4.85 4.36
N HIS C 316 -46.88 5.16 5.63
CA HIS C 316 -45.76 4.50 6.30
C HIS C 316 -45.96 3.00 6.39
N ASP C 317 -47.21 2.54 6.46
CA ASP C 317 -47.52 1.12 6.54
C ASP C 317 -47.19 0.37 5.25
N GLN C 318 -46.81 1.08 4.18
CA GLN C 318 -46.44 0.43 2.94
C GLN C 318 -44.93 0.37 2.74
N CYS C 319 -44.16 0.99 3.63
CA CYS C 319 -42.72 1.08 3.45
C CYS C 319 -42.07 -0.25 3.82
N ASP C 320 -41.38 -0.85 2.85
CA ASP C 320 -40.53 -1.98 3.13
C ASP C 320 -39.33 -1.51 3.95
N HIS C 321 -38.73 -2.42 4.70
CA HIS C 321 -37.58 -2.03 5.51
C HIS C 321 -36.63 -3.20 5.65
N TRP C 322 -35.38 -2.89 5.99
CA TRP C 322 -34.36 -3.92 6.12
C TRP C 322 -33.22 -3.37 6.98
N LYS C 323 -32.42 -4.30 7.51
CA LYS C 323 -31.28 -3.96 8.33
C LYS C 323 -30.05 -3.71 7.46
N TYR C 324 -29.29 -2.67 7.79
CA TYR C 324 -28.06 -2.35 7.07
C TYR C 324 -26.97 -1.83 7.99
N PRO C 325 -25.73 -2.32 7.82
CA PRO C 325 -25.37 -3.42 6.91
C PRO C 325 -25.69 -4.76 7.58
N GLU C 326 -24.99 -5.83 7.18
CA GLU C 326 -25.16 -7.09 7.87
C GLU C 326 -24.86 -6.95 9.37
N SER C 327 -23.92 -6.06 9.72
CA SER C 327 -23.58 -5.84 11.13
C SER C 327 -24.75 -5.24 11.90
N GLY C 328 -25.54 -4.39 11.27
CA GLY C 328 -26.82 -3.99 11.79
C GLY C 328 -26.93 -2.66 12.51
N ASN C 329 -26.16 -1.65 12.11
CA ASN C 329 -26.27 -0.36 12.77
C ASN C 329 -27.53 0.42 12.37
N TYR C 330 -28.12 0.14 11.20
CA TYR C 330 -29.23 0.93 10.69
C TYR C 330 -30.40 0.06 10.29
N GLU C 331 -31.57 0.68 10.23
CA GLU C 331 -32.77 0.11 9.63
C GLU C 331 -33.30 1.10 8.61
N PHE C 332 -33.27 0.74 7.33
CA PHE C 332 -33.69 1.64 6.27
C PHE C 332 -35.18 1.41 5.95
N TYR C 333 -35.93 2.50 5.85
CA TYR C 333 -37.33 2.47 5.45
C TYR C 333 -37.45 3.19 4.11
N GLU C 334 -38.02 2.50 3.14
CA GLU C 334 -38.10 2.97 1.76
C GLU C 334 -39.31 3.89 1.63
N LEU C 335 -39.07 5.19 1.48
CA LEU C 335 -40.16 6.16 1.39
C LEU C 335 -40.65 6.27 -0.05
N ALA C 336 -41.52 7.25 -0.30
CA ALA C 336 -42.14 7.39 -1.62
C ALA C 336 -41.09 7.60 -2.70
N SER C 337 -41.38 7.07 -3.88
CA SER C 337 -40.45 7.16 -5.00
C SER C 337 -41.25 7.03 -6.30
N THR C 338 -40.58 7.35 -7.39
CA THR C 338 -41.18 7.20 -8.71
C THR C 338 -40.06 6.84 -9.68
N THR C 339 -40.34 5.86 -10.55
CA THR C 339 -39.34 5.49 -11.54
C THR C 339 -39.15 6.57 -12.59
N ALA C 340 -39.97 7.62 -12.59
CA ALA C 340 -39.68 8.80 -13.39
C ALA C 340 -38.41 9.50 -12.93
N LEU C 341 -38.02 9.32 -11.68
CA LEU C 341 -36.78 9.87 -11.14
C LEU C 341 -36.01 8.72 -10.52
N PRO C 342 -35.37 7.89 -11.34
CA PRO C 342 -34.70 6.69 -10.80
C PRO C 342 -33.54 7.00 -9.88
N HIS C 343 -33.04 8.23 -9.86
CA HIS C 343 -31.93 8.59 -8.99
C HIS C 343 -32.39 9.36 -7.76
N SER C 344 -33.70 9.44 -7.50
CA SER C 344 -34.23 10.08 -6.30
C SER C 344 -34.64 9.00 -5.32
N LYS C 345 -33.90 8.89 -4.22
CA LYS C 345 -34.15 7.87 -3.21
C LYS C 345 -34.33 8.54 -1.86
N ALA C 346 -35.43 8.23 -1.20
CA ALA C 346 -35.77 8.82 0.08
C ALA C 346 -35.89 7.73 1.13
N PHE C 347 -35.24 7.94 2.26
CA PHE C 347 -35.18 6.94 3.31
C PHE C 347 -35.48 7.55 4.67
N GLU C 348 -36.14 6.75 5.48
CA GLU C 348 -36.23 6.94 6.92
C GLU C 348 -35.33 5.90 7.56
N ILE C 349 -34.38 6.36 8.37
CA ILE C 349 -33.33 5.49 8.91
C ILE C 349 -33.39 5.55 10.42
N ASP C 350 -33.53 4.39 11.05
CA ASP C 350 -33.37 4.27 12.49
C ASP C 350 -31.92 3.93 12.81
N VAL C 351 -31.28 4.77 13.62
CA VAL C 351 -29.87 4.58 13.99
C VAL C 351 -29.85 4.01 15.40
N SER C 352 -29.25 2.82 15.54
CA SER C 352 -29.07 2.13 16.82
C SER C 352 -27.69 1.46 16.75
N SER C 353 -26.64 2.24 16.94
CA SER C 353 -25.30 1.75 16.69
C SER C 353 -24.41 1.93 17.91
N SER C 354 -23.17 1.47 17.76
CA SER C 354 -22.10 1.71 18.72
C SER C 354 -21.70 3.17 18.73
N GLU C 355 -20.43 3.43 19.01
CA GLU C 355 -19.84 4.77 18.86
C GLU C 355 -18.58 4.69 18.00
N ASP C 356 -18.39 3.61 17.25
CA ASP C 356 -17.22 3.42 16.44
C ASP C 356 -17.19 4.40 15.27
N LEU C 357 -16.03 4.48 14.62
CA LEU C 357 -15.81 5.42 13.53
C LEU C 357 -15.72 4.73 12.17
N ASN C 358 -16.15 3.47 12.07
CA ASN C 358 -16.14 2.76 10.80
C ASN C 358 -17.17 3.39 9.86
N LEU C 359 -16.69 3.96 8.74
CA LEU C 359 -17.56 4.64 7.80
C LEU C 359 -18.24 3.60 6.91
N ASP C 360 -19.51 3.35 7.17
CA ASP C 360 -20.21 2.24 6.53
C ASP C 360 -21.24 2.68 5.47
N LEU C 361 -21.35 3.98 5.19
CA LEU C 361 -22.29 4.49 4.21
C LEU C 361 -21.55 5.26 3.12
N LYS C 362 -21.91 5.01 1.86
CA LYS C 362 -21.28 5.66 0.73
C LYS C 362 -22.18 5.49 -0.49
N VAL C 363 -22.51 6.60 -1.14
CA VAL C 363 -23.46 6.57 -2.26
C VAL C 363 -23.13 7.72 -3.22
N GLY C 364 -23.19 7.42 -4.51
CA GLY C 364 -22.87 8.39 -5.54
C GLY C 364 -24.04 9.27 -5.90
N LEU C 365 -24.54 10.01 -4.91
CA LEU C 365 -25.65 10.94 -5.10
C LEU C 365 -25.47 12.11 -4.16
N HIS C 366 -26.09 13.24 -4.50
CA HIS C 366 -26.25 14.32 -3.54
C HIS C 366 -27.17 13.84 -2.41
N GLN C 367 -26.88 14.28 -1.20
CA GLN C 367 -27.63 13.83 -0.03
C GLN C 367 -28.03 15.00 0.85
N TYR C 368 -29.27 14.94 1.34
CA TYR C 368 -29.82 15.86 2.31
C TYR C 368 -30.28 15.05 3.52
N VAL C 369 -29.95 15.54 4.72
CA VAL C 369 -30.29 14.85 5.96
C VAL C 369 -31.05 15.79 6.87
N TYR C 370 -32.02 15.26 7.61
CA TYR C 370 -32.75 16.03 8.61
C TYR C 370 -32.98 15.11 9.80
N ASN C 371 -32.62 15.58 10.99
CA ASN C 371 -32.80 14.80 12.21
C ASN C 371 -34.24 14.93 12.65
N ILE C 372 -35.05 13.89 12.36
CA ILE C 372 -36.46 13.89 12.71
C ILE C 372 -36.74 13.28 14.08
N GLY C 373 -35.75 12.70 14.74
CA GLY C 373 -35.93 12.19 16.08
C GLY C 373 -35.82 13.29 17.12
N ASP C 374 -35.79 12.89 18.38
CA ASP C 374 -35.61 13.83 19.48
C ASP C 374 -34.34 13.54 20.28
N SER C 375 -33.38 12.86 19.68
CA SER C 375 -32.07 12.66 20.29
C SER C 375 -30.99 13.11 19.33
N ALA C 376 -29.84 13.48 19.87
CA ALA C 376 -28.72 13.90 19.04
C ALA C 376 -28.02 12.70 18.44
N LEU C 377 -27.47 12.91 17.24
CA LEU C 377 -26.72 11.87 16.52
C LEU C 377 -25.38 12.45 16.06
N THR C 378 -24.42 11.55 15.87
CA THR C 378 -23.08 11.91 15.44
C THR C 378 -22.84 11.48 13.99
N ILE C 379 -22.24 12.38 13.21
CA ILE C 379 -21.83 12.09 11.84
C ILE C 379 -20.32 12.03 11.81
N ASN C 380 -19.79 10.88 11.37
CA ASN C 380 -18.36 10.72 11.10
C ASN C 380 -18.17 10.62 9.59
N TRP C 381 -17.14 11.27 9.07
CA TRP C 381 -16.89 11.20 7.63
C TRP C 381 -15.46 11.61 7.32
N ASN C 382 -15.05 11.34 6.09
CA ASN C 382 -13.73 11.64 5.56
C ASN C 382 -13.87 12.40 4.26
N TYR C 383 -13.02 13.41 4.06
CA TYR C 383 -13.05 14.21 2.84
C TYR C 383 -11.68 14.84 2.63
N GLU C 384 -11.05 14.52 1.50
CA GLU C 384 -9.73 15.05 1.13
C GLU C 384 -8.70 14.84 2.24
N ASN C 385 -8.56 13.59 2.68
CA ASN C 385 -7.56 13.16 3.65
C ASN C 385 -7.72 13.81 5.02
N LYS C 386 -8.89 14.35 5.32
CA LYS C 386 -9.18 14.87 6.64
C LYS C 386 -10.43 14.21 7.19
N THR C 387 -10.37 13.79 8.45
CA THR C 387 -11.46 13.09 9.12
C THR C 387 -12.17 14.07 10.04
N TYR C 388 -13.50 14.05 10.01
CA TYR C 388 -14.32 14.96 10.79
C TYR C 388 -15.32 14.19 11.64
N GLN C 389 -15.83 14.88 12.66
CA GLN C 389 -16.88 14.35 13.52
C GLN C 389 -17.70 15.53 14.00
N LYS C 390 -19.00 15.50 13.74
CA LYS C 390 -19.87 16.59 14.13
C LYS C 390 -21.18 16.03 14.66
N SER C 391 -21.89 16.86 15.42
CA SER C 391 -23.16 16.48 16.03
C SER C 391 -24.32 16.96 15.17
N LEU C 392 -25.37 16.14 15.10
CA LEU C 392 -26.61 16.46 14.40
C LEU C 392 -27.73 16.41 15.42
N ASN C 393 -28.13 17.58 15.94
CA ASN C 393 -29.15 17.67 16.97
C ASN C 393 -30.54 17.61 16.34
N PRO C 394 -31.58 17.33 17.13
CA PRO C 394 -32.95 17.34 16.60
C PRO C 394 -33.28 18.67 15.92
N GLY C 395 -33.78 18.58 14.69
CA GLY C 395 -34.06 19.76 13.91
C GLY C 395 -32.90 20.27 13.08
N ASP C 396 -31.69 19.75 13.26
CA ASP C 396 -30.57 20.07 12.39
C ASP C 396 -30.71 19.34 11.06
N SER C 397 -30.12 19.92 10.03
CA SER C 397 -30.09 19.32 8.71
C SER C 397 -28.66 19.36 8.18
N ALA C 398 -28.41 18.60 7.11
CA ALA C 398 -27.07 18.54 6.54
C ALA C 398 -27.15 18.24 5.06
N TYR C 399 -26.17 18.74 4.32
CA TYR C 399 -25.92 18.34 2.94
C TYR C 399 -24.60 17.59 2.87
N ILE C 400 -24.59 16.49 2.12
CA ILE C 400 -23.43 15.61 1.98
C ILE C 400 -23.08 15.49 0.50
N LYS C 401 -21.83 15.76 0.16
CA LYS C 401 -21.39 15.66 -1.22
C LYS C 401 -21.40 14.21 -1.68
N PRO C 402 -21.55 13.97 -2.99
CA PRO C 402 -21.57 12.59 -3.49
C PRO C 402 -20.27 11.82 -3.21
N PHE C 403 -20.43 10.53 -2.92
CA PHE C 403 -19.36 9.56 -2.70
C PHE C 403 -18.58 9.78 -1.41
N VAL C 404 -18.98 10.72 -0.57
CA VAL C 404 -18.33 10.95 0.72
C VAL C 404 -18.60 9.78 1.65
N PRO C 405 -17.57 9.08 2.13
CA PRO C 405 -17.79 7.99 3.08
C PRO C 405 -18.11 8.55 4.47
N HIS C 406 -19.12 7.97 5.11
CA HIS C 406 -19.65 8.52 6.36
C HIS C 406 -20.39 7.44 7.14
N ASN C 407 -20.80 7.80 8.35
CA ASN C 407 -21.72 6.97 9.13
C ASN C 407 -22.58 7.87 10.02
N PHE C 408 -23.57 7.26 10.64
CA PHE C 408 -24.36 7.90 11.69
C PHE C 408 -24.26 7.05 12.94
N ARG C 409 -24.02 7.68 14.09
CA ARG C 409 -23.78 6.96 15.32
C ARG C 409 -24.70 7.48 16.43
N GLY C 410 -25.19 6.56 17.26
CA GLY C 410 -26.09 6.91 18.34
C GLY C 410 -27.41 6.17 18.29
N ASN C 411 -28.44 6.76 18.91
CA ASN C 411 -29.78 6.22 18.89
C ASN C 411 -30.72 7.34 18.47
N GLY C 412 -31.36 7.16 17.32
CA GLY C 412 -32.24 8.21 16.82
C GLY C 412 -32.81 7.85 15.47
N LYS C 413 -33.39 8.87 14.84
CA LYS C 413 -34.09 8.72 13.57
C LYS C 413 -33.78 9.92 12.68
N ILE C 414 -33.49 9.65 11.40
CA ILE C 414 -33.19 10.71 10.44
C ILE C 414 -34.00 10.50 9.18
N LEU C 415 -34.24 11.61 8.47
CA LEU C 415 -34.83 11.61 7.15
C LEU C 415 -33.74 11.91 6.13
N ILE C 416 -33.68 11.12 5.06
CA ILE C 416 -32.65 11.26 4.04
C ILE C 416 -33.30 11.28 2.66
N LEU C 417 -32.93 12.25 1.84
CA LEU C 417 -33.28 12.30 0.43
C LEU C 417 -32.00 12.32 -0.38
N ARG C 418 -31.91 11.40 -1.34
CA ARG C 418 -30.77 11.31 -2.25
C ARG C 418 -31.27 11.62 -3.65
N ILE C 419 -30.55 12.50 -4.35
CA ILE C 419 -30.93 12.89 -5.71
C ILE C 419 -29.68 12.90 -6.59
N GLY C 420 -29.92 12.74 -7.89
CA GLY C 420 -28.84 12.60 -8.84
C GLY C 420 -28.27 13.92 -9.33
N GLY C 421 -29.02 15.01 -9.17
CA GLY C 421 -28.56 16.27 -9.74
C GLY C 421 -28.47 16.16 -11.24
N LYS C 422 -27.45 16.78 -11.82
CA LYS C 422 -27.24 16.74 -13.27
C LYS C 422 -26.30 15.62 -13.72
N ILE C 423 -25.62 14.95 -12.80
CA ILE C 423 -24.53 14.05 -13.19
C ILE C 423 -25.05 12.67 -13.58
N SER C 424 -25.88 12.06 -12.74
CA SER C 424 -26.30 10.69 -12.97
C SER C 424 -27.11 10.59 -14.24
N GLY C 425 -26.91 9.49 -14.97
CA GLY C 425 -27.59 9.29 -16.24
C GLY C 425 -26.71 9.56 -17.43
N ASP C 426 -27.16 10.46 -18.31
CA ASP C 426 -26.41 10.74 -19.54
C ASP C 426 -25.01 11.27 -19.24
N SER C 427 -24.91 12.22 -18.30
CA SER C 427 -23.60 12.83 -18.02
C SER C 427 -22.62 11.81 -17.48
N GLN C 428 -23.07 10.99 -16.53
CA GLN C 428 -22.20 9.96 -15.98
C GLN C 428 -21.75 8.97 -17.06
N ARG C 429 -22.66 8.62 -17.99
CA ARG C 429 -22.29 7.72 -19.07
C ARG C 429 -21.27 8.35 -20.01
N GLU C 430 -21.45 9.63 -20.37
CA GLU C 430 -20.46 10.29 -21.21
C GLU C 430 -19.10 10.34 -20.52
N LEU C 431 -19.09 10.69 -19.23
CA LEU C 431 -17.85 10.70 -18.46
C LEU C 431 -17.19 9.32 -18.42
N SER C 432 -18.00 8.26 -18.38
CA SER C 432 -17.47 6.90 -18.37
C SER C 432 -16.86 6.54 -19.73
N PHE C 433 -17.45 7.00 -20.82
CA PHE C 433 -16.90 6.71 -22.14
C PHE C 433 -15.56 7.42 -22.36
N VAL C 434 -15.42 8.64 -21.83
CA VAL C 434 -14.18 9.39 -22.01
C VAL C 434 -13.01 8.63 -21.40
N GLY C 435 -13.23 7.92 -20.31
CA GLY C 435 -12.16 7.08 -19.79
C GLY C 435 -11.63 7.58 -18.46
N ARG C 436 -11.33 6.63 -17.57
CA ARG C 436 -10.95 6.97 -16.19
C ARG C 436 -9.65 7.76 -16.13
N GLU C 437 -8.75 7.56 -17.10
CA GLU C 437 -7.49 8.30 -17.10
C GLU C 437 -7.67 9.76 -17.49
N ASN C 438 -8.82 10.12 -18.06
CA ASN C 438 -9.09 11.47 -18.52
C ASN C 438 -10.08 12.20 -17.64
N THR C 439 -10.54 11.58 -16.54
CA THR C 439 -11.60 12.19 -15.73
C THR C 439 -11.15 13.51 -15.13
N GLN C 440 -9.89 13.59 -14.70
CA GLN C 440 -9.38 14.80 -14.06
C GLN C 440 -9.43 15.98 -15.02
N ARG C 441 -8.91 15.80 -16.24
CA ARG C 441 -8.92 16.89 -17.21
C ARG C 441 -10.33 17.20 -17.68
N ALA C 442 -11.19 16.19 -17.78
CA ALA C 442 -12.56 16.42 -18.20
C ALA C 442 -13.30 17.31 -17.21
N ILE C 443 -13.05 17.12 -15.91
CA ILE C 443 -13.70 17.95 -14.90
C ILE C 443 -13.08 19.35 -14.85
N SER C 444 -11.77 19.45 -14.93
CA SER C 444 -11.11 20.75 -14.82
C SER C 444 -9.82 20.72 -15.62
N GLU C 445 -9.77 21.49 -16.71
CA GLU C 445 -8.64 21.49 -17.62
C GLU C 445 -7.46 22.26 -17.06
N THR C 446 -6.27 21.70 -17.22
CA THR C 446 -5.05 22.28 -16.68
C THR C 446 -4.01 22.62 -17.75
N MET C 447 -4.24 22.27 -19.01
CA MET C 447 -3.24 22.51 -20.03
C MET C 447 -3.89 23.08 -21.29
N GLN C 448 -3.10 23.87 -22.02
CA GLN C 448 -3.50 24.35 -23.33
C GLN C 448 -3.64 23.16 -24.28
N TRP C 449 -4.53 23.30 -25.27
CA TRP C 449 -4.86 22.16 -26.10
C TRP C 449 -3.70 21.70 -26.98
N PHE C 450 -2.67 22.52 -27.15
CA PHE C 450 -1.46 22.09 -27.83
C PHE C 450 -0.28 22.86 -27.28
N ASP C 451 0.90 22.25 -27.41
CA ASP C 451 2.14 22.90 -27.02
C ASP C 451 2.77 23.51 -28.27
N PRO C 452 2.93 24.83 -28.33
CA PRO C 452 3.54 25.43 -29.53
C PRO C 452 4.98 25.00 -29.78
N LYS C 453 5.65 24.42 -28.77
CA LYS C 453 6.99 23.90 -29.01
C LYS C 453 6.97 22.62 -29.83
N GLY C 454 5.82 21.95 -29.93
CA GLY C 454 5.72 20.70 -30.66
C GLY C 454 5.69 19.50 -29.73
N SER C 455 5.65 18.32 -30.34
CA SER C 455 5.47 17.06 -29.64
C SER C 455 6.70 16.16 -29.69
N ASN C 456 7.27 15.95 -30.87
CA ASN C 456 8.45 15.09 -31.04
C ASN C 456 8.98 15.20 -32.46
N LYS D 4 -36.16 58.97 -31.71
CA LYS D 4 -36.42 57.53 -31.81
C LYS D 4 -37.36 57.05 -30.70
N ILE D 5 -38.44 56.38 -31.09
CA ILE D 5 -39.44 55.87 -30.16
C ILE D 5 -39.47 54.35 -30.29
N ASP D 6 -39.18 53.66 -29.20
CA ASP D 6 -39.00 52.21 -29.21
C ASP D 6 -40.23 51.53 -28.63
N PHE D 7 -40.96 50.81 -29.49
CA PHE D 7 -42.10 50.01 -29.08
C PHE D 7 -41.76 48.54 -28.90
N LYS D 8 -40.63 48.09 -29.44
CA LYS D 8 -40.25 46.68 -29.35
C LYS D 8 -39.97 46.31 -27.89
N PRO D 9 -40.68 45.34 -27.31
CA PRO D 9 -40.40 44.96 -25.93
C PRO D 9 -39.04 44.25 -25.84
N ASP D 10 -38.34 44.54 -24.75
CA ASP D 10 -37.01 43.98 -24.52
C ASP D 10 -37.17 42.54 -24.05
N SER D 11 -37.09 41.60 -25.00
CA SER D 11 -37.32 40.20 -24.64
C SER D 11 -36.19 39.65 -23.78
N TYR D 12 -34.99 40.26 -23.83
CA TYR D 12 -33.93 39.85 -22.92
C TYR D 12 -34.31 40.15 -21.48
N LEU D 13 -34.90 41.31 -21.22
CA LEU D 13 -35.28 41.69 -19.87
C LEU D 13 -36.48 40.89 -19.37
N ILE D 14 -37.43 40.56 -20.25
CA ILE D 14 -38.56 39.74 -19.82
C ILE D 14 -38.09 38.35 -19.40
N ARG D 15 -37.27 37.72 -20.23
CA ARG D 15 -36.72 36.41 -19.86
C ARG D 15 -35.84 36.53 -18.63
N SER D 16 -35.10 37.64 -18.52
CA SER D 16 -34.28 37.85 -17.32
C SER D 16 -35.15 38.05 -16.08
N GLY D 17 -36.27 38.75 -16.24
CA GLY D 17 -37.20 38.89 -15.12
C GLY D 17 -37.90 37.60 -14.78
N ASN D 18 -38.29 36.82 -15.79
CA ASN D 18 -38.86 35.50 -15.54
C ASN D 18 -37.87 34.62 -14.79
N ASN D 19 -36.57 34.73 -15.16
CA ASN D 19 -35.55 33.92 -14.53
C ASN D 19 -35.38 34.28 -13.06
N PHE D 20 -35.41 35.58 -12.75
CA PHE D 20 -35.34 36.00 -11.35
C PHE D 20 -36.58 35.53 -10.60
N LEU D 21 -37.74 35.59 -11.25
CA LEU D 21 -38.98 35.09 -10.62
C LEU D 21 -38.86 33.62 -10.29
N GLY D 22 -38.27 32.82 -11.19
CA GLY D 22 -38.07 31.41 -10.89
C GLY D 22 -37.18 31.19 -9.69
N ILE D 23 -36.13 32.01 -9.57
CA ILE D 23 -35.24 31.90 -8.42
C ILE D 23 -36.00 32.14 -7.13
N LEU D 24 -36.85 33.17 -7.12
CA LEU D 24 -37.59 33.48 -5.89
C LEU D 24 -38.58 32.36 -5.56
N ASN D 25 -39.27 31.84 -6.57
CA ASN D 25 -40.18 30.73 -6.35
C ASN D 25 -39.46 29.53 -5.74
N ASP D 26 -38.25 29.24 -6.21
CA ASP D 26 -37.57 28.03 -5.76
C ASP D 26 -37.11 28.14 -4.31
N ILE D 27 -36.79 29.35 -3.82
CA ILE D 27 -36.41 29.53 -2.43
C ILE D 27 -37.60 29.98 -1.58
N LYS D 28 -38.81 30.01 -2.15
CA LYS D 28 -40.03 30.38 -1.42
C LYS D 28 -39.93 31.81 -0.88
N ARG D 29 -39.63 32.75 -1.78
CA ARG D 29 -39.57 34.18 -1.44
C ARG D 29 -40.61 34.92 -2.27
N ARG D 30 -41.50 35.63 -1.59
CA ARG D 30 -42.39 36.56 -2.25
C ARG D 30 -41.59 37.80 -2.63
N PRO D 31 -42.14 38.65 -3.51
CA PRO D 31 -41.47 39.94 -3.77
C PRO D 31 -41.16 40.73 -2.50
N GLU D 32 -42.06 40.70 -1.51
CA GLU D 32 -41.81 41.38 -0.25
C GLU D 32 -40.65 40.74 0.51
N ASP D 33 -40.54 39.41 0.46
CA ASP D 33 -39.47 38.72 1.16
C ASP D 33 -38.10 39.06 0.57
N ALA D 34 -38.01 39.16 -0.76
CA ALA D 34 -36.75 39.54 -1.39
C ALA D 34 -36.38 40.97 -1.07
N ALA D 35 -37.37 41.88 -1.10
CA ALA D 35 -37.10 43.27 -0.77
C ALA D 35 -36.61 43.40 0.67
N ASN D 36 -37.24 42.68 1.59
CA ASN D 36 -36.86 42.77 2.99
C ASN D 36 -35.47 42.17 3.22
N GLU D 37 -35.18 41.03 2.60
CA GLU D 37 -33.92 40.36 2.88
C GLU D 37 -32.73 40.98 2.14
N LEU D 38 -32.97 41.56 0.97
CA LEU D 38 -31.92 42.20 0.19
C LEU D 38 -31.76 43.68 0.51
N GLY D 39 -32.61 44.23 1.38
CA GLY D 39 -32.48 45.63 1.77
C GLY D 39 -32.74 46.61 0.64
N VAL D 40 -33.73 46.33 -0.20
CA VAL D 40 -34.08 47.20 -1.32
C VAL D 40 -35.59 47.34 -1.35
N SER D 41 -36.06 48.34 -2.11
CA SER D 41 -37.49 48.60 -2.21
C SER D 41 -38.22 47.46 -2.91
N ILE D 42 -39.49 47.28 -2.56
CA ILE D 42 -40.29 46.26 -3.23
C ILE D 42 -40.60 46.66 -4.66
N GLU D 43 -40.56 47.96 -4.97
CA GLU D 43 -40.75 48.40 -6.35
C GLU D 43 -39.57 47.99 -7.22
N GLU D 44 -38.35 48.03 -6.67
CA GLU D 44 -37.18 47.58 -7.42
C GLU D 44 -37.27 46.09 -7.75
N ILE D 45 -37.73 45.29 -6.78
CA ILE D 45 -37.88 43.86 -7.03
C ILE D 45 -38.91 43.63 -8.12
N ASN D 46 -40.04 44.32 -8.04
CA ASN D 46 -41.09 44.15 -9.04
C ASN D 46 -40.65 44.67 -10.40
N SER D 47 -39.80 45.69 -10.44
CA SER D 47 -39.30 46.18 -11.72
C SER D 47 -38.38 45.17 -12.39
N ILE D 48 -37.64 44.40 -11.60
CA ILE D 48 -36.81 43.33 -12.17
C ILE D 48 -37.69 42.19 -12.66
N ILE D 49 -38.65 41.76 -11.84
CA ILE D 49 -39.49 40.62 -12.20
C ILE D 49 -40.27 40.92 -13.48
N SER D 50 -40.83 42.12 -13.60
CA SER D 50 -41.62 42.46 -14.76
C SER D 50 -40.79 42.73 -16.01
N GLY D 51 -39.48 42.85 -15.88
CA GLY D 51 -38.64 43.11 -17.03
C GLY D 51 -38.48 44.56 -17.39
N LYS D 52 -38.74 45.47 -16.44
CA LYS D 52 -38.61 46.89 -16.73
C LYS D 52 -37.18 47.37 -16.58
N GLN D 53 -36.45 46.84 -15.60
CA GLN D 53 -35.06 47.23 -15.35
C GLN D 53 -34.21 45.98 -15.14
N LYS D 54 -32.98 46.02 -15.66
CA LYS D 54 -32.07 44.90 -15.49
C LYS D 54 -31.60 44.83 -14.03
N ILE D 55 -31.45 43.61 -13.52
CA ILE D 55 -31.01 43.43 -12.14
C ILE D 55 -29.58 43.95 -12.01
N SER D 56 -29.28 44.62 -10.85
CA SER D 56 -27.97 45.26 -10.69
C SER D 56 -26.93 44.27 -10.18
N PRO D 57 -25.65 44.52 -10.51
CA PRO D 57 -24.60 43.69 -9.91
C PRO D 57 -24.55 43.82 -8.39
N SER D 58 -24.98 44.96 -7.85
CA SER D 58 -25.04 45.11 -6.40
C SER D 58 -26.07 44.18 -5.78
N LEU D 59 -27.24 44.06 -6.40
CA LEU D 59 -28.29 43.20 -5.85
C LEU D 59 -27.89 41.73 -5.93
N ILE D 60 -27.21 41.35 -7.02
CA ILE D 60 -26.71 39.99 -7.15
C ILE D 60 -25.73 39.67 -6.03
N GLU D 61 -24.92 40.66 -5.64
CA GLU D 61 -23.93 40.44 -4.60
C GLU D 61 -24.58 40.15 -3.26
N LYS D 62 -25.61 40.94 -2.90
CA LYS D 62 -26.36 40.65 -1.67
C LYS D 62 -27.05 39.30 -1.75
N ALA D 63 -27.57 38.95 -2.93
CA ALA D 63 -28.30 37.69 -3.07
C ALA D 63 -27.38 36.48 -2.89
N VAL D 64 -26.19 36.53 -3.47
CA VAL D 64 -25.24 35.43 -3.29
C VAL D 64 -24.84 35.29 -1.83
N ASN D 65 -24.89 36.40 -1.07
CA ASN D 65 -24.44 36.39 0.32
C ASN D 65 -25.46 35.80 1.29
N ILE D 66 -26.74 35.75 0.93
CA ILE D 66 -27.76 35.24 1.83
C ILE D 66 -28.46 34.00 1.30
N TRP D 67 -28.42 33.74 0.00
CA TRP D 67 -29.15 32.64 -0.59
C TRP D 67 -28.21 31.64 -1.24
N PRO D 68 -28.60 30.37 -1.33
CA PRO D 68 -27.75 29.35 -1.96
C PRO D 68 -27.77 29.39 -3.48
N VAL D 69 -27.59 30.58 -4.04
CA VAL D 69 -27.58 30.80 -5.48
C VAL D 69 -26.22 31.34 -5.86
N ASN D 70 -25.82 31.11 -7.10
CA ASN D 70 -24.54 31.60 -7.60
C ASN D 70 -24.75 32.80 -8.52
N GLU D 71 -23.67 33.53 -8.76
CA GLU D 71 -23.76 34.70 -9.62
C GLU D 71 -24.24 34.31 -11.01
N ARG D 72 -23.76 33.18 -11.53
CA ARG D 72 -24.11 32.76 -12.87
C ARG D 72 -25.60 32.43 -12.99
N ASP D 73 -26.29 32.20 -11.86
CA ASP D 73 -27.73 31.90 -11.91
C ASP D 73 -28.55 33.09 -12.35
N PHE D 74 -27.98 34.29 -12.32
CA PHE D 74 -28.72 35.49 -12.67
C PHE D 74 -28.45 35.97 -14.09
N TYR D 75 -27.47 35.38 -14.78
CA TYR D 75 -27.13 35.80 -16.13
C TYR D 75 -27.67 34.79 -17.12
N ILE D 76 -28.62 35.22 -17.95
CA ILE D 76 -29.24 34.32 -18.91
C ILE D 76 -28.48 34.41 -20.23
N VAL D 77 -28.79 33.50 -21.15
CA VAL D 77 -28.14 33.48 -22.46
C VAL D 77 -28.81 34.50 -23.35
N SER D 78 -28.00 35.33 -23.99
CA SER D 78 -28.50 36.30 -24.96
C SER D 78 -28.86 35.58 -26.25
N ASP D 79 -30.03 35.85 -26.80
CA ASP D 79 -30.48 35.20 -28.02
C ASP D 79 -29.91 35.93 -29.23
N ASP D 80 -28.82 35.40 -29.79
CA ASP D 80 -28.19 35.99 -30.96
C ASP D 80 -28.70 35.40 -32.27
N CYS D 81 -29.77 34.61 -32.22
CA CYS D 81 -30.31 33.94 -33.40
C CYS D 81 -31.83 34.12 -33.42
N SER D 82 -32.27 35.38 -33.40
CA SER D 82 -33.68 35.67 -33.21
C SER D 82 -34.55 35.25 -34.40
N SER D 83 -33.98 35.08 -35.59
CA SER D 83 -34.75 34.65 -36.75
C SER D 83 -34.83 33.13 -36.89
N GLY D 84 -34.17 32.38 -36.01
CA GLY D 84 -34.22 30.94 -36.06
C GLY D 84 -33.05 30.31 -36.78
N ILE D 85 -32.40 31.05 -37.67
CA ILE D 85 -31.22 30.59 -38.39
C ILE D 85 -30.22 31.74 -38.41
N LEU D 86 -28.96 31.44 -38.11
CA LEU D 86 -27.89 32.43 -38.09
C LEU D 86 -26.86 32.08 -39.15
N ILE D 87 -26.56 33.02 -40.03
CA ILE D 87 -25.66 32.78 -41.15
C ILE D 87 -24.38 33.57 -40.96
N MET D 88 -23.24 32.92 -41.21
CA MET D 88 -21.94 33.57 -41.23
C MET D 88 -21.35 33.44 -42.63
N THR D 89 -20.89 34.57 -43.17
CA THR D 89 -20.41 34.58 -44.55
C THR D 89 -19.00 34.03 -44.61
N SER D 90 -18.63 33.59 -45.82
CA SER D 90 -17.26 33.17 -46.08
C SER D 90 -16.27 34.31 -45.82
N GLN D 91 -16.67 35.55 -46.12
CA GLN D 91 -15.78 36.68 -45.90
C GLN D 91 -15.49 36.89 -44.42
N ASP D 92 -16.53 36.80 -43.58
CA ASP D 92 -16.32 36.95 -42.14
C ASP D 92 -15.43 35.85 -41.59
N SER D 93 -15.50 34.65 -42.17
CA SER D 93 -14.60 33.59 -41.74
C SER D 93 -13.15 33.92 -42.08
N ILE D 94 -12.91 34.54 -43.24
CA ILE D 94 -11.56 34.96 -43.61
C ILE D 94 -11.05 36.03 -42.64
N LYS D 95 -11.94 36.91 -42.19
CA LYS D 95 -11.53 37.97 -41.28
C LYS D 95 -11.06 37.42 -39.94
N SER D 96 -11.56 36.25 -39.55
CA SER D 96 -11.18 35.62 -38.29
C SER D 96 -9.92 34.76 -38.41
N SER D 97 -9.28 34.76 -39.57
CA SER D 97 -8.15 33.87 -39.78
C SER D 97 -7.00 34.18 -38.83
N ARG D 98 -6.38 33.13 -38.30
CA ARG D 98 -5.15 33.29 -37.53
C ARG D 98 -4.30 32.05 -37.74
N ILE D 99 -3.02 32.27 -38.06
CA ILE D 99 -2.08 31.19 -38.34
C ILE D 99 -1.35 30.85 -37.04
N MET D 100 -1.26 29.56 -36.74
CA MET D 100 -0.60 29.11 -35.51
C MET D 100 0.62 28.29 -35.89
N GLU D 101 1.74 28.59 -35.25
CA GLU D 101 2.98 27.88 -35.51
C GLU D 101 3.15 26.78 -34.49
N ARG D 102 3.79 25.70 -34.93
CA ARG D 102 4.22 24.63 -34.04
C ARG D 102 5.66 24.29 -34.37
N ALA D 103 6.52 24.28 -33.35
CA ALA D 103 7.95 24.03 -33.52
C ALA D 103 8.56 25.00 -34.53
N GLY D 104 8.12 26.26 -34.50
CA GLY D 104 8.74 27.31 -35.27
C GLY D 104 8.24 27.50 -36.68
N LYS D 105 7.32 26.67 -37.16
CA LYS D 105 6.83 26.82 -38.52
C LYS D 105 5.31 26.92 -38.54
N PRO D 106 4.75 27.68 -39.49
CA PRO D 106 3.29 27.73 -39.61
C PRO D 106 2.73 26.34 -39.85
N TYR D 107 1.75 25.95 -39.03
CA TYR D 107 1.22 24.59 -39.03
C TYR D 107 -0.25 24.52 -39.42
N TYR D 108 -1.09 25.42 -38.89
CA TYR D 108 -2.50 25.47 -39.20
C TYR D 108 -2.91 26.90 -39.53
N GLU D 109 -3.98 27.04 -40.31
CA GLU D 109 -4.73 28.30 -40.39
C GLU D 109 -6.15 28.03 -39.90
N TYR D 110 -6.51 28.61 -38.75
CA TYR D 110 -7.86 28.48 -38.22
C TYR D 110 -8.75 29.61 -38.73
N ARG D 111 -10.01 29.27 -39.01
CA ARG D 111 -11.04 30.27 -39.28
C ARG D 111 -12.31 29.87 -38.54
N ASP D 112 -12.94 30.85 -37.90
CA ASP D 112 -14.24 30.59 -37.28
C ASP D 112 -15.32 30.44 -38.36
N THR D 113 -16.29 29.57 -38.09
CA THR D 113 -17.50 29.47 -38.89
C THR D 113 -18.70 29.68 -37.96
N ALA D 114 -19.90 29.48 -38.50
CA ALA D 114 -21.12 29.85 -37.79
C ALA D 114 -21.20 29.22 -36.41
N MET D 115 -21.31 30.08 -35.38
CA MET D 115 -21.52 29.63 -34.01
C MET D 115 -22.57 30.54 -33.38
N SER D 116 -23.22 30.04 -32.34
CA SER D 116 -24.23 30.79 -31.63
C SER D 116 -24.04 30.64 -30.13
N LYS D 117 -24.34 31.73 -29.40
CA LYS D 117 -24.34 31.67 -27.94
C LYS D 117 -25.36 30.68 -27.40
N THR D 118 -26.32 30.26 -28.21
CA THR D 118 -27.38 29.37 -27.77
C THR D 118 -27.09 27.90 -28.05
N ALA D 119 -25.95 27.59 -28.67
CA ALA D 119 -25.64 26.24 -29.12
C ALA D 119 -24.21 25.86 -28.75
N PRO D 120 -23.92 24.58 -28.62
CA PRO D 120 -22.57 24.14 -28.21
C PRO D 120 -21.59 23.91 -29.35
N PHE D 121 -21.88 24.34 -30.58
CA PHE D 121 -20.96 24.12 -31.68
C PHE D 121 -19.70 24.94 -31.50
N ARG D 122 -18.55 24.32 -31.80
CA ARG D 122 -17.27 25.01 -31.95
C ARG D 122 -16.67 24.55 -33.27
N PRO D 123 -17.21 25.02 -34.40
CA PRO D 123 -16.77 24.51 -35.70
C PRO D 123 -15.63 25.32 -36.30
N GLU D 124 -14.53 24.66 -36.66
CA GLU D 124 -13.33 25.34 -37.12
C GLU D 124 -12.99 24.94 -38.54
N TRP D 125 -12.78 25.93 -39.40
CA TRP D 125 -12.13 25.76 -40.69
C TRP D 125 -10.62 25.77 -40.44
N ILE D 126 -9.93 24.68 -40.76
CA ILE D 126 -8.51 24.51 -40.40
C ILE D 126 -7.75 24.01 -41.60
N LEU D 127 -6.87 24.87 -42.15
CA LEU D 127 -6.05 24.51 -43.30
C LEU D 127 -4.74 23.90 -42.82
N GLU D 128 -4.32 22.83 -43.49
CA GLU D 128 -3.12 22.10 -43.11
C GLU D 128 -1.93 22.70 -43.85
N LEU D 129 -1.07 23.41 -43.13
CA LEU D 129 0.05 24.11 -43.74
C LEU D 129 1.32 23.26 -43.81
N CYS D 130 1.40 22.19 -43.03
CA CYS D 130 2.57 21.32 -42.99
C CYS D 130 2.46 20.20 -44.00
N LYS D 131 3.48 20.07 -44.86
CA LYS D 131 3.52 19.02 -45.87
C LYS D 131 4.42 17.89 -45.40
N VAL D 132 3.99 16.65 -45.67
CA VAL D 132 4.77 15.48 -45.29
C VAL D 132 5.11 14.69 -46.55
N GLU D 133 6.28 14.07 -46.54
CA GLU D 133 6.76 13.34 -47.71
C GLU D 133 6.42 11.86 -47.69
N ASN D 134 5.97 11.34 -46.56
CA ASN D 134 5.54 9.95 -46.46
C ASN D 134 4.29 9.91 -45.59
N ASN D 135 3.71 8.72 -45.45
CA ASN D 135 2.52 8.52 -44.63
C ASN D 135 2.82 7.72 -43.38
N ASP D 136 4.02 7.87 -42.85
CA ASP D 136 4.43 7.16 -41.64
C ASP D 136 3.85 7.87 -40.42
N PRO D 137 3.09 7.19 -39.56
CA PRO D 137 2.56 7.84 -38.35
C PRO D 137 3.64 8.36 -37.41
N GLU D 138 4.86 7.85 -37.51
CA GLU D 138 5.93 8.31 -36.63
C GLU D 138 6.66 9.53 -37.17
N ASN D 139 6.25 10.05 -38.33
CA ASN D 139 6.92 11.16 -38.97
C ASN D 139 7.07 12.33 -38.00
N PRO D 140 8.29 12.78 -37.69
CA PRO D 140 8.47 13.85 -36.70
C PRO D 140 7.96 15.21 -37.16
N LYS D 141 7.64 15.37 -38.43
CA LYS D 141 7.07 16.64 -38.89
C LYS D 141 5.66 16.85 -38.35
N ALA D 142 4.94 15.77 -38.05
CA ALA D 142 3.61 15.88 -37.47
C ALA D 142 3.72 16.41 -36.04
N GLN D 143 3.05 17.53 -35.76
CA GLN D 143 3.07 18.16 -34.44
C GLN D 143 1.75 17.87 -33.75
N TRP D 144 1.80 17.07 -32.68
CA TRP D 144 0.63 16.57 -32.01
C TRP D 144 0.13 17.54 -30.94
N ASN D 145 -1.19 17.49 -30.70
CA ASN D 145 -1.79 18.26 -29.62
C ASN D 145 -1.89 17.38 -28.38
N ASN D 146 -2.51 17.92 -27.33
CA ASN D 146 -2.70 17.20 -26.08
C ASN D 146 -4.03 16.47 -26.04
N GLY D 147 -4.81 16.50 -27.11
CA GLY D 147 -6.21 16.13 -27.03
C GLY D 147 -6.97 17.27 -26.36
N HIS D 148 -8.28 17.39 -26.62
CA HIS D 148 -9.03 18.50 -26.07
C HIS D 148 -10.41 18.04 -25.61
N PHE D 149 -11.05 18.90 -24.81
CA PHE D 149 -12.30 18.58 -24.15
C PHE D 149 -13.44 18.37 -25.16
N MET D 150 -13.47 19.16 -26.23
CA MET D 150 -14.58 19.10 -27.17
C MET D 150 -14.59 17.80 -27.97
N HIS D 151 -15.77 17.19 -28.08
CA HIS D 151 -15.98 16.16 -29.09
C HIS D 151 -15.69 16.75 -30.46
N GLN D 152 -15.23 15.91 -31.38
CA GLN D 152 -14.81 16.41 -32.69
C GLN D 152 -15.28 15.49 -33.81
N PHE D 153 -16.15 16.02 -34.68
CA PHE D 153 -16.38 15.45 -36.00
C PHE D 153 -15.57 16.24 -37.01
N THR D 154 -15.10 15.54 -38.05
CA THR D 154 -14.27 16.19 -39.06
C THR D 154 -14.60 15.67 -40.44
N TYR D 155 -14.72 16.60 -41.39
CA TYR D 155 -14.92 16.30 -42.80
C TYR D 155 -13.67 16.73 -43.56
N PHE D 156 -13.19 15.86 -44.44
CA PHE D 156 -11.90 16.05 -45.12
C PHE D 156 -12.12 16.57 -46.52
N ILE D 157 -11.35 17.60 -46.89
CA ILE D 157 -11.38 18.17 -48.23
C ILE D 157 -9.93 18.24 -48.69
N GLY D 158 -9.57 17.43 -49.67
CA GLY D 158 -8.22 17.39 -50.16
C GLY D 158 -7.43 16.23 -49.57
N GLU D 159 -6.12 16.31 -49.76
CA GLU D 159 -5.21 15.24 -49.36
C GLU D 159 -4.70 15.50 -47.95
N VAL D 160 -5.54 15.13 -46.98
CA VAL D 160 -5.26 15.33 -45.56
C VAL D 160 -4.83 14.01 -44.94
N ASN D 161 -3.82 14.06 -44.08
CA ASN D 161 -3.44 12.94 -43.23
C ASN D 161 -3.97 13.19 -41.83
N PHE D 162 -4.69 12.21 -41.29
CA PHE D 162 -5.27 12.30 -39.95
C PHE D 162 -4.48 11.39 -39.02
N TYR D 163 -3.73 11.98 -38.11
CA TYR D 163 -2.94 11.26 -37.12
C TYR D 163 -3.70 11.21 -35.80
N TYR D 164 -3.60 10.08 -35.11
CA TYR D 164 -4.27 9.92 -33.82
C TYR D 164 -3.58 8.81 -33.05
N LYS D 165 -3.83 8.78 -31.75
CA LYS D 165 -3.32 7.73 -30.88
C LYS D 165 -4.45 6.80 -30.49
N ASP D 166 -4.14 5.51 -30.38
CA ASP D 166 -5.10 4.54 -29.89
C ASP D 166 -5.13 4.60 -28.37
N PRO D 167 -6.06 3.90 -27.72
CA PRO D 167 -6.12 3.94 -26.24
C PRO D 167 -4.82 3.53 -25.55
N GLU D 168 -3.85 2.96 -26.27
CA GLU D 168 -2.58 2.58 -25.66
C GLU D 168 -1.49 3.62 -25.85
N GLY D 169 -1.71 4.63 -26.68
CA GLY D 169 -0.71 5.65 -26.94
C GLY D 169 0.07 5.47 -28.23
N LYS D 170 -0.15 4.39 -28.97
CA LYS D 170 0.52 4.18 -30.24
C LYS D 170 -0.04 5.14 -31.29
N LYS D 171 0.85 5.66 -32.13
CA LYS D 171 0.45 6.60 -33.17
C LYS D 171 -0.09 5.85 -34.40
N HIS D 172 -1.19 6.36 -34.94
CA HIS D 172 -1.77 5.86 -36.17
C HIS D 172 -1.95 7.02 -37.14
N VAL D 173 -2.17 6.69 -38.40
CA VAL D 173 -2.49 7.71 -39.40
C VAL D 173 -3.52 7.15 -40.37
N ALA D 174 -4.44 8.01 -40.81
CA ALA D 174 -5.42 7.67 -41.81
C ALA D 174 -5.20 8.54 -43.05
N ILE D 175 -5.03 7.89 -44.20
CA ILE D 175 -4.79 8.59 -45.46
C ILE D 175 -6.16 8.97 -46.03
N MET D 176 -6.52 10.23 -45.87
CA MET D 176 -7.87 10.71 -46.16
C MET D 176 -7.91 11.47 -47.48
N ASN D 177 -9.10 11.48 -48.09
CA ASN D 177 -9.39 12.22 -49.30
C ASN D 177 -10.71 12.95 -49.12
N THR D 178 -11.13 13.67 -50.17
CA THR D 178 -12.34 14.47 -50.09
C THR D 178 -13.55 13.58 -49.85
N GLY D 179 -14.37 13.96 -48.87
CA GLY D 179 -15.55 13.20 -48.52
C GLY D 179 -15.37 12.20 -47.40
N ASP D 180 -14.13 11.90 -47.02
CA ASP D 180 -13.92 11.09 -45.84
C ASP D 180 -14.29 11.88 -44.58
N SER D 181 -14.55 11.15 -43.50
CA SER D 181 -14.96 11.79 -42.25
C SER D 181 -14.52 10.92 -41.08
N MET D 182 -14.52 11.52 -39.89
CA MET D 182 -14.12 10.82 -38.69
C MET D 182 -14.78 11.44 -37.46
N TYR D 183 -14.73 10.69 -36.36
CA TYR D 183 -15.03 11.19 -35.03
C TYR D 183 -13.90 10.76 -34.09
N ILE D 184 -13.55 11.63 -33.14
CA ILE D 184 -12.46 11.34 -32.21
C ILE D 184 -12.89 11.72 -30.80
N THR D 185 -12.73 10.78 -29.87
CA THR D 185 -13.16 10.96 -28.50
C THR D 185 -12.37 12.08 -27.81
N PRO D 186 -13.02 12.89 -26.97
CA PRO D 186 -12.30 13.97 -26.28
C PRO D 186 -11.02 13.49 -25.61
N PHE D 187 -9.99 14.31 -25.69
CA PHE D 187 -8.66 14.14 -25.09
C PHE D 187 -7.81 13.10 -25.82
N THR D 188 -8.28 12.55 -26.94
CA THR D 188 -7.42 11.70 -27.76
C THR D 188 -6.51 12.58 -28.61
N PRO D 189 -5.20 12.48 -28.48
CA PRO D 189 -4.31 13.35 -29.24
C PRO D 189 -4.40 13.09 -30.73
N HIS D 190 -4.23 14.16 -31.51
CA HIS D 190 -4.36 14.05 -32.95
C HIS D 190 -3.68 15.25 -33.60
N THR D 191 -3.43 15.11 -34.90
CA THR D 191 -2.89 16.20 -35.70
C THR D 191 -3.14 15.89 -37.17
N PHE D 192 -2.98 16.91 -38.01
CA PHE D 192 -3.31 16.81 -39.42
C PHE D 192 -2.21 17.46 -40.23
N THR D 193 -1.90 16.87 -41.39
CA THR D 193 -0.95 17.43 -42.33
C THR D 193 -1.50 17.28 -43.75
N THR D 194 -0.80 17.89 -44.70
CA THR D 194 -1.06 17.71 -46.13
C THR D 194 0.01 16.81 -46.72
N ARG D 195 -0.40 15.89 -47.58
CA ARG D 195 0.55 15.01 -48.25
C ARG D 195 1.29 15.78 -49.34
N ASP D 196 2.59 15.50 -49.47
CA ASP D 196 3.40 16.17 -50.48
C ASP D 196 2.92 15.81 -51.88
N GLY D 197 3.07 16.76 -52.80
CA GLY D 197 2.61 16.57 -54.16
C GLY D 197 1.18 16.99 -54.41
N ALA D 198 0.44 17.39 -53.39
CA ALA D 198 -0.92 17.85 -53.59
C ALA D 198 -0.92 19.21 -54.26
N SER D 199 -1.88 19.42 -55.17
CA SER D 199 -1.93 20.67 -55.91
C SER D 199 -2.15 21.87 -54.98
N GLN D 200 -2.90 21.66 -53.90
CA GLN D 200 -3.13 22.69 -52.89
C GLN D 200 -3.13 22.04 -51.51
N ASN D 201 -3.09 22.88 -50.49
CA ASN D 201 -3.09 22.37 -49.12
C ASN D 201 -4.42 21.68 -48.78
N GLY D 202 -4.32 20.64 -47.96
CA GLY D 202 -5.51 19.98 -47.47
C GLY D 202 -6.26 20.84 -46.47
N LEU D 203 -7.56 20.60 -46.39
CA LEU D 203 -8.47 21.37 -45.55
C LEU D 203 -9.37 20.43 -44.77
N ILE D 204 -9.62 20.74 -43.50
CA ILE D 204 -10.60 19.99 -42.73
C ILE D 204 -11.64 20.94 -42.16
N LEU D 205 -12.86 20.45 -42.08
CA LEU D 205 -13.92 21.15 -41.36
C LEU D 205 -14.06 20.42 -40.02
N ALA D 206 -13.37 20.93 -39.01
CA ALA D 206 -13.36 20.31 -37.68
C ALA D 206 -14.57 20.81 -36.90
N LEU D 207 -15.63 20.02 -36.89
CA LEU D 207 -16.88 20.41 -36.22
C LEU D 207 -16.82 19.86 -34.80
N THR D 208 -16.26 20.66 -33.89
CA THR D 208 -16.13 20.27 -32.50
C THR D 208 -17.30 20.81 -31.69
N TYR D 209 -17.60 20.15 -30.59
CA TYR D 209 -18.79 20.50 -29.81
C TYR D 209 -18.74 19.80 -28.47
N GLY D 210 -19.47 20.36 -27.51
CA GLY D 210 -19.71 19.73 -26.24
C GLY D 210 -21.02 18.98 -26.24
N SER D 211 -21.15 18.05 -25.29
CA SER D 211 -22.38 17.29 -25.19
C SER D 211 -23.00 17.43 -23.81
N LYS D 212 -22.66 16.55 -22.87
CA LYS D 212 -23.32 16.53 -21.57
C LYS D 212 -22.35 16.78 -20.41
N LEU D 213 -21.17 17.32 -20.67
CA LEU D 213 -20.19 17.58 -19.61
C LEU D 213 -19.76 19.04 -19.55
N THR D 214 -20.45 19.92 -20.25
CA THR D 214 -20.07 21.33 -20.31
C THR D 214 -20.95 22.17 -19.38
N GLY D 215 -20.47 23.38 -19.10
CA GLY D 215 -21.24 24.35 -18.37
C GLY D 215 -21.45 23.94 -16.92
N ASP D 216 -22.71 24.02 -16.45
CA ASP D 216 -22.98 23.77 -15.04
C ASP D 216 -22.76 22.31 -14.64
N ILE D 217 -22.83 21.37 -15.59
CA ILE D 217 -22.58 19.97 -15.23
C ILE D 217 -21.10 19.77 -14.93
N GLN D 218 -20.22 20.39 -15.72
CA GLN D 218 -18.82 20.45 -15.35
C GLN D 218 -18.63 21.15 -14.00
N GLN D 219 -19.39 22.23 -13.76
CA GLN D 219 -19.29 22.94 -12.49
C GLN D 219 -19.75 22.08 -11.33
N GLU D 220 -20.83 21.31 -11.50
CA GLU D 220 -21.27 20.41 -10.44
C GLU D 220 -20.20 19.38 -10.09
N LEU D 221 -19.41 18.96 -11.07
CA LEU D 221 -18.30 18.04 -10.83
C LEU D 221 -17.08 18.78 -10.29
N SER D 222 -16.87 20.03 -10.70
CA SER D 222 -15.66 20.75 -10.34
C SER D 222 -15.57 21.05 -8.85
N SER D 223 -16.70 21.24 -8.19
CA SER D 223 -16.69 21.52 -6.75
C SER D 223 -16.44 20.28 -5.90
N LEU D 224 -16.42 19.10 -6.50
CA LEU D 224 -16.13 17.88 -5.79
C LEU D 224 -14.62 17.64 -5.75
N SER D 225 -14.17 16.97 -4.70
CA SER D 225 -12.79 16.51 -4.68
C SER D 225 -12.55 15.54 -5.84
N LEU D 226 -11.30 15.50 -6.31
CA LEU D 226 -10.95 14.58 -7.39
C LEU D 226 -11.22 13.14 -7.01
N ASP D 227 -11.04 12.79 -5.74
CA ASP D 227 -11.29 11.41 -5.32
C ASP D 227 -12.77 11.05 -5.46
N CYS D 228 -13.68 11.94 -5.04
CA CYS D 228 -15.11 11.65 -5.12
C CYS D 228 -15.64 11.75 -6.55
N GLY D 229 -15.26 12.82 -7.26
CA GLY D 229 -15.77 13.01 -8.61
C GLY D 229 -15.35 11.92 -9.56
N SER D 230 -14.12 11.43 -9.43
CA SER D 230 -13.62 10.41 -10.35
C SER D 230 -14.37 9.09 -10.22
N GLN D 231 -15.05 8.86 -9.09
CA GLN D 231 -15.81 7.64 -8.91
C GLN D 231 -17.09 7.60 -9.73
N TYR D 232 -17.47 8.73 -10.34
CA TYR D 232 -18.57 8.73 -11.30
C TYR D 232 -18.18 8.02 -12.60
N ALA D 233 -16.89 7.97 -12.91
CA ALA D 233 -16.42 7.37 -14.16
C ALA D 233 -16.49 5.86 -14.04
N LEU D 234 -17.52 5.27 -14.64
CA LEU D 234 -17.71 3.83 -14.63
C LEU D 234 -16.81 3.17 -15.67
N ASP D 235 -16.63 1.86 -15.52
CA ASP D 235 -15.81 1.10 -16.46
C ASP D 235 -16.64 0.73 -17.69
N PHE D 236 -16.43 1.46 -18.78
CA PHE D 236 -17.09 1.19 -20.06
C PHE D 236 -16.11 0.69 -21.11
N THR D 237 -15.01 0.06 -20.68
CA THR D 237 -14.00 -0.37 -21.64
C THR D 237 -14.54 -1.43 -22.59
N ASN D 238 -15.53 -2.21 -22.15
CA ASN D 238 -16.21 -3.14 -23.05
C ASN D 238 -17.63 -3.35 -22.55
N HIS D 239 -18.42 -4.05 -23.36
CA HIS D 239 -19.85 -4.19 -23.09
C HIS D 239 -20.11 -4.91 -21.78
N GLU D 240 -19.36 -5.98 -21.50
CA GLU D 240 -19.59 -6.75 -20.29
C GLU D 240 -19.22 -5.96 -19.05
N ASN D 241 -18.09 -5.24 -19.09
CA ASN D 241 -17.70 -4.40 -17.97
C ASN D 241 -18.70 -3.29 -17.73
N ALA D 242 -19.27 -2.74 -18.81
CA ALA D 242 -20.29 -1.71 -18.68
C ALA D 242 -21.52 -2.26 -17.99
N SER D 243 -21.90 -3.50 -18.31
CA SER D 243 -23.04 -4.12 -17.64
C SER D 243 -22.79 -4.26 -16.14
N LEU D 244 -21.59 -4.73 -15.77
CA LEU D 244 -21.26 -4.89 -14.36
C LEU D 244 -21.15 -3.54 -13.67
N SER D 245 -20.54 -2.54 -14.33
CA SER D 245 -20.41 -1.22 -13.72
C SER D 245 -21.76 -0.63 -13.37
N LEU D 246 -22.73 -0.73 -14.29
CA LEU D 246 -24.07 -0.19 -14.02
C LEU D 246 -24.78 -1.01 -12.95
N LEU D 247 -24.62 -2.34 -12.98
CA LEU D 247 -25.23 -3.18 -11.95
C LEU D 247 -24.70 -2.81 -10.56
N GLU D 248 -23.37 -2.71 -10.43
CA GLU D 248 -22.79 -2.35 -9.14
C GLU D 248 -23.31 -1.00 -8.65
N TYR D 249 -23.30 0.01 -9.53
CA TYR D 249 -23.66 1.37 -9.13
C TYR D 249 -25.08 1.44 -8.61
N TYR D 250 -26.03 0.86 -9.35
CA TYR D 250 -27.42 0.96 -8.93
C TYR D 250 -27.72 0.08 -7.73
N PHE D 251 -26.96 -1.01 -7.55
CA PHE D 251 -27.09 -1.77 -6.31
C PHE D 251 -26.65 -0.91 -5.11
N GLU D 252 -25.57 -0.16 -5.28
CA GLU D 252 -25.09 0.71 -4.21
C GLU D 252 -26.06 1.85 -3.95
N LEU D 253 -26.68 2.39 -5.00
CA LEU D 253 -27.68 3.44 -4.80
C LEU D 253 -28.87 2.94 -3.99
N SER D 254 -29.25 1.67 -4.15
CA SER D 254 -30.42 1.14 -3.47
C SER D 254 -30.22 1.04 -1.96
N ASN D 255 -28.98 0.90 -1.50
CA ASN D 255 -28.63 0.71 -0.09
C ASN D 255 -29.21 -0.59 0.47
N LEU D 256 -29.57 -1.52 -0.41
CA LEU D 256 -29.96 -2.85 0.04
C LEU D 256 -28.73 -3.63 0.50
N THR D 257 -28.95 -4.59 1.39
CA THR D 257 -27.92 -5.58 1.64
C THR D 257 -27.96 -6.68 0.58
N LYS D 258 -26.87 -7.44 0.51
CA LYS D 258 -26.86 -8.58 -0.40
C LYS D 258 -27.99 -9.56 -0.08
N GLU D 259 -28.37 -9.64 1.19
CA GLU D 259 -29.41 -10.57 1.61
C GLU D 259 -30.79 -10.07 1.18
N LYS D 260 -31.12 -8.82 1.53
CA LYS D 260 -32.41 -8.26 1.15
C LYS D 260 -32.56 -8.20 -0.37
N PHE D 261 -31.47 -7.90 -1.08
CA PHE D 261 -31.50 -7.91 -2.55
C PHE D 261 -31.90 -9.28 -3.10
N ALA D 262 -31.33 -10.34 -2.55
CA ALA D 262 -31.66 -11.68 -3.04
C ALA D 262 -33.12 -12.02 -2.79
N LYS D 263 -33.63 -11.68 -1.60
CA LYS D 263 -35.03 -11.98 -1.31
C LYS D 263 -35.95 -11.18 -2.22
N ARG D 264 -35.57 -9.94 -2.55
CA ARG D 264 -36.45 -9.10 -3.35
C ARG D 264 -36.54 -9.60 -4.78
N THR D 265 -35.41 -10.02 -5.37
CA THR D 265 -35.42 -10.53 -6.73
C THR D 265 -35.81 -11.99 -6.79
N ASN D 266 -35.76 -12.71 -5.66
CA ASN D 266 -35.93 -14.15 -5.60
C ASN D 266 -34.92 -14.90 -6.46
N PHE D 267 -33.71 -14.36 -6.59
CA PHE D 267 -32.60 -15.08 -7.20
C PHE D 267 -31.75 -15.72 -6.11
N SER D 268 -31.15 -16.86 -6.45
CA SER D 268 -30.23 -17.48 -5.51
C SER D 268 -28.95 -16.65 -5.41
N MET D 269 -28.23 -16.85 -4.31
CA MET D 269 -26.96 -16.15 -4.14
C MET D 269 -25.96 -16.56 -5.21
N GLU D 270 -26.09 -17.76 -5.76
CA GLU D 270 -25.19 -18.20 -6.83
C GLU D 270 -25.57 -17.58 -8.18
N THR D 271 -26.87 -17.51 -8.48
CA THR D 271 -27.31 -16.83 -9.70
C THR D 271 -26.86 -15.37 -9.69
N LEU D 272 -27.02 -14.70 -8.54
CA LEU D 272 -26.56 -13.33 -8.41
C LEU D 272 -25.05 -13.22 -8.59
N ALA D 273 -24.31 -14.19 -8.05
CA ALA D 273 -22.84 -14.15 -8.14
C ALA D 273 -22.37 -14.23 -9.58
N ASP D 274 -23.06 -15.00 -10.43
CA ASP D 274 -22.66 -15.10 -11.82
C ASP D 274 -22.83 -13.77 -12.54
N PHE D 275 -23.82 -12.96 -12.16
CA PHE D 275 -23.99 -11.65 -12.77
C PHE D 275 -22.87 -10.71 -12.35
N PHE D 276 -22.57 -10.65 -11.07
CA PHE D 276 -21.61 -9.70 -10.56
C PHE D 276 -20.16 -10.10 -10.82
N THR D 277 -19.92 -11.29 -11.38
CA THR D 277 -18.60 -11.70 -11.82
C THR D 277 -18.49 -11.76 -13.33
N LYS D 278 -19.51 -11.27 -14.06
CA LYS D 278 -19.57 -11.25 -15.51
C LYS D 278 -19.56 -12.64 -16.13
N LYS D 279 -19.81 -13.69 -15.34
CA LYS D 279 -19.89 -15.03 -15.90
C LYS D 279 -21.09 -15.15 -16.83
N LYS D 280 -22.25 -14.69 -16.37
CA LYS D 280 -23.46 -14.68 -17.19
C LYS D 280 -23.99 -13.26 -17.28
N LEU D 281 -24.75 -13.01 -18.33
CA LEU D 281 -25.42 -11.73 -18.50
C LEU D 281 -26.90 -11.92 -18.26
N PRO D 282 -27.54 -11.04 -17.50
CA PRO D 282 -28.98 -11.21 -17.23
C PRO D 282 -29.79 -11.09 -18.52
N THR D 283 -30.80 -11.95 -18.65
CA THR D 283 -31.70 -11.81 -19.77
C THR D 283 -32.54 -10.54 -19.61
N PHE D 284 -33.24 -10.16 -20.68
CA PHE D 284 -34.09 -8.97 -20.62
C PHE D 284 -35.16 -9.12 -19.54
N ASP D 285 -35.73 -10.32 -19.39
CA ASP D 285 -36.71 -10.52 -18.33
C ASP D 285 -36.06 -10.45 -16.96
N GLU D 286 -34.86 -11.01 -16.82
CA GLU D 286 -34.16 -10.97 -15.55
C GLU D 286 -33.72 -9.55 -15.21
N LEU D 287 -33.31 -8.78 -16.21
CA LEU D 287 -32.88 -7.40 -15.98
C LEU D 287 -34.02 -6.55 -15.46
N LYS D 288 -35.24 -6.79 -15.95
CA LYS D 288 -36.40 -6.04 -15.45
C LYS D 288 -36.71 -6.41 -14.00
N ILE D 289 -36.47 -7.67 -13.61
CA ILE D 289 -36.66 -8.03 -12.21
C ILE D 289 -35.65 -7.31 -11.33
N ILE D 290 -34.38 -7.25 -11.76
CA ILE D 290 -33.36 -6.53 -11.00
C ILE D 290 -33.68 -5.04 -10.95
N ALA D 291 -34.10 -4.47 -12.08
CA ALA D 291 -34.39 -3.05 -12.14
C ALA D 291 -35.52 -2.67 -11.20
N LYS D 292 -36.59 -3.47 -11.17
CA LYS D 292 -37.68 -3.18 -10.24
C LYS D 292 -37.21 -3.28 -8.79
N ALA D 293 -36.39 -4.27 -8.49
CA ALA D 293 -35.89 -4.43 -7.12
C ALA D 293 -35.03 -3.25 -6.70
N LEU D 294 -34.31 -2.65 -7.64
CA LEU D 294 -33.48 -1.48 -7.37
C LEU D 294 -34.26 -0.18 -7.54
N ASN D 295 -35.56 -0.25 -7.82
CA ASN D 295 -36.42 0.91 -7.99
C ASN D 295 -35.91 1.82 -9.11
N VAL D 296 -35.46 1.22 -10.20
CA VAL D 296 -35.05 1.92 -11.40
C VAL D 296 -35.63 1.17 -12.60
N ASN D 297 -35.33 1.68 -13.79
CA ASN D 297 -35.79 1.09 -15.04
C ASN D 297 -34.71 0.21 -15.63
N SER D 298 -35.14 -0.83 -16.38
CA SER D 298 -34.18 -1.66 -17.09
C SER D 298 -33.32 -0.79 -18.01
N ARG D 299 -33.93 0.23 -18.60
CA ARG D 299 -33.21 1.22 -19.38
C ARG D 299 -32.05 1.83 -18.60
N ASP D 300 -32.22 2.00 -17.29
CA ASP D 300 -31.17 2.59 -16.47
C ASP D 300 -30.01 1.61 -16.22
N LEU D 301 -30.29 0.31 -16.20
CA LEU D 301 -29.25 -0.69 -16.01
C LEU D 301 -28.58 -1.10 -17.31
N MET D 302 -29.20 -0.83 -18.45
CA MET D 302 -28.63 -1.28 -19.71
C MET D 302 -27.47 -0.38 -20.13
N PRO D 303 -26.38 -0.95 -20.60
CA PRO D 303 -25.38 -0.15 -21.31
C PRO D 303 -25.84 0.02 -22.75
N ASN D 304 -25.03 0.74 -23.53
CA ASN D 304 -25.24 0.79 -24.96
C ASN D 304 -25.14 -0.60 -25.56
N ASP D 305 -25.61 -0.73 -26.80
CA ASP D 305 -25.67 -2.05 -27.43
C ASP D 305 -24.28 -2.62 -27.69
N LEU D 306 -23.33 -1.80 -28.16
CA LEU D 306 -21.96 -2.23 -28.32
C LEU D 306 -21.00 -1.10 -27.98
N THR D 307 -19.73 -1.45 -27.82
CA THR D 307 -18.66 -0.50 -27.47
C THR D 307 -17.95 -0.05 -28.74
N GLU D 308 -17.97 1.26 -29.00
CA GLU D 308 -17.35 1.83 -30.18
C GLU D 308 -15.87 2.11 -29.94
N SER D 309 -15.11 2.16 -31.02
CA SER D 309 -13.73 2.58 -30.93
C SER D 309 -13.65 4.04 -30.52
N LYS D 310 -12.52 4.41 -29.91
CA LYS D 310 -12.34 5.79 -29.50
C LYS D 310 -12.21 6.71 -30.72
N VAL D 311 -11.73 6.17 -31.83
CA VAL D 311 -11.58 6.89 -33.08
C VAL D 311 -12.32 6.12 -34.16
N ILE D 312 -13.18 6.81 -34.90
CA ILE D 312 -13.96 6.22 -35.98
C ILE D 312 -13.50 6.86 -37.28
N VAL D 313 -13.10 6.03 -38.23
CA VAL D 313 -12.68 6.49 -39.55
C VAL D 313 -13.61 5.89 -40.59
N LYS D 314 -14.14 6.72 -41.48
CA LYS D 314 -15.11 6.25 -42.46
C LYS D 314 -14.78 6.92 -43.78
N THR D 315 -14.36 6.13 -44.76
CA THR D 315 -14.09 6.67 -46.08
C THR D 315 -15.41 6.92 -46.81
N HIS D 316 -15.36 7.80 -47.82
CA HIS D 316 -16.61 8.22 -48.45
C HIS D 316 -17.36 7.05 -49.07
N ASP D 317 -16.64 6.10 -49.67
CA ASP D 317 -17.33 4.99 -50.31
C ASP D 317 -18.02 4.07 -49.29
N GLN D 318 -17.73 4.22 -48.00
CA GLN D 318 -18.38 3.44 -46.96
C GLN D 318 -19.68 4.07 -46.48
N CYS D 319 -20.03 5.26 -46.98
CA CYS D 319 -21.21 5.97 -46.51
C CYS D 319 -22.45 5.46 -47.23
N ASP D 320 -23.40 4.94 -46.48
CA ASP D 320 -24.70 4.64 -47.04
C ASP D 320 -25.38 5.95 -47.45
N HIS D 321 -26.26 5.86 -48.45
CA HIS D 321 -26.94 7.04 -48.93
C HIS D 321 -28.33 6.68 -49.42
N TRP D 322 -29.18 7.69 -49.50
CA TRP D 322 -30.57 7.51 -49.90
C TRP D 322 -31.15 8.87 -50.30
N LYS D 323 -32.24 8.82 -51.05
CA LYS D 323 -32.94 10.04 -51.45
C LYS D 323 -33.95 10.44 -50.38
N TYR D 324 -34.04 11.74 -50.13
CA TYR D 324 -34.99 12.30 -49.16
C TYR D 324 -35.57 13.62 -49.66
N PRO D 325 -36.88 13.82 -49.52
CA PRO D 325 -37.88 12.86 -49.06
C PRO D 325 -38.26 11.92 -50.20
N GLU D 326 -39.47 11.37 -50.17
CA GLU D 326 -39.94 10.52 -51.26
C GLU D 326 -39.84 11.23 -52.61
N SER D 327 -40.04 12.55 -52.63
CA SER D 327 -39.92 13.29 -53.88
C SER D 327 -38.48 13.30 -54.40
N GLY D 328 -37.50 13.29 -53.51
CA GLY D 328 -36.13 13.09 -53.90
C GLY D 328 -35.36 14.38 -54.07
N ASN D 329 -35.68 15.41 -53.31
CA ASN D 329 -35.03 16.69 -53.45
C ASN D 329 -33.59 16.66 -53.01
N TYR D 330 -33.22 15.70 -52.16
CA TYR D 330 -31.89 15.61 -51.61
C TYR D 330 -31.39 14.17 -51.74
N GLU D 331 -30.08 14.01 -51.64
CA GLU D 331 -29.44 12.71 -51.45
C GLU D 331 -28.58 12.83 -50.20
N PHE D 332 -28.94 12.09 -49.17
CA PHE D 332 -28.26 12.14 -47.89
C PHE D 332 -27.15 11.10 -47.86
N TYR D 333 -25.96 11.49 -47.41
CA TYR D 333 -24.84 10.57 -47.22
C TYR D 333 -24.52 10.52 -45.73
N GLU D 334 -24.54 9.31 -45.17
CA GLU D 334 -24.32 9.10 -43.75
C GLU D 334 -22.84 9.14 -43.46
N LEU D 335 -22.37 10.20 -42.81
CA LEU D 335 -20.95 10.36 -42.54
C LEU D 335 -20.59 9.60 -41.26
N ALA D 336 -19.37 9.81 -40.76
CA ALA D 336 -18.90 9.10 -39.58
C ALA D 336 -19.75 9.40 -38.37
N SER D 337 -19.92 8.39 -37.51
CA SER D 337 -20.75 8.50 -36.33
C SER D 337 -20.32 7.47 -35.30
N THR D 338 -20.84 7.60 -34.09
CA THR D 338 -20.59 6.64 -33.03
C THR D 338 -21.84 6.57 -32.15
N THR D 339 -22.24 5.35 -31.79
CA THR D 339 -23.40 5.20 -30.90
C THR D 339 -23.10 5.69 -29.48
N ALA D 340 -21.86 6.03 -29.18
CA ALA D 340 -21.59 6.72 -27.92
C ALA D 340 -22.27 8.09 -27.89
N LEU D 341 -22.55 8.66 -29.05
CA LEU D 341 -23.29 9.92 -29.18
C LEU D 341 -24.46 9.67 -30.11
N PRO D 342 -25.54 9.07 -29.62
CA PRO D 342 -26.65 8.72 -30.51
C PRO D 342 -27.35 9.93 -31.10
N HIS D 343 -27.13 11.13 -30.57
CA HIS D 343 -27.76 12.34 -31.07
C HIS D 343 -26.85 13.18 -31.95
N SER D 344 -25.68 12.66 -32.32
CA SER D 344 -24.76 13.32 -33.23
C SER D 344 -24.88 12.69 -34.61
N LYS D 345 -25.41 13.45 -35.55
CA LYS D 345 -25.67 12.98 -36.92
C LYS D 345 -24.95 13.88 -37.90
N ALA D 346 -24.16 13.29 -38.78
CA ALA D 346 -23.39 14.04 -39.77
C ALA D 346 -23.78 13.59 -41.17
N PHE D 347 -24.08 14.55 -42.04
CA PHE D 347 -24.55 14.24 -43.38
C PHE D 347 -23.85 15.11 -44.40
N GLU D 348 -23.56 14.52 -45.56
CA GLU D 348 -23.22 15.24 -46.78
C GLU D 348 -24.44 15.13 -47.68
N ILE D 349 -24.98 16.27 -48.10
CA ILE D 349 -26.27 16.30 -48.79
C ILE D 349 -26.09 16.93 -50.16
N ASP D 350 -26.46 16.19 -51.20
CA ASP D 350 -26.58 16.73 -52.56
C ASP D 350 -28.00 17.23 -52.74
N VAL D 351 -28.15 18.52 -53.00
CA VAL D 351 -29.46 19.16 -53.18
C VAL D 351 -29.63 19.51 -54.66
N SER D 352 -30.70 18.99 -55.27
CA SER D 352 -31.03 19.34 -56.65
C SER D 352 -32.54 19.48 -56.80
N SER D 353 -33.10 20.52 -56.17
CA SER D 353 -34.52 20.81 -56.18
C SER D 353 -34.71 22.29 -56.46
N SER D 354 -35.80 22.64 -57.12
CA SER D 354 -35.92 24.07 -57.41
C SER D 354 -37.26 24.69 -57.01
N GLU D 355 -38.38 23.99 -57.26
CA GLU D 355 -39.69 24.65 -57.18
C GLU D 355 -40.55 24.19 -56.01
N ASP D 356 -40.08 23.23 -55.22
CA ASP D 356 -40.87 22.65 -54.13
C ASP D 356 -40.96 23.63 -52.96
N LEU D 357 -42.14 24.22 -52.75
CA LEU D 357 -42.32 25.18 -51.65
C LEU D 357 -42.39 24.54 -50.28
N ASN D 358 -42.42 23.22 -50.19
CA ASN D 358 -42.56 22.57 -48.90
C ASN D 358 -41.31 22.75 -48.05
N LEU D 359 -41.51 23.05 -46.77
CA LEU D 359 -40.44 22.95 -45.78
C LEU D 359 -40.33 21.47 -45.45
N ASP D 360 -39.33 20.79 -46.02
CA ASP D 360 -39.31 19.34 -45.99
C ASP D 360 -38.30 18.75 -45.03
N LEU D 361 -37.58 19.59 -44.28
CA LEU D 361 -36.62 19.14 -43.28
C LEU D 361 -37.00 19.73 -41.93
N LYS D 362 -37.03 18.89 -40.90
CA LYS D 362 -37.38 19.34 -39.55
C LYS D 362 -36.86 18.30 -38.57
N VAL D 363 -36.06 18.73 -37.60
CA VAL D 363 -35.40 17.78 -36.72
C VAL D 363 -35.16 18.42 -35.37
N GLY D 364 -35.39 17.64 -34.31
CA GLY D 364 -35.22 18.12 -32.95
C GLY D 364 -33.80 18.04 -32.43
N LEU D 365 -32.88 18.74 -33.10
CA LEU D 365 -31.49 18.83 -32.72
C LEU D 365 -30.94 20.19 -33.12
N HIS D 366 -29.85 20.59 -32.49
CA HIS D 366 -29.06 21.71 -32.99
C HIS D 366 -28.43 21.34 -34.33
N GLN D 367 -28.37 22.30 -35.26
CA GLN D 367 -27.89 22.02 -36.60
C GLN D 367 -26.88 23.05 -37.07
N TYR D 368 -25.81 22.56 -37.68
CA TYR D 368 -24.77 23.37 -38.29
C TYR D 368 -24.68 23.00 -39.77
N VAL D 369 -24.59 24.01 -40.63
CA VAL D 369 -24.56 23.83 -42.08
C VAL D 369 -23.32 24.49 -42.63
N TYR D 370 -22.70 23.89 -43.63
CA TYR D 370 -21.58 24.49 -44.33
C TYR D 370 -21.67 24.13 -45.81
N ASN D 371 -21.61 25.13 -46.67
CA ASN D 371 -21.71 24.93 -48.11
C ASN D 371 -20.35 24.48 -48.64
N ILE D 372 -20.21 23.17 -48.87
CA ILE D 372 -18.95 22.62 -49.39
C ILE D 372 -18.92 22.55 -50.91
N GLY D 373 -20.01 22.85 -51.59
CA GLY D 373 -20.03 22.87 -53.05
C GLY D 373 -19.46 24.16 -53.60
N ASP D 374 -19.59 24.30 -54.92
CA ASP D 374 -19.10 25.48 -55.62
C ASP D 374 -20.23 26.31 -56.22
N SER D 375 -21.44 26.13 -55.72
CA SER D 375 -22.60 26.87 -56.18
C SER D 375 -23.36 27.40 -54.97
N ALA D 376 -24.12 28.47 -55.19
CA ALA D 376 -24.93 29.04 -54.13
C ALA D 376 -26.20 28.22 -53.93
N LEU D 377 -26.70 28.24 -52.70
CA LEU D 377 -27.95 27.58 -52.37
C LEU D 377 -28.84 28.54 -51.60
N THR D 378 -30.14 28.26 -51.65
CA THR D 378 -31.14 29.04 -50.95
C THR D 378 -31.71 28.24 -49.78
N ILE D 379 -31.85 28.90 -48.64
CA ILE D 379 -32.47 28.31 -47.46
C ILE D 379 -33.82 28.99 -47.28
N ASN D 380 -34.89 28.20 -47.23
CA ASN D 380 -36.22 28.69 -46.88
C ASN D 380 -36.58 28.14 -45.51
N TRP D 381 -37.14 28.98 -44.66
CA TRP D 381 -37.52 28.52 -43.33
C TRP D 381 -38.57 29.44 -42.72
N ASN D 382 -39.16 28.96 -41.63
CA ASN D 382 -40.21 29.63 -40.90
C ASN D 382 -39.82 29.66 -39.42
N TYR D 383 -40.09 30.79 -38.75
CA TYR D 383 -39.75 30.91 -37.33
C TYR D 383 -40.63 31.99 -36.70
N GLU D 384 -41.39 31.59 -35.68
CA GLU D 384 -42.28 32.49 -34.94
C GLU D 384 -43.20 33.28 -35.87
N ASN D 385 -43.90 32.53 -36.73
CA ASN D 385 -44.90 33.07 -37.65
C ASN D 385 -44.30 34.03 -38.67
N LYS D 386 -42.98 34.05 -38.85
CA LYS D 386 -42.32 34.80 -39.90
C LYS D 386 -41.62 33.83 -40.86
N THR D 387 -41.43 34.28 -42.09
CA THR D 387 -40.88 33.44 -43.16
C THR D 387 -39.69 34.14 -43.78
N TYR D 388 -38.61 33.39 -43.99
CA TYR D 388 -37.38 33.96 -44.50
C TYR D 388 -36.89 33.20 -45.72
N GLN D 389 -36.03 33.86 -46.48
CA GLN D 389 -35.38 33.24 -47.63
C GLN D 389 -34.03 33.91 -47.78
N LYS D 390 -32.96 33.12 -47.68
CA LYS D 390 -31.61 33.68 -47.73
C LYS D 390 -30.73 32.77 -48.57
N SER D 391 -29.62 33.34 -49.04
CA SER D 391 -28.65 32.61 -49.86
C SER D 391 -27.52 32.10 -48.98
N LEU D 392 -27.07 30.89 -49.29
CA LEU D 392 -25.93 30.27 -48.62
C LEU D 392 -24.90 30.03 -49.73
N ASN D 393 -23.91 30.90 -49.82
CA ASN D 393 -22.88 30.83 -50.85
C ASN D 393 -21.79 29.83 -50.45
N PRO D 394 -20.97 29.40 -51.42
CA PRO D 394 -19.84 28.52 -51.07
C PRO D 394 -18.97 29.13 -49.98
N GLY D 395 -18.72 28.35 -48.93
CA GLY D 395 -17.98 28.81 -47.78
C GLY D 395 -18.82 29.48 -46.71
N ASP D 396 -20.08 29.81 -46.98
CA ASP D 396 -20.93 30.32 -45.92
C ASP D 396 -21.35 29.17 -45.01
N SER D 397 -21.63 29.49 -43.74
CA SER D 397 -22.09 28.51 -42.78
C SER D 397 -23.30 29.04 -42.03
N ALA D 398 -24.01 28.15 -41.35
CA ALA D 398 -25.22 28.54 -40.65
C ALA D 398 -25.46 27.65 -39.44
N TYR D 399 -26.08 28.24 -38.41
CA TYR D 399 -26.64 27.49 -37.29
C TYR D 399 -28.16 27.57 -37.36
N ILE D 400 -28.82 26.44 -37.10
CA ILE D 400 -30.27 26.32 -37.19
C ILE D 400 -30.81 25.82 -35.85
N LYS D 401 -31.79 26.54 -35.30
CA LYS D 401 -32.38 26.15 -34.03
C LYS D 401 -33.15 24.84 -34.20
N PRO D 402 -33.28 24.05 -33.14
CA PRO D 402 -34.02 22.77 -33.23
C PRO D 402 -35.47 22.97 -33.65
N PHE D 403 -35.96 22.04 -34.46
CA PHE D 403 -37.34 21.93 -34.93
C PHE D 403 -37.75 23.01 -35.92
N VAL D 404 -36.81 23.86 -36.35
CA VAL D 404 -37.17 24.87 -37.35
C VAL D 404 -37.46 24.17 -38.66
N PRO D 405 -38.66 24.31 -39.22
CA PRO D 405 -38.94 23.70 -40.53
C PRO D 405 -38.27 24.50 -41.64
N HIS D 406 -37.59 23.80 -42.56
CA HIS D 406 -36.78 24.46 -43.57
C HIS D 406 -36.57 23.54 -44.76
N ASN D 407 -35.96 24.09 -45.80
CA ASN D 407 -35.49 23.31 -46.93
C ASN D 407 -34.24 23.97 -47.51
N PHE D 408 -33.61 23.26 -48.44
CA PHE D 408 -32.52 23.79 -49.24
C PHE D 408 -32.90 23.65 -50.71
N ARG D 409 -32.71 24.73 -51.47
CA ARG D 409 -33.14 24.77 -52.86
C ARG D 409 -31.99 25.21 -53.76
N GLY D 410 -31.92 24.59 -54.92
CA GLY D 410 -30.86 24.86 -55.88
C GLY D 410 -30.11 23.61 -56.26
N ASN D 411 -28.88 23.78 -56.74
CA ASN D 411 -28.01 22.66 -57.10
C ASN D 411 -26.69 22.85 -56.40
N GLY D 412 -26.35 21.93 -55.50
CA GLY D 412 -25.13 22.08 -54.75
C GLY D 412 -24.97 20.98 -53.74
N LYS D 413 -24.02 21.19 -52.83
CA LYS D 413 -23.66 20.20 -51.83
C LYS D 413 -23.42 20.93 -50.52
N ILE D 414 -23.93 20.36 -49.42
CA ILE D 414 -23.74 20.94 -48.10
C ILE D 414 -23.31 19.86 -47.13
N LEU D 415 -22.61 20.29 -46.09
CA LEU D 415 -22.24 19.46 -44.94
C LEU D 415 -23.10 19.87 -43.76
N ILE D 416 -23.67 18.89 -43.06
CA ILE D 416 -24.56 19.13 -41.94
C ILE D 416 -24.14 18.25 -40.77
N LEU D 417 -24.00 18.85 -39.59
CA LEU D 417 -23.82 18.12 -38.34
C LEU D 417 -24.95 18.48 -37.39
N ARG D 418 -25.60 17.47 -36.83
CA ARG D 418 -26.67 17.64 -35.87
C ARG D 418 -26.24 17.06 -34.54
N ILE D 419 -26.46 17.83 -33.45
CA ILE D 419 -26.11 17.39 -32.11
C ILE D 419 -27.25 17.73 -31.16
N GLY D 420 -27.30 16.98 -30.05
CA GLY D 420 -28.39 17.10 -29.11
C GLY D 420 -28.19 18.18 -28.07
N GLY D 421 -26.95 18.61 -27.85
CA GLY D 421 -26.71 19.53 -26.76
C GLY D 421 -27.06 18.88 -25.44
N LYS D 422 -27.63 19.67 -24.53
CA LYS D 422 -28.07 19.14 -23.24
C LYS D 422 -29.51 18.66 -23.23
N ILE D 423 -30.27 18.90 -24.29
CA ILE D 423 -31.72 18.69 -24.24
C ILE D 423 -32.06 17.22 -24.44
N SER D 424 -31.50 16.62 -25.48
CA SER D 424 -31.85 15.24 -25.82
C SER D 424 -31.37 14.27 -24.74
N GLY D 425 -32.18 13.25 -24.48
CA GLY D 425 -31.85 12.26 -23.48
C GLY D 425 -32.66 12.47 -22.20
N ASP D 426 -31.96 12.57 -21.07
CA ASP D 426 -32.63 12.67 -19.76
C ASP D 426 -33.50 13.90 -19.68
N SER D 427 -32.99 15.06 -20.12
CA SER D 427 -33.74 16.31 -19.98
C SER D 427 -35.03 16.28 -20.79
N GLN D 428 -34.95 15.82 -22.04
CA GLN D 428 -36.14 15.71 -22.87
C GLN D 428 -37.15 14.74 -22.28
N ARG D 429 -36.67 13.64 -21.71
CA ARG D 429 -37.58 12.68 -21.09
C ARG D 429 -38.26 13.27 -19.87
N GLU D 430 -37.52 14.04 -19.06
CA GLU D 430 -38.12 14.71 -17.90
C GLU D 430 -39.16 15.73 -18.36
N LEU D 431 -38.83 16.54 -19.37
CA LEU D 431 -39.78 17.52 -19.88
C LEU D 431 -41.05 16.84 -20.40
N SER D 432 -40.92 15.64 -20.98
CA SER D 432 -42.10 14.93 -21.46
C SER D 432 -42.97 14.48 -20.30
N PHE D 433 -42.35 14.05 -19.19
CA PHE D 433 -43.11 13.62 -18.02
C PHE D 433 -43.86 14.76 -17.36
N VAL D 434 -43.25 15.96 -17.32
CA VAL D 434 -43.94 17.11 -16.74
C VAL D 434 -45.23 17.39 -17.49
N GLY D 435 -45.25 17.14 -18.79
CA GLY D 435 -46.45 17.24 -19.60
C GLY D 435 -46.36 18.38 -20.59
N ARG D 436 -47.07 18.22 -21.72
CA ARG D 436 -47.04 19.23 -22.76
C ARG D 436 -47.69 20.54 -22.32
N GLU D 437 -48.69 20.46 -21.44
CA GLU D 437 -49.39 21.67 -21.03
C GLU D 437 -48.55 22.54 -20.09
N ASN D 438 -47.48 22.01 -19.53
CA ASN D 438 -46.65 22.76 -18.60
C ASN D 438 -45.32 23.18 -19.18
N THR D 439 -45.08 22.89 -20.47
CA THR D 439 -43.76 23.12 -21.06
C THR D 439 -43.39 24.60 -21.03
N GLN D 440 -44.36 25.49 -21.26
CA GLN D 440 -44.07 26.92 -21.30
C GLN D 440 -43.55 27.43 -19.96
N ARG D 441 -44.21 27.07 -18.86
CA ARG D 441 -43.75 27.52 -17.55
C ARG D 441 -42.44 26.85 -17.14
N ALA D 442 -42.24 25.58 -17.52
CA ALA D 442 -41.00 24.90 -17.16
C ALA D 442 -39.80 25.58 -17.80
N ILE D 443 -39.97 26.08 -19.02
CA ILE D 443 -38.87 26.74 -19.72
C ILE D 443 -38.62 28.13 -19.14
N SER D 444 -39.69 28.88 -18.85
CA SER D 444 -39.55 30.23 -18.34
C SER D 444 -40.76 30.53 -17.46
N GLU D 445 -40.53 30.70 -16.16
CA GLU D 445 -41.63 30.89 -15.22
C GLU D 445 -42.21 32.29 -15.33
N THR D 446 -43.55 32.38 -15.35
CA THR D 446 -44.24 33.64 -15.55
C THR D 446 -45.15 34.05 -14.41
N MET D 447 -45.34 33.20 -13.40
CA MET D 447 -46.25 33.51 -12.32
C MET D 447 -45.61 33.13 -11.00
N GLN D 448 -46.00 33.84 -9.95
CA GLN D 448 -45.61 33.47 -8.60
C GLN D 448 -46.20 32.09 -8.30
N TRP D 449 -45.51 31.34 -7.45
CA TRP D 449 -45.92 29.95 -7.21
C TRP D 449 -47.26 29.85 -6.50
N PHE D 450 -47.76 30.92 -5.92
CA PHE D 450 -49.09 30.95 -5.34
C PHE D 450 -49.65 32.37 -5.43
N ASP D 451 -50.98 32.47 -5.39
CA ASP D 451 -51.67 33.75 -5.33
C ASP D 451 -52.05 34.04 -3.89
N PRO D 452 -51.57 35.13 -3.28
CA PRO D 452 -51.91 35.38 -1.87
C PRO D 452 -53.38 35.71 -1.64
N LYS D 453 -54.11 36.14 -2.66
CA LYS D 453 -55.54 36.34 -2.51
C LYS D 453 -56.27 35.03 -2.22
N GLY D 454 -55.67 33.89 -2.58
CA GLY D 454 -56.23 32.60 -2.22
C GLY D 454 -57.05 31.93 -3.31
N SER D 455 -58.02 31.12 -2.90
CA SER D 455 -58.92 30.44 -3.84
C SER D 455 -60.36 30.86 -3.62
N ASN D 456 -60.66 32.14 -3.80
CA ASN D 456 -62.02 32.65 -3.67
C ASN D 456 -62.88 32.19 -4.86
N ASP E 10 -76.25 -54.93 -33.80
CA ASP E 10 -75.05 -55.35 -33.09
C ASP E 10 -73.88 -54.44 -33.43
N SER E 11 -73.63 -53.45 -32.56
CA SER E 11 -72.61 -52.46 -32.86
C SER E 11 -71.20 -52.96 -32.57
N TYR E 12 -71.04 -53.96 -31.70
CA TYR E 12 -69.73 -54.55 -31.47
C TYR E 12 -69.20 -55.25 -32.73
N LEU E 13 -70.06 -56.01 -33.40
CA LEU E 13 -69.61 -56.79 -34.56
C LEU E 13 -69.26 -55.91 -35.75
N ILE E 14 -69.97 -54.79 -35.92
CA ILE E 14 -69.66 -53.87 -37.00
C ILE E 14 -68.27 -53.27 -36.80
N ARG E 15 -68.01 -52.78 -35.57
CA ARG E 15 -66.70 -52.20 -35.26
C ARG E 15 -65.60 -53.25 -35.33
N SER E 16 -65.88 -54.46 -34.87
CA SER E 16 -64.90 -55.54 -34.94
C SER E 16 -64.58 -55.91 -36.38
N GLY E 17 -65.59 -55.86 -37.25
CA GLY E 17 -65.34 -56.12 -38.66
C GLY E 17 -64.52 -55.03 -39.32
N ASN E 18 -64.80 -53.77 -38.97
CA ASN E 18 -63.96 -52.67 -39.44
C ASN E 18 -62.52 -52.84 -38.97
N ASN E 19 -62.33 -53.34 -37.75
CA ASN E 19 -60.98 -53.53 -37.23
C ASN E 19 -60.23 -54.59 -38.01
N PHE E 20 -60.91 -55.68 -38.40
CA PHE E 20 -60.26 -56.70 -39.21
C PHE E 20 -59.92 -56.18 -40.60
N LEU E 21 -60.80 -55.37 -41.17
CA LEU E 21 -60.52 -54.75 -42.46
C LEU E 21 -59.26 -53.89 -42.41
N GLY E 22 -59.12 -53.10 -41.34
CA GLY E 22 -57.94 -52.25 -41.20
C GLY E 22 -56.66 -53.04 -41.14
N ILE E 23 -56.67 -54.17 -40.43
CA ILE E 23 -55.49 -55.02 -40.36
C ILE E 23 -55.10 -55.51 -41.75
N LEU E 24 -56.10 -55.91 -42.55
CA LEU E 24 -55.82 -56.40 -43.90
C LEU E 24 -55.29 -55.29 -44.79
N ASN E 25 -55.89 -54.10 -44.72
CA ASN E 25 -55.39 -52.96 -45.49
C ASN E 25 -53.94 -52.65 -45.14
N ASP E 26 -53.61 -52.70 -43.85
CA ASP E 26 -52.28 -52.26 -43.42
C ASP E 26 -51.18 -53.21 -43.89
N ILE E 27 -51.49 -54.51 -44.02
CA ILE E 27 -50.52 -55.47 -44.55
C ILE E 27 -50.72 -55.71 -46.05
N LYS E 28 -51.59 -54.92 -46.70
CA LYS E 28 -51.84 -55.02 -48.14
C LYS E 28 -52.33 -56.41 -48.53
N ARG E 29 -53.36 -56.87 -47.83
CA ARG E 29 -53.99 -58.15 -48.12
C ARG E 29 -55.43 -57.91 -48.51
N ARG E 30 -55.79 -58.36 -49.71
CA ARG E 30 -57.19 -58.37 -50.11
C ARG E 30 -57.92 -59.49 -49.38
N PRO E 31 -59.26 -59.46 -49.37
CA PRO E 31 -60.01 -60.60 -48.81
C PRO E 31 -59.57 -61.93 -49.38
N GLU E 32 -59.26 -61.97 -50.68
CA GLU E 32 -58.78 -63.20 -51.30
C GLU E 32 -57.41 -63.60 -50.76
N ASP E 33 -56.54 -62.61 -50.51
CA ASP E 33 -55.22 -62.91 -49.97
C ASP E 33 -55.31 -63.48 -48.57
N ALA E 34 -56.20 -62.94 -47.74
CA ALA E 34 -56.38 -63.47 -46.39
C ALA E 34 -56.95 -64.87 -46.43
N ALA E 35 -57.88 -65.14 -47.34
CA ALA E 35 -58.46 -66.47 -47.45
C ALA E 35 -57.41 -67.49 -47.86
N ASN E 36 -56.60 -67.15 -48.86
CA ASN E 36 -55.59 -68.10 -49.34
C ASN E 36 -54.52 -68.35 -48.29
N GLU E 37 -54.10 -67.30 -47.57
CA GLU E 37 -53.00 -67.44 -46.63
C GLU E 37 -53.42 -68.06 -45.30
N LEU E 38 -54.67 -67.83 -44.89
CA LEU E 38 -55.17 -68.39 -43.63
C LEU E 38 -55.88 -69.72 -43.80
N GLY E 39 -56.05 -70.19 -45.03
CA GLY E 39 -56.70 -71.47 -45.26
C GLY E 39 -58.16 -71.52 -44.87
N VAL E 40 -58.92 -70.46 -45.17
CA VAL E 40 -60.33 -70.39 -44.85
C VAL E 40 -61.09 -69.88 -46.07
N SER E 41 -62.40 -70.05 -46.04
CA SER E 41 -63.24 -69.63 -47.15
C SER E 41 -63.26 -68.11 -47.26
N ILE E 42 -63.45 -67.63 -48.48
CA ILE E 42 -63.55 -66.19 -48.71
C ILE E 42 -64.86 -65.65 -48.18
N GLU E 43 -65.88 -66.50 -48.03
CA GLU E 43 -67.14 -66.06 -47.45
C GLU E 43 -66.97 -65.75 -45.96
N GLU E 44 -66.19 -66.56 -45.26
CA GLU E 44 -65.93 -66.30 -43.85
C GLU E 44 -65.19 -64.99 -43.66
N ILE E 45 -64.20 -64.72 -44.53
CA ILE E 45 -63.46 -63.47 -44.45
C ILE E 45 -64.38 -62.29 -44.70
N ASN E 46 -65.23 -62.39 -45.73
CA ASN E 46 -66.18 -61.31 -46.00
C ASN E 46 -67.23 -61.19 -44.92
N SER E 47 -67.61 -62.31 -44.30
CA SER E 47 -68.59 -62.25 -43.23
C SER E 47 -68.04 -61.56 -41.99
N ILE E 48 -66.75 -61.73 -41.73
CA ILE E 48 -66.14 -61.02 -40.61
C ILE E 48 -66.05 -59.53 -40.91
N ILE E 49 -65.63 -59.17 -42.13
CA ILE E 49 -65.47 -57.76 -42.49
C ILE E 49 -66.80 -57.03 -42.38
N SER E 50 -67.89 -57.66 -42.82
CA SER E 50 -69.20 -57.03 -42.76
C SER E 50 -69.82 -57.03 -41.38
N GLY E 51 -69.27 -57.77 -40.42
CA GLY E 51 -69.82 -57.80 -39.09
C GLY E 51 -70.92 -58.82 -38.87
N LYS E 52 -71.02 -59.84 -39.72
CA LYS E 52 -72.07 -60.84 -39.56
C LYS E 52 -71.70 -61.89 -38.53
N GLN E 53 -70.43 -62.26 -38.46
CA GLN E 53 -69.96 -63.25 -37.49
C GLN E 53 -68.65 -62.80 -36.90
N LYS E 54 -68.51 -62.96 -35.58
CA LYS E 54 -67.27 -62.63 -34.90
C LYS E 54 -66.17 -63.59 -35.32
N ILE E 55 -64.96 -63.05 -35.46
CA ILE E 55 -63.81 -63.87 -35.83
C ILE E 55 -63.50 -64.87 -34.71
N SER E 56 -63.12 -66.08 -35.11
CA SER E 56 -62.87 -67.19 -34.20
C SER E 56 -61.47 -67.15 -33.64
N PRO E 57 -61.25 -67.74 -32.46
CA PRO E 57 -59.87 -67.86 -31.95
C PRO E 57 -58.95 -68.67 -32.85
N SER E 58 -59.51 -69.63 -33.60
CA SER E 58 -58.69 -70.43 -34.51
C SER E 58 -58.09 -69.58 -35.61
N LEU E 59 -58.86 -68.66 -36.17
CA LEU E 59 -58.34 -67.79 -37.22
C LEU E 59 -57.29 -66.84 -36.68
N ILE E 60 -57.49 -66.34 -35.45
CA ILE E 60 -56.52 -65.44 -34.82
C ILE E 60 -55.19 -66.16 -34.63
N GLU E 61 -55.23 -67.40 -34.12
CA GLU E 61 -54.01 -68.18 -34.00
C GLU E 61 -53.30 -68.34 -35.33
N LYS E 62 -54.07 -68.51 -36.41
CA LYS E 62 -53.45 -68.64 -37.73
C LYS E 62 -52.87 -67.31 -38.19
N ALA E 63 -53.56 -66.20 -37.91
CA ALA E 63 -53.07 -64.90 -38.34
C ALA E 63 -51.79 -64.51 -37.61
N VAL E 64 -51.71 -64.81 -36.31
CA VAL E 64 -50.49 -64.52 -35.56
C VAL E 64 -49.33 -65.36 -36.09
N ASN E 65 -49.62 -66.52 -36.68
CA ASN E 65 -48.56 -67.41 -37.13
C ASN E 65 -47.92 -66.95 -38.44
N ILE E 66 -48.62 -66.18 -39.26
CA ILE E 66 -48.10 -65.77 -40.56
C ILE E 66 -47.92 -64.27 -40.69
N TRP E 67 -48.60 -63.45 -39.90
CA TRP E 67 -48.55 -62.01 -40.03
C TRP E 67 -47.96 -61.37 -38.77
N PRO E 68 -47.38 -60.16 -38.89
CA PRO E 68 -46.81 -59.46 -37.73
C PRO E 68 -47.87 -58.79 -36.85
N VAL E 69 -48.89 -59.54 -36.47
CA VAL E 69 -49.99 -59.03 -35.65
C VAL E 69 -50.02 -59.81 -34.34
N ASN E 70 -50.54 -59.18 -33.31
CA ASN E 70 -50.71 -59.80 -32.01
C ASN E 70 -52.18 -60.13 -31.78
N GLU E 71 -52.42 -61.03 -30.84
CA GLU E 71 -53.80 -61.42 -30.58
C GLU E 71 -54.63 -60.23 -30.13
N ARG E 72 -54.04 -59.35 -29.32
CA ARG E 72 -54.78 -58.20 -28.80
C ARG E 72 -55.22 -57.25 -29.91
N ASP E 73 -54.60 -57.33 -31.09
CA ASP E 73 -55.00 -56.50 -32.21
C ASP E 73 -56.38 -56.87 -32.74
N PHE E 74 -56.88 -58.05 -32.39
CA PHE E 74 -58.17 -58.51 -32.88
C PHE E 74 -59.30 -58.31 -31.89
N TYR E 75 -59.00 -57.95 -30.65
CA TYR E 75 -60.00 -57.74 -29.61
C TYR E 75 -60.22 -56.24 -29.43
N ILE E 76 -61.43 -55.77 -29.74
CA ILE E 76 -61.75 -54.36 -29.62
C ILE E 76 -62.37 -54.08 -28.26
N VAL E 77 -62.52 -52.80 -27.91
CA VAL E 77 -63.10 -52.41 -26.63
C VAL E 77 -64.62 -52.45 -26.72
N SER E 78 -65.26 -53.11 -25.76
CA SER E 78 -66.71 -53.15 -25.70
C SER E 78 -67.24 -51.83 -25.16
N ASP E 79 -68.25 -51.28 -25.81
CA ASP E 79 -68.86 -50.02 -25.37
C ASP E 79 -69.89 -50.33 -24.30
N ASP E 80 -69.51 -50.13 -23.04
CA ASP E 80 -70.41 -50.34 -21.91
C ASP E 80 -71.12 -49.06 -21.49
N CYS E 81 -71.07 -48.02 -22.32
CA CYS E 81 -71.67 -46.73 -22.05
C CYS E 81 -72.44 -46.24 -23.27
N SER E 82 -73.33 -47.09 -23.79
CA SER E 82 -73.92 -46.84 -25.11
C SER E 82 -74.83 -45.62 -25.13
N SER E 83 -75.35 -45.18 -23.99
CA SER E 83 -76.22 -44.00 -23.96
C SER E 83 -75.43 -42.70 -23.81
N GLY E 84 -74.10 -42.77 -23.67
CA GLY E 84 -73.26 -41.61 -23.55
C GLY E 84 -72.87 -41.25 -22.13
N ILE E 85 -73.68 -41.65 -21.14
CA ILE E 85 -73.38 -41.43 -19.73
C ILE E 85 -73.73 -42.72 -18.98
N LEU E 86 -72.81 -43.15 -18.11
CA LEU E 86 -72.97 -44.38 -17.34
C LEU E 86 -72.97 -44.03 -15.85
N ILE E 87 -74.01 -44.47 -15.15
CA ILE E 87 -74.21 -44.15 -13.73
C ILE E 87 -74.05 -45.42 -12.90
N MET E 88 -73.35 -45.28 -11.77
CA MET E 88 -73.24 -46.33 -10.77
C MET E 88 -73.86 -45.83 -9.48
N THR E 89 -74.76 -46.63 -8.90
CA THR E 89 -75.48 -46.22 -7.72
C THR E 89 -74.63 -46.42 -6.47
N SER E 90 -75.00 -45.67 -5.42
CA SER E 90 -74.36 -45.85 -4.11
C SER E 90 -74.52 -47.28 -3.62
N GLN E 91 -75.64 -47.93 -3.94
CA GLN E 91 -75.85 -49.31 -3.53
C GLN E 91 -74.85 -50.25 -4.21
N ASP E 92 -74.62 -50.05 -5.51
CA ASP E 92 -73.62 -50.87 -6.20
C ASP E 92 -72.23 -50.66 -5.63
N SER E 93 -71.92 -49.44 -5.18
CA SER E 93 -70.61 -49.19 -4.59
C SER E 93 -70.43 -49.95 -3.28
N ILE E 94 -71.49 -50.01 -2.46
CA ILE E 94 -71.42 -50.74 -1.20
C ILE E 94 -71.24 -52.24 -1.46
N LYS E 95 -71.88 -52.76 -2.50
CA LYS E 95 -71.76 -54.19 -2.78
C LYS E 95 -70.33 -54.59 -3.12
N SER E 96 -69.54 -53.66 -3.68
CA SER E 96 -68.14 -53.93 -4.03
C SER E 96 -67.20 -53.69 -2.86
N SER E 97 -67.73 -53.41 -1.67
CA SER E 97 -66.88 -53.07 -0.52
C SER E 97 -65.96 -54.23 -0.17
N ARG E 98 -64.71 -53.89 0.15
CA ARG E 98 -63.79 -54.88 0.69
C ARG E 98 -62.83 -54.17 1.62
N ILE E 99 -62.68 -54.74 2.82
CA ILE E 99 -61.85 -54.18 3.88
C ILE E 99 -60.48 -54.83 3.82
N MET E 100 -59.43 -54.02 3.85
CA MET E 100 -58.06 -54.50 3.77
C MET E 100 -57.32 -54.18 5.06
N GLU E 101 -56.61 -55.18 5.57
CA GLU E 101 -55.85 -55.02 6.80
C GLU E 101 -54.40 -54.67 6.48
N ARG E 102 -53.80 -53.88 7.37
CA ARG E 102 -52.38 -53.57 7.37
C ARG E 102 -51.86 -53.69 8.79
N ALA E 103 -50.77 -54.45 8.97
CA ALA E 103 -50.19 -54.73 10.29
C ALA E 103 -51.22 -55.37 11.22
N GLY E 104 -52.06 -56.25 10.66
CA GLY E 104 -52.96 -57.07 11.45
C GLY E 104 -54.28 -56.44 11.82
N LYS E 105 -54.51 -55.17 11.49
CA LYS E 105 -55.75 -54.50 11.83
C LYS E 105 -56.38 -53.92 10.57
N PRO E 106 -57.71 -53.89 10.49
CA PRO E 106 -58.37 -53.27 9.33
C PRO E 106 -57.95 -51.81 9.20
N TYR E 107 -57.51 -51.45 8.00
CA TYR E 107 -56.92 -50.14 7.72
C TYR E 107 -57.73 -49.30 6.75
N TYR E 108 -58.22 -49.89 5.66
CA TYR E 108 -59.00 -49.19 4.65
C TYR E 108 -60.28 -49.97 4.36
N GLU E 109 -61.31 -49.25 3.91
CA GLU E 109 -62.46 -49.85 3.24
C GLU E 109 -62.50 -49.27 1.84
N TYR E 110 -62.28 -50.11 0.82
CA TYR E 110 -62.37 -49.68 -0.58
C TYR E 110 -63.77 -49.93 -1.12
N ARG E 111 -64.25 -49.01 -1.95
CA ARG E 111 -65.46 -49.20 -2.74
C ARG E 111 -65.23 -48.69 -4.16
N ASP E 112 -65.66 -49.46 -5.15
CA ASP E 112 -65.61 -49.01 -6.53
C ASP E 112 -66.65 -47.93 -6.78
N THR E 113 -66.32 -47.00 -7.66
CA THR E 113 -67.26 -46.02 -8.17
C THR E 113 -67.30 -46.15 -9.70
N ALA E 114 -67.98 -45.20 -10.35
CA ALA E 114 -68.27 -45.31 -11.78
C ALA E 114 -67.00 -45.52 -12.60
N MET E 115 -66.96 -46.61 -13.36
CA MET E 115 -65.87 -46.92 -14.26
C MET E 115 -66.43 -47.41 -15.58
N SER E 116 -65.65 -47.25 -16.65
CA SER E 116 -66.05 -47.72 -17.97
C SER E 116 -64.88 -48.39 -18.64
N LYS E 117 -65.17 -49.46 -19.40
CA LYS E 117 -64.13 -50.11 -20.17
C LYS E 117 -63.54 -49.21 -21.25
N THR E 118 -64.19 -48.09 -21.55
CA THR E 118 -63.73 -47.16 -22.59
C THR E 118 -62.91 -46.00 -22.04
N ALA E 119 -62.69 -45.93 -20.72
CA ALA E 119 -62.05 -44.81 -20.07
C ALA E 119 -60.99 -45.31 -19.11
N PRO E 120 -59.99 -44.49 -18.80
CA PRO E 120 -58.92 -44.93 -17.89
C PRO E 120 -59.13 -44.64 -16.40
N PHE E 121 -60.34 -44.23 -15.98
CA PHE E 121 -60.55 -43.91 -14.56
C PHE E 121 -60.44 -45.17 -13.70
N ARG E 122 -59.79 -45.02 -12.54
CA ARG E 122 -59.83 -46.02 -11.47
C ARG E 122 -60.16 -45.28 -10.17
N PRO E 123 -61.40 -44.81 -10.03
CA PRO E 123 -61.73 -43.96 -8.88
C PRO E 123 -62.23 -44.76 -7.69
N GLU E 124 -61.57 -44.62 -6.55
CA GLU E 124 -61.85 -45.45 -5.40
C GLU E 124 -62.34 -44.59 -4.23
N TRP E 125 -63.43 -45.03 -3.64
CA TRP E 125 -63.93 -44.56 -2.35
C TRP E 125 -63.16 -45.30 -1.26
N ILE E 126 -62.43 -44.58 -0.42
CA ILE E 126 -61.53 -45.21 0.56
C ILE E 126 -61.76 -44.56 1.92
N LEU E 127 -62.31 -45.34 2.85
CA LEU E 127 -62.54 -44.90 4.22
C LEU E 127 -61.34 -45.24 5.08
N GLU E 128 -60.92 -44.28 5.90
CA GLU E 128 -59.73 -44.43 6.73
C GLU E 128 -60.10 -45.05 8.07
N LEU E 129 -59.77 -46.33 8.25
CA LEU E 129 -60.16 -47.07 9.43
C LEU E 129 -59.18 -46.94 10.59
N CYS E 130 -57.95 -46.50 10.32
CA CYS E 130 -56.95 -46.33 11.36
C CYS E 130 -56.98 -44.90 11.88
N LYS E 131 -57.10 -44.76 13.20
CA LYS E 131 -57.10 -43.45 13.85
C LYS E 131 -55.76 -43.20 14.52
N VAL E 132 -55.30 -41.94 14.44
CA VAL E 132 -54.02 -41.53 15.01
C VAL E 132 -54.28 -40.47 16.08
N GLU E 133 -53.42 -40.45 17.09
CA GLU E 133 -53.56 -39.56 18.24
C GLU E 133 -52.82 -38.24 18.07
N ASN E 134 -51.92 -38.12 17.10
CA ASN E 134 -51.20 -36.89 16.85
C ASN E 134 -50.99 -36.75 15.34
N ASN E 135 -50.37 -35.64 14.95
CA ASN E 135 -50.09 -35.35 13.54
C ASN E 135 -48.61 -35.49 13.21
N ASP E 136 -47.91 -36.39 13.88
CA ASP E 136 -46.50 -36.64 13.56
C ASP E 136 -46.40 -37.50 12.32
N PRO E 137 -45.71 -37.05 11.26
CA PRO E 137 -45.61 -37.88 10.05
C PRO E 137 -44.92 -39.22 10.27
N GLU E 138 -44.15 -39.37 11.34
CA GLU E 138 -43.48 -40.63 11.63
C GLU E 138 -44.32 -41.56 12.48
N ASN E 139 -45.55 -41.19 12.81
CA ASN E 139 -46.41 -41.98 13.67
C ASN E 139 -46.44 -43.44 13.19
N PRO E 140 -46.05 -44.40 14.02
CA PRO E 140 -45.98 -45.79 13.55
C PRO E 140 -47.34 -46.40 13.23
N LYS E 141 -48.45 -45.76 13.58
CA LYS E 141 -49.76 -46.28 13.22
C LYS E 141 -50.00 -46.18 11.71
N ALA E 142 -49.37 -45.23 11.04
CA ALA E 142 -49.50 -45.08 9.59
C ALA E 142 -48.80 -46.24 8.88
N GLN E 143 -49.54 -46.97 8.06
CA GLN E 143 -49.00 -48.09 7.31
C GLN E 143 -48.87 -47.67 5.85
N TRP E 144 -47.63 -47.57 5.36
CA TRP E 144 -47.33 -47.00 4.06
C TRP E 144 -47.42 -48.04 2.96
N ASN E 145 -47.77 -47.59 1.75
CA ASN E 145 -47.77 -48.44 0.58
C ASN E 145 -46.42 -48.33 -0.14
N ASN E 146 -46.32 -48.99 -1.30
CA ASN E 146 -45.11 -48.97 -2.11
C ASN E 146 -45.15 -47.93 -3.22
N GLY E 147 -46.19 -47.10 -3.29
CA GLY E 147 -46.47 -46.32 -4.47
C GLY E 147 -47.07 -47.17 -5.56
N HIS E 148 -47.81 -46.53 -6.47
CA HIS E 148 -48.49 -47.30 -7.51
C HIS E 148 -48.42 -46.60 -8.86
N PHE E 149 -48.70 -47.38 -9.90
CA PHE E 149 -48.55 -46.94 -11.28
C PHE E 149 -49.52 -45.81 -11.63
N MET E 150 -50.74 -45.87 -11.09
CA MET E 150 -51.77 -44.89 -11.46
C MET E 150 -51.44 -43.51 -10.92
N HIS E 151 -51.62 -42.50 -11.76
CA HIS E 151 -51.72 -41.13 -11.26
C HIS E 151 -52.89 -41.06 -10.29
N GLN E 152 -52.81 -40.14 -9.32
CA GLN E 152 -53.83 -40.06 -8.27
C GLN E 152 -54.19 -38.61 -7.98
N PHE E 153 -55.45 -38.26 -8.25
CA PHE E 153 -56.07 -37.09 -7.66
C PHE E 153 -56.93 -37.55 -6.48
N THR E 154 -57.00 -36.72 -5.45
CA THR E 154 -57.72 -37.09 -4.23
C THR E 154 -58.47 -35.89 -3.68
N TYR E 155 -59.73 -36.14 -3.28
CA TYR E 155 -60.58 -35.16 -2.62
C TYR E 155 -60.83 -35.65 -1.20
N PHE E 156 -60.70 -34.74 -0.23
CA PHE E 156 -60.76 -35.12 1.18
C PHE E 156 -62.11 -34.79 1.79
N ILE E 157 -62.66 -35.73 2.54
CA ILE E 157 -63.93 -35.55 3.26
C ILE E 157 -63.66 -35.96 4.71
N GLY E 158 -63.70 -34.99 5.61
CA GLY E 158 -63.45 -35.26 7.01
C GLY E 158 -62.03 -34.92 7.43
N GLU E 159 -61.69 -35.43 8.61
CA GLU E 159 -60.42 -35.12 9.25
C GLU E 159 -59.41 -36.21 8.87
N VAL E 160 -58.87 -36.08 7.66
CA VAL E 160 -57.95 -37.07 7.11
C VAL E 160 -56.52 -36.51 7.17
N ASN E 161 -55.57 -37.38 7.50
CA ASN E 161 -54.16 -37.09 7.40
C ASN E 161 -53.61 -37.73 6.14
N PHE E 162 -52.92 -36.94 5.33
CA PHE E 162 -52.32 -37.41 4.08
C PHE E 162 -50.81 -37.50 4.30
N TYR E 163 -50.29 -38.73 4.32
CA TYR E 163 -48.86 -38.98 4.46
C TYR E 163 -48.23 -39.22 3.10
N TYR E 164 -47.02 -38.71 2.90
CA TYR E 164 -46.30 -38.90 1.65
C TYR E 164 -44.80 -38.72 1.90
N LYS E 165 -44.01 -39.22 0.95
CA LYS E 165 -42.56 -39.08 0.98
C LYS E 165 -42.10 -38.11 -0.10
N ASP E 166 -41.07 -37.34 0.21
CA ASP E 166 -40.44 -36.49 -0.79
C ASP E 166 -39.49 -37.33 -1.63
N PRO E 167 -38.92 -36.77 -2.71
CA PRO E 167 -37.97 -37.56 -3.52
C PRO E 167 -36.79 -38.09 -2.71
N GLU E 168 -36.47 -37.47 -1.58
CA GLU E 168 -35.36 -37.94 -0.74
C GLU E 168 -35.74 -39.13 0.14
N GLY E 169 -37.03 -39.34 0.42
CA GLY E 169 -37.47 -40.42 1.27
C GLY E 169 -37.93 -40.00 2.65
N LYS E 170 -37.95 -38.71 2.94
CA LYS E 170 -38.42 -38.23 4.22
C LYS E 170 -39.95 -38.29 4.27
N LYS E 171 -40.49 -38.57 5.45
CA LYS E 171 -41.93 -38.61 5.64
C LYS E 171 -42.48 -37.23 5.90
N HIS E 172 -43.58 -36.89 5.23
CA HIS E 172 -44.33 -35.66 5.48
C HIS E 172 -45.78 -36.02 5.73
N VAL E 173 -46.53 -35.07 6.28
CA VAL E 173 -47.97 -35.23 6.48
C VAL E 173 -48.65 -33.89 6.24
N ALA E 174 -49.83 -33.95 5.62
CA ALA E 174 -50.68 -32.78 5.41
C ALA E 174 -51.97 -32.98 6.18
N ILE E 175 -52.32 -32.02 7.02
CA ILE E 175 -53.50 -32.09 7.88
C ILE E 175 -54.68 -31.60 7.06
N MET E 176 -55.48 -32.53 6.56
CA MET E 176 -56.50 -32.23 5.57
C MET E 176 -57.90 -32.21 6.18
N ASN E 177 -58.77 -31.39 5.61
CA ASN E 177 -60.17 -31.28 5.97
C ASN E 177 -61.02 -31.33 4.71
N THR E 178 -62.34 -31.34 4.90
CA THR E 178 -63.27 -31.48 3.79
C THR E 178 -63.09 -30.36 2.76
N GLY E 179 -63.02 -30.75 1.48
CA GLY E 179 -62.82 -29.80 0.41
C GLY E 179 -61.39 -29.60 -0.01
N ASP E 180 -60.42 -30.07 0.79
CA ASP E 180 -59.04 -30.08 0.36
C ASP E 180 -58.84 -31.15 -0.71
N SER E 181 -57.76 -31.01 -1.48
CA SER E 181 -57.49 -31.94 -2.57
C SER E 181 -55.99 -32.02 -2.79
N MET E 182 -55.57 -33.06 -3.50
CA MET E 182 -54.16 -33.23 -3.78
C MET E 182 -53.97 -34.00 -5.08
N TYR E 183 -52.75 -33.96 -5.59
CA TYR E 183 -52.29 -34.87 -6.63
C TYR E 183 -50.96 -35.46 -6.17
N ILE E 184 -50.74 -36.75 -6.48
CA ILE E 184 -49.51 -37.42 -6.11
C ILE E 184 -48.99 -38.21 -7.30
N THR E 185 -47.72 -38.00 -7.63
CA THR E 185 -47.08 -38.58 -8.81
C THR E 185 -46.95 -40.10 -8.67
N PRO E 186 -47.11 -40.85 -9.77
CA PRO E 186 -46.97 -42.31 -9.69
C PRO E 186 -45.72 -42.75 -8.97
N PHE E 187 -45.87 -43.79 -8.14
CA PHE E 187 -44.85 -44.48 -7.39
C PHE E 187 -44.35 -43.67 -6.18
N THR E 188 -44.94 -42.52 -5.89
CA THR E 188 -44.64 -41.82 -4.65
C THR E 188 -45.38 -42.50 -3.51
N PRO E 189 -44.69 -43.03 -2.50
CA PRO E 189 -45.39 -43.74 -1.42
C PRO E 189 -46.24 -42.78 -0.60
N HIS E 190 -47.37 -43.30 -0.11
CA HIS E 190 -48.31 -42.49 0.64
C HIS E 190 -49.22 -43.41 1.45
N THR E 191 -49.95 -42.80 2.39
CA THR E 191 -50.93 -43.53 3.17
C THR E 191 -51.85 -42.50 3.84
N PHE E 192 -52.97 -42.99 4.37
CA PHE E 192 -53.99 -42.12 4.95
C PHE E 192 -54.50 -42.66 6.27
N THR E 193 -54.81 -41.76 7.20
CA THR E 193 -55.41 -42.11 8.47
C THR E 193 -56.50 -41.10 8.80
N THR E 194 -57.25 -41.38 9.86
CA THR E 194 -58.22 -40.46 10.43
C THR E 194 -57.67 -39.88 11.72
N ARG E 195 -57.84 -38.58 11.92
CA ARG E 195 -57.44 -37.95 13.16
C ARG E 195 -58.43 -38.30 14.26
N ASP E 196 -57.95 -38.37 15.51
CA ASP E 196 -58.86 -38.68 16.60
C ASP E 196 -59.89 -37.57 16.76
N GLY E 197 -60.60 -37.55 17.89
CA GLY E 197 -61.70 -36.61 18.07
C GLY E 197 -62.66 -36.36 16.92
N ALA E 198 -62.43 -37.00 15.77
CA ALA E 198 -63.35 -36.84 14.64
C ALA E 198 -64.62 -37.62 14.90
N SER E 199 -65.76 -37.04 14.49
CA SER E 199 -67.05 -37.67 14.74
C SER E 199 -67.19 -38.98 13.97
N GLN E 200 -66.63 -39.05 12.76
CA GLN E 200 -66.68 -40.26 11.96
C GLN E 200 -65.33 -40.45 11.27
N ASN E 201 -65.15 -41.63 10.68
CA ASN E 201 -63.90 -41.90 9.99
C ASN E 201 -63.73 -40.98 8.80
N GLY E 202 -62.48 -40.58 8.54
CA GLY E 202 -62.22 -39.77 7.37
C GLY E 202 -62.39 -40.56 6.09
N LEU E 203 -62.72 -39.84 5.03
CA LEU E 203 -63.00 -40.46 3.74
C LEU E 203 -62.25 -39.70 2.65
N ILE E 204 -61.71 -40.45 1.70
CA ILE E 204 -61.12 -39.86 0.51
C ILE E 204 -61.76 -40.46 -0.73
N LEU E 205 -61.90 -39.63 -1.75
CA LEU E 205 -62.23 -40.08 -3.10
C LEU E 205 -60.92 -40.07 -3.89
N ALA E 206 -60.28 -41.23 -3.95
CA ALA E 206 -59.01 -41.38 -4.63
C ALA E 206 -59.30 -41.59 -6.12
N LEU E 207 -59.23 -40.52 -6.89
CA LEU E 207 -59.52 -40.57 -8.33
C LEU E 207 -58.22 -40.85 -9.04
N THR E 208 -57.91 -42.13 -9.19
CA THR E 208 -56.67 -42.54 -9.85
C THR E 208 -56.94 -42.83 -11.32
N TYR E 209 -55.88 -42.72 -12.13
CA TYR E 209 -56.05 -42.87 -13.58
C TYR E 209 -54.69 -43.03 -14.25
N GLY E 210 -54.72 -43.62 -15.44
CA GLY E 210 -53.58 -43.67 -16.32
C GLY E 210 -53.62 -42.53 -17.33
N SER E 211 -52.47 -42.22 -17.91
CA SER E 211 -52.42 -41.15 -18.90
C SER E 211 -51.84 -41.64 -20.22
N LYS E 212 -50.52 -41.55 -20.37
CA LYS E 212 -49.87 -41.88 -21.65
C LYS E 212 -48.89 -43.04 -21.52
N LEU E 213 -48.99 -43.85 -20.47
CA LEU E 213 -48.10 -44.99 -20.28
C LEU E 213 -48.84 -46.31 -20.11
N THR E 214 -50.14 -46.36 -20.38
CA THR E 214 -50.89 -47.59 -20.17
C THR E 214 -51.13 -48.33 -21.48
N GLY E 215 -51.49 -49.60 -21.35
CA GLY E 215 -51.90 -50.40 -22.49
C GLY E 215 -50.76 -50.67 -23.44
N ASP E 216 -51.01 -50.45 -24.74
CA ASP E 216 -50.02 -50.81 -25.74
C ASP E 216 -48.74 -49.98 -25.61
N ILE E 217 -48.86 -48.73 -25.19
CA ILE E 217 -47.68 -47.90 -24.95
C ILE E 217 -46.75 -48.61 -23.96
N GLN E 218 -47.29 -49.03 -22.82
CA GLN E 218 -46.51 -49.82 -21.87
C GLN E 218 -46.00 -51.11 -22.51
N GLN E 219 -46.83 -51.76 -23.33
CA GLN E 219 -46.43 -53.00 -23.97
C GLN E 219 -45.25 -52.80 -24.92
N GLU E 220 -45.25 -51.68 -25.66
CA GLU E 220 -44.14 -51.38 -26.55
C GLU E 220 -42.82 -51.26 -25.78
N LEU E 221 -42.87 -50.75 -24.55
CA LEU E 221 -41.66 -50.67 -23.74
C LEU E 221 -41.30 -52.02 -23.14
N SER E 222 -42.31 -52.86 -22.86
CA SER E 222 -42.05 -54.13 -22.19
C SER E 222 -41.24 -55.09 -23.06
N SER E 223 -41.37 -55.00 -24.38
CA SER E 223 -40.62 -55.86 -25.28
C SER E 223 -39.16 -55.44 -25.44
N LEU E 224 -38.77 -54.27 -24.94
CA LEU E 224 -37.38 -53.83 -24.96
C LEU E 224 -36.62 -54.31 -23.75
N SER E 225 -35.31 -54.47 -23.92
CA SER E 225 -34.43 -54.72 -22.79
C SER E 225 -34.54 -53.57 -21.81
N LEU E 226 -34.29 -53.86 -20.53
CA LEU E 226 -34.32 -52.80 -19.53
C LEU E 226 -33.33 -51.70 -19.86
N ASP E 227 -32.18 -52.07 -20.43
CA ASP E 227 -31.17 -51.08 -20.80
C ASP E 227 -31.66 -50.15 -21.88
N CYS E 228 -32.28 -50.69 -22.93
CA CYS E 228 -32.73 -49.84 -24.03
C CYS E 228 -33.92 -48.99 -23.61
N GLY E 229 -34.90 -49.59 -22.93
CA GLY E 229 -36.06 -48.82 -22.50
C GLY E 229 -35.72 -47.69 -21.55
N SER E 230 -34.76 -47.91 -20.65
CA SER E 230 -34.42 -46.89 -19.66
C SER E 230 -33.88 -45.62 -20.29
N GLN E 231 -33.35 -45.70 -21.51
CA GLN E 231 -32.81 -44.52 -22.17
C GLN E 231 -33.87 -43.59 -22.70
N TYR E 232 -35.13 -44.00 -22.73
CA TYR E 232 -36.20 -43.07 -23.10
C TYR E 232 -36.44 -42.03 -22.00
N ALA E 233 -36.17 -42.39 -20.75
CA ALA E 233 -36.43 -41.52 -19.61
C ALA E 233 -35.37 -40.43 -19.58
N LEU E 234 -35.75 -39.24 -20.02
CA LEU E 234 -34.88 -38.09 -20.03
C LEU E 234 -34.83 -37.46 -18.64
N ASP E 235 -33.83 -36.61 -18.43
CA ASP E 235 -33.64 -35.89 -17.16
C ASP E 235 -34.59 -34.71 -17.14
N PHE E 236 -35.69 -34.84 -16.41
CA PHE E 236 -36.66 -33.78 -16.21
C PHE E 236 -36.69 -33.28 -14.77
N THR E 237 -35.55 -33.40 -14.05
CA THR E 237 -35.54 -33.01 -12.64
C THR E 237 -35.75 -31.50 -12.48
N ASN E 238 -35.37 -30.71 -13.46
CA ASN E 238 -35.69 -29.28 -13.45
C ASN E 238 -35.72 -28.78 -14.89
N HIS E 239 -36.16 -27.53 -15.04
CA HIS E 239 -36.45 -26.98 -16.36
C HIS E 239 -35.21 -26.93 -17.25
N GLU E 240 -34.07 -26.53 -16.70
CA GLU E 240 -32.86 -26.38 -17.51
C GLU E 240 -32.35 -27.73 -17.99
N ASN E 241 -32.32 -28.74 -17.11
CA ASN E 241 -31.88 -30.06 -17.53
C ASN E 241 -32.84 -30.66 -18.55
N ALA E 242 -34.14 -30.40 -18.38
CA ALA E 242 -35.12 -30.88 -19.35
C ALA E 242 -34.86 -30.25 -20.71
N SER E 243 -34.49 -28.96 -20.72
CA SER E 243 -34.18 -28.29 -21.97
C SER E 243 -32.98 -28.95 -22.65
N LEU E 244 -31.94 -29.25 -21.89
CA LEU E 244 -30.77 -29.90 -22.46
C LEU E 244 -31.08 -31.34 -22.89
N SER E 245 -31.85 -32.07 -22.08
CA SER E 245 -32.19 -33.45 -22.43
C SER E 245 -32.91 -33.53 -23.76
N LEU E 246 -33.85 -32.61 -24.01
CA LEU E 246 -34.57 -32.60 -25.27
C LEU E 246 -33.66 -32.22 -26.45
N LEU E 247 -32.77 -31.25 -26.24
CA LEU E 247 -31.82 -30.88 -27.28
C LEU E 247 -30.93 -32.07 -27.66
N GLU E 248 -30.36 -32.73 -26.65
CA GLU E 248 -29.50 -33.89 -26.92
C GLU E 248 -30.26 -34.98 -27.65
N TYR E 249 -31.44 -35.36 -27.13
CA TYR E 249 -32.21 -36.44 -27.72
C TYR E 249 -32.53 -36.14 -29.18
N TYR E 250 -33.01 -34.94 -29.47
CA TYR E 250 -33.39 -34.63 -30.84
C TYR E 250 -32.19 -34.38 -31.74
N PHE E 251 -31.04 -33.98 -31.18
CA PHE E 251 -29.82 -33.95 -31.96
C PHE E 251 -29.43 -35.35 -32.41
N GLU E 252 -29.61 -36.36 -31.54
CA GLU E 252 -29.25 -37.73 -31.94
C GLU E 252 -30.15 -38.26 -33.03
N LEU E 253 -31.45 -37.96 -32.98
CA LEU E 253 -32.35 -38.42 -34.04
C LEU E 253 -31.94 -37.90 -35.40
N SER E 254 -31.39 -36.68 -35.47
CA SER E 254 -31.02 -36.11 -36.76
C SER E 254 -29.86 -36.88 -37.38
N ASN E 255 -29.03 -37.52 -36.56
CA ASN E 255 -27.81 -38.22 -36.99
C ASN E 255 -26.81 -37.26 -37.62
N LEU E 256 -26.94 -35.96 -37.34
CA LEU E 256 -25.95 -34.98 -37.74
C LEU E 256 -24.68 -35.11 -36.90
N THR E 257 -23.57 -34.64 -37.47
CA THR E 257 -22.39 -34.35 -36.65
C THR E 257 -22.54 -32.96 -36.05
N LYS E 258 -21.73 -32.68 -35.02
CA LYS E 258 -21.68 -31.33 -34.48
C LYS E 258 -21.30 -30.34 -35.57
N GLU E 259 -20.33 -30.69 -36.41
CA GLU E 259 -19.90 -29.79 -37.48
C GLU E 259 -21.04 -29.52 -38.45
N LYS E 260 -21.70 -30.57 -38.94
CA LYS E 260 -22.79 -30.37 -39.88
C LYS E 260 -23.93 -29.60 -39.22
N PHE E 261 -24.22 -29.90 -37.95
CA PHE E 261 -25.22 -29.15 -37.19
C PHE E 261 -24.86 -27.68 -37.12
N ALA E 262 -23.58 -27.37 -36.87
CA ALA E 262 -23.13 -25.99 -36.80
C ALA E 262 -23.28 -25.30 -38.15
N LYS E 263 -22.84 -25.95 -39.23
CA LYS E 263 -22.96 -25.34 -40.54
C LYS E 263 -24.43 -25.15 -40.92
N ARG E 264 -25.27 -26.10 -40.55
CA ARG E 264 -26.68 -26.04 -40.94
C ARG E 264 -27.42 -24.94 -40.21
N THR E 265 -27.09 -24.72 -38.92
CA THR E 265 -27.66 -23.61 -38.18
C THR E 265 -26.94 -22.30 -38.44
N ASN E 266 -25.74 -22.37 -39.03
CA ASN E 266 -24.82 -21.23 -39.13
C ASN E 266 -24.44 -20.71 -37.74
N PHE E 267 -24.35 -21.61 -36.77
CA PHE E 267 -23.77 -21.30 -35.46
C PHE E 267 -22.33 -21.80 -35.45
N SER E 268 -21.49 -21.09 -34.71
CA SER E 268 -20.13 -21.56 -34.51
C SER E 268 -20.13 -22.76 -33.57
N MET E 269 -19.04 -23.55 -33.61
CA MET E 269 -18.92 -24.68 -32.71
C MET E 269 -18.94 -24.25 -31.24
N GLU E 270 -18.37 -23.07 -30.94
CA GLU E 270 -18.35 -22.59 -29.56
C GLU E 270 -19.77 -22.27 -29.07
N THR E 271 -20.56 -21.56 -29.88
CA THR E 271 -21.95 -21.29 -29.54
C THR E 271 -22.73 -22.59 -29.30
N LEU E 272 -22.53 -23.58 -30.16
CA LEU E 272 -23.16 -24.88 -29.94
C LEU E 272 -22.70 -25.50 -28.64
N ALA E 273 -21.39 -25.38 -28.34
CA ALA E 273 -20.85 -25.94 -27.11
C ALA E 273 -21.48 -25.27 -25.88
N ASP E 274 -21.74 -23.97 -25.96
CA ASP E 274 -22.40 -23.30 -24.84
C ASP E 274 -23.81 -23.84 -24.61
N PHE E 275 -24.49 -24.27 -25.67
CA PHE E 275 -25.80 -24.85 -25.51
C PHE E 275 -25.70 -26.25 -24.90
N PHE E 276 -24.80 -27.08 -25.42
CA PHE E 276 -24.72 -28.45 -24.94
C PHE E 276 -24.05 -28.57 -23.58
N THR E 277 -23.47 -27.49 -23.04
CA THR E 277 -22.91 -27.49 -21.70
C THR E 277 -23.72 -26.65 -20.72
N LYS E 278 -24.91 -26.20 -21.12
CA LYS E 278 -25.80 -25.39 -20.28
C LYS E 278 -25.21 -24.04 -19.90
N LYS E 279 -24.15 -23.60 -20.59
CA LYS E 279 -23.59 -22.28 -20.30
C LYS E 279 -24.56 -21.18 -20.71
N LYS E 280 -25.13 -21.28 -21.91
CA LYS E 280 -26.11 -20.33 -22.39
C LYS E 280 -27.41 -21.05 -22.75
N LEU E 281 -28.50 -20.31 -22.70
CA LEU E 281 -29.77 -20.88 -23.09
C LEU E 281 -30.20 -20.28 -24.42
N PRO E 282 -30.70 -21.12 -25.34
CA PRO E 282 -31.09 -20.60 -26.66
C PRO E 282 -32.26 -19.62 -26.54
N THR E 283 -32.13 -18.51 -27.25
CA THR E 283 -33.19 -17.52 -27.35
C THR E 283 -34.38 -18.07 -28.15
N PHE E 284 -35.44 -17.27 -28.17
CA PHE E 284 -36.62 -17.62 -28.94
C PHE E 284 -36.27 -17.84 -30.42
N ASP E 285 -35.46 -16.93 -30.97
CA ASP E 285 -35.05 -17.06 -32.37
C ASP E 285 -34.06 -18.20 -32.58
N GLU E 286 -33.14 -18.39 -31.64
CA GLU E 286 -32.15 -19.46 -31.79
C GLU E 286 -32.80 -20.83 -31.68
N LEU E 287 -33.77 -21.00 -30.77
CA LEU E 287 -34.44 -22.29 -30.64
C LEU E 287 -35.21 -22.62 -31.91
N LYS E 288 -35.81 -21.62 -32.54
CA LYS E 288 -36.53 -21.86 -33.79
C LYS E 288 -35.55 -22.25 -34.90
N ILE E 289 -34.37 -21.63 -34.92
CA ILE E 289 -33.35 -22.02 -35.89
C ILE E 289 -32.85 -23.43 -35.59
N ILE E 290 -32.66 -23.76 -34.30
CA ILE E 290 -32.22 -25.11 -33.95
C ILE E 290 -33.24 -26.16 -34.37
N ALA E 291 -34.53 -25.88 -34.14
CA ALA E 291 -35.56 -26.85 -34.49
C ALA E 291 -35.59 -27.11 -35.98
N LYS E 292 -35.48 -26.04 -36.79
CA LYS E 292 -35.49 -26.21 -38.23
C LYS E 292 -34.33 -27.07 -38.71
N ALA E 293 -33.14 -26.87 -38.13
CA ALA E 293 -31.98 -27.67 -38.52
C ALA E 293 -32.14 -29.12 -38.11
N LEU E 294 -32.83 -29.39 -37.01
CA LEU E 294 -33.06 -30.75 -36.56
C LEU E 294 -34.33 -31.36 -37.14
N ASN E 295 -35.01 -30.64 -38.04
CA ASN E 295 -36.25 -31.12 -38.69
C ASN E 295 -37.34 -31.47 -37.68
N VAL E 296 -37.48 -30.64 -36.65
CA VAL E 296 -38.54 -30.76 -35.67
C VAL E 296 -39.12 -29.38 -35.43
N ASN E 297 -40.08 -29.30 -34.51
CA ASN E 297 -40.70 -28.04 -34.13
C ASN E 297 -40.05 -27.51 -32.85
N SER E 298 -40.06 -26.18 -32.70
CA SER E 298 -39.61 -25.60 -31.44
C SER E 298 -40.42 -26.14 -30.27
N ARG E 299 -41.71 -26.40 -30.50
CA ARG E 299 -42.57 -27.04 -29.51
C ARG E 299 -41.98 -28.35 -29.02
N ASP E 300 -41.32 -29.09 -29.91
CA ASP E 300 -40.77 -30.39 -29.55
C ASP E 300 -39.51 -30.26 -28.71
N LEU E 301 -38.79 -29.15 -28.85
CA LEU E 301 -37.59 -28.88 -28.07
C LEU E 301 -37.90 -28.24 -26.73
N MET E 302 -39.10 -27.69 -26.56
CA MET E 302 -39.46 -26.98 -25.33
C MET E 302 -39.87 -27.97 -24.24
N PRO E 303 -39.39 -27.80 -23.02
CA PRO E 303 -40.03 -28.46 -21.88
C PRO E 303 -41.26 -27.70 -21.45
N ASN E 304 -41.94 -28.22 -20.43
CA ASN E 304 -43.03 -27.49 -19.81
C ASN E 304 -42.51 -26.16 -19.26
N ASP E 305 -43.44 -25.25 -18.96
CA ASP E 305 -43.02 -23.91 -18.56
C ASP E 305 -42.26 -23.92 -17.24
N LEU E 306 -42.73 -24.69 -16.26
CA LEU E 306 -42.03 -24.85 -15.00
C LEU E 306 -42.13 -26.29 -14.56
N THR E 307 -41.28 -26.65 -13.60
CA THR E 307 -41.22 -27.99 -13.05
C THR E 307 -42.04 -28.04 -11.77
N GLU E 308 -43.06 -28.90 -11.74
CA GLU E 308 -43.94 -29.01 -10.59
C GLU E 308 -43.33 -29.93 -9.53
N SER E 309 -43.78 -29.76 -8.29
CA SER E 309 -43.47 -30.70 -7.23
C SER E 309 -44.15 -32.04 -7.51
N LYS E 310 -43.57 -33.10 -6.95
CA LYS E 310 -44.14 -34.43 -7.16
C LYS E 310 -45.49 -34.58 -6.45
N VAL E 311 -45.71 -33.85 -5.38
CA VAL E 311 -46.96 -33.88 -4.62
C VAL E 311 -47.51 -32.46 -4.55
N ILE E 312 -48.78 -32.30 -4.90
CA ILE E 312 -49.45 -31.01 -4.90
C ILE E 312 -50.56 -31.08 -3.86
N VAL E 313 -50.54 -30.16 -2.90
CA VAL E 313 -51.56 -30.08 -1.86
C VAL E 313 -52.25 -28.72 -1.97
N LYS E 314 -53.59 -28.72 -1.97
CA LYS E 314 -54.36 -27.51 -2.14
C LYS E 314 -55.54 -27.52 -1.17
N THR E 315 -55.54 -26.59 -0.23
CA THR E 315 -56.66 -26.47 0.70
C THR E 315 -57.84 -25.79 0.02
N HIS E 316 -59.02 -25.97 0.61
CA HIS E 316 -60.23 -25.42 -0.02
C HIS E 316 -60.16 -23.91 -0.13
N ASP E 317 -59.54 -23.23 0.83
CA ASP E 317 -59.47 -21.77 0.79
C ASP E 317 -58.56 -21.25 -0.32
N GLN E 318 -57.62 -22.07 -0.80
CA GLN E 318 -56.78 -21.65 -1.92
C GLN E 318 -57.49 -21.76 -3.26
N CYS E 319 -58.63 -22.43 -3.33
CA CYS E 319 -59.30 -22.67 -4.60
C CYS E 319 -59.99 -21.40 -5.10
N ASP E 320 -59.59 -20.94 -6.28
CA ASP E 320 -60.36 -19.90 -6.97
C ASP E 320 -61.69 -20.47 -7.44
N HIS E 321 -62.69 -19.61 -7.56
CA HIS E 321 -64.00 -20.06 -7.98
C HIS E 321 -64.70 -18.95 -8.75
N TRP E 322 -65.70 -19.34 -9.53
CA TRP E 322 -66.39 -18.40 -10.40
C TRP E 322 -67.75 -18.97 -10.76
N LYS E 323 -68.62 -18.10 -11.25
CA LYS E 323 -69.94 -18.51 -11.70
C LYS E 323 -69.86 -18.96 -13.16
N TYR E 324 -70.54 -20.04 -13.47
CA TYR E 324 -70.61 -20.54 -14.83
C TYR E 324 -72.01 -21.07 -15.13
N PRO E 325 -72.56 -20.70 -16.30
CA PRO E 325 -71.97 -19.71 -17.19
C PRO E 325 -72.26 -18.30 -16.70
N GLU E 326 -72.27 -17.33 -17.60
CA GLU E 326 -72.69 -15.98 -17.23
C GLU E 326 -74.09 -16.00 -16.62
N SER E 327 -74.94 -16.91 -17.08
CA SER E 327 -76.31 -17.02 -16.55
C SER E 327 -76.30 -17.43 -15.09
N GLY E 328 -75.38 -18.30 -14.70
CA GLY E 328 -75.14 -18.58 -13.30
C GLY E 328 -75.73 -19.85 -12.73
N ASN E 329 -75.84 -20.92 -13.52
CA ASN E 329 -76.37 -22.18 -12.98
C ASN E 329 -75.39 -22.89 -12.05
N TYR E 330 -74.08 -22.61 -12.15
CA TYR E 330 -73.09 -23.33 -11.37
C TYR E 330 -72.09 -22.37 -10.72
N GLU E 331 -71.41 -22.88 -9.70
CA GLU E 331 -70.22 -22.25 -9.14
C GLU E 331 -69.10 -23.27 -9.16
N PHE E 332 -68.08 -23.02 -9.99
CA PHE E 332 -66.98 -23.96 -10.17
C PHE E 332 -65.84 -23.62 -9.21
N TYR E 333 -65.32 -24.64 -8.54
CA TYR E 333 -64.16 -24.50 -7.66
C TYR E 333 -62.99 -25.28 -8.23
N GLU E 334 -61.87 -24.61 -8.42
CA GLU E 334 -60.68 -25.19 -9.06
C GLU E 334 -59.89 -25.98 -8.03
N LEU E 335 -59.87 -27.30 -8.16
CA LEU E 335 -59.19 -28.17 -7.22
C LEU E 335 -57.71 -28.33 -7.61
N ALA E 336 -57.02 -29.24 -6.94
CA ALA E 336 -55.60 -29.44 -7.15
C ALA E 336 -55.30 -29.85 -8.58
N SER E 337 -54.16 -29.38 -9.10
CA SER E 337 -53.77 -29.65 -10.46
C SER E 337 -52.26 -29.53 -10.57
N THR E 338 -51.73 -30.02 -11.69
CA THR E 338 -50.31 -29.91 -11.99
C THR E 338 -50.14 -29.79 -13.49
N THR E 339 -49.27 -28.87 -13.91
CA THR E 339 -49.02 -28.71 -15.34
C THR E 339 -48.30 -29.90 -15.95
N ALA E 340 -47.86 -30.85 -15.13
CA ALA E 340 -47.36 -32.11 -15.68
C ALA E 340 -48.48 -32.90 -16.35
N LEU E 341 -49.74 -32.65 -15.97
CA LEU E 341 -50.91 -33.26 -16.59
C LEU E 341 -51.83 -32.12 -17.01
N PRO E 342 -51.51 -31.45 -18.13
CA PRO E 342 -52.30 -30.28 -18.54
C PRO E 342 -53.74 -30.61 -18.90
N HIS E 343 -54.07 -31.88 -19.11
CA HIS E 343 -55.43 -32.29 -19.45
C HIS E 343 -56.18 -32.89 -18.27
N SER E 344 -55.65 -32.80 -17.06
CA SER E 344 -56.32 -33.27 -15.86
C SER E 344 -56.91 -32.08 -15.12
N LYS E 345 -58.24 -31.98 -15.11
CA LYS E 345 -58.95 -30.87 -14.49
C LYS E 345 -59.89 -31.42 -13.44
N ALA E 346 -59.79 -30.88 -12.23
CA ALA E 346 -60.59 -31.32 -11.09
C ALA E 346 -61.41 -30.15 -10.57
N PHE E 347 -62.70 -30.38 -10.36
CA PHE E 347 -63.60 -29.32 -9.96
C PHE E 347 -64.52 -29.80 -8.85
N GLU E 348 -64.82 -28.89 -7.93
CA GLU E 348 -65.93 -29.02 -7.00
C GLU E 348 -66.97 -28.01 -7.47
N ILE E 349 -68.18 -28.48 -7.73
CA ILE E 349 -69.21 -27.68 -8.40
C ILE E 349 -70.44 -27.61 -7.52
N ASP E 350 -70.87 -26.39 -7.20
CA ASP E 350 -72.16 -26.16 -6.55
C ASP E 350 -73.22 -25.92 -7.63
N VAL E 351 -74.25 -26.77 -7.64
CA VAL E 351 -75.32 -26.68 -8.61
C VAL E 351 -76.53 -26.05 -7.92
N SER E 352 -76.97 -24.90 -8.45
CA SER E 352 -78.13 -24.20 -7.94
C SER E 352 -78.91 -23.61 -9.12
N SER E 353 -79.62 -24.47 -9.84
CA SER E 353 -80.34 -24.05 -11.02
C SER E 353 -81.78 -24.54 -10.94
N SER E 354 -82.65 -23.85 -11.69
CA SER E 354 -84.03 -24.30 -11.90
C SER E 354 -84.40 -24.00 -13.34
N GLU E 355 -85.28 -24.82 -13.90
CA GLU E 355 -85.72 -24.71 -15.30
C GLU E 355 -84.47 -24.76 -16.16
N ASP E 356 -84.30 -23.85 -17.13
CA ASP E 356 -83.07 -23.78 -17.94
C ASP E 356 -82.76 -25.09 -18.64
N LEU E 357 -83.48 -25.38 -19.73
CA LEU E 357 -83.44 -26.71 -20.32
C LEU E 357 -82.20 -26.97 -21.17
N ASN E 358 -81.52 -25.94 -21.66
CA ASN E 358 -80.45 -26.18 -22.61
C ASN E 358 -79.21 -26.74 -21.92
N LEU E 359 -78.51 -27.61 -22.64
CA LEU E 359 -77.32 -28.29 -22.16
C LEU E 359 -76.14 -27.33 -22.22
N ASP E 360 -75.68 -26.86 -21.06
CA ASP E 360 -74.69 -25.78 -21.00
C ASP E 360 -73.29 -26.25 -20.65
N LEU E 361 -73.08 -27.57 -20.53
CA LEU E 361 -71.76 -28.12 -20.26
C LEU E 361 -71.34 -29.02 -21.42
N LYS E 362 -70.10 -28.85 -21.87
CA LYS E 362 -69.53 -29.61 -22.97
C LYS E 362 -68.02 -29.48 -22.94
N VAL E 363 -67.31 -30.61 -22.94
CA VAL E 363 -65.86 -30.59 -22.82
C VAL E 363 -65.30 -31.84 -23.49
N GLY E 364 -64.19 -31.66 -24.22
CA GLY E 364 -63.56 -32.76 -24.92
C GLY E 364 -62.58 -33.57 -24.10
N LEU E 365 -63.07 -34.15 -23.01
CA LEU E 365 -62.24 -34.98 -22.14
C LEU E 365 -63.11 -36.08 -21.57
N HIS E 366 -62.47 -37.15 -21.11
CA HIS E 366 -63.17 -38.10 -20.27
C HIS E 366 -63.56 -37.43 -18.96
N GLN E 367 -64.72 -37.77 -18.44
CA GLN E 367 -65.25 -37.11 -17.24
C GLN E 367 -65.76 -38.13 -16.24
N TYR E 368 -65.44 -37.88 -14.96
CA TYR E 368 -65.94 -38.64 -13.83
C TYR E 368 -66.69 -37.70 -12.90
N VAL E 369 -67.85 -38.13 -12.43
CA VAL E 369 -68.68 -37.34 -11.54
C VAL E 369 -68.96 -38.16 -10.29
N TYR E 370 -69.01 -37.48 -9.14
CA TYR E 370 -69.40 -38.10 -7.89
C TYR E 370 -70.22 -37.10 -7.09
N ASN E 371 -71.39 -37.53 -6.63
CA ASN E 371 -72.25 -36.65 -5.84
C ASN E 371 -71.73 -36.63 -4.42
N ILE E 372 -70.98 -35.57 -4.07
CA ILE E 372 -70.46 -35.44 -2.71
C ILE E 372 -71.41 -34.65 -1.81
N GLY E 373 -72.46 -34.06 -2.36
CA GLY E 373 -73.42 -33.32 -1.57
C GLY E 373 -74.45 -34.20 -0.89
N ASP E 374 -75.43 -33.54 -0.25
CA ASP E 374 -76.48 -34.18 0.51
C ASP E 374 -77.79 -34.28 -0.25
N SER E 375 -77.81 -33.90 -1.53
CA SER E 375 -79.04 -33.84 -2.29
C SER E 375 -78.84 -34.45 -3.66
N ALA E 376 -79.93 -34.98 -4.20
CA ALA E 376 -79.91 -35.58 -5.52
C ALA E 376 -79.96 -34.51 -6.60
N LEU E 377 -79.36 -34.81 -7.73
CA LEU E 377 -79.39 -33.95 -8.89
C LEU E 377 -79.85 -34.76 -10.10
N THR E 378 -80.39 -34.05 -11.08
CA THR E 378 -80.80 -34.68 -12.33
C THR E 378 -79.82 -34.27 -13.42
N ILE E 379 -79.43 -35.23 -14.25
CA ILE E 379 -78.51 -35.02 -15.37
C ILE E 379 -79.31 -35.12 -16.66
N ASN E 380 -79.27 -34.06 -17.45
CA ASN E 380 -79.85 -34.05 -18.79
C ASN E 380 -78.74 -34.05 -19.83
N TRP E 381 -78.90 -34.85 -20.88
CA TRP E 381 -77.89 -34.88 -21.92
C TRP E 381 -78.50 -35.44 -23.21
N ASN E 382 -77.75 -35.28 -24.29
CA ASN E 382 -78.14 -35.73 -25.62
C ASN E 382 -77.01 -36.55 -26.21
N TYR E 383 -77.35 -37.67 -26.87
CA TYR E 383 -76.34 -38.54 -27.45
C TYR E 383 -76.98 -39.35 -28.57
N GLU E 384 -76.44 -39.21 -29.79
CA GLU E 384 -76.93 -39.93 -30.96
C GLU E 384 -78.44 -39.74 -31.16
N ASN E 385 -78.83 -38.46 -31.28
CA ASN E 385 -80.20 -38.04 -31.55
C ASN E 385 -81.18 -38.41 -30.45
N LYS E 386 -80.71 -38.99 -29.35
CA LYS E 386 -81.57 -39.41 -28.25
C LYS E 386 -81.28 -38.55 -27.02
N THR E 387 -82.34 -38.04 -26.41
CA THR E 387 -82.22 -37.27 -25.17
C THR E 387 -82.52 -38.17 -23.98
N TYR E 388 -81.69 -38.06 -22.95
CA TYR E 388 -81.82 -38.85 -21.75
C TYR E 388 -81.90 -37.94 -20.54
N GLN E 389 -82.41 -38.48 -19.44
CA GLN E 389 -82.50 -37.77 -18.18
C GLN E 389 -82.43 -38.78 -17.05
N LYS E 390 -81.47 -38.61 -16.15
CA LYS E 390 -81.32 -39.52 -15.02
C LYS E 390 -80.97 -38.76 -13.76
N SER E 391 -81.20 -39.41 -12.63
CA SER E 391 -80.95 -38.83 -11.32
C SER E 391 -79.59 -39.27 -10.80
N LEU E 392 -78.91 -38.36 -10.12
CA LEU E 392 -77.64 -38.64 -9.47
C LEU E 392 -77.85 -38.36 -7.97
N ASN E 393 -78.07 -39.42 -7.20
CA ASN E 393 -78.31 -39.31 -5.78
C ASN E 393 -76.99 -39.18 -5.02
N PRO E 394 -77.03 -38.76 -3.76
CA PRO E 394 -75.81 -38.74 -2.95
C PRO E 394 -75.14 -40.10 -2.96
N GLY E 395 -73.83 -40.12 -3.25
CA GLY E 395 -73.09 -41.36 -3.35
C GLY E 395 -73.13 -42.02 -4.71
N ASP E 396 -73.96 -41.54 -5.62
CA ASP E 396 -73.92 -42.01 -7.00
C ASP E 396 -72.74 -41.38 -7.72
N SER E 397 -72.22 -42.09 -8.72
CA SER E 397 -71.14 -41.60 -9.55
C SER E 397 -71.50 -41.84 -11.01
N ALA E 398 -70.77 -41.17 -11.90
CA ALA E 398 -71.07 -41.27 -13.32
C ALA E 398 -69.80 -41.07 -14.15
N TYR E 399 -69.76 -41.73 -15.30
CA TYR E 399 -68.76 -41.45 -16.34
C TYR E 399 -69.46 -40.84 -17.54
N ILE E 400 -68.84 -39.79 -18.10
CA ILE E 400 -69.40 -39.04 -19.22
C ILE E 400 -68.38 -39.07 -20.34
N LYS E 401 -68.82 -39.49 -21.52
CA LYS E 401 -67.95 -39.58 -22.68
C LYS E 401 -67.56 -38.19 -23.17
N PRO E 402 -66.41 -38.07 -23.82
CA PRO E 402 -65.96 -36.75 -24.28
C PRO E 402 -66.96 -36.10 -25.23
N PHE E 403 -67.11 -34.79 -25.08
CA PHE E 403 -67.92 -33.92 -25.93
C PHE E 403 -69.42 -34.12 -25.78
N VAL E 404 -69.87 -34.93 -24.83
CA VAL E 404 -71.31 -35.12 -24.60
C VAL E 404 -71.91 -33.85 -24.02
N PRO E 405 -72.87 -33.21 -24.70
CA PRO E 405 -73.50 -32.02 -24.13
C PRO E 405 -74.46 -32.41 -23.01
N HIS E 406 -74.39 -31.69 -21.90
CA HIS E 406 -75.11 -32.09 -20.70
C HIS E 406 -75.31 -30.89 -19.79
N ASN E 407 -76.10 -31.10 -18.74
CA ASN E 407 -76.21 -30.14 -17.65
C ASN E 407 -76.50 -30.90 -16.36
N PHE E 408 -76.42 -30.17 -15.26
CA PHE E 408 -76.86 -30.65 -13.96
C PHE E 408 -77.92 -29.71 -13.45
N ARG E 409 -79.02 -30.27 -12.96
CA ARG E 409 -80.18 -29.50 -12.57
C ARG E 409 -80.59 -29.90 -11.16
N GLY E 410 -81.00 -28.93 -10.37
CA GLY E 410 -81.37 -29.18 -9.00
C GLY E 410 -80.56 -28.32 -8.04
N ASN E 411 -80.42 -28.77 -6.81
CA ASN E 411 -79.64 -28.09 -5.79
C ASN E 411 -78.70 -29.11 -5.16
N GLY E 412 -77.40 -28.90 -5.29
CA GLY E 412 -76.44 -29.84 -4.73
C GLY E 412 -75.01 -29.47 -5.05
N LYS E 413 -74.10 -30.41 -4.75
CA LYS E 413 -72.67 -30.21 -4.90
C LYS E 413 -72.06 -31.50 -5.44
N ILE E 414 -71.18 -31.38 -6.45
CA ILE E 414 -70.58 -32.55 -7.07
C ILE E 414 -69.07 -32.36 -7.22
N LEU E 415 -68.37 -33.49 -7.30
CA LEU E 415 -66.95 -33.56 -7.61
C LEU E 415 -66.79 -34.09 -9.03
N ILE E 416 -65.95 -33.41 -9.82
CA ILE E 416 -65.74 -33.77 -11.22
C ILE E 416 -64.23 -33.80 -11.52
N LEU E 417 -63.77 -34.89 -12.13
CA LEU E 417 -62.41 -35.00 -12.64
C LEU E 417 -62.45 -35.24 -14.15
N ARG E 418 -61.70 -34.43 -14.89
CA ARG E 418 -61.60 -34.56 -16.33
C ARG E 418 -60.18 -34.94 -16.70
N ILE E 419 -60.02 -35.95 -17.56
CA ILE E 419 -58.70 -36.42 -18.00
C ILE E 419 -58.71 -36.65 -19.51
N GLY E 420 -57.51 -36.61 -20.08
CA GLY E 420 -57.34 -36.71 -21.52
C GLY E 420 -57.22 -38.13 -22.03
N GLY E 421 -56.86 -39.08 -21.18
CA GLY E 421 -56.65 -40.42 -21.67
C GLY E 421 -55.51 -40.45 -22.68
N LYS E 422 -55.67 -41.27 -23.72
CA LYS E 422 -54.65 -41.38 -24.75
C LYS E 422 -54.87 -40.45 -25.94
N ILE E 423 -56.00 -39.76 -26.00
CA ILE E 423 -56.34 -39.00 -27.20
C ILE E 423 -55.68 -37.62 -27.18
N SER E 424 -55.81 -36.91 -26.05
CA SER E 424 -55.35 -35.54 -25.98
C SER E 424 -53.83 -35.45 -26.11
N GLY E 425 -53.36 -34.41 -26.80
CA GLY E 425 -51.94 -34.24 -27.02
C GLY E 425 -51.51 -34.65 -28.42
N ASP E 426 -50.53 -35.57 -28.50
CA ASP E 426 -49.99 -35.98 -29.79
C ASP E 426 -51.05 -36.62 -30.68
N SER E 427 -51.86 -37.53 -30.11
CA SER E 427 -52.84 -38.25 -30.93
C SER E 427 -53.86 -37.30 -31.51
N GLN E 428 -54.36 -36.36 -30.72
CA GLN E 428 -55.31 -35.37 -31.22
C GLN E 428 -54.69 -34.51 -32.31
N ARG E 429 -53.42 -34.12 -32.14
CA ARG E 429 -52.76 -33.31 -33.16
C ARG E 429 -52.62 -34.07 -34.46
N GLU E 430 -52.23 -35.35 -34.39
CA GLU E 430 -52.13 -36.16 -35.60
C GLU E 430 -53.49 -36.29 -36.27
N LEU E 431 -54.55 -36.54 -35.48
CA LEU E 431 -55.89 -36.63 -36.03
C LEU E 431 -56.30 -35.32 -36.70
N SER E 432 -55.85 -34.19 -36.17
CA SER E 432 -56.16 -32.90 -36.77
C SER E 432 -55.46 -32.73 -38.12
N PHE E 433 -54.23 -33.21 -38.23
CA PHE E 433 -53.48 -33.11 -39.48
C PHE E 433 -54.09 -33.98 -40.56
N VAL E 434 -54.56 -35.18 -40.19
CA VAL E 434 -55.15 -36.09 -41.18
C VAL E 434 -56.34 -35.42 -41.87
N GLY E 435 -57.07 -34.59 -41.16
CA GLY E 435 -58.15 -33.80 -41.75
C GLY E 435 -59.51 -34.24 -41.26
N ARG E 436 -60.36 -33.25 -40.97
CA ARG E 436 -61.72 -33.54 -40.51
C ARG E 436 -62.48 -34.38 -41.52
N GLU E 437 -62.19 -34.20 -42.81
CA GLU E 437 -62.87 -34.97 -43.85
C GLU E 437 -62.52 -36.45 -43.81
N ASN E 438 -61.43 -36.81 -43.13
CA ASN E 438 -60.99 -38.20 -43.03
C ASN E 438 -61.18 -38.79 -41.65
N THR E 439 -61.77 -38.05 -40.71
CA THR E 439 -61.80 -38.49 -39.32
C THR E 439 -62.54 -39.81 -39.15
N GLN E 440 -63.65 -39.98 -39.88
CA GLN E 440 -64.44 -41.20 -39.74
C GLN E 440 -63.62 -42.44 -40.09
N ARG E 441 -62.94 -42.41 -41.24
CA ARG E 441 -62.13 -43.55 -41.65
C ARG E 441 -60.91 -43.71 -40.75
N ALA E 442 -60.36 -42.61 -40.25
CA ALA E 442 -59.21 -42.71 -39.35
C ALA E 442 -59.59 -43.44 -38.06
N ILE E 443 -60.80 -43.20 -37.56
CA ILE E 443 -61.23 -43.85 -36.33
C ILE E 443 -61.59 -45.30 -36.56
N SER E 444 -62.30 -45.59 -37.65
CA SER E 444 -62.75 -46.95 -37.95
C SER E 444 -62.86 -47.07 -39.47
N GLU E 445 -62.01 -47.90 -40.08
CA GLU E 445 -61.98 -48.00 -41.54
C GLU E 445 -63.16 -48.82 -42.06
N THR E 446 -63.77 -48.33 -43.14
CA THR E 446 -64.95 -48.95 -43.71
C THR E 446 -64.80 -49.40 -45.16
N MET E 447 -63.68 -49.10 -45.81
CA MET E 447 -63.51 -49.47 -47.21
C MET E 447 -62.12 -50.06 -47.43
N GLN E 448 -62.02 -50.97 -48.40
CA GLN E 448 -60.74 -51.48 -48.83
C GLN E 448 -59.90 -50.37 -49.43
N TRP E 449 -58.58 -50.49 -49.29
CA TRP E 449 -57.70 -49.38 -49.67
C TRP E 449 -57.71 -49.12 -51.17
N PHE E 450 -58.22 -50.04 -51.98
CA PHE E 450 -58.39 -49.75 -53.40
C PHE E 450 -59.55 -50.56 -53.97
N ASP E 451 -60.15 -50.02 -55.02
CA ASP E 451 -61.23 -50.67 -55.75
C ASP E 451 -60.65 -51.37 -56.97
N PRO E 452 -60.67 -52.70 -57.05
CA PRO E 452 -60.04 -53.38 -58.19
C PRO E 452 -60.69 -53.09 -59.52
N LYS E 453 -61.86 -52.45 -59.55
CA LYS E 453 -62.50 -52.09 -60.83
C LYS E 453 -61.75 -50.93 -61.48
N ASP F 10 -39.39 -68.61 -18.90
CA ASP F 10 -39.91 -67.95 -20.11
C ASP F 10 -40.24 -66.49 -19.84
N SER F 11 -39.70 -65.61 -20.69
CA SER F 11 -39.89 -64.17 -20.49
C SER F 11 -41.27 -63.70 -20.90
N TYR F 12 -41.96 -64.41 -21.80
CA TYR F 12 -43.33 -64.03 -22.11
C TYR F 12 -44.24 -64.20 -20.90
N LEU F 13 -44.10 -65.32 -20.17
CA LEU F 13 -44.96 -65.57 -19.03
C LEU F 13 -44.66 -64.62 -17.88
N ILE F 14 -43.38 -64.24 -17.70
CA ILE F 14 -43.04 -63.28 -16.66
C ILE F 14 -43.69 -61.93 -16.96
N ARG F 15 -43.53 -61.45 -18.20
CA ARG F 15 -44.11 -60.16 -18.56
C ARG F 15 -45.63 -60.19 -18.48
N SER F 16 -46.23 -61.31 -18.89
CA SER F 16 -47.69 -61.44 -18.82
C SER F 16 -48.18 -61.46 -17.38
N GLY F 17 -47.40 -62.07 -16.49
CA GLY F 17 -47.76 -62.05 -15.08
C GLY F 17 -47.64 -60.66 -14.48
N ASN F 18 -46.58 -59.92 -14.86
CA ASN F 18 -46.47 -58.53 -14.43
C ASN F 18 -47.65 -57.71 -14.94
N ASN F 19 -48.12 -58.00 -16.14
CA ASN F 19 -49.25 -57.26 -16.70
C ASN F 19 -50.52 -57.53 -15.89
N PHE F 20 -50.75 -58.77 -15.49
CA PHE F 20 -51.92 -59.09 -14.67
C PHE F 20 -51.81 -58.47 -13.28
N LEU F 21 -50.62 -58.50 -12.68
CA LEU F 21 -50.41 -57.85 -11.40
C LEU F 21 -50.70 -56.35 -11.49
N GLY F 22 -50.23 -55.71 -12.58
CA GLY F 22 -50.52 -54.31 -12.77
C GLY F 22 -52.01 -54.04 -12.88
N ILE F 23 -52.73 -54.90 -13.58
CA ILE F 23 -54.18 -54.76 -13.69
C ILE F 23 -54.82 -54.83 -12.31
N LEU F 24 -54.38 -55.79 -11.49
CA LEU F 24 -54.96 -55.95 -10.16
C LEU F 24 -54.65 -54.76 -9.26
N ASN F 25 -53.41 -54.25 -9.31
CA ASN F 25 -53.07 -53.06 -8.53
C ASN F 25 -53.96 -51.88 -8.89
N ASP F 26 -54.22 -51.70 -10.19
CA ASP F 26 -54.94 -50.51 -10.65
C ASP F 26 -56.40 -50.52 -10.20
N ILE F 27 -57.00 -51.71 -10.05
CA ILE F 27 -58.38 -51.82 -9.58
C ILE F 27 -58.45 -52.09 -8.08
N LYS F 28 -57.31 -52.05 -7.38
CA LYS F 28 -57.24 -52.25 -5.93
C LYS F 28 -57.78 -53.62 -5.51
N ARG F 29 -57.28 -54.66 -6.17
CA ARG F 29 -57.64 -56.03 -5.83
C ARG F 29 -56.38 -56.78 -5.41
N ARG F 30 -56.40 -57.35 -4.21
CA ARG F 30 -55.38 -58.26 -3.77
C ARG F 30 -55.57 -59.61 -4.46
N PRO F 31 -54.56 -60.48 -4.44
CA PRO F 31 -54.78 -61.85 -4.94
C PRO F 31 -55.98 -62.54 -4.30
N GLU F 32 -56.22 -62.32 -3.00
CA GLU F 32 -57.40 -62.91 -2.38
C GLU F 32 -58.67 -62.29 -2.95
N ASP F 33 -58.64 -60.99 -3.26
CA ASP F 33 -59.81 -60.33 -3.83
C ASP F 33 -60.11 -60.89 -5.22
N ALA F 34 -59.07 -61.13 -6.01
CA ALA F 34 -59.28 -61.69 -7.34
C ALA F 34 -59.81 -63.12 -7.23
N ALA F 35 -59.27 -63.91 -6.30
CA ALA F 35 -59.75 -65.28 -6.14
C ALA F 35 -61.22 -65.30 -5.76
N ASN F 36 -61.61 -64.45 -4.81
CA ASN F 36 -63.00 -64.45 -4.37
C ASN F 36 -63.94 -63.91 -5.45
N GLU F 37 -63.52 -62.85 -6.16
CA GLU F 37 -64.42 -62.23 -7.13
C GLU F 37 -64.44 -62.98 -8.46
N LEU F 38 -63.36 -63.65 -8.83
CA LEU F 38 -63.31 -64.41 -10.07
C LEU F 38 -63.74 -65.86 -9.88
N GLY F 39 -64.04 -66.27 -8.66
CA GLY F 39 -64.52 -67.62 -8.40
C GLY F 39 -63.51 -68.70 -8.72
N VAL F 40 -62.25 -68.46 -8.39
CA VAL F 40 -61.16 -69.42 -8.62
C VAL F 40 -60.31 -69.46 -7.36
N SER F 41 -59.47 -70.49 -7.28
CA SER F 41 -58.57 -70.64 -6.16
C SER F 41 -57.54 -69.51 -6.16
N ILE F 42 -57.00 -69.23 -4.98
CA ILE F 42 -55.94 -68.21 -4.89
C ILE F 42 -54.66 -68.73 -5.52
N GLU F 43 -54.51 -70.05 -5.65
CA GLU F 43 -53.33 -70.61 -6.31
C GLU F 43 -53.32 -70.30 -7.80
N GLU F 44 -54.49 -70.33 -8.45
CA GLU F 44 -54.54 -69.99 -9.87
C GLU F 44 -54.17 -68.53 -10.10
N ILE F 45 -54.62 -67.64 -9.21
CA ILE F 45 -54.29 -66.22 -9.34
C ILE F 45 -52.78 -66.02 -9.17
N ASN F 46 -52.21 -66.65 -8.15
CA ASN F 46 -50.77 -66.51 -7.91
C ASN F 46 -49.95 -67.18 -9.00
N SER F 47 -50.48 -68.26 -9.60
CA SER F 47 -49.75 -68.92 -10.67
C SER F 47 -49.65 -68.03 -11.90
N ILE F 48 -50.66 -67.19 -12.14
CA ILE F 48 -50.59 -66.23 -13.22
C ILE F 48 -49.61 -65.11 -12.88
N ILE F 49 -49.69 -64.59 -11.65
CA ILE F 49 -48.87 -63.45 -11.25
C ILE F 49 -47.38 -63.79 -11.32
N SER F 50 -47.01 -64.97 -10.83
CA SER F 50 -45.61 -65.37 -10.83
C SER F 50 -45.12 -65.84 -12.20
N GLY F 51 -46.02 -66.05 -13.16
CA GLY F 51 -45.62 -66.49 -14.47
C GLY F 51 -45.50 -67.99 -14.63
N LYS F 52 -46.12 -68.77 -13.75
CA LYS F 52 -46.05 -70.22 -13.84
C LYS F 52 -47.05 -70.81 -14.82
N GLN F 53 -48.06 -70.03 -15.22
CA GLN F 53 -49.08 -70.56 -16.13
C GLN F 53 -49.80 -69.40 -16.79
N LYS F 54 -49.91 -69.45 -18.11
CA LYS F 54 -50.55 -68.40 -18.88
C LYS F 54 -52.00 -68.23 -18.43
N ILE F 55 -52.47 -66.98 -18.40
CA ILE F 55 -53.85 -66.74 -18.02
C ILE F 55 -54.77 -67.34 -19.08
N SER F 56 -55.85 -67.98 -18.61
CA SER F 56 -56.76 -68.72 -19.47
C SER F 56 -57.83 -67.81 -20.07
N PRO F 57 -58.37 -68.19 -21.23
CA PRO F 57 -59.52 -67.46 -21.76
C PRO F 57 -60.73 -67.54 -20.84
N SER F 58 -60.82 -68.61 -20.06
CA SER F 58 -61.92 -68.76 -19.12
C SER F 58 -61.84 -67.69 -18.03
N LEU F 59 -60.63 -67.43 -17.51
CA LEU F 59 -60.49 -66.41 -16.47
C LEU F 59 -60.70 -65.01 -17.03
N ILE F 60 -60.24 -64.76 -18.25
CA ILE F 60 -60.44 -63.45 -18.87
C ILE F 60 -61.92 -63.14 -19.02
N GLU F 61 -62.70 -64.12 -19.46
CA GLU F 61 -64.14 -63.90 -19.61
C GLU F 61 -64.78 -63.50 -18.28
N LYS F 62 -64.39 -64.17 -17.19
CA LYS F 62 -64.98 -63.85 -15.89
C LYS F 62 -64.58 -62.45 -15.44
N ALA F 63 -63.33 -62.06 -15.70
CA ALA F 63 -62.85 -60.75 -15.27
C ALA F 63 -63.52 -59.62 -16.04
N VAL F 64 -63.72 -59.79 -17.35
CA VAL F 64 -64.36 -58.75 -18.15
C VAL F 64 -65.80 -58.53 -17.70
N ASN F 65 -66.43 -59.55 -17.13
CA ASN F 65 -67.83 -59.43 -16.73
C ASN F 65 -68.03 -58.67 -15.43
N ILE F 66 -67.01 -58.55 -14.60
CA ILE F 66 -67.15 -57.87 -13.31
C ILE F 66 -66.27 -56.64 -13.17
N TRP F 67 -65.20 -56.49 -13.94
CA TRP F 67 -64.26 -55.40 -13.84
C TRP F 67 -64.28 -54.57 -15.11
N PRO F 68 -63.89 -53.27 -15.03
CA PRO F 68 -63.84 -52.41 -16.23
C PRO F 68 -62.61 -52.67 -17.10
N VAL F 69 -62.35 -53.94 -17.39
CA VAL F 69 -61.17 -54.32 -18.15
C VAL F 69 -61.63 -54.97 -19.45
N ASN F 70 -60.78 -54.87 -20.46
CA ASN F 70 -61.04 -55.47 -21.76
C ASN F 70 -60.15 -56.68 -21.98
N GLU F 71 -60.56 -57.50 -22.95
CA GLU F 71 -59.81 -58.70 -23.27
C GLU F 71 -58.40 -58.36 -23.76
N ARG F 72 -58.26 -57.28 -24.55
CA ARG F 72 -56.95 -56.91 -25.06
C ARG F 72 -56.00 -56.52 -23.95
N ASP F 73 -56.51 -56.18 -22.76
CA ASP F 73 -55.67 -55.82 -21.63
C ASP F 73 -54.88 -57.01 -21.09
N PHE F 74 -55.27 -58.24 -21.44
CA PHE F 74 -54.63 -59.43 -20.92
C PHE F 74 -53.68 -60.10 -21.91
N TYR F 75 -53.73 -59.73 -23.18
CA TYR F 75 -52.86 -60.29 -24.20
C TYR F 75 -51.76 -59.28 -24.52
N ILE F 76 -50.52 -59.65 -24.20
CA ILE F 76 -49.38 -58.75 -24.38
C ILE F 76 -48.72 -58.98 -25.74
N VAL F 77 -47.78 -58.11 -26.09
CA VAL F 77 -47.07 -58.22 -27.36
C VAL F 77 -45.98 -59.28 -27.21
N SER F 78 -45.96 -60.24 -28.15
CA SER F 78 -44.91 -61.24 -28.17
C SER F 78 -43.62 -60.65 -28.74
N ASP F 79 -42.50 -60.89 -28.06
CA ASP F 79 -41.21 -60.37 -28.51
C ASP F 79 -40.64 -61.34 -29.54
N ASP F 80 -40.80 -61.02 -30.81
CA ASP F 80 -40.28 -61.84 -31.90
C ASP F 80 -38.91 -61.36 -32.37
N CYS F 81 -38.29 -60.47 -31.62
CA CYS F 81 -37.00 -59.88 -31.98
C CYS F 81 -36.09 -59.90 -30.75
N SER F 82 -35.90 -61.09 -30.18
CA SER F 82 -35.25 -61.22 -28.89
C SER F 82 -33.76 -60.88 -28.94
N SER F 83 -33.12 -60.95 -30.11
CA SER F 83 -31.71 -60.61 -30.22
C SER F 83 -31.49 -59.12 -30.49
N GLY F 84 -32.56 -58.33 -30.60
CA GLY F 84 -32.48 -56.89 -30.80
C GLY F 84 -32.61 -56.44 -32.24
N ILE F 85 -32.27 -57.31 -33.19
CA ILE F 85 -32.39 -57.00 -34.61
C ILE F 85 -32.96 -58.23 -35.31
N LEU F 86 -33.96 -58.02 -36.16
CA LEU F 86 -34.62 -59.12 -36.89
C LEU F 86 -34.40 -58.90 -38.38
N ILE F 87 -33.90 -59.92 -39.06
CA ILE F 87 -33.52 -59.82 -40.47
C ILE F 87 -34.46 -60.69 -41.30
N MET F 88 -34.90 -60.15 -42.43
CA MET F 88 -35.67 -60.88 -43.43
C MET F 88 -34.90 -60.91 -44.75
N THR F 89 -34.73 -62.10 -45.31
CA THR F 89 -33.95 -62.26 -46.53
C THR F 89 -34.78 -61.90 -47.75
N SER F 90 -34.09 -61.53 -48.85
CA SER F 90 -34.77 -61.27 -50.11
C SER F 90 -35.55 -62.48 -50.59
N GLN F 91 -35.07 -63.69 -50.32
CA GLN F 91 -35.78 -64.88 -50.75
C GLN F 91 -37.12 -65.01 -50.03
N ASP F 92 -37.14 -64.74 -48.73
CA ASP F 92 -38.41 -64.74 -48.00
C ASP F 92 -39.33 -63.63 -48.53
N SER F 93 -38.76 -62.51 -48.96
CA SER F 93 -39.56 -61.45 -49.57
C SER F 93 -40.16 -61.92 -50.89
N ILE F 94 -39.39 -62.69 -51.67
CA ILE F 94 -39.91 -63.24 -52.92
C ILE F 94 -41.06 -64.21 -52.64
N LYS F 95 -40.94 -64.98 -51.54
CA LYS F 95 -41.98 -65.95 -51.21
C LYS F 95 -43.30 -65.29 -50.89
N SER F 96 -43.28 -64.05 -50.43
CA SER F 96 -44.48 -63.32 -50.07
C SER F 96 -45.13 -62.63 -51.27
N SER F 97 -44.61 -62.84 -52.47
CA SER F 97 -45.11 -62.11 -53.63
C SER F 97 -46.57 -62.42 -53.89
N ARG F 98 -47.32 -61.38 -54.24
CA ARG F 98 -48.68 -61.52 -54.71
C ARG F 98 -48.94 -60.38 -55.69
N ILE F 99 -49.45 -60.73 -56.87
CA ILE F 99 -49.69 -59.76 -57.93
C ILE F 99 -51.15 -59.33 -57.87
N MET F 100 -51.39 -58.03 -57.89
CA MET F 100 -52.74 -57.48 -57.77
C MET F 100 -53.11 -56.78 -59.06
N GLU F 101 -54.32 -57.06 -59.54
CA GLU F 101 -54.82 -56.49 -60.78
C GLU F 101 -55.69 -55.27 -60.50
N ARG F 102 -55.64 -54.31 -61.41
CA ARG F 102 -56.55 -53.17 -61.39
C ARG F 102 -57.05 -52.95 -62.81
N ALA F 103 -58.38 -52.85 -62.96
CA ALA F 103 -59.02 -52.69 -64.26
C ALA F 103 -58.64 -53.82 -65.21
N GLY F 104 -58.55 -55.03 -64.68
CA GLY F 104 -58.37 -56.22 -65.48
C GLY F 104 -56.94 -56.59 -65.84
N LYS F 105 -55.96 -55.77 -65.48
CA LYS F 105 -54.57 -56.08 -65.79
C LYS F 105 -53.75 -56.06 -64.50
N PRO F 106 -52.72 -56.91 -64.41
CA PRO F 106 -51.83 -56.84 -63.24
C PRO F 106 -51.19 -55.47 -63.15
N TYR F 107 -51.27 -54.87 -61.96
CA TYR F 107 -50.85 -53.49 -61.73
C TYR F 107 -49.67 -53.38 -60.78
N TYR F 108 -49.70 -54.10 -59.65
CA TYR F 108 -48.62 -54.08 -58.67
C TYR F 108 -48.20 -55.50 -58.34
N GLU F 109 -46.94 -55.66 -57.95
CA GLU F 109 -46.46 -56.85 -57.26
C GLU F 109 -45.94 -56.43 -55.90
N TYR F 110 -46.63 -56.87 -54.84
CA TYR F 110 -46.21 -56.57 -53.48
C TYR F 110 -45.31 -57.66 -52.94
N ARG F 111 -44.31 -57.26 -52.16
CA ARG F 111 -43.49 -58.21 -51.41
C ARG F 111 -43.32 -57.66 -50.00
N ASP F 112 -43.51 -58.53 -49.01
CA ASP F 112 -43.26 -58.13 -47.63
C ASP F 112 -41.77 -57.99 -47.38
N THR F 113 -41.42 -57.05 -46.52
CA THR F 113 -40.07 -56.91 -46.00
C THR F 113 -40.12 -56.99 -44.48
N ALA F 114 -39.00 -56.68 -43.84
CA ALA F 114 -38.83 -56.87 -42.40
C ALA F 114 -39.94 -56.19 -41.61
N MET F 115 -40.66 -56.98 -40.81
CA MET F 115 -41.69 -56.48 -39.90
C MET F 115 -41.57 -57.20 -38.56
N SER F 116 -42.06 -56.54 -37.51
CA SER F 116 -42.02 -57.11 -36.17
C SER F 116 -43.34 -56.88 -35.45
N LYS F 117 -43.75 -57.87 -34.65
CA LYS F 117 -44.94 -57.69 -33.83
C LYS F 117 -44.75 -56.59 -32.80
N THR F 118 -43.51 -56.18 -32.55
CA THR F 118 -43.20 -55.16 -31.56
C THR F 118 -43.08 -53.76 -32.15
N ALA F 119 -43.23 -53.62 -33.47
CA ALA F 119 -42.96 -52.37 -34.16
C ALA F 119 -44.10 -52.01 -35.11
N PRO F 120 -44.29 -50.72 -35.40
CA PRO F 120 -45.39 -50.30 -36.27
C PRO F 120 -45.07 -50.25 -37.76
N PHE F 121 -43.95 -50.82 -38.21
CA PHE F 121 -43.62 -50.79 -39.63
C PHE F 121 -44.53 -51.70 -40.45
N ARG F 122 -44.95 -51.21 -41.62
CA ARG F 122 -45.60 -52.01 -42.65
C ARG F 122 -44.95 -51.71 -43.99
N PRO F 123 -43.70 -52.16 -44.20
CA PRO F 123 -42.94 -51.77 -45.39
C PRO F 123 -43.09 -52.73 -46.56
N GLU F 124 -43.47 -52.22 -47.73
CA GLU F 124 -43.79 -53.06 -48.87
C GLU F 124 -42.86 -52.78 -50.05
N TRP F 125 -42.31 -53.84 -50.62
CA TRP F 125 -41.66 -53.81 -51.93
C TRP F 125 -42.75 -53.91 -52.99
N ILE F 126 -42.88 -52.89 -53.85
CA ILE F 126 -44.01 -52.79 -54.77
C ILE F 126 -43.49 -52.43 -56.16
N LEU F 127 -43.60 -53.38 -57.10
CA LEU F 127 -43.19 -53.18 -58.48
C LEU F 127 -44.34 -52.65 -59.34
N GLU F 128 -44.02 -51.67 -60.19
CA GLU F 128 -45.04 -51.04 -61.04
C GLU F 128 -45.13 -51.80 -62.35
N LEU F 129 -46.22 -52.55 -62.53
CA LEU F 129 -46.40 -53.36 -63.72
C LEU F 129 -47.07 -52.61 -64.86
N CYS F 130 -47.71 -51.47 -64.57
CA CYS F 130 -48.39 -50.68 -65.58
C CYS F 130 -47.44 -49.65 -66.17
N LYS F 131 -47.30 -49.66 -67.50
CA LYS F 131 -46.46 -48.70 -68.20
C LYS F 131 -47.32 -47.63 -68.84
N VAL F 132 -46.86 -46.38 -68.79
CA VAL F 132 -47.58 -45.25 -69.34
C VAL F 132 -46.71 -44.61 -70.43
N GLU F 133 -47.38 -44.03 -71.42
CA GLU F 133 -46.71 -43.47 -72.58
C GLU F 133 -46.42 -41.98 -72.42
N ASN F 134 -47.02 -41.32 -71.43
CA ASN F 134 -46.79 -39.89 -71.19
C ASN F 134 -46.77 -39.64 -69.68
N ASN F 135 -46.54 -38.37 -69.33
CA ASN F 135 -46.52 -37.92 -67.94
C ASN F 135 -47.73 -37.04 -67.60
N ASP F 136 -48.87 -37.34 -68.21
CA ASP F 136 -50.10 -36.61 -67.91
C ASP F 136 -50.72 -37.14 -66.61
N PRO F 137 -50.95 -36.30 -65.62
CA PRO F 137 -51.59 -36.78 -64.38
C PRO F 137 -52.99 -37.32 -64.59
N GLU F 138 -53.67 -36.94 -65.67
CA GLU F 138 -55.02 -37.41 -65.97
C GLU F 138 -55.04 -38.72 -66.75
N ASN F 139 -53.87 -39.30 -67.02
CA ASN F 139 -53.76 -40.49 -67.85
C ASN F 139 -54.69 -41.59 -67.33
N PRO F 140 -55.61 -42.10 -68.16
CA PRO F 140 -56.56 -43.12 -67.68
C PRO F 140 -55.91 -44.45 -67.36
N LYS F 141 -54.65 -44.66 -67.73
CA LYS F 141 -53.97 -45.89 -67.36
C LYS F 141 -53.71 -45.94 -65.85
N ALA F 142 -53.61 -44.78 -65.20
CA ALA F 142 -53.40 -44.73 -63.75
C ALA F 142 -54.66 -45.17 -63.01
N GLN F 143 -54.51 -46.20 -62.17
CA GLN F 143 -55.59 -46.73 -61.36
C GLN F 143 -55.37 -46.30 -59.92
N TRP F 144 -56.26 -45.44 -59.43
CA TRP F 144 -56.09 -44.80 -58.12
C TRP F 144 -56.67 -45.65 -57.00
N ASN F 145 -56.08 -45.50 -55.81
CA ASN F 145 -56.62 -46.12 -54.61
C ASN F 145 -57.55 -45.15 -53.88
N ASN F 146 -58.03 -45.57 -52.71
CA ASN F 146 -58.89 -44.75 -51.87
C ASN F 146 -58.15 -43.95 -50.81
N GLY F 147 -56.82 -44.01 -50.80
CA GLY F 147 -56.05 -43.56 -49.65
C GLY F 147 -56.15 -44.58 -48.52
N HIS F 148 -55.17 -44.61 -47.62
CA HIS F 148 -55.17 -45.63 -46.58
C HIS F 148 -54.71 -45.03 -45.25
N PHE F 149 -54.97 -45.81 -44.19
CA PHE F 149 -54.75 -45.36 -42.81
C PHE F 149 -53.26 -45.14 -42.50
N MET F 150 -52.39 -45.98 -43.04
CA MET F 150 -50.97 -45.91 -42.72
C MET F 150 -50.33 -44.65 -43.29
N HIS F 151 -49.50 -43.99 -42.48
CA HIS F 151 -48.54 -43.03 -43.02
C HIS F 151 -47.64 -43.74 -44.03
N GLN F 152 -47.17 -43.02 -45.04
CA GLN F 152 -46.38 -43.65 -46.09
C GLN F 152 -45.17 -42.80 -46.44
N PHE F 153 -43.98 -43.35 -46.19
CA PHE F 153 -42.75 -42.89 -46.81
C PHE F 153 -42.41 -43.81 -47.96
N THR F 154 -41.82 -43.26 -49.02
CA THR F 154 -41.52 -44.03 -50.22
C THR F 154 -40.18 -43.62 -50.79
N TYR F 155 -39.39 -44.62 -51.16
CA TYR F 155 -38.14 -44.45 -51.87
C TYR F 155 -38.27 -45.05 -53.27
N PHE F 156 -37.82 -44.30 -54.27
CA PHE F 156 -38.03 -44.65 -55.67
C PHE F 156 -36.79 -45.30 -56.28
N ILE F 157 -36.99 -46.38 -57.01
CA ILE F 157 -35.92 -47.08 -57.73
C ILE F 157 -36.38 -47.24 -59.18
N GLY F 158 -35.76 -46.49 -60.08
CA GLY F 158 -36.14 -46.52 -61.48
C GLY F 158 -37.04 -45.38 -61.87
N GLU F 159 -37.63 -45.53 -63.05
CA GLU F 159 -38.44 -44.46 -63.66
C GLU F 159 -39.90 -44.65 -63.23
N VAL F 160 -40.20 -44.17 -62.02
CA VAL F 160 -41.52 -44.30 -61.43
C VAL F 160 -42.23 -42.96 -61.55
N ASN F 161 -43.51 -43.00 -61.89
CA ASN F 161 -44.39 -41.84 -61.82
C ASN F 161 -45.20 -41.95 -60.55
N PHE F 162 -45.18 -40.89 -59.74
CA PHE F 162 -45.91 -40.84 -58.48
C PHE F 162 -47.10 -39.92 -58.67
N TYR F 163 -48.30 -40.50 -58.69
CA TYR F 163 -49.54 -39.76 -58.81
C TYR F 163 -50.14 -39.56 -57.42
N TYR F 164 -50.73 -38.39 -57.20
CA TYR F 164 -51.39 -38.09 -55.93
C TYR F 164 -52.39 -36.97 -56.15
N LYS F 165 -53.32 -36.83 -55.22
CA LYS F 165 -54.31 -35.77 -55.26
C LYS F 165 -54.00 -34.73 -54.18
N ASP F 166 -54.23 -33.46 -54.50
CA ASP F 166 -54.09 -32.40 -53.53
C ASP F 166 -55.34 -32.33 -52.66
N PRO F 167 -55.33 -31.52 -51.59
CA PRO F 167 -56.52 -31.45 -50.72
C PRO F 167 -57.80 -31.07 -51.44
N GLU F 168 -57.73 -30.52 -52.66
CA GLU F 168 -58.90 -30.05 -53.38
C GLU F 168 -59.46 -31.07 -54.37
N GLY F 169 -58.84 -32.25 -54.48
CA GLY F 169 -59.30 -33.31 -55.35
C GLY F 169 -58.50 -33.47 -56.63
N LYS F 170 -57.87 -32.41 -57.11
CA LYS F 170 -57.19 -32.45 -58.40
C LYS F 170 -55.99 -33.39 -58.39
N LYS F 171 -55.70 -33.96 -59.56
CA LYS F 171 -54.62 -34.91 -59.74
C LYS F 171 -53.30 -34.23 -60.02
N HIS F 172 -52.23 -34.74 -59.39
CA HIS F 172 -50.87 -34.33 -59.69
C HIS F 172 -50.03 -35.57 -59.97
N VAL F 173 -48.87 -35.36 -60.58
CA VAL F 173 -47.92 -36.44 -60.81
C VAL F 173 -46.52 -35.90 -60.57
N ALA F 174 -45.66 -36.73 -60.00
CA ALA F 174 -44.26 -36.42 -59.81
C ALA F 174 -43.46 -37.40 -60.66
N ILE F 175 -42.62 -36.86 -61.54
CA ILE F 175 -41.81 -37.66 -62.45
C ILE F 175 -40.54 -38.00 -61.68
N MET F 176 -40.47 -39.22 -61.16
CA MET F 176 -39.43 -39.60 -60.21
C MET F 176 -38.36 -40.46 -60.86
N ASN F 177 -37.20 -40.51 -60.21
CA ASN F 177 -36.10 -41.38 -60.62
C ASN F 177 -35.44 -41.96 -59.36
N THR F 178 -34.43 -42.80 -59.58
CA THR F 178 -33.78 -43.50 -58.48
C THR F 178 -33.17 -42.51 -57.49
N GLY F 179 -33.42 -42.74 -56.20
CA GLY F 179 -32.95 -41.86 -55.15
C GLY F 179 -33.93 -40.79 -54.71
N ASP F 180 -34.98 -40.55 -55.49
CA ASP F 180 -36.04 -39.66 -55.06
C ASP F 180 -36.84 -40.31 -53.94
N SER F 181 -37.55 -39.47 -53.17
CA SER F 181 -38.33 -39.97 -52.05
C SER F 181 -39.54 -39.07 -51.85
N MET F 182 -40.51 -39.57 -51.09
CA MET F 182 -41.73 -38.82 -50.84
C MET F 182 -42.34 -39.23 -49.51
N TYR F 183 -43.23 -38.38 -49.01
CA TYR F 183 -44.13 -38.71 -47.91
C TYR F 183 -45.54 -38.30 -48.28
N ILE F 184 -46.54 -39.10 -47.90
CA ILE F 184 -47.93 -38.80 -48.22
C ILE F 184 -48.79 -39.01 -46.98
N THR F 185 -49.60 -38.01 -46.65
CA THR F 185 -50.42 -38.04 -45.45
C THR F 185 -51.48 -39.14 -45.56
N PRO F 186 -51.77 -39.83 -44.46
CA PRO F 186 -52.81 -40.88 -44.50
C PRO F 186 -54.10 -40.40 -45.16
N PHE F 187 -54.69 -41.28 -45.96
CA PHE F 187 -55.96 -41.13 -46.68
C PHE F 187 -55.88 -40.22 -47.91
N THR F 188 -54.69 -39.75 -48.30
CA THR F 188 -54.55 -39.06 -49.58
C THR F 188 -54.42 -40.09 -50.71
N PRO F 189 -55.31 -40.06 -51.70
CA PRO F 189 -55.24 -41.07 -52.76
C PRO F 189 -53.99 -40.92 -53.62
N HIS F 190 -53.49 -42.07 -54.09
CA HIS F 190 -52.25 -42.08 -54.87
C HIS F 190 -52.17 -43.36 -55.68
N THR F 191 -51.25 -43.36 -56.66
CA THR F 191 -50.95 -44.54 -57.45
C THR F 191 -49.62 -44.31 -58.15
N PHE F 192 -49.04 -45.40 -58.65
CA PHE F 192 -47.71 -45.38 -59.25
C PHE F 192 -47.70 -46.16 -60.56
N THR F 193 -46.95 -45.66 -61.54
CA THR F 193 -46.75 -46.33 -62.82
C THR F 193 -45.28 -46.25 -63.21
N THR F 194 -44.94 -46.96 -64.28
CA THR F 194 -43.61 -46.91 -64.89
C THR F 194 -43.66 -46.13 -66.19
N ARG F 195 -42.64 -45.31 -66.42
CA ARG F 195 -42.54 -44.59 -67.68
C ARG F 195 -42.12 -45.52 -68.82
N ASP F 196 -42.58 -45.17 -70.03
CA ASP F 196 -42.33 -46.00 -71.20
C ASP F 196 -40.85 -46.15 -71.51
N GLY F 197 -40.11 -45.04 -71.53
CA GLY F 197 -38.72 -45.10 -71.93
C GLY F 197 -37.82 -45.91 -71.03
N ALA F 198 -38.32 -46.40 -69.90
CA ALA F 198 -37.52 -47.24 -69.03
C ALA F 198 -37.38 -48.64 -69.60
N SER F 199 -36.17 -49.20 -69.50
CA SER F 199 -35.93 -50.55 -70.01
C SER F 199 -36.68 -51.60 -69.19
N GLN F 200 -36.84 -51.36 -67.89
CA GLN F 200 -37.56 -52.28 -67.03
C GLN F 200 -38.47 -51.48 -66.11
N ASN F 201 -39.35 -52.20 -65.41
CA ASN F 201 -40.34 -51.57 -64.56
C ASN F 201 -39.72 -50.81 -63.39
N GLY F 202 -40.36 -49.69 -63.05
CA GLY F 202 -39.98 -48.96 -61.87
C GLY F 202 -40.40 -49.70 -60.61
N LEU F 203 -39.68 -49.42 -59.53
CA LEU F 203 -39.89 -50.07 -58.25
C LEU F 203 -39.92 -49.03 -57.14
N ILE F 204 -40.82 -49.21 -56.17
CA ILE F 204 -40.83 -48.36 -55.00
C ILE F 204 -40.72 -49.22 -53.75
N LEU F 205 -40.06 -48.67 -52.74
CA LEU F 205 -40.05 -49.23 -51.39
C LEU F 205 -41.01 -48.38 -50.58
N ALA F 206 -42.26 -48.84 -50.49
CA ALA F 206 -43.31 -48.12 -49.79
C ALA F 206 -43.22 -48.47 -48.31
N LEU F 207 -42.57 -47.59 -47.54
CA LEU F 207 -42.34 -47.81 -46.11
C LEU F 207 -43.48 -47.15 -45.35
N THR F 208 -44.55 -47.89 -45.13
CA THR F 208 -45.71 -47.39 -44.42
C THR F 208 -45.64 -47.78 -42.95
N TYR F 209 -46.33 -47.00 -42.12
CA TYR F 209 -46.27 -47.18 -40.68
C TYR F 209 -47.39 -46.40 -40.02
N GLY F 210 -47.75 -46.82 -38.82
CA GLY F 210 -48.64 -46.06 -37.98
C GLY F 210 -47.83 -45.23 -37.01
N SER F 211 -48.46 -44.19 -36.46
CA SER F 211 -47.78 -43.32 -35.52
C SER F 211 -48.53 -43.29 -34.20
N LYS F 212 -49.46 -42.34 -34.03
CA LYS F 212 -50.17 -42.17 -32.77
C LYS F 212 -51.68 -42.37 -32.89
N LEU F 213 -52.13 -43.05 -33.94
CA LEU F 213 -53.57 -43.30 -34.12
C LEU F 213 -53.89 -44.78 -34.19
N THR F 214 -52.93 -45.65 -33.89
CA THR F 214 -53.14 -47.08 -33.95
C THR F 214 -53.33 -47.65 -32.55
N GLY F 215 -53.86 -48.88 -32.51
CA GLY F 215 -53.93 -49.60 -31.25
C GLY F 215 -54.95 -49.03 -30.29
N ASP F 216 -54.48 -48.78 -29.05
CA ASP F 216 -55.38 -48.40 -27.97
C ASP F 216 -56.12 -47.10 -28.28
N ILE F 217 -55.39 -46.09 -28.76
CA ILE F 217 -55.99 -44.80 -29.05
C ILE F 217 -57.10 -44.94 -30.07
N GLN F 218 -56.91 -45.81 -31.07
CA GLN F 218 -57.96 -46.03 -32.05
C GLN F 218 -59.19 -46.66 -31.41
N GLN F 219 -58.97 -47.60 -30.48
CA GLN F 219 -60.08 -48.22 -29.77
C GLN F 219 -60.80 -47.22 -28.88
N GLU F 220 -60.05 -46.34 -28.21
CA GLU F 220 -60.66 -45.32 -27.36
C GLU F 220 -61.56 -44.39 -28.18
N LEU F 221 -61.16 -44.10 -29.42
CA LEU F 221 -61.98 -43.26 -30.29
C LEU F 221 -63.15 -44.03 -30.91
N SER F 222 -62.97 -45.32 -31.19
CA SER F 222 -63.99 -46.06 -31.91
C SER F 222 -65.28 -46.22 -31.10
N SER F 223 -65.17 -46.26 -29.77
CA SER F 223 -66.33 -46.41 -28.90
C SER F 223 -67.15 -45.13 -28.72
N LEU F 224 -66.66 -43.99 -29.22
CA LEU F 224 -67.42 -42.75 -29.19
C LEU F 224 -68.30 -42.64 -30.42
N SER F 225 -69.39 -41.89 -30.29
CA SER F 225 -70.21 -41.59 -31.45
C SER F 225 -69.39 -40.82 -32.47
N LEU F 226 -69.78 -40.97 -33.74
CA LEU F 226 -69.07 -40.26 -34.81
C LEU F 226 -69.12 -38.76 -34.58
N ASP F 227 -70.23 -38.26 -34.04
CA ASP F 227 -70.36 -36.83 -33.75
C ASP F 227 -69.36 -36.39 -32.69
N CYS F 228 -69.20 -37.17 -31.63
CA CYS F 228 -68.29 -36.78 -30.56
C CYS F 228 -66.83 -36.97 -30.98
N GLY F 229 -66.52 -38.10 -31.61
CA GLY F 229 -65.14 -38.35 -32.01
C GLY F 229 -64.65 -37.31 -33.01
N SER F 230 -65.52 -36.89 -33.92
CA SER F 230 -65.12 -35.93 -34.93
C SER F 230 -64.74 -34.59 -34.35
N GLN F 231 -65.21 -34.27 -33.14
CA GLN F 231 -64.88 -33.00 -32.51
C GLN F 231 -63.47 -32.95 -31.95
N TYR F 232 -62.78 -34.10 -31.89
CA TYR F 232 -61.36 -34.07 -31.55
C TYR F 232 -60.53 -33.47 -32.67
N ALA F 233 -61.00 -33.56 -33.92
CA ALA F 233 -60.24 -33.09 -35.07
C ALA F 233 -60.29 -31.57 -35.12
N LEU F 234 -59.18 -30.93 -34.74
CA LEU F 234 -59.09 -29.49 -34.78
C LEU F 234 -58.77 -29.00 -36.19
N ASP F 235 -58.99 -27.70 -36.40
CA ASP F 235 -58.68 -27.09 -37.69
C ASP F 235 -57.20 -26.78 -37.76
N PHE F 236 -56.45 -27.63 -38.46
CA PHE F 236 -55.02 -27.42 -38.67
C PHE F 236 -54.71 -27.10 -40.14
N THR F 237 -55.68 -26.50 -40.84
CA THR F 237 -55.49 -26.23 -42.26
C THR F 237 -54.39 -25.21 -42.52
N ASN F 238 -54.14 -24.32 -41.56
CA ASN F 238 -53.02 -23.39 -41.67
C ASN F 238 -52.58 -23.03 -40.26
N HIS F 239 -51.43 -22.35 -40.18
CA HIS F 239 -50.81 -22.08 -38.88
C HIS F 239 -51.72 -21.23 -38.01
N GLU F 240 -52.35 -20.20 -38.60
CA GLU F 240 -53.17 -19.28 -37.81
C GLU F 240 -54.42 -19.97 -37.28
N ASN F 241 -55.09 -20.77 -38.11
CA ASN F 241 -56.27 -21.49 -37.65
C ASN F 241 -55.91 -22.51 -36.58
N ALA F 242 -54.76 -23.16 -36.72
CA ALA F 242 -54.33 -24.13 -35.73
C ALA F 242 -54.11 -23.48 -34.37
N SER F 243 -53.56 -22.25 -34.38
CA SER F 243 -53.38 -21.52 -33.13
C SER F 243 -54.71 -21.23 -32.45
N LEU F 244 -55.70 -20.79 -33.23
CA LEU F 244 -57.02 -20.50 -32.66
C LEU F 244 -57.70 -21.78 -32.19
N SER F 245 -57.57 -22.87 -32.95
CA SER F 245 -58.18 -24.14 -32.54
C SER F 245 -57.65 -24.59 -31.19
N LEU F 246 -56.33 -24.47 -30.99
CA LEU F 246 -55.74 -24.87 -29.71
C LEU F 246 -56.18 -23.94 -28.59
N LEU F 247 -56.25 -22.63 -28.87
CA LEU F 247 -56.71 -21.66 -27.88
C LEU F 247 -58.13 -21.97 -27.44
N GLU F 248 -59.03 -22.21 -28.39
CA GLU F 248 -60.43 -22.50 -28.05
C GLU F 248 -60.55 -23.83 -27.33
N TYR F 249 -59.79 -24.85 -27.75
CA TYR F 249 -59.89 -26.16 -27.12
C TYR F 249 -59.52 -26.09 -25.64
N TYR F 250 -58.40 -25.44 -25.33
CA TYR F 250 -57.97 -25.36 -23.94
C TYR F 250 -58.78 -24.36 -23.12
N PHE F 251 -59.38 -23.36 -23.76
CA PHE F 251 -60.34 -22.52 -23.04
C PHE F 251 -61.54 -23.32 -22.57
N GLU F 252 -62.03 -24.21 -23.43
CA GLU F 252 -63.17 -25.04 -23.06
C GLU F 252 -62.80 -26.02 -21.95
N LEU F 253 -61.58 -26.55 -21.97
CA LEU F 253 -61.13 -27.46 -20.93
C LEU F 253 -61.16 -26.78 -19.55
N SER F 254 -60.81 -25.49 -19.51
CA SER F 254 -60.73 -24.77 -18.24
C SER F 254 -62.11 -24.55 -17.62
N ASN F 255 -63.15 -24.53 -18.45
CA ASN F 255 -64.52 -24.24 -18.04
C ASN F 255 -64.67 -22.84 -17.46
N LEU F 256 -63.72 -21.96 -17.74
CA LEU F 256 -63.85 -20.55 -17.39
C LEU F 256 -64.86 -19.88 -18.31
N THR F 257 -65.48 -18.82 -17.82
CA THR F 257 -66.18 -17.92 -18.71
C THR F 257 -65.19 -16.94 -19.32
N LYS F 258 -65.61 -16.28 -20.40
CA LYS F 258 -64.79 -15.21 -20.97
C LYS F 258 -64.56 -14.11 -19.93
N GLU F 259 -65.58 -13.82 -19.11
CA GLU F 259 -65.44 -12.81 -18.07
C GLU F 259 -64.34 -13.20 -17.07
N LYS F 260 -64.36 -14.44 -16.61
CA LYS F 260 -63.35 -14.87 -15.64
C LYS F 260 -61.99 -15.05 -16.31
N PHE F 261 -61.97 -15.56 -17.54
CA PHE F 261 -60.72 -15.68 -18.28
C PHE F 261 -60.05 -14.32 -18.43
N ALA F 262 -60.84 -13.29 -18.75
CA ALA F 262 -60.31 -11.95 -18.91
C ALA F 262 -59.77 -11.39 -17.60
N LYS F 263 -60.49 -11.57 -16.49
CA LYS F 263 -60.04 -11.05 -15.22
C LYS F 263 -58.75 -11.74 -14.76
N ARG F 264 -58.64 -13.04 -15.02
CA ARG F 264 -57.46 -13.77 -14.54
C ARG F 264 -56.22 -13.40 -15.35
N THR F 265 -56.38 -13.18 -16.66
CA THR F 265 -55.27 -12.79 -17.51
C THR F 265 -54.94 -11.30 -17.41
N ASN F 266 -55.83 -10.51 -16.79
CA ASN F 266 -55.75 -9.05 -16.80
C ASN F 266 -55.79 -8.50 -18.23
N PHE F 267 -56.51 -9.19 -19.10
CA PHE F 267 -56.83 -8.72 -20.44
C PHE F 267 -58.22 -8.12 -20.44
N SER F 268 -58.44 -7.13 -21.30
CA SER F 268 -59.79 -6.61 -21.49
C SER F 268 -60.62 -7.64 -22.25
N MET F 269 -61.95 -7.50 -22.13
CA MET F 269 -62.83 -8.37 -22.89
C MET F 269 -62.62 -8.19 -24.39
N GLU F 270 -62.33 -6.97 -24.82
CA GLU F 270 -62.06 -6.72 -26.24
C GLU F 270 -60.73 -7.32 -26.67
N THR F 271 -59.70 -7.18 -25.83
CA THR F 271 -58.40 -7.78 -26.14
C THR F 271 -58.51 -9.29 -26.26
N LEU F 272 -59.20 -9.92 -25.32
CA LEU F 272 -59.41 -11.36 -25.38
C LEU F 272 -60.22 -11.76 -26.60
N ALA F 273 -61.25 -10.99 -26.94
CA ALA F 273 -62.07 -11.34 -28.10
C ALA F 273 -61.26 -11.27 -29.39
N ASP F 274 -60.33 -10.32 -29.49
CA ASP F 274 -59.50 -10.21 -30.67
C ASP F 274 -58.65 -11.47 -30.87
N PHE F 275 -58.31 -12.16 -29.78
CA PHE F 275 -57.59 -13.42 -29.90
C PHE F 275 -58.49 -14.49 -30.52
N PHE F 276 -59.72 -14.60 -30.03
CA PHE F 276 -60.63 -15.64 -30.50
C PHE F 276 -61.22 -15.34 -31.88
N THR F 277 -61.01 -14.15 -32.41
CA THR F 277 -61.46 -13.81 -33.76
C THR F 277 -60.32 -13.66 -34.75
N LYS F 278 -59.09 -14.00 -34.35
CA LYS F 278 -57.89 -13.89 -35.17
C LYS F 278 -57.58 -12.44 -35.57
N LYS F 279 -58.19 -11.46 -34.89
CA LYS F 279 -57.87 -10.06 -35.17
C LYS F 279 -56.44 -9.76 -34.75
N LYS F 280 -56.07 -10.12 -33.53
CA LYS F 280 -54.70 -9.99 -33.04
C LYS F 280 -54.20 -11.35 -32.60
N LEU F 281 -52.88 -11.53 -32.67
CA LEU F 281 -52.25 -12.77 -32.22
C LEU F 281 -51.47 -12.54 -30.93
N PRO F 282 -51.56 -13.45 -29.96
CA PRO F 282 -50.86 -13.25 -28.69
C PRO F 282 -49.34 -13.20 -28.89
N THR F 283 -48.72 -12.24 -28.22
CA THR F 283 -47.26 -12.16 -28.21
C THR F 283 -46.70 -13.34 -27.40
N PHE F 284 -45.37 -13.46 -27.41
CA PHE F 284 -44.71 -14.52 -26.67
C PHE F 284 -45.04 -14.47 -25.18
N ASP F 285 -45.04 -13.27 -24.60
CA ASP F 285 -45.39 -13.12 -23.19
C ASP F 285 -46.88 -13.35 -22.96
N GLU F 286 -47.72 -12.92 -23.90
CA GLU F 286 -49.16 -13.08 -23.74
C GLU F 286 -49.56 -14.55 -23.78
N LEU F 287 -48.88 -15.35 -24.62
CA LEU F 287 -49.21 -16.77 -24.69
C LEU F 287 -48.90 -17.47 -23.37
N LYS F 288 -47.82 -17.07 -22.70
CA LYS F 288 -47.50 -17.65 -21.39
C LYS F 288 -48.55 -17.25 -20.36
N ILE F 289 -49.03 -16.01 -20.44
CA ILE F 289 -50.08 -15.56 -19.54
C ILE F 289 -51.37 -16.34 -19.78
N ILE F 290 -51.71 -16.58 -21.05
CA ILE F 290 -52.90 -17.36 -21.38
C ILE F 290 -52.74 -18.79 -20.87
N ALA F 291 -51.57 -19.39 -21.08
CA ALA F 291 -51.33 -20.76 -20.65
C ALA F 291 -51.40 -20.89 -19.13
N LYS F 292 -50.83 -19.94 -18.41
CA LYS F 292 -50.90 -19.97 -16.95
C LYS F 292 -52.34 -19.87 -16.48
N ALA F 293 -53.13 -18.99 -17.13
CA ALA F 293 -54.53 -18.84 -16.75
C ALA F 293 -55.35 -20.09 -17.05
N LEU F 294 -55.02 -20.82 -18.11
CA LEU F 294 -55.74 -22.05 -18.44
C LEU F 294 -55.10 -23.29 -17.80
N ASN F 295 -54.09 -23.12 -16.96
CA ASN F 295 -53.44 -24.20 -16.24
C ASN F 295 -52.84 -25.26 -17.18
N VAL F 296 -52.24 -24.78 -18.27
CA VAL F 296 -51.51 -25.63 -19.20
C VAL F 296 -50.19 -24.95 -19.52
N ASN F 297 -49.41 -25.57 -20.41
CA ASN F 297 -48.13 -25.03 -20.82
C ASN F 297 -48.28 -24.27 -22.13
N SER F 298 -47.43 -23.26 -22.33
CA SER F 298 -47.42 -22.57 -23.62
C SER F 298 -47.17 -23.55 -24.75
N ARG F 299 -46.37 -24.58 -24.48
CA ARG F 299 -46.16 -25.67 -25.42
C ARG F 299 -47.47 -26.31 -25.86
N ASP F 300 -48.44 -26.40 -24.95
CA ASP F 300 -49.71 -27.03 -25.29
C ASP F 300 -50.57 -26.12 -26.17
N LEU F 301 -50.40 -24.81 -26.04
CA LEU F 301 -51.17 -23.89 -26.87
C LEU F 301 -50.51 -23.65 -28.23
N MET F 302 -49.21 -23.99 -28.38
CA MET F 302 -48.50 -23.72 -29.62
C MET F 302 -48.81 -24.78 -30.67
N PRO F 303 -49.06 -24.37 -31.90
CA PRO F 303 -49.02 -25.31 -33.02
C PRO F 303 -47.58 -25.54 -33.47
N ASN F 304 -47.41 -26.41 -34.46
CA ASN F 304 -46.12 -26.58 -35.11
C ASN F 304 -45.66 -25.26 -35.72
N ASP F 305 -44.37 -25.18 -36.04
CA ASP F 305 -43.83 -23.91 -36.54
C ASP F 305 -44.42 -23.54 -37.90
N LEU F 306 -44.57 -24.50 -38.80
CA LEU F 306 -45.21 -24.21 -40.08
C LEU F 306 -46.11 -25.37 -40.48
N THR F 307 -46.96 -25.11 -41.46
CA THR F 307 -47.91 -26.09 -41.96
C THR F 307 -47.31 -26.74 -43.21
N GLU F 308 -47.12 -28.06 -43.17
CA GLU F 308 -46.57 -28.77 -44.31
C GLU F 308 -47.67 -29.13 -45.29
N SER F 309 -47.26 -29.37 -46.54
CA SER F 309 -48.18 -29.92 -47.53
C SER F 309 -48.53 -31.36 -47.16
N LYS F 310 -49.67 -31.82 -47.68
CA LYS F 310 -50.09 -33.19 -47.41
C LYS F 310 -49.16 -34.19 -48.09
N VAL F 311 -48.55 -33.80 -49.20
CA VAL F 311 -47.63 -34.63 -49.94
C VAL F 311 -46.30 -33.89 -50.07
N ILE F 312 -45.22 -34.57 -49.73
CA ILE F 312 -43.86 -34.04 -49.83
C ILE F 312 -43.12 -34.86 -50.86
N VAL F 313 -42.55 -34.18 -51.87
CA VAL F 313 -41.75 -34.81 -52.91
C VAL F 313 -40.35 -34.22 -52.85
N LYS F 314 -39.33 -35.10 -52.84
CA LYS F 314 -37.95 -34.65 -52.69
C LYS F 314 -37.07 -35.42 -53.66
N THR F 315 -36.50 -34.73 -54.65
CA THR F 315 -35.58 -35.40 -55.54
C THR F 315 -34.24 -35.58 -54.84
N HIS F 316 -33.45 -36.54 -55.33
CA HIS F 316 -32.24 -36.95 -54.63
C HIS F 316 -31.26 -35.81 -54.48
N ASP F 317 -31.11 -34.98 -55.52
CA ASP F 317 -30.12 -33.91 -55.43
C ASP F 317 -30.50 -32.85 -54.40
N GLN F 318 -31.76 -32.82 -53.96
CA GLN F 318 -32.19 -31.92 -52.90
C GLN F 318 -31.83 -32.44 -51.52
N CYS F 319 -31.45 -33.70 -51.41
CA CYS F 319 -31.14 -34.28 -50.11
C CYS F 319 -29.81 -33.72 -49.60
N ASP F 320 -29.85 -33.07 -48.44
CA ASP F 320 -28.64 -32.65 -47.77
C ASP F 320 -27.85 -33.88 -47.36
N HIS F 321 -26.52 -33.73 -47.28
CA HIS F 321 -25.68 -34.87 -46.98
C HIS F 321 -24.45 -34.44 -46.22
N TRP F 322 -23.86 -35.41 -45.50
CA TRP F 322 -22.70 -35.16 -44.66
C TRP F 322 -22.04 -36.50 -44.34
N LYS F 323 -20.79 -36.42 -43.90
CA LYS F 323 -20.04 -37.60 -43.48
C LYS F 323 -20.32 -37.86 -42.00
N TYR F 324 -20.50 -39.14 -41.66
CA TYR F 324 -20.74 -39.52 -40.28
C TYR F 324 -20.06 -40.83 -39.95
N PRO F 325 -19.39 -40.91 -38.80
CA PRO F 325 -19.14 -39.78 -37.89
C PRO F 325 -17.98 -38.93 -38.39
N GLU F 326 -17.27 -38.24 -37.48
CA GLU F 326 -16.10 -37.49 -37.90
C GLU F 326 -15.09 -38.35 -38.65
N SER F 327 -14.97 -39.63 -38.27
CA SER F 327 -14.04 -40.53 -38.93
C SER F 327 -14.44 -40.80 -40.38
N GLY F 328 -15.73 -40.92 -40.65
CA GLY F 328 -16.24 -40.93 -42.01
C GLY F 328 -16.60 -42.29 -42.60
N ASN F 329 -17.06 -43.25 -41.79
CA ASN F 329 -17.46 -44.53 -42.35
C ASN F 329 -18.74 -44.43 -43.18
N TYR F 330 -19.55 -43.40 -42.96
CA TYR F 330 -20.82 -43.28 -43.66
C TYR F 330 -20.96 -41.90 -44.28
N GLU F 331 -21.82 -41.84 -45.29
CA GLU F 331 -22.30 -40.58 -45.86
C GLU F 331 -23.83 -40.64 -45.82
N PHE F 332 -24.43 -39.77 -45.01
CA PHE F 332 -25.87 -39.75 -44.81
C PHE F 332 -26.51 -38.79 -45.79
N TYR F 333 -27.61 -39.22 -46.41
CA TYR F 333 -28.41 -38.38 -47.29
C TYR F 333 -29.81 -38.24 -46.69
N GLU F 334 -30.24 -37.00 -46.46
CA GLU F 334 -31.50 -36.72 -45.79
C GLU F 334 -32.64 -36.80 -46.81
N LEU F 335 -33.45 -37.85 -46.71
CA LEU F 335 -34.54 -38.08 -47.66
C LEU F 335 -35.77 -37.29 -47.21
N ALA F 336 -36.91 -37.55 -47.85
CA ALA F 336 -38.12 -36.78 -47.60
C ALA F 336 -38.56 -36.89 -46.14
N SER F 337 -39.12 -35.79 -45.62
CA SER F 337 -39.57 -35.72 -44.24
C SER F 337 -40.62 -34.62 -44.13
N THR F 338 -41.30 -34.58 -42.98
CA THR F 338 -42.28 -33.54 -42.70
C THR F 338 -42.25 -33.26 -41.21
N THR F 339 -42.29 -31.97 -40.85
CA THR F 339 -42.33 -31.59 -39.44
C THR F 339 -43.65 -31.98 -38.79
N ALA F 340 -44.64 -32.44 -39.56
CA ALA F 340 -45.83 -33.05 -39.00
C ALA F 340 -45.51 -34.36 -38.28
N LEU F 341 -44.40 -34.99 -38.65
CA LEU F 341 -43.91 -36.19 -37.97
C LEU F 341 -42.46 -35.96 -37.58
N PRO F 342 -42.24 -35.21 -36.49
CA PRO F 342 -40.86 -34.88 -36.10
C PRO F 342 -40.02 -36.09 -35.73
N HIS F 343 -40.64 -37.25 -35.51
CA HIS F 343 -39.92 -38.46 -35.15
C HIS F 343 -39.76 -39.42 -36.31
N SER F 344 -40.06 -38.99 -37.54
CA SER F 344 -39.84 -39.80 -38.74
C SER F 344 -38.61 -39.28 -39.48
N LYS F 345 -37.55 -40.07 -39.48
CA LYS F 345 -36.28 -39.70 -40.11
C LYS F 345 -35.94 -40.75 -41.16
N ALA F 346 -35.71 -40.31 -42.39
CA ALA F 346 -35.40 -41.21 -43.49
C ALA F 346 -34.06 -40.86 -44.08
N PHE F 347 -33.18 -41.86 -44.23
CA PHE F 347 -31.83 -41.63 -44.72
C PHE F 347 -31.45 -42.66 -45.76
N GLU F 348 -30.65 -42.22 -46.72
CA GLU F 348 -29.89 -43.09 -47.60
C GLU F 348 -28.44 -43.03 -47.17
N ILE F 349 -27.83 -44.18 -46.87
CA ILE F 349 -26.49 -44.22 -46.28
C ILE F 349 -25.55 -44.97 -47.20
N ASP F 350 -24.46 -44.30 -47.60
CA ASP F 350 -23.35 -44.91 -48.32
C ASP F 350 -22.33 -45.42 -47.31
N VAL F 351 -22.06 -46.72 -47.34
CA VAL F 351 -21.13 -47.34 -46.41
C VAL F 351 -19.81 -47.59 -47.14
N SER F 352 -18.73 -46.99 -46.64
CA SER F 352 -17.37 -47.12 -47.17
C SER F 352 -16.47 -47.16 -45.93
N SER F 353 -16.40 -48.32 -45.30
CA SER F 353 -15.77 -48.44 -44.00
C SER F 353 -14.64 -49.45 -43.99
N SER F 354 -13.84 -49.35 -42.93
CA SER F 354 -12.69 -50.22 -42.72
C SER F 354 -13.08 -51.45 -41.92
N GLU F 355 -12.16 -51.95 -41.11
CA GLU F 355 -12.38 -53.09 -40.25
C GLU F 355 -12.32 -52.61 -38.80
N ASP F 356 -13.46 -52.63 -38.13
CA ASP F 356 -13.55 -52.30 -36.71
C ASP F 356 -14.95 -52.64 -36.18
N LEU F 357 -15.01 -53.34 -35.05
CA LEU F 357 -16.29 -53.68 -34.44
C LEU F 357 -16.91 -52.49 -33.70
N ASN F 358 -16.43 -51.28 -33.96
CA ASN F 358 -16.91 -50.08 -33.27
C ASN F 358 -18.36 -49.81 -33.65
N LEU F 359 -19.24 -49.83 -32.65
CA LEU F 359 -20.67 -49.59 -32.87
C LEU F 359 -20.91 -48.09 -32.76
N ASP F 360 -21.07 -47.42 -33.89
CA ASP F 360 -21.09 -45.96 -33.96
C ASP F 360 -22.46 -45.37 -34.22
N LEU F 361 -23.52 -46.18 -34.31
CA LEU F 361 -24.87 -45.69 -34.56
C LEU F 361 -25.77 -46.11 -33.41
N LYS F 362 -26.57 -45.17 -32.91
CA LYS F 362 -27.47 -45.43 -31.79
C LYS F 362 -28.53 -44.34 -31.73
N VAL F 363 -29.81 -44.72 -31.73
CA VAL F 363 -30.89 -43.74 -31.80
C VAL F 363 -32.14 -44.30 -31.13
N GLY F 364 -32.84 -43.44 -30.40
CA GLY F 364 -34.04 -43.83 -29.70
C GLY F 364 -35.28 -43.80 -30.56
N LEU F 365 -35.27 -44.61 -31.62
CA LEU F 365 -36.40 -44.73 -32.52
C LEU F 365 -36.45 -46.16 -33.03
N HIS F 366 -37.64 -46.57 -33.48
CA HIS F 366 -37.77 -47.79 -34.26
C HIS F 366 -37.05 -47.61 -35.59
N GLN F 367 -36.41 -48.67 -36.07
CA GLN F 367 -35.61 -48.57 -37.28
C GLN F 367 -35.90 -49.71 -38.25
N TYR F 368 -36.00 -49.36 -39.52
CA TYR F 368 -36.14 -50.31 -40.62
C TYR F 368 -35.00 -50.14 -41.61
N VAL F 369 -34.41 -51.25 -42.05
CA VAL F 369 -33.27 -51.24 -42.95
C VAL F 369 -33.61 -52.06 -44.19
N TYR F 370 -33.18 -51.58 -45.35
CA TYR F 370 -33.30 -52.33 -46.60
C TYR F 370 -32.05 -52.10 -47.41
N ASN F 371 -31.42 -53.19 -47.87
CA ASN F 371 -30.19 -53.13 -48.65
C ASN F 371 -30.53 -52.80 -50.10
N ILE F 372 -30.36 -51.53 -50.47
CA ILE F 372 -30.62 -51.10 -51.84
C ILE F 372 -29.39 -51.17 -52.74
N GLY F 373 -28.22 -51.50 -52.18
CA GLY F 373 -27.02 -51.63 -52.98
C GLY F 373 -26.93 -52.98 -53.67
N ASP F 374 -25.93 -53.10 -54.55
CA ASP F 374 -25.67 -54.35 -55.24
C ASP F 374 -24.63 -55.21 -54.53
N SER F 375 -24.24 -54.85 -53.31
CA SER F 375 -23.23 -55.57 -52.56
C SER F 375 -23.75 -55.91 -51.16
N ALA F 376 -23.20 -56.97 -50.59
CA ALA F 376 -23.57 -57.39 -49.24
C ALA F 376 -22.87 -56.52 -48.21
N LEU F 377 -23.53 -56.32 -47.07
CA LEU F 377 -22.97 -55.57 -45.96
C LEU F 377 -23.09 -56.37 -44.67
N THR F 378 -22.23 -56.03 -43.72
CA THR F 378 -22.24 -56.66 -42.40
C THR F 378 -22.79 -55.68 -41.38
N ILE F 379 -23.70 -56.15 -40.54
CA ILE F 379 -24.22 -55.36 -39.43
C ILE F 379 -23.71 -55.98 -38.13
N ASN F 380 -23.04 -55.16 -37.33
CA ASN F 380 -22.60 -55.53 -35.98
C ASN F 380 -23.46 -54.78 -34.98
N TRP F 381 -23.86 -55.45 -33.90
CA TRP F 381 -24.66 -54.79 -32.88
C TRP F 381 -24.54 -55.55 -31.58
N ASN F 382 -25.02 -54.92 -30.51
CA ASN F 382 -24.99 -55.49 -29.18
C ASN F 382 -26.39 -55.37 -28.58
N TYR F 383 -26.82 -56.39 -27.85
CA TYR F 383 -28.15 -56.39 -27.27
C TYR F 383 -28.13 -57.27 -26.03
N GLU F 384 -28.51 -56.68 -24.89
CA GLU F 384 -28.55 -57.38 -23.62
C GLU F 384 -27.18 -57.99 -23.35
N ASN F 385 -26.15 -57.16 -23.50
CA ASN F 385 -24.77 -57.52 -23.20
C ASN F 385 -24.27 -58.67 -24.09
N LYS F 386 -24.84 -58.84 -25.28
CA LYS F 386 -24.46 -59.91 -26.20
C LYS F 386 -24.15 -59.33 -27.57
N THR F 387 -22.99 -59.68 -28.11
CA THR F 387 -22.53 -59.13 -29.39
C THR F 387 -22.94 -60.04 -30.53
N TYR F 388 -23.48 -59.46 -31.60
CA TYR F 388 -23.94 -60.23 -32.75
C TYR F 388 -23.30 -59.70 -34.03
N GLN F 389 -23.31 -60.54 -35.05
CA GLN F 389 -22.80 -60.18 -36.37
C GLN F 389 -23.57 -60.97 -37.41
N LYS F 390 -24.21 -60.27 -38.34
CA LYS F 390 -24.94 -60.93 -39.42
C LYS F 390 -24.71 -60.20 -40.72
N SER F 391 -24.94 -60.91 -41.82
CA SER F 391 -24.73 -60.38 -43.16
C SER F 391 -26.05 -59.86 -43.70
N LEU F 392 -25.97 -58.75 -44.43
CA LEU F 392 -27.15 -58.13 -45.06
C LEU F 392 -26.92 -58.13 -46.57
N ASN F 393 -27.53 -59.09 -47.27
CA ASN F 393 -27.36 -59.21 -48.70
C ASN F 393 -28.28 -58.24 -49.43
N PRO F 394 -28.00 -57.97 -50.71
CA PRO F 394 -28.91 -57.14 -51.50
C PRO F 394 -30.33 -57.70 -51.46
N GLY F 395 -31.29 -56.83 -51.15
CA GLY F 395 -32.66 -57.24 -51.01
C GLY F 395 -33.05 -57.71 -49.62
N ASP F 396 -32.09 -57.93 -48.72
CA ASP F 396 -32.42 -58.23 -47.35
C ASP F 396 -32.88 -56.98 -46.62
N SER F 397 -33.72 -57.17 -45.60
CA SER F 397 -34.20 -56.09 -44.77
C SER F 397 -34.05 -56.48 -43.31
N ALA F 398 -34.18 -55.49 -42.42
CA ALA F 398 -34.01 -55.74 -41.00
C ALA F 398 -34.84 -54.74 -40.20
N TYR F 399 -35.29 -55.16 -39.02
CA TYR F 399 -35.84 -54.26 -38.02
C TYR F 399 -34.90 -54.20 -36.82
N ILE F 400 -34.69 -52.99 -36.30
CA ILE F 400 -33.76 -52.75 -35.20
C ILE F 400 -34.50 -52.07 -34.05
N LYS F 401 -34.40 -52.64 -32.86
CA LYS F 401 -35.07 -52.07 -31.70
C LYS F 401 -34.46 -50.71 -31.32
N PRO F 402 -35.24 -49.86 -30.66
CA PRO F 402 -34.71 -48.53 -30.27
C PRO F 402 -33.48 -48.65 -29.37
N PHE F 403 -32.54 -47.75 -29.58
CA PHE F 403 -31.33 -47.58 -28.76
C PHE F 403 -30.35 -48.73 -28.92
N VAL F 404 -30.59 -49.69 -29.81
CA VAL F 404 -29.64 -50.78 -30.02
C VAL F 404 -28.39 -50.24 -30.69
N PRO F 405 -27.23 -50.35 -30.06
CA PRO F 405 -26.00 -49.87 -30.70
C PRO F 405 -25.57 -50.79 -31.82
N HIS F 406 -25.18 -50.21 -32.94
CA HIS F 406 -24.91 -51.01 -34.13
C HIS F 406 -23.99 -50.23 -35.06
N ASN F 407 -23.52 -50.93 -36.10
CA ASN F 407 -22.82 -50.28 -37.19
C ASN F 407 -23.11 -51.08 -38.47
N PHE F 408 -22.71 -50.49 -39.60
CA PHE F 408 -22.74 -51.17 -40.89
C PHE F 408 -21.33 -51.14 -41.45
N ARG F 409 -20.85 -52.30 -41.90
CA ARG F 409 -19.47 -52.45 -42.34
C ARG F 409 -19.41 -53.10 -43.72
N GLY F 410 -18.47 -52.63 -44.53
CA GLY F 410 -18.31 -53.10 -45.88
C GLY F 410 -18.38 -51.94 -46.86
N ASN F 411 -18.74 -52.23 -48.11
CA ASN F 411 -18.95 -51.21 -49.14
C ASN F 411 -20.30 -51.44 -49.78
N GLY F 412 -21.20 -50.48 -49.63
CA GLY F 412 -22.54 -50.64 -50.15
C GLY F 412 -23.42 -49.47 -49.81
N LYS F 413 -24.72 -49.66 -50.01
CA LYS F 413 -25.71 -48.62 -49.82
C LYS F 413 -26.95 -49.21 -49.17
N ILE F 414 -27.52 -48.51 -48.18
CA ILE F 414 -28.70 -48.96 -47.46
C ILE F 414 -29.71 -47.82 -47.37
N LEU F 415 -30.98 -48.21 -47.25
CA LEU F 415 -32.08 -47.28 -46.98
C LEU F 415 -32.52 -47.45 -45.53
N ILE F 416 -32.72 -46.33 -44.84
CA ILE F 416 -33.05 -46.35 -43.41
C ILE F 416 -34.26 -45.46 -43.19
N LEU F 417 -35.27 -46.00 -42.50
CA LEU F 417 -36.40 -45.21 -42.01
C LEU F 417 -36.49 -45.36 -40.52
N ARG F 418 -36.53 -44.23 -39.81
CA ARG F 418 -36.68 -44.21 -38.36
C ARG F 418 -38.01 -43.55 -38.00
N ILE F 419 -38.75 -44.18 -37.11
CA ILE F 419 -40.05 -43.69 -36.67
C ILE F 419 -40.13 -43.79 -35.15
N GLY F 420 -41.00 -42.98 -34.57
CA GLY F 420 -41.10 -42.90 -33.13
C GLY F 420 -41.99 -43.93 -32.50
N GLY F 421 -42.87 -44.53 -33.30
CA GLY F 421 -43.87 -45.41 -32.72
C GLY F 421 -44.79 -44.65 -31.79
N LYS F 422 -45.18 -45.29 -30.69
CA LYS F 422 -46.07 -44.70 -29.70
C LYS F 422 -45.33 -44.01 -28.55
N ILE F 423 -44.02 -44.20 -28.45
CA ILE F 423 -43.28 -43.76 -27.27
C ILE F 423 -42.90 -42.29 -27.36
N SER F 424 -42.31 -41.89 -28.48
CA SER F 424 -41.76 -40.54 -28.60
C SER F 424 -42.86 -39.50 -28.49
N GLY F 425 -42.54 -38.39 -27.85
CA GLY F 425 -43.49 -37.31 -27.64
C GLY F 425 -44.05 -37.31 -26.22
N ASP F 426 -45.38 -37.33 -26.11
CA ASP F 426 -46.04 -37.23 -24.81
C ASP F 426 -45.68 -38.39 -23.90
N SER F 427 -45.68 -39.62 -24.42
CA SER F 427 -45.38 -40.77 -23.58
C SER F 427 -43.96 -40.69 -23.02
N GLN F 428 -42.99 -40.34 -23.88
CA GLN F 428 -41.61 -40.19 -23.42
C GLN F 428 -41.49 -39.10 -22.36
N ARG F 429 -42.23 -38.00 -22.52
CA ARG F 429 -42.18 -36.94 -21.52
C ARG F 429 -42.76 -37.38 -20.19
N GLU F 430 -43.90 -38.08 -20.21
CA GLU F 430 -44.48 -38.59 -18.96
C GLU F 430 -43.51 -39.55 -18.27
N LEU F 431 -42.89 -40.45 -19.04
CA LEU F 431 -41.91 -41.36 -18.48
C LEU F 431 -40.74 -40.63 -17.86
N SER F 432 -40.35 -39.47 -18.44
CA SER F 432 -39.25 -38.70 -17.87
C SER F 432 -39.64 -38.04 -16.55
N PHE F 433 -40.88 -37.54 -16.45
CA PHE F 433 -41.32 -36.91 -15.22
C PHE F 433 -41.41 -37.91 -14.08
N VAL F 434 -41.85 -39.14 -14.37
CA VAL F 434 -41.93 -40.16 -13.33
C VAL F 434 -40.56 -40.42 -12.73
N GLY F 435 -39.51 -40.32 -13.52
CA GLY F 435 -38.18 -40.40 -12.97
C GLY F 435 -37.46 -41.65 -13.42
N ARG F 436 -36.13 -41.55 -13.49
CA ARG F 436 -35.34 -42.68 -13.98
C ARG F 436 -35.25 -43.79 -12.94
N GLU F 437 -35.38 -43.48 -11.66
CA GLU F 437 -35.32 -44.53 -10.64
C GLU F 437 -36.59 -45.37 -10.63
N ASN F 438 -37.67 -44.89 -11.25
CA ASN F 438 -38.94 -45.60 -11.31
C ASN F 438 -39.22 -46.17 -12.69
N THR F 439 -38.29 -46.02 -13.63
CA THR F 439 -38.57 -46.43 -15.01
C THR F 439 -38.84 -47.92 -15.11
N GLN F 440 -38.08 -48.73 -14.36
CA GLN F 440 -38.23 -50.18 -14.44
C GLN F 440 -39.62 -50.63 -13.97
N ARG F 441 -40.10 -50.10 -12.84
CA ARG F 441 -41.43 -50.48 -12.36
C ARG F 441 -42.52 -49.92 -13.25
N ALA F 442 -42.34 -48.70 -13.78
CA ALA F 442 -43.35 -48.11 -14.64
C ALA F 442 -43.56 -48.95 -15.89
N ILE F 443 -42.50 -49.56 -16.40
CA ILE F 443 -42.62 -50.41 -17.58
C ILE F 443 -43.25 -51.75 -17.23
N SER F 444 -42.86 -52.34 -16.10
CA SER F 444 -43.37 -53.66 -15.72
C SER F 444 -43.42 -53.74 -14.20
N GLU F 445 -44.63 -53.82 -13.66
CA GLU F 445 -44.84 -53.86 -12.22
C GLU F 445 -44.53 -55.25 -11.68
N THR F 446 -43.82 -55.31 -10.55
CA THR F 446 -43.40 -56.57 -9.97
C THR F 446 -43.89 -56.81 -8.55
N MET F 447 -44.53 -55.83 -7.92
CA MET F 447 -44.93 -55.95 -6.53
C MET F 447 -46.35 -55.46 -6.35
N GLN F 448 -47.02 -56.01 -5.34
CA GLN F 448 -48.32 -55.50 -4.94
C GLN F 448 -48.16 -54.07 -4.44
N TRP F 449 -49.20 -53.26 -4.62
CA TRP F 449 -49.09 -51.83 -4.33
C TRP F 449 -48.90 -51.53 -2.85
N PHE F 450 -49.13 -52.51 -1.99
CA PHE F 450 -48.82 -52.36 -0.58
C PHE F 450 -48.45 -53.72 -0.01
N ASP F 451 -47.70 -53.67 1.09
CA ASP F 451 -47.33 -54.86 1.83
C ASP F 451 -48.32 -55.03 2.98
N PRO F 452 -49.11 -56.11 3.00
CA PRO F 452 -50.16 -56.23 4.05
C PRO F 452 -49.60 -56.29 5.45
N LYS F 453 -48.33 -56.66 5.61
CA LYS F 453 -47.71 -56.71 6.93
C LYS F 453 -47.29 -55.33 7.42
N GLY F 454 -47.69 -54.26 6.74
CA GLY F 454 -47.33 -52.92 7.15
C GLY F 454 -45.95 -52.53 6.68
N SER F 455 -45.62 -51.26 6.89
CA SER F 455 -44.36 -50.69 6.41
C SER F 455 -43.24 -50.72 7.46
N ASN F 456 -43.52 -51.15 8.69
CA ASN F 456 -42.48 -51.28 9.70
C ASN F 456 -42.85 -52.35 10.73
N ASP G 10 52.22 30.75 24.98
CA ASP G 10 50.82 30.34 24.94
C ASP G 10 50.52 29.22 25.94
N SER G 11 50.27 28.03 25.40
CA SER G 11 50.03 26.82 26.17
C SER G 11 51.15 26.48 27.15
N TYR G 12 52.31 27.13 27.01
CA TYR G 12 53.43 26.90 27.90
C TYR G 12 53.05 27.18 29.36
N LEU G 13 52.25 28.22 29.61
CA LEU G 13 51.87 28.54 30.98
C LEU G 13 50.97 27.49 31.60
N ILE G 14 50.07 26.90 30.81
CA ILE G 14 49.19 25.85 31.31
C ILE G 14 50.00 24.60 31.67
N ARG G 15 50.87 24.16 30.77
CA ARG G 15 51.68 22.97 31.01
C ARG G 15 52.62 23.15 32.20
N SER G 16 53.15 24.35 32.39
CA SER G 16 54.04 24.60 33.53
C SER G 16 53.30 24.46 34.85
N GLY G 17 52.04 24.89 34.89
CA GLY G 17 51.25 24.71 36.11
C GLY G 17 50.88 23.26 36.35
N ASN G 18 50.51 22.54 35.28
CA ASN G 18 50.23 21.11 35.41
C ASN G 18 51.44 20.35 35.94
N ASN G 19 52.64 20.77 35.54
CA ASN G 19 53.85 20.13 36.06
C ASN G 19 54.02 20.39 37.55
N PHE G 20 53.75 21.62 37.99
CA PHE G 20 53.85 21.95 39.41
C PHE G 20 52.81 21.21 40.23
N LEU G 21 51.59 21.06 39.70
CA LEU G 21 50.57 20.28 40.41
C LEU G 21 51.03 18.84 40.58
N GLY G 22 51.61 18.25 39.53
CA GLY G 22 52.13 16.89 39.64
C GLY G 22 53.25 16.77 40.66
N ILE G 23 54.13 17.77 40.71
CA ILE G 23 55.21 17.78 41.69
C ILE G 23 54.65 17.78 43.11
N LEU G 24 53.61 18.60 43.34
CA LEU G 24 53.01 18.67 44.67
C LEU G 24 52.34 17.35 45.04
N ASN G 25 51.68 16.71 44.07
CA ASN G 25 51.07 15.41 44.32
C ASN G 25 52.10 14.38 44.74
N ASP G 26 53.27 14.39 44.09
CA ASP G 26 54.26 13.34 44.33
C ASP G 26 54.88 13.44 45.71
N ILE G 27 55.00 14.65 46.26
CA ILE G 27 55.57 14.83 47.58
C ILE G 27 54.49 14.92 48.66
N LYS G 28 53.22 14.67 48.29
CA LYS G 28 52.11 14.69 49.24
C LYS G 28 51.98 16.06 49.92
N ARG G 29 51.94 17.11 49.11
CA ARG G 29 51.74 18.47 49.60
C ARG G 29 50.50 19.05 48.92
N ARG G 30 49.53 19.46 49.72
CA ARG G 30 48.39 20.23 49.20
C ARG G 30 48.85 21.66 48.92
N PRO G 31 48.05 22.43 48.17
CA PRO G 31 48.38 23.86 48.01
C PRO G 31 48.61 24.56 49.34
N GLU G 32 47.85 24.23 50.38
CA GLU G 32 48.04 24.83 51.69
C GLU G 32 49.37 24.40 52.31
N ASP G 33 49.75 23.13 52.13
CA ASP G 33 51.02 22.65 52.68
C ASP G 33 52.21 23.30 51.99
N ALA G 34 52.12 23.48 50.67
CA ALA G 34 53.20 24.15 49.94
C ALA G 34 53.31 25.62 50.33
N ALA G 35 52.18 26.28 50.55
CA ALA G 35 52.19 27.68 50.93
C ALA G 35 52.89 27.89 52.26
N ASN G 36 52.58 27.05 53.26
CA ASN G 36 53.16 27.23 54.59
C ASN G 36 54.65 26.95 54.58
N GLU G 37 55.09 25.92 53.86
CA GLU G 37 56.49 25.52 53.90
C GLU G 37 57.38 26.40 53.03
N LEU G 38 56.85 26.94 51.94
CA LEU G 38 57.62 27.81 51.05
C LEU G 38 57.48 29.29 51.39
N GLY G 39 56.65 29.65 52.37
CA GLY G 39 56.50 31.03 52.76
C GLY G 39 55.89 31.94 51.71
N VAL G 40 54.86 31.46 51.01
CA VAL G 40 54.18 32.23 49.98
C VAL G 40 52.67 32.08 50.18
N SER G 41 51.92 32.99 49.56
CA SER G 41 50.47 32.97 49.66
C SER G 41 49.90 31.78 48.90
N ILE G 42 48.73 31.32 49.36
CA ILE G 42 48.04 30.25 48.66
C ILE G 42 47.44 30.73 47.34
N GLU G 43 47.22 32.04 47.19
CA GLU G 43 46.68 32.57 45.95
C GLU G 43 47.69 32.45 44.81
N GLU G 44 48.98 32.72 45.09
CA GLU G 44 49.99 32.57 44.05
C GLU G 44 50.16 31.11 43.63
N ILE G 45 50.13 30.19 44.61
CA ILE G 45 50.26 28.78 44.30
C ILE G 45 49.10 28.30 43.44
N ASN G 46 47.89 28.71 43.79
CA ASN G 46 46.74 28.33 42.98
C ASN G 46 46.78 29.00 41.61
N SER G 47 47.33 30.22 41.54
CA SER G 47 47.47 30.91 40.26
C SER G 47 48.48 30.22 39.36
N ILE G 48 49.52 29.62 39.94
CA ILE G 48 50.48 28.86 39.15
C ILE G 48 49.84 27.59 38.62
N ILE G 49 49.12 26.88 39.49
CA ILE G 49 48.51 25.60 39.11
C ILE G 49 47.53 25.80 37.96
N SER G 50 46.74 26.87 38.02
CA SER G 50 45.75 27.14 36.99
C SER G 50 46.37 27.70 35.70
N GLY G 51 47.64 28.10 35.73
CA GLY G 51 48.29 28.63 34.54
C GLY G 51 48.11 30.11 34.31
N LYS G 52 47.75 30.89 35.34
CA LYS G 52 47.56 32.32 35.17
C LYS G 52 48.88 33.09 35.25
N GLN G 53 49.71 32.77 36.24
CA GLN G 53 51.01 33.41 36.43
C GLN G 53 52.12 32.39 36.27
N LYS G 54 53.35 32.89 36.23
CA LYS G 54 54.54 32.06 36.07
C LYS G 54 55.28 31.96 37.39
N ILE G 55 55.81 30.77 37.68
CA ILE G 55 56.56 30.55 38.91
C ILE G 55 57.85 31.35 38.89
N SER G 56 58.23 31.90 40.05
CA SER G 56 59.40 32.75 40.14
C SER G 56 60.66 31.91 40.31
N PRO G 57 61.82 32.43 39.86
CA PRO G 57 63.08 31.73 40.13
C PRO G 57 63.43 31.66 41.61
N SER G 58 62.99 32.63 42.42
CA SER G 58 63.26 32.59 43.85
C SER G 58 62.54 31.44 44.52
N LEU G 59 61.30 31.17 44.11
CA LEU G 59 60.51 30.09 44.71
C LEU G 59 61.09 28.72 44.37
N ILE G 60 61.63 28.55 43.16
CA ILE G 60 62.24 27.28 42.78
C ILE G 60 63.42 26.95 43.68
N GLU G 61 64.19 27.97 44.10
CA GLU G 61 65.36 27.73 44.94
C GLU G 61 64.98 27.44 46.38
N LYS G 62 63.83 27.92 46.85
CA LYS G 62 63.41 27.61 48.21
C LYS G 62 62.99 26.15 48.34
N ALA G 63 62.37 25.60 47.29
CA ALA G 63 61.90 24.22 47.33
C ALA G 63 63.06 23.23 47.34
N VAL G 64 64.12 23.51 46.58
CA VAL G 64 65.26 22.60 46.51
C VAL G 64 65.93 22.44 47.88
N ASN G 65 65.82 23.45 48.74
CA ASN G 65 66.49 23.40 50.04
C ASN G 65 65.75 22.53 51.06
N ILE G 66 64.45 22.31 50.88
CA ILE G 66 63.68 21.55 51.85
C ILE G 66 63.09 20.26 51.29
N TRP G 67 62.96 20.12 49.97
CA TRP G 67 62.35 18.95 49.36
C TRP G 67 63.38 18.21 48.50
N PRO G 68 63.20 16.90 48.29
CA PRO G 68 64.10 16.13 47.43
C PRO G 68 63.85 16.34 45.93
N VAL G 69 63.76 17.59 45.52
CA VAL G 69 63.48 17.96 44.14
C VAL G 69 64.67 18.73 43.60
N ASN G 70 64.85 18.67 42.28
CA ASN G 70 65.92 19.38 41.61
C ASN G 70 65.36 20.57 40.84
N GLU G 71 66.27 21.49 40.51
CA GLU G 71 65.88 22.70 39.77
C GLU G 71 65.30 22.36 38.40
N ARG G 72 65.89 21.36 37.72
CA ARG G 72 65.43 21.00 36.39
C ARG G 72 64.00 20.47 36.39
N ASP G 73 63.47 20.07 37.55
CA ASP G 73 62.13 19.53 37.66
C ASP G 73 61.04 20.57 37.42
N PHE G 74 61.35 21.87 37.45
CA PHE G 74 60.34 22.91 37.33
C PHE G 74 60.27 23.55 35.94
N TYR G 75 61.24 23.27 35.06
CA TYR G 75 61.31 23.88 33.74
C TYR G 75 60.82 22.89 32.69
N ILE G 76 59.74 23.23 32.00
CA ILE G 76 59.15 22.34 31.02
C ILE G 76 59.74 22.62 29.64
N VAL G 77 59.47 21.74 28.68
CA VAL G 77 59.96 21.91 27.32
C VAL G 77 59.04 22.85 26.56
N SER G 78 59.61 23.90 25.97
CA SER G 78 58.84 24.82 25.15
C SER G 78 58.56 24.18 23.79
N ASP G 79 57.30 24.24 23.36
CA ASP G 79 56.90 23.67 22.09
C ASP G 79 57.20 24.66 20.97
N ASP G 80 58.30 24.41 20.25
CA ASP G 80 58.69 25.25 19.13
C ASP G 80 58.21 24.70 17.80
N CYS G 81 57.31 23.71 17.81
CA CYS G 81 56.78 23.08 16.61
C CYS G 81 55.26 22.95 16.72
N SER G 82 54.59 24.09 16.91
CA SER G 82 53.18 24.08 17.26
C SER G 82 52.29 23.57 16.12
N SER G 83 52.76 23.61 14.87
CA SER G 83 51.98 23.11 13.74
C SER G 83 52.19 21.63 13.45
N GLY G 84 53.09 20.96 14.18
CA GLY G 84 53.34 19.55 13.98
C GLY G 84 54.53 19.25 13.09
N ILE G 85 54.88 20.18 12.19
CA ILE G 85 56.06 20.05 11.34
C ILE G 85 56.75 21.41 11.29
N LEU G 86 58.06 21.42 11.47
CA LEU G 86 58.86 22.64 11.46
C LEU G 86 59.85 22.57 10.31
N ILE G 87 59.85 23.58 9.46
CA ILE G 87 60.64 23.60 8.23
C ILE G 87 61.74 24.64 8.37
N MET G 88 62.95 24.27 7.97
CA MET G 88 64.08 25.21 7.93
C MET G 88 64.56 25.31 6.49
N THR G 89 64.72 26.55 6.01
CA THR G 89 65.07 26.78 4.62
C THR G 89 66.58 26.59 4.40
N SER G 90 66.93 26.32 3.14
CA SER G 90 68.34 26.23 2.75
C SER G 90 69.06 27.55 3.03
N GLN G 91 68.36 28.67 2.86
CA GLN G 91 68.98 29.98 3.10
C GLN G 91 69.29 30.18 4.58
N ASP G 92 68.38 29.77 5.46
CA ASP G 92 68.62 29.89 6.90
C ASP G 92 69.81 29.06 7.34
N SER G 93 70.05 27.91 6.69
CA SER G 93 71.20 27.09 7.03
C SER G 93 72.51 27.80 6.70
N ILE G 94 72.54 28.53 5.59
CA ILE G 94 73.74 29.28 5.22
C ILE G 94 74.04 30.35 6.25
N LYS G 95 72.99 30.97 6.81
CA LYS G 95 73.20 32.02 7.80
C LYS G 95 73.84 31.48 9.07
N SER G 96 73.61 30.20 9.38
CA SER G 96 74.19 29.58 10.56
C SER G 96 75.60 29.02 10.31
N SER G 97 76.15 29.24 9.12
CA SER G 97 77.43 28.65 8.76
C SER G 97 78.55 29.12 9.67
N ARG G 98 79.45 28.20 10.01
CA ARG G 98 80.67 28.53 10.74
C ARG G 98 81.77 27.58 10.28
N ILE G 99 82.93 28.14 9.97
CA ILE G 99 84.07 27.38 9.48
C ILE G 99 84.95 27.03 10.66
N MET G 100 85.34 25.76 10.78
CA MET G 100 86.18 25.29 11.87
C MET G 100 87.50 24.81 11.30
N GLU G 101 88.60 25.25 11.89
CA GLU G 101 89.94 24.89 11.49
C GLU G 101 90.48 23.76 12.37
N ARG G 102 91.30 22.90 11.79
CA ARG G 102 92.03 21.88 12.53
C ARG G 102 93.47 21.86 12.05
N ALA G 103 94.41 21.94 13.00
CA ALA G 103 95.85 22.00 12.72
C ALA G 103 96.18 23.19 11.81
N GLY G 104 95.51 24.32 12.04
CA GLY G 104 95.85 25.57 11.39
C GLY G 104 95.22 25.80 10.03
N LYS G 105 94.48 24.84 9.49
CA LYS G 105 93.86 24.98 8.18
C LYS G 105 92.37 24.72 8.28
N PRO G 106 91.56 25.41 7.47
CA PRO G 106 90.11 25.15 7.47
C PRO G 106 89.82 23.70 7.10
N TYR G 107 89.03 23.05 7.96
CA TYR G 107 88.76 21.61 7.83
C TYR G 107 87.29 21.31 7.56
N TYR G 108 86.37 21.93 8.29
CA TYR G 108 84.95 21.70 8.14
C TYR G 108 84.19 23.01 7.99
N GLU G 109 83.05 22.95 7.29
CA GLU G 109 82.02 23.98 7.32
C GLU G 109 80.75 23.34 7.86
N TYR G 110 80.30 23.79 9.04
CA TYR G 110 79.06 23.32 9.62
C TYR G 110 77.91 24.23 9.21
N ARG G 111 76.75 23.63 8.96
CA ARG G 111 75.51 24.38 8.79
C ARG G 111 74.41 23.65 9.54
N ASP G 112 73.63 24.39 10.31
CA ASP G 112 72.49 23.82 11.01
C ASP G 112 71.37 23.48 10.03
N THR G 113 70.65 22.40 10.33
CA THR G 113 69.43 22.03 9.64
C THR G 113 68.30 21.93 10.67
N ALA G 114 67.15 21.42 10.23
CA ALA G 114 65.93 21.44 11.04
C ALA G 114 66.14 20.80 12.41
N MET G 115 65.87 21.56 13.46
CA MET G 115 65.93 21.07 14.83
C MET G 115 64.72 21.57 15.62
N SER G 116 64.37 20.83 16.66
CA SER G 116 63.27 21.21 17.54
C SER G 116 63.67 20.99 18.98
N LYS G 117 63.26 21.91 19.85
CA LYS G 117 63.49 21.73 21.28
C LYS G 117 62.74 20.53 21.85
N THR G 118 61.77 20.01 21.10
CA THR G 118 60.97 18.87 21.53
C THR G 118 61.52 17.55 21.01
N ALA G 119 62.62 17.59 20.25
CA ALA G 119 63.17 16.43 19.57
C ALA G 119 64.65 16.32 19.86
N PRO G 120 65.21 15.10 19.81
CA PRO G 120 66.63 14.92 20.15
C PRO G 120 67.60 15.03 18.98
N PHE G 121 67.17 15.55 17.83
CA PHE G 121 68.05 15.67 16.69
C PHE G 121 69.15 16.70 16.91
N ARG G 122 70.35 16.37 16.45
CA ARG G 122 71.44 17.32 16.27
C ARG G 122 72.01 17.10 14.87
N PRO G 123 71.26 17.46 13.82
CA PRO G 123 71.70 17.16 12.46
C PRO G 123 72.55 18.25 11.85
N GLU G 124 73.73 17.90 11.33
CA GLU G 124 74.67 18.89 10.83
C GLU G 124 74.93 18.67 9.35
N TRP G 125 74.81 19.76 8.58
CA TRP G 125 75.33 19.81 7.22
C TRP G 125 76.81 20.15 7.30
N ILE G 126 77.67 19.26 6.82
CA ILE G 126 79.12 19.40 7.01
C ILE G 126 79.82 19.19 5.68
N LEU G 127 80.44 20.25 5.17
CA LEU G 127 81.23 20.19 3.94
C LEU G 127 82.69 19.90 4.31
N GLU G 128 83.31 19.00 3.55
CA GLU G 128 84.68 18.56 3.81
C GLU G 128 85.65 19.49 3.08
N LEU G 129 86.31 20.37 3.84
CA LEU G 129 87.20 21.36 3.24
C LEU G 129 88.64 20.86 3.08
N CYS G 130 89.02 19.81 3.78
CA CYS G 130 90.39 19.28 3.66
C CYS G 130 90.42 18.21 2.59
N LYS G 131 91.31 18.37 1.61
CA LYS G 131 91.46 17.44 0.51
C LYS G 131 92.69 16.57 0.75
N VAL G 132 92.58 15.28 0.41
CA VAL G 132 93.66 14.33 0.61
C VAL G 132 94.09 13.76 -0.75
N GLU G 133 95.38 13.45 -0.84
CA GLU G 133 95.97 12.94 -2.07
C GLU G 133 95.97 11.42 -2.14
N ASN G 134 95.69 10.74 -1.03
CA ASN G 134 95.65 9.29 -0.99
C ASN G 134 94.50 8.83 -0.11
N ASN G 135 94.31 7.50 -0.05
CA ASN G 135 93.29 6.88 0.78
C ASN G 135 93.90 6.12 1.95
N ASP G 136 95.03 6.60 2.47
CA ASP G 136 95.67 5.98 3.62
C ASP G 136 94.96 6.39 4.90
N PRO G 137 94.46 5.43 5.69
CA PRO G 137 93.81 5.81 6.96
C PRO G 137 94.73 6.53 7.94
N GLU G 138 96.05 6.37 7.81
CA GLU G 138 97.01 7.02 8.68
C GLU G 138 97.43 8.39 8.18
N ASN G 139 96.87 8.86 7.06
CA ASN G 139 97.26 10.10 6.41
C ASN G 139 97.25 11.26 7.42
N PRO G 140 98.37 11.96 7.60
CA PRO G 140 98.41 13.05 8.60
C PRO G 140 97.54 14.24 8.23
N LYS G 141 97.05 14.33 6.99
CA LYS G 141 96.13 15.41 6.66
C LYS G 141 94.79 15.22 7.35
N ALA G 142 94.41 13.98 7.63
CA ALA G 142 93.18 13.70 8.35
C ALA G 142 93.35 14.12 9.81
N GLN G 143 92.46 15.00 10.28
CA GLN G 143 92.47 15.50 11.65
C GLN G 143 91.34 14.84 12.41
N TRP G 144 91.68 13.98 13.36
CA TRP G 144 90.71 13.14 14.05
C TRP G 144 90.12 13.85 15.27
N ASN G 145 88.88 13.49 15.59
CA ASN G 145 88.25 13.95 16.82
C ASN G 145 88.41 12.89 17.90
N ASN G 146 87.83 13.16 19.07
CA ASN G 146 87.88 12.23 20.20
C ASN G 146 86.69 11.30 20.27
N GLY G 147 85.80 11.34 19.28
CA GLY G 147 84.50 10.75 19.42
C GLY G 147 83.61 11.59 20.31
N HIS G 148 82.30 11.44 20.12
CA HIS G 148 81.37 12.28 20.85
C HIS G 148 80.19 11.45 21.34
N PHE G 149 79.46 12.05 22.28
CA PHE G 149 78.41 11.33 23.00
C PHE G 149 77.25 10.96 22.08
N MET G 150 76.93 11.81 21.12
CA MET G 150 75.76 11.59 20.27
C MET G 150 75.97 10.41 19.33
N HIS G 151 74.94 9.58 19.18
CA HIS G 151 74.87 8.65 18.05
C HIS G 151 74.92 9.43 16.74
N GLN G 152 75.46 8.79 15.71
CA GLN G 152 75.63 9.48 14.42
C GLN G 152 75.25 8.55 13.28
N PHE G 153 74.22 8.95 12.53
CA PHE G 153 73.98 8.45 11.18
C PHE G 153 74.52 9.48 10.19
N THR G 154 75.00 9.00 9.06
CA THR G 154 75.61 9.90 8.07
C THR G 154 75.23 9.47 6.67
N TYR G 155 74.86 10.46 5.85
CA TYR G 155 74.58 10.26 4.43
C TYR G 155 75.64 10.99 3.63
N PHE G 156 76.21 10.32 2.63
CA PHE G 156 77.36 10.85 1.90
C PHE G 156 76.91 11.44 0.57
N ILE G 157 77.42 12.63 0.26
CA ILE G 157 77.17 13.33 -0.99
C ILE G 157 78.52 13.75 -1.54
N GLY G 158 78.94 13.13 -2.64
CA GLY G 158 80.22 13.40 -3.24
C GLY G 158 81.27 12.38 -2.84
N GLU G 159 82.52 12.74 -3.14
CA GLU G 159 83.64 11.84 -2.93
C GLU G 159 84.23 12.10 -1.53
N VAL G 160 83.58 11.50 -0.52
CA VAL G 160 83.96 11.68 0.87
C VAL G 160 84.72 10.45 1.34
N ASN G 161 85.77 10.68 2.11
CA ASN G 161 86.47 9.61 2.82
C ASN G 161 86.04 9.62 4.27
N PHE G 162 85.61 8.46 4.77
CA PHE G 162 85.14 8.30 6.14
C PHE G 162 86.20 7.52 6.91
N TYR G 163 86.88 8.21 7.82
CA TYR G 163 87.90 7.61 8.68
C TYR G 163 87.31 7.28 10.04
N TYR G 164 87.72 6.16 10.62
CA TYR G 164 87.23 5.77 11.93
C TYR G 164 88.20 4.81 12.57
N LYS G 165 88.12 4.69 13.90
CA LYS G 165 88.92 3.74 14.66
C LYS G 165 88.06 2.60 15.16
N ASP G 166 88.63 1.40 15.17
CA ASP G 166 87.94 0.24 15.72
C ASP G 166 88.07 0.26 17.25
N PRO G 167 87.35 -0.63 17.95
CA PRO G 167 87.43 -0.61 19.42
C PRO G 167 88.85 -0.76 19.96
N GLU G 168 89.75 -1.45 19.25
CA GLU G 168 91.09 -1.65 19.74
C GLU G 168 92.01 -0.45 19.51
N GLY G 169 91.55 0.56 18.77
CA GLY G 169 92.31 1.78 18.59
C GLY G 169 93.00 1.95 17.25
N LYS G 170 92.84 1.01 16.32
CA LYS G 170 93.49 1.09 15.01
C LYS G 170 92.64 1.89 14.04
N LYS G 171 93.31 2.51 13.06
CA LYS G 171 92.66 3.43 12.14
C LYS G 171 92.16 2.70 10.89
N HIS G 172 90.94 3.04 10.48
CA HIS G 172 90.33 2.53 9.26
C HIS G 172 89.84 3.69 8.41
N VAL G 173 89.55 3.42 7.14
CA VAL G 173 88.97 4.42 6.25
C VAL G 173 87.95 3.76 5.34
N ALA G 174 86.84 4.46 5.07
CA ALA G 174 85.82 4.02 4.13
C ALA G 174 85.76 5.02 2.98
N ILE G 175 85.94 4.52 1.75
CA ILE G 175 85.94 5.36 0.55
C ILE G 175 84.50 5.48 0.07
N MET G 176 83.88 6.63 0.36
CA MET G 176 82.45 6.80 0.19
C MET G 176 82.11 7.64 -1.04
N ASN G 177 80.90 7.42 -1.56
CA ASN G 177 80.37 8.18 -2.69
C ASN G 177 78.89 8.51 -2.42
N THR G 178 78.25 9.17 -3.38
CA THR G 178 76.89 9.64 -3.19
C THR G 178 75.94 8.47 -2.99
N GLY G 179 75.11 8.56 -1.95
CA GLY G 179 74.19 7.50 -1.61
C GLY G 179 74.69 6.51 -0.60
N ASP G 180 75.99 6.51 -0.32
CA ASP G 180 76.52 5.69 0.76
C ASP G 180 76.08 6.26 2.11
N SER G 181 76.07 5.40 3.12
CA SER G 181 75.62 5.81 4.44
C SER G 181 76.30 4.97 5.49
N MET G 182 76.28 5.45 6.73
CA MET G 182 76.92 4.75 7.82
C MET G 182 76.24 5.09 9.14
N TYR G 183 76.54 4.27 10.15
CA TYR G 183 76.23 4.56 11.54
C TYR G 183 77.50 4.31 12.35
N ILE G 184 77.72 5.14 13.38
CA ILE G 184 78.92 5.01 14.21
C ILE G 184 78.53 5.16 15.69
N THR G 185 78.98 4.21 16.51
CA THR G 185 78.65 4.16 17.92
C THR G 185 79.22 5.37 18.67
N PRO G 186 78.50 5.91 19.65
CA PRO G 186 79.02 7.04 20.43
C PRO G 186 80.44 6.82 20.96
N PHE G 187 81.24 7.88 20.89
CA PHE G 187 82.62 7.96 21.37
C PHE G 187 83.62 7.23 20.49
N THR G 188 83.19 6.71 19.35
CA THR G 188 84.13 6.17 18.39
C THR G 188 84.74 7.32 17.58
N PRO G 189 86.06 7.51 17.62
CA PRO G 189 86.66 8.63 16.90
C PRO G 189 86.53 8.46 15.39
N HIS G 190 86.39 9.60 14.70
CA HIS G 190 86.20 9.59 13.25
C HIS G 190 86.56 10.97 12.70
N THR G 191 86.68 11.03 11.37
CA THR G 191 86.89 12.28 10.66
C THR G 191 86.59 12.06 9.18
N PHE G 192 86.47 13.17 8.44
CA PHE G 192 86.11 13.13 7.03
C PHE G 192 86.98 14.08 6.24
N THR G 193 87.33 13.68 5.01
CA THR G 193 88.03 14.53 4.07
C THR G 193 87.41 14.33 2.70
N THR G 194 87.86 15.15 1.74
CA THR G 194 87.47 14.99 0.34
C THR G 194 88.63 14.43 -0.47
N ARG G 195 88.33 13.46 -1.33
CA ARG G 195 89.31 12.91 -2.26
C ARG G 195 89.56 13.87 -3.41
N ASP G 196 90.79 13.82 -3.95
CA ASP G 196 91.10 14.64 -5.11
C ASP G 196 90.29 14.19 -6.32
N GLY G 197 90.71 14.58 -7.52
CA GLY G 197 89.96 14.33 -8.74
C GLY G 197 88.45 14.50 -8.70
N ALA G 198 87.90 14.80 -7.52
CA ALA G 198 86.46 15.01 -7.38
C ALA G 198 86.03 16.34 -8.00
N SER G 199 84.84 16.33 -8.60
CA SER G 199 84.34 17.51 -9.28
C SER G 199 84.11 18.66 -8.30
N GLN G 200 83.64 18.35 -7.09
CA GLN G 200 83.41 19.35 -6.06
C GLN G 200 83.79 18.76 -4.70
N ASN G 201 83.79 19.63 -3.68
CA ASN G 201 84.09 19.16 -2.34
C ASN G 201 83.02 18.19 -1.86
N GLY G 202 83.45 17.20 -1.07
CA GLY G 202 82.51 16.25 -0.52
C GLY G 202 81.63 16.85 0.56
N LEU G 203 80.43 16.28 0.68
CA LEU G 203 79.43 16.74 1.63
C LEU G 203 78.82 15.56 2.36
N ILE G 204 78.61 15.70 3.66
CA ILE G 204 77.91 14.72 4.47
C ILE G 204 76.74 15.39 5.19
N LEU G 205 75.67 14.62 5.34
CA LEU G 205 74.54 15.01 6.20
C LEU G 205 74.69 14.22 7.49
N ALA G 206 75.33 14.83 8.48
CA ALA G 206 75.61 14.18 9.75
C ALA G 206 74.39 14.30 10.66
N LEU G 207 73.56 13.26 10.68
CA LEU G 207 72.34 13.26 11.47
C LEU G 207 72.64 12.61 12.81
N THR G 208 73.10 13.42 13.77
CA THR G 208 73.43 12.93 15.10
C THR G 208 72.24 13.13 16.04
N TYR G 209 72.20 12.31 17.09
CA TYR G 209 71.05 12.31 17.99
C TYR G 209 71.39 11.56 19.27
N GLY G 210 70.62 11.86 20.32
CA GLY G 210 70.65 11.10 21.54
C GLY G 210 69.53 10.09 21.57
N SER G 211 69.69 9.07 22.41
CA SER G 211 68.69 8.02 22.53
C SER G 211 68.21 7.87 23.97
N LYS G 212 68.86 6.99 24.73
CA LYS G 212 68.43 6.66 26.08
C LYS G 212 69.48 7.01 27.13
N LEU G 213 70.46 7.86 26.80
CA LEU G 213 71.51 8.22 27.74
C LEU G 213 71.62 9.72 27.99
N THR G 214 70.70 10.53 27.46
CA THR G 214 70.75 11.98 27.64
C THR G 214 69.75 12.43 28.69
N GLY G 215 69.97 13.64 29.19
CA GLY G 215 69.00 14.26 30.09
C GLY G 215 68.94 13.59 31.45
N ASP G 216 67.71 13.21 31.85
CA ASP G 216 67.48 12.70 33.20
C ASP G 216 68.29 11.45 33.48
N ILE G 217 68.42 10.56 32.51
CA ILE G 217 69.10 9.29 32.75
C ILE G 217 70.59 9.54 33.01
N GLN G 218 71.19 10.46 32.28
CA GLN G 218 72.59 10.77 32.51
C GLN G 218 72.79 11.39 33.89
N GLN G 219 71.86 12.25 34.31
CA GLN G 219 71.97 12.86 35.64
C GLN G 219 71.86 11.80 36.74
N GLU G 220 70.98 10.82 36.54
CA GLU G 220 70.88 9.71 37.49
C GLU G 220 72.20 8.94 37.56
N LEU G 221 72.91 8.85 36.43
CA LEU G 221 74.20 8.18 36.41
C LEU G 221 75.31 9.04 37.01
N SER G 222 75.23 10.36 36.85
CA SER G 222 76.32 11.24 37.29
C SER G 222 76.47 11.24 38.80
N SER G 223 75.39 10.96 39.54
CA SER G 223 75.45 10.94 40.99
C SER G 223 76.12 9.68 41.53
N LEU G 224 76.38 8.69 40.69
CA LEU G 224 77.04 7.48 41.11
C LEU G 224 78.55 7.62 41.02
N SER G 225 79.25 6.89 41.89
CA SER G 225 80.69 6.79 41.76
C SER G 225 81.04 6.15 40.42
N LEU G 226 82.24 6.48 39.92
CA LEU G 226 82.68 5.89 38.67
C LEU G 226 82.71 4.37 38.76
N ASP G 227 83.07 3.84 39.93
CA ASP G 227 83.09 2.40 40.12
C ASP G 227 81.68 1.82 40.00
N CYS G 228 80.69 2.48 40.62
CA CYS G 228 79.33 1.97 40.60
C CYS G 228 78.67 2.16 39.24
N GLY G 229 78.80 3.35 38.65
CA GLY G 229 78.15 3.60 37.37
C GLY G 229 78.64 2.67 36.27
N SER G 230 79.94 2.36 36.28
CA SER G 230 80.51 1.52 35.24
C SER G 230 80.00 0.08 35.29
N GLN G 231 79.51 -0.37 36.45
CA GLN G 231 78.99 -1.74 36.54
C GLN G 231 77.62 -1.88 35.88
N TYR G 232 76.99 -0.76 35.51
CA TYR G 232 75.79 -0.86 34.70
C TYR G 232 76.10 -1.33 33.29
N ALA G 233 77.32 -1.08 32.81
CA ALA G 233 77.71 -1.48 31.47
C ALA G 233 77.95 -2.98 31.48
N LEU G 234 76.98 -3.74 30.97
CA LEU G 234 77.14 -5.18 30.94
C LEU G 234 78.04 -5.58 29.77
N ASP G 235 78.53 -6.81 29.83
CA ASP G 235 79.40 -7.34 28.79
C ASP G 235 78.54 -7.74 27.61
N PHE G 236 78.53 -6.88 26.58
CA PHE G 236 77.82 -7.13 25.33
C PHE G 236 78.76 -7.35 24.15
N THR G 237 79.98 -7.84 24.41
CA THR G 237 80.96 -7.99 23.33
C THR G 237 80.52 -9.02 22.29
N ASN G 238 79.73 -10.01 22.69
CA ASN G 238 79.15 -10.96 21.75
C ASN G 238 77.87 -11.51 22.35
N HIS G 239 77.12 -12.25 21.52
CA HIS G 239 75.78 -12.68 21.92
C HIS G 239 75.83 -13.59 23.15
N GLU G 240 76.79 -14.52 23.19
CA GLU G 240 76.86 -15.45 24.32
C GLU G 240 77.19 -14.71 25.61
N ASN G 241 78.14 -13.77 25.55
CA ASN G 241 78.46 -12.99 26.74
C ASN G 241 77.28 -12.14 27.18
N ALA G 242 76.51 -11.62 26.22
CA ALA G 242 75.33 -10.84 26.55
C ALA G 242 74.30 -11.70 27.28
N SER G 243 74.18 -12.97 26.87
CA SER G 243 73.25 -13.87 27.53
C SER G 243 73.60 -14.05 29.01
N LEU G 244 74.89 -14.27 29.28
CA LEU G 244 75.33 -14.45 30.67
C LEU G 244 75.22 -13.17 31.46
N SER G 245 75.61 -12.04 30.88
CA SER G 245 75.55 -10.78 31.59
C SER G 245 74.14 -10.48 32.05
N LEU G 246 73.16 -10.71 31.17
CA LEU G 246 71.77 -10.48 31.54
C LEU G 246 71.30 -11.47 32.60
N LEU G 247 71.70 -12.74 32.45
CA LEU G 247 71.35 -13.74 33.46
C LEU G 247 71.96 -13.39 34.82
N GLU G 248 73.27 -13.12 34.86
CA GLU G 248 73.92 -12.76 36.11
C GLU G 248 73.26 -11.54 36.75
N TYR G 249 73.01 -10.51 35.94
CA TYR G 249 72.42 -9.28 36.48
C TYR G 249 71.05 -9.53 37.09
N TYR G 250 70.17 -10.25 36.38
CA TYR G 250 68.84 -10.48 36.93
C TYR G 250 68.82 -11.54 38.02
N PHE G 251 69.78 -12.47 38.02
CA PHE G 251 69.93 -13.34 39.20
C PHE G 251 70.30 -12.53 40.43
N GLU G 252 71.16 -11.54 40.26
CA GLU G 252 71.55 -10.72 41.40
C GLU G 252 70.38 -9.89 41.92
N LEU G 253 69.50 -9.44 41.03
CA LEU G 253 68.35 -8.65 41.45
C LEU G 253 67.44 -9.47 42.37
N SER G 254 67.30 -10.77 42.09
CA SER G 254 66.38 -11.62 42.86
C SER G 254 66.85 -11.85 44.28
N ASN G 255 68.16 -11.76 44.54
CA ASN G 255 68.78 -12.03 45.83
C ASN G 255 68.60 -13.47 46.27
N LEU G 256 68.33 -14.38 45.33
CA LEU G 256 68.30 -15.80 45.60
C LEU G 256 69.70 -16.36 45.81
N THR G 257 69.77 -17.48 46.54
CA THR G 257 70.95 -18.31 46.49
C THR G 257 70.87 -19.24 45.28
N LYS G 258 72.02 -19.81 44.92
CA LYS G 258 72.01 -20.82 43.86
C LYS G 258 71.15 -22.02 44.24
N GLU G 259 71.13 -22.37 45.53
CA GLU G 259 70.31 -23.49 45.98
C GLU G 259 68.82 -23.20 45.80
N LYS G 260 68.36 -22.08 46.37
CA LYS G 260 66.96 -21.70 46.21
C LYS G 260 66.59 -21.51 44.75
N PHE G 261 67.52 -20.97 43.95
CA PHE G 261 67.28 -20.82 42.51
C PHE G 261 67.01 -22.17 41.87
N ALA G 262 67.78 -23.19 42.25
CA ALA G 262 67.57 -24.54 41.71
C ALA G 262 66.22 -25.11 42.13
N LYS G 263 65.85 -24.95 43.40
CA LYS G 263 64.58 -25.49 43.88
C LYS G 263 63.39 -24.82 43.20
N ARG G 264 63.49 -23.51 42.94
CA ARG G 264 62.37 -22.78 42.35
C ARG G 264 62.14 -23.19 40.89
N THR G 265 63.22 -23.39 40.14
CA THR G 265 63.14 -23.78 38.74
C THR G 265 62.94 -25.27 38.54
N ASN G 266 63.15 -26.09 39.58
CA ASN G 266 63.24 -27.54 39.45
C ASN G 266 64.39 -27.95 38.55
N PHE G 267 65.45 -27.15 38.51
CA PHE G 267 66.71 -27.49 37.87
C PHE G 267 67.70 -27.98 38.92
N SER G 268 68.60 -28.87 38.51
CA SER G 268 69.69 -29.30 39.37
C SER G 268 70.71 -28.17 39.50
N MET G 269 71.54 -28.27 40.54
CA MET G 269 72.63 -27.31 40.70
C MET G 269 73.59 -27.35 39.52
N GLU G 270 73.79 -28.53 38.93
CA GLU G 270 74.71 -28.63 37.81
C GLU G 270 74.13 -28.01 36.55
N THR G 271 72.81 -28.03 36.39
CA THR G 271 72.19 -27.37 35.24
C THR G 271 72.36 -25.85 35.33
N LEU G 272 72.13 -25.27 36.52
CA LEU G 272 72.39 -23.85 36.71
C LEU G 272 73.86 -23.52 36.53
N ALA G 273 74.75 -24.37 37.05
CA ALA G 273 76.18 -24.10 36.95
C ALA G 273 76.64 -24.07 35.50
N ASP G 274 76.07 -24.94 34.64
CA ASP G 274 76.45 -24.91 33.24
C ASP G 274 76.01 -23.61 32.57
N PHE G 275 74.93 -23.00 33.04
CA PHE G 275 74.51 -21.71 32.49
C PHE G 275 75.47 -20.61 32.91
N PHE G 276 75.82 -20.55 34.19
CA PHE G 276 76.66 -19.46 34.68
C PHE G 276 78.13 -19.60 34.31
N THR G 277 78.54 -20.72 33.71
CA THR G 277 79.89 -20.86 33.20
C THR G 277 79.93 -20.86 31.68
N LYS G 278 78.80 -20.55 31.03
CA LYS G 278 78.67 -20.52 29.58
C LYS G 278 78.92 -21.89 28.95
N LYS G 279 78.86 -22.95 29.75
CA LYS G 279 79.00 -24.29 29.21
C LYS G 279 77.81 -24.63 28.32
N LYS G 280 76.59 -24.36 28.80
CA LYS G 280 75.37 -24.55 28.04
C LYS G 280 74.61 -23.23 27.96
N LEU G 281 73.79 -23.10 26.91
CA LEU G 281 72.96 -21.92 26.77
C LEU G 281 71.50 -22.32 27.02
N PRO G 282 70.75 -21.53 27.79
CA PRO G 282 69.35 -21.90 28.08
C PRO G 282 68.51 -21.94 26.82
N THR G 283 67.69 -22.98 26.70
CA THR G 283 66.73 -23.05 25.61
C THR G 283 65.63 -22.01 25.81
N PHE G 284 64.81 -21.84 24.77
CA PHE G 284 63.70 -20.90 24.86
C PHE G 284 62.77 -21.25 26.01
N ASP G 285 62.47 -22.55 26.17
CA ASP G 285 61.59 -22.97 27.26
C ASP G 285 62.27 -22.83 28.61
N GLU G 286 63.58 -23.12 28.68
CA GLU G 286 64.30 -22.99 29.93
C GLU G 286 64.42 -21.53 30.37
N LEU G 287 64.57 -20.62 29.41
CA LEU G 287 64.67 -19.20 29.75
C LEU G 287 63.38 -18.69 30.38
N LYS G 288 62.22 -19.16 29.89
CA LYS G 288 60.96 -18.74 30.48
C LYS G 288 60.79 -19.23 31.91
N ILE G 289 61.29 -20.44 32.19
CA ILE G 289 61.26 -20.93 33.57
C ILE G 289 62.21 -20.10 34.44
N ILE G 290 63.39 -19.77 33.91
CA ILE G 290 64.34 -18.93 34.63
C ILE G 290 63.74 -17.55 34.89
N ALA G 291 63.08 -16.98 33.87
CA ALA G 291 62.48 -15.65 34.03
C ALA G 291 61.37 -15.67 35.09
N LYS G 292 60.54 -16.72 35.09
CA LYS G 292 59.50 -16.82 36.10
C LYS G 292 60.09 -16.95 37.50
N ALA G 293 61.17 -17.73 37.63
CA ALA G 293 61.82 -17.87 38.94
C ALA G 293 62.48 -16.57 39.40
N LEU G 294 62.97 -15.77 38.46
CA LEU G 294 63.59 -14.50 38.79
C LEU G 294 62.60 -13.35 38.82
N ASN G 295 61.30 -13.64 38.62
CA ASN G 295 60.23 -12.64 38.65
C ASN G 295 60.43 -11.53 37.61
N VAL G 296 60.86 -11.93 36.42
CA VAL G 296 61.00 -11.03 35.29
C VAL G 296 60.43 -11.74 34.07
N ASN G 297 60.48 -11.06 32.93
CA ASN G 297 59.99 -11.62 31.68
C ASN G 297 61.16 -12.22 30.92
N SER G 298 60.89 -13.25 30.12
CA SER G 298 61.93 -13.79 29.25
C SER G 298 62.51 -12.69 28.37
N ARG G 299 61.67 -11.73 27.98
CA ARG G 299 62.10 -10.55 27.25
C ARG G 299 63.22 -9.81 27.99
N ASP G 300 63.17 -9.79 29.32
CA ASP G 300 64.18 -9.07 30.09
C ASP G 300 65.51 -9.82 30.13
N LEU G 301 65.48 -11.15 30.03
CA LEU G 301 66.71 -11.95 30.03
C LEU G 301 67.36 -12.07 28.67
N MET G 302 66.62 -11.83 27.59
CA MET G 302 67.12 -12.05 26.23
C MET G 302 68.01 -10.90 25.79
N PRO G 303 69.13 -11.18 25.15
CA PRO G 303 69.84 -10.15 24.40
C PRO G 303 69.20 -9.96 23.03
N ASN G 304 69.72 -8.99 22.29
CA ASN G 304 69.34 -8.81 20.90
C ASN G 304 69.66 -10.07 20.10
N ASP G 305 69.09 -10.14 18.89
CA ASP G 305 69.24 -11.33 18.07
C ASP G 305 70.68 -11.55 17.64
N LEU G 306 71.38 -10.47 17.24
CA LEU G 306 72.79 -10.56 16.92
C LEU G 306 73.52 -9.31 17.41
N THR G 307 74.85 -9.40 17.45
CA THR G 307 75.70 -8.31 17.89
C THR G 307 76.20 -7.57 16.65
N GLU G 308 75.89 -6.28 16.55
CA GLU G 308 76.32 -5.47 15.43
C GLU G 308 77.71 -4.90 15.66
N SER G 309 78.39 -4.56 14.56
CA SER G 309 79.65 -3.85 14.65
C SER G 309 79.44 -2.44 15.18
N LYS G 310 80.50 -1.87 15.78
CA LYS G 310 80.39 -0.51 16.29
C LYS G 310 80.23 0.51 15.17
N VAL G 311 80.76 0.21 13.99
CA VAL G 311 80.64 1.07 12.83
C VAL G 311 80.03 0.24 11.70
N ILE G 312 78.96 0.75 11.11
CA ILE G 312 78.24 0.09 10.02
C ILE G 312 78.39 0.94 8.79
N VAL G 313 78.89 0.37 7.70
CA VAL G 313 79.05 1.06 6.43
C VAL G 313 78.20 0.34 5.39
N LYS G 314 77.43 1.11 4.63
CA LYS G 314 76.51 0.54 3.65
C LYS G 314 76.58 1.38 2.39
N THR G 315 77.06 0.78 1.30
CA THR G 315 77.06 1.46 0.02
C THR G 315 75.65 1.44 -0.58
N HIS G 316 75.40 2.35 -1.51
CA HIS G 316 74.05 2.51 -2.05
C HIS G 316 73.55 1.23 -2.71
N ASP G 317 74.43 0.51 -3.41
CA ASP G 317 74.01 -0.68 -4.13
C ASP G 317 73.48 -1.77 -3.20
N GLN G 318 73.88 -1.76 -1.93
CA GLN G 318 73.42 -2.74 -0.95
C GLN G 318 72.04 -2.43 -0.41
N CYS G 319 71.42 -1.32 -0.85
CA CYS G 319 70.15 -0.88 -0.28
C CYS G 319 69.00 -1.61 -0.94
N ASP G 320 68.25 -2.38 -0.15
CA ASP G 320 66.99 -2.92 -0.65
C ASP G 320 66.00 -1.79 -0.84
N HIS G 321 65.06 -1.99 -1.76
CA HIS G 321 64.10 -0.94 -2.07
C HIS G 321 62.78 -1.56 -2.46
N TRP G 322 61.71 -0.76 -2.36
CA TRP G 322 60.37 -1.25 -2.63
C TRP G 322 59.46 -0.06 -2.92
N LYS G 323 58.33 -0.36 -3.55
CA LYS G 323 57.30 0.62 -3.86
C LYS G 323 56.35 0.77 -2.68
N TYR G 324 56.01 2.02 -2.36
CA TYR G 324 55.06 2.29 -1.28
C TYR G 324 54.15 3.47 -1.60
N PRO G 325 52.84 3.31 -1.35
CA PRO G 325 52.22 2.04 -0.95
C PRO G 325 52.01 1.10 -2.13
N GLU G 326 51.04 0.19 -2.04
CA GLU G 326 50.72 -0.67 -3.18
C GLU G 326 50.38 0.15 -4.41
N SER G 327 49.77 1.32 -4.24
CA SER G 327 49.47 2.19 -5.38
C SER G 327 50.73 2.73 -6.03
N GLY G 328 51.76 3.05 -5.23
CA GLY G 328 53.08 3.32 -5.76
C GLY G 328 53.54 4.77 -5.88
N ASN G 329 53.16 5.64 -4.95
CA ASN G 329 53.61 7.03 -5.03
C ASN G 329 55.09 7.21 -4.70
N TYR G 330 55.70 6.27 -3.95
CA TYR G 330 57.07 6.42 -3.50
C TYR G 330 57.88 5.15 -3.80
N GLU G 331 59.21 5.33 -3.80
CA GLU G 331 60.16 4.22 -3.80
C GLU G 331 61.09 4.43 -2.61
N PHE G 332 61.02 3.54 -1.61
CA PHE G 332 61.81 3.65 -0.40
C PHE G 332 63.12 2.91 -0.55
N TYR G 333 64.22 3.54 -0.11
CA TYR G 333 65.53 2.90 -0.11
C TYR G 333 66.04 2.77 1.32
N GLU G 334 66.35 1.54 1.72
CA GLU G 334 66.76 1.22 3.09
C GLU G 334 68.24 1.53 3.25
N LEU G 335 68.55 2.58 4.00
CA LEU G 335 69.92 3.00 4.21
C LEU G 335 70.53 2.21 5.37
N ALA G 336 71.69 2.66 5.83
CA ALA G 336 72.41 1.96 6.89
C ALA G 336 71.58 1.93 8.17
N SER G 337 71.71 0.84 8.92
CA SER G 337 70.94 0.65 10.14
C SER G 337 71.71 -0.32 11.05
N THR G 338 71.24 -0.41 12.28
CA THR G 338 71.80 -1.35 13.25
C THR G 338 70.68 -1.79 14.19
N THR G 339 70.59 -3.10 14.46
CA THR G 339 69.59 -3.59 15.39
C THR G 339 69.90 -3.21 16.84
N ALA G 340 71.06 -2.61 17.09
CA ALA G 340 71.32 -2.02 18.40
C ALA G 340 70.41 -0.84 18.67
N LEU G 341 69.88 -0.21 17.63
CA LEU G 341 68.91 0.89 17.74
C LEU G 341 67.69 0.52 16.90
N PRO G 342 66.81 -0.32 17.43
CA PRO G 342 65.66 -0.76 16.64
C PRO G 342 64.69 0.35 16.26
N HIS G 343 64.77 1.51 16.89
CA HIS G 343 63.88 2.63 16.58
C HIS G 343 64.55 3.68 15.70
N SER G 344 65.74 3.40 15.16
CA SER G 344 66.42 4.30 14.22
C SER G 344 66.26 3.73 12.81
N LYS G 345 65.50 4.43 11.97
CA LYS G 345 65.22 4.04 10.60
C LYS G 345 65.65 5.15 9.65
N ALA G 346 66.44 4.81 8.64
CA ALA G 346 66.95 5.79 7.69
C ALA G 346 66.54 5.39 6.28
N PHE G 347 65.99 6.34 5.53
CA PHE G 347 65.46 6.09 4.20
C PHE G 347 65.89 7.17 3.22
N GLU G 348 66.13 6.74 1.98
CA GLU G 348 66.17 7.61 0.82
C GLU G 348 64.92 7.33 -0.01
N ILE G 349 64.14 8.37 -0.31
CA ILE G 349 62.83 8.20 -0.93
C ILE G 349 62.78 8.93 -2.26
N ASP G 350 62.46 8.21 -3.33
CA ASP G 350 62.12 8.82 -4.61
C ASP G 350 60.61 8.99 -4.67
N VAL G 351 60.16 10.23 -4.79
CA VAL G 351 58.74 10.55 -4.85
C VAL G 351 58.39 10.92 -6.28
N SER G 352 57.45 10.18 -6.89
CA SER G 352 56.98 10.43 -8.24
C SER G 352 55.48 10.24 -8.25
N SER G 353 54.77 11.20 -7.68
CA SER G 353 53.33 11.11 -7.48
C SER G 353 52.62 12.33 -8.03
N SER G 354 51.43 12.10 -8.58
CA SER G 354 50.48 13.18 -8.82
C SER G 354 49.90 13.64 -7.48
N GLU G 355 49.23 14.78 -7.50
CA GLU G 355 48.64 15.30 -6.28
C GLU G 355 47.46 14.43 -5.85
N ASP G 356 47.58 13.82 -4.68
CA ASP G 356 46.50 13.03 -4.08
C ASP G 356 45.88 13.69 -2.87
N LEU G 357 46.66 14.44 -2.09
CA LEU G 357 46.23 15.06 -0.83
C LEU G 357 45.93 13.99 0.22
N ASN G 358 45.84 12.73 -0.20
CA ASN G 358 45.70 11.62 0.73
C ASN G 358 47.00 11.41 1.49
N LEU G 359 46.93 11.50 2.82
CA LEU G 359 48.11 11.40 3.66
C LEU G 359 48.42 9.92 3.90
N ASP G 360 49.45 9.41 3.24
CA ASP G 360 49.73 7.98 3.20
C ASP G 360 50.94 7.57 4.05
N LEU G 361 51.55 8.51 4.77
CA LEU G 361 52.71 8.20 5.61
C LEU G 361 52.38 8.52 7.06
N LYS G 362 52.72 7.60 7.96
CA LYS G 362 52.43 7.78 9.37
C LYS G 362 53.29 6.81 10.18
N VAL G 363 54.04 7.35 11.14
CA VAL G 363 54.95 6.52 11.93
C VAL G 363 55.15 7.19 13.29
N GLY G 364 55.17 6.37 14.35
CA GLY G 364 55.34 6.87 15.69
C GLY G 364 56.78 7.08 16.12
N LEU G 365 57.49 7.94 15.40
CA LEU G 365 58.88 8.25 15.71
C LEU G 365 59.14 9.71 15.35
N HIS G 366 60.18 10.28 15.96
CA HIS G 366 60.67 11.57 15.50
C HIS G 366 61.26 11.43 14.10
N GLN G 367 61.04 12.44 13.26
CA GLN G 367 61.45 12.35 11.87
C GLN G 367 62.19 13.61 11.44
N TYR G 368 63.26 13.42 10.65
CA TYR G 368 64.00 14.50 10.04
C TYR G 368 63.99 14.30 8.53
N VAL G 369 63.73 15.38 7.79
CA VAL G 369 63.62 15.34 6.34
C VAL G 369 64.61 16.32 5.75
N TYR G 370 65.23 15.94 4.63
CA TYR G 370 66.10 16.85 3.89
C TYR G 370 65.91 16.59 2.41
N ASN G 371 65.65 17.65 1.65
CA ASN G 371 65.49 17.52 0.21
C ASN G 371 66.89 17.44 -0.40
N ILE G 372 67.33 16.21 -0.71
CA ILE G 372 68.65 16.00 -1.30
C ILE G 372 68.60 16.04 -2.81
N GLY G 373 67.42 16.09 -3.41
CA GLY G 373 67.29 16.23 -4.85
C GLY G 373 67.44 17.68 -5.26
N ASP G 374 67.18 17.93 -6.54
CA ASP G 374 67.30 19.28 -7.09
C ASP G 374 65.96 19.88 -7.48
N SER G 375 64.85 19.26 -7.05
CA SER G 375 63.51 19.75 -7.35
C SER G 375 62.76 20.02 -6.05
N ALA G 376 61.81 20.94 -6.12
CA ALA G 376 60.98 21.27 -4.98
C ALA G 376 59.88 20.23 -4.78
N LEU G 377 59.50 20.03 -3.52
CA LEU G 377 58.42 19.12 -3.18
C LEU G 377 57.44 19.81 -2.25
N THR G 378 56.19 19.35 -2.28
CA THR G 378 55.15 19.86 -1.41
C THR G 378 54.83 18.81 -0.36
N ILE G 379 54.73 19.23 0.89
CA ILE G 379 54.39 18.35 2.00
C ILE G 379 53.00 18.71 2.49
N ASN G 380 52.10 17.74 2.48
CA ASN G 380 50.76 17.88 3.03
C ASN G 380 50.68 17.10 4.34
N TRP G 381 50.05 17.70 5.36
CA TRP G 381 49.91 17.01 6.63
C TRP G 381 48.78 17.65 7.43
N ASN G 382 48.36 16.95 8.48
CA ASN G 382 47.30 17.36 9.37
C ASN G 382 47.78 17.28 10.81
N TYR G 383 47.42 18.29 11.61
CA TYR G 383 47.85 18.33 13.00
C TYR G 383 46.88 19.19 13.80
N GLU G 384 46.29 18.61 14.85
CA GLU G 384 45.36 19.32 15.73
C GLU G 384 44.22 19.93 14.92
N ASN G 385 43.57 19.08 14.13
CA ASN G 385 42.37 19.42 13.36
C ASN G 385 42.62 20.53 12.35
N LYS G 386 43.87 20.77 11.98
CA LYS G 386 44.24 21.74 10.96
C LYS G 386 45.05 21.05 9.88
N THR G 387 44.71 21.30 8.62
CA THR G 387 45.42 20.72 7.49
C THR G 387 46.34 21.78 6.88
N TYR G 388 47.58 21.38 6.59
CA TYR G 388 48.59 22.29 6.10
C TYR G 388 49.17 21.79 4.77
N GLN G 389 49.79 22.71 4.05
CA GLN G 389 50.48 22.38 2.80
C GLN G 389 51.61 23.39 2.63
N LYS G 390 52.84 22.90 2.52
CA LYS G 390 54.01 23.75 2.38
C LYS G 390 54.96 23.14 1.36
N SER G 391 55.85 24.00 0.86
CA SER G 391 56.83 23.60 -0.14
C SER G 391 58.16 23.29 0.54
N LEU G 392 58.83 22.25 0.05
CA LEU G 392 60.14 21.85 0.55
C LEU G 392 61.13 21.94 -0.61
N ASN G 393 61.90 23.02 -0.66
CA ASN G 393 62.84 23.23 -1.74
C ASN G 393 64.12 22.44 -1.52
N PRO G 394 64.92 22.25 -2.57
CA PRO G 394 66.24 21.61 -2.39
C PRO G 394 67.08 22.34 -1.34
N GLY G 395 67.61 21.58 -0.39
CA GLY G 395 68.36 22.14 0.71
C GLY G 395 67.53 22.53 1.92
N ASP G 396 66.21 22.53 1.82
CA ASP G 396 65.34 22.74 2.96
C ASP G 396 65.26 21.47 3.80
N SER G 397 65.02 21.65 5.10
CA SER G 397 64.87 20.52 6.00
C SER G 397 63.61 20.69 6.85
N ALA G 398 63.18 19.58 7.46
CA ALA G 398 61.96 19.60 8.27
C ALA G 398 62.06 18.56 9.38
N TYR G 399 61.41 18.87 10.49
CA TYR G 399 61.18 17.93 11.58
C TYR G 399 59.69 17.62 11.69
N ILE G 400 59.36 16.34 11.89
CA ILE G 400 57.99 15.88 11.93
C ILE G 400 57.74 15.18 13.26
N LYS G 401 56.73 15.63 14.00
CA LYS G 401 56.39 15.01 15.26
C LYS G 401 55.83 13.60 15.03
N PRO G 402 55.95 12.72 16.04
CA PRO G 402 55.47 11.34 15.86
C PRO G 402 53.99 11.26 15.53
N PHE G 403 53.64 10.30 14.68
CA PHE G 403 52.29 9.93 14.28
C PHE G 403 51.60 10.98 13.44
N VAL G 404 52.30 12.05 13.07
CA VAL G 404 51.67 13.08 12.23
C VAL G 404 51.44 12.49 10.84
N PRO G 405 50.19 12.41 10.38
CA PRO G 405 49.95 11.89 9.03
C PRO G 405 50.35 12.93 8.00
N HIS G 406 51.04 12.48 6.96
CA HIS G 406 51.64 13.40 6.00
C HIS G 406 51.86 12.66 4.69
N ASN G 407 52.25 13.44 3.68
CA ASN G 407 52.71 12.86 2.42
C ASN G 407 53.74 13.79 1.80
N PHE G 408 54.39 13.31 0.75
CA PHE G 408 55.26 14.10 -0.09
C PHE G 408 54.74 14.00 -1.52
N ARG G 409 54.61 15.14 -2.18
CA ARG G 409 54.00 15.18 -3.50
C ARG G 409 54.91 15.92 -4.48
N GLY G 410 54.96 15.41 -5.71
CA GLY G 410 55.82 15.99 -6.72
C GLY G 410 56.81 14.99 -7.29
N ASN G 411 57.93 15.50 -7.82
CA ASN G 411 58.99 14.68 -8.36
C ASN G 411 60.31 15.15 -7.74
N GLY G 412 60.94 14.28 -6.97
CA GLY G 412 62.17 14.65 -6.30
C GLY G 412 62.68 13.53 -5.42
N LYS G 413 63.66 13.86 -4.59
CA LYS G 413 64.33 12.89 -3.74
C LYS G 413 64.55 13.52 -2.38
N ILE G 414 64.29 12.74 -1.33
CA ILE G 414 64.44 13.22 0.04
C ILE G 414 65.18 12.18 0.87
N LEU G 415 65.82 12.66 1.92
CA LEU G 415 66.44 11.84 2.95
C LEU G 415 65.56 11.86 4.19
N ILE G 416 65.35 10.69 4.79
CA ILE G 416 64.46 10.56 5.94
C ILE G 416 65.22 9.81 7.03
N LEU G 417 65.26 10.39 8.23
CA LEU G 417 65.77 9.70 9.41
C LEU G 417 64.69 9.66 10.48
N ARG G 418 64.43 8.48 11.03
CA ARG G 418 63.47 8.28 12.10
C ARG G 418 64.21 7.79 13.35
N ILE G 419 63.91 8.40 14.50
CA ILE G 419 64.48 7.98 15.78
C ILE G 419 63.37 7.95 16.82
N GLY G 420 63.58 7.13 17.85
CA GLY G 420 62.57 6.89 18.86
C GLY G 420 62.57 7.88 20.01
N GLY G 421 63.67 8.60 20.17
CA GLY G 421 63.76 9.48 21.32
C GLY G 421 63.73 8.68 22.61
N LYS G 422 63.06 9.24 23.62
CA LYS G 422 62.96 8.58 24.91
C LYS G 422 61.69 7.75 25.06
N ILE G 423 60.75 7.84 24.12
CA ILE G 423 59.44 7.24 24.32
C ILE G 423 59.46 5.76 23.95
N SER G 424 59.97 5.43 22.77
CA SER G 424 59.89 4.06 22.28
C SER G 424 60.68 3.11 23.16
N GLY G 425 60.15 1.91 23.34
CA GLY G 425 60.79 0.90 24.18
C GLY G 425 60.11 0.79 25.54
N ASP G 426 60.91 0.91 26.60
CA ASP G 426 60.40 0.72 27.96
C ASP G 426 59.31 1.73 28.31
N SER G 427 59.53 3.00 27.98
CA SER G 427 58.59 4.04 28.34
C SER G 427 57.24 3.82 27.67
N GLN G 428 57.27 3.52 26.36
CA GLN G 428 56.03 3.25 25.64
C GLN G 428 55.30 2.05 26.23
N ARG G 429 56.04 1.02 26.62
CA ARG G 429 55.42 -0.16 27.20
C ARG G 429 54.76 0.17 28.54
N GLU G 430 55.44 0.95 29.38
CA GLU G 430 54.85 1.35 30.65
C GLU G 430 53.59 2.18 30.44
N LEU G 431 53.64 3.12 29.49
CA LEU G 431 52.44 3.92 29.18
C LEU G 431 51.31 3.04 28.66
N SER G 432 51.62 1.97 27.94
CA SER G 432 50.59 1.08 27.44
C SER G 432 49.94 0.29 28.57
N PHE G 433 50.73 -0.11 29.57
CA PHE G 433 50.17 -0.82 30.71
C PHE G 433 49.28 0.08 31.54
N VAL G 434 49.65 1.37 31.66
CA VAL G 434 48.84 2.31 32.43
C VAL G 434 47.42 2.41 31.86
N GLY G 435 47.29 2.29 30.55
CA GLY G 435 45.95 2.24 29.97
C GLY G 435 45.67 3.47 29.12
N ARG G 436 44.84 3.28 28.10
CA ARG G 436 44.51 4.37 27.19
C ARG G 436 43.61 5.40 27.85
N GLU G 437 42.79 4.98 28.83
CA GLU G 437 41.91 5.91 29.53
C GLU G 437 42.69 6.83 30.46
N ASN G 438 43.93 6.50 30.82
CA ASN G 438 44.74 7.31 31.71
C ASN G 438 45.87 8.03 30.99
N THR G 439 45.95 7.93 29.67
CA THR G 439 47.08 8.51 28.95
C THR G 439 47.14 10.03 29.10
N GLN G 440 45.98 10.69 29.08
CA GLN G 440 45.97 12.14 29.20
C GLN G 440 46.51 12.58 30.56
N ARG G 441 46.03 11.96 31.64
CA ARG G 441 46.49 12.34 32.97
C ARG G 441 47.94 11.94 33.22
N ALA G 442 48.38 10.82 32.66
CA ALA G 442 49.77 10.41 32.83
C ALA G 442 50.73 11.41 32.20
N ILE G 443 50.33 11.97 31.06
CA ILE G 443 51.20 12.94 30.37
C ILE G 443 51.19 14.28 31.09
N SER G 444 50.02 14.70 31.55
CA SER G 444 49.89 16.01 32.19
C SER G 444 48.81 15.94 33.26
N GLU G 445 49.22 16.08 34.51
CA GLU G 445 48.29 15.98 35.63
C GLU G 445 47.46 17.26 35.73
N THR G 446 46.15 17.09 35.93
CA THR G 446 45.23 18.22 35.98
C THR G 446 44.46 18.34 37.29
N MET G 447 44.60 17.38 38.20
CA MET G 447 43.83 17.39 39.45
C MET G 447 44.72 17.01 40.62
N GLN G 448 44.39 17.55 41.79
CA GLN G 448 45.04 17.13 43.03
C GLN G 448 44.72 15.68 43.30
N TRP G 449 45.64 14.98 43.96
CA TRP G 449 45.50 13.53 44.09
C TRP G 449 44.33 13.12 44.97
N PHE G 450 43.78 14.04 45.78
CA PHE G 450 42.54 13.75 46.49
C PHE G 450 41.76 15.02 46.72
N ASP G 451 40.43 14.88 46.77
CA ASP G 451 39.49 15.95 47.09
C ASP G 451 39.04 15.81 48.53
N PRO G 452 39.00 16.89 49.34
CA PRO G 452 38.38 16.77 50.67
C PRO G 452 36.89 16.45 50.62
N LYS G 453 36.56 15.26 50.10
CA LYS G 453 35.19 14.78 49.94
C LYS G 453 35.26 13.32 49.55
N GLY G 454 34.09 12.68 49.50
CA GLY G 454 34.03 11.27 49.15
C GLY G 454 32.79 10.89 48.37
N SER G 455 32.97 10.14 47.28
CA SER G 455 31.86 9.68 46.46
C SER G 455 31.91 8.17 46.26
N ASP H 10 84.44 21.46 45.35
CA ASP H 10 83.01 21.25 45.15
C ASP H 10 82.75 20.52 43.83
N SER H 11 82.32 19.25 43.93
CA SER H 11 82.04 18.44 42.75
C SER H 11 80.77 18.88 42.04
N TYR H 12 79.88 19.61 42.72
CA TYR H 12 78.70 20.16 42.06
C TYR H 12 79.09 21.10 40.93
N LEU H 13 80.08 21.96 41.17
CA LEU H 13 80.49 22.91 40.15
C LEU H 13 81.21 22.20 39.00
N ILE H 14 81.98 21.16 39.32
CA ILE H 14 82.68 20.39 38.29
C ILE H 14 81.69 19.65 37.40
N ARG H 15 80.73 18.95 38.01
CA ARG H 15 79.72 18.24 37.24
C ARG H 15 78.86 19.19 36.43
N SER H 16 78.56 20.37 36.99
CA SER H 16 77.77 21.35 36.24
C SER H 16 78.53 21.86 35.02
N GLY H 17 79.86 22.01 35.15
CA GLY H 17 80.65 22.38 34.01
C GLY H 17 80.74 21.29 32.96
N ASN H 18 80.88 20.03 33.41
CA ASN H 18 80.87 18.90 32.48
C ASN H 18 79.56 18.84 31.72
N ASN H 19 78.45 19.14 32.38
CA ASN H 19 77.16 19.13 31.70
C ASN H 19 77.10 20.24 30.66
N PHE H 20 77.64 21.41 30.99
CA PHE H 20 77.68 22.50 30.01
C PHE H 20 78.61 22.16 28.85
N LEU H 21 79.74 21.51 29.16
CA LEU H 21 80.65 21.06 28.10
C LEU H 21 79.95 20.09 27.16
N GLY H 22 79.16 19.17 27.71
CA GLY H 22 78.41 18.26 26.87
C GLY H 22 77.42 18.97 25.96
N ILE H 23 76.77 20.01 26.47
CA ILE H 23 75.82 20.77 25.66
C ILE H 23 76.51 21.39 24.46
N LEU H 24 77.69 21.98 24.68
CA LEU H 24 78.42 22.63 23.58
C LEU H 24 78.90 21.60 22.55
N ASN H 25 79.39 20.45 23.01
CA ASN H 25 79.82 19.40 22.09
C ASN H 25 78.66 18.96 21.19
N ASP H 26 77.46 18.81 21.75
CA ASP H 26 76.34 18.27 21.00
C ASP H 26 75.85 19.22 19.92
N ILE H 27 75.98 20.53 20.13
CA ILE H 27 75.51 21.51 19.15
C ILE H 27 76.64 21.98 18.23
N LYS H 28 77.82 21.36 18.31
CA LYS H 28 78.95 21.70 17.44
C LYS H 28 79.33 23.18 17.61
N ARG H 29 79.50 23.60 18.86
CA ARG H 29 79.91 24.97 19.17
C ARG H 29 81.21 24.94 19.96
N ARG H 30 82.22 25.64 19.46
CA ARG H 30 83.43 25.87 20.22
C ARG H 30 83.15 26.89 21.31
N PRO H 31 84.05 26.99 22.31
CA PRO H 31 83.87 28.05 23.33
C PRO H 31 83.70 29.43 22.72
N GLU H 32 84.43 29.73 21.66
CA GLU H 32 84.29 31.02 20.98
C GLU H 32 82.95 31.14 20.26
N ASP H 33 82.43 30.04 19.69
CA ASP H 33 81.15 30.11 19.00
C ASP H 33 80.02 30.41 19.98
N ALA H 34 80.08 29.83 21.18
CA ALA H 34 79.05 30.12 22.18
C ALA H 34 79.13 31.56 22.65
N ALA H 35 80.35 32.07 22.88
CA ALA H 35 80.52 33.45 23.34
C ALA H 35 80.01 34.44 22.29
N ASN H 36 80.35 34.21 21.02
CA ASN H 36 79.96 35.14 19.97
C ASN H 36 78.45 35.13 19.75
N GLU H 37 77.82 33.96 19.78
CA GLU H 37 76.39 33.88 19.47
C GLU H 37 75.52 34.25 20.65
N LEU H 38 75.98 34.00 21.88
CA LEU H 38 75.21 34.32 23.08
C LEU H 38 75.51 35.70 23.64
N GLY H 39 76.44 36.43 23.04
CA GLY H 39 76.76 37.79 23.47
C GLY H 39 77.39 37.93 24.83
N VAL H 40 78.32 37.04 25.18
CA VAL H 40 79.04 37.09 26.45
C VAL H 40 80.51 36.84 26.13
N SER H 41 81.37 37.20 27.07
CA SER H 41 82.81 37.02 26.86
C SER H 41 83.17 35.55 26.85
N ILE H 42 84.23 35.22 26.10
CA ILE H 42 84.71 33.85 26.02
C ILE H 42 85.42 33.41 27.30
N GLU H 43 85.93 34.37 28.08
CA GLU H 43 86.57 34.03 29.35
C GLU H 43 85.55 33.54 30.39
N GLU H 44 84.36 34.15 30.40
CA GLU H 44 83.33 33.71 31.34
C GLU H 44 82.88 32.29 31.07
N ILE H 45 82.77 31.92 29.78
CA ILE H 45 82.38 30.58 29.40
C ILE H 45 83.41 29.55 29.86
N ASN H 46 84.70 29.87 29.72
CA ASN H 46 85.75 28.93 30.10
C ASN H 46 85.76 28.64 31.59
N SER H 47 85.41 29.63 32.42
CA SER H 47 85.37 29.39 33.86
C SER H 47 84.24 28.44 34.27
N ILE H 48 83.13 28.48 33.53
CA ILE H 48 82.01 27.56 33.80
C ILE H 48 82.39 26.14 33.45
N ILE H 49 82.99 25.94 32.26
CA ILE H 49 83.36 24.61 31.79
C ILE H 49 84.37 23.97 32.74
N SER H 50 85.35 24.75 33.21
CA SER H 50 86.37 24.22 34.10
C SER H 50 85.86 23.97 35.50
N GLY H 51 84.67 24.44 35.84
CA GLY H 51 84.09 24.23 37.15
C GLY H 51 84.46 25.25 38.20
N LYS H 52 84.90 26.45 37.80
CA LYS H 52 85.25 27.46 38.79
C LYS H 52 84.03 28.25 39.25
N GLN H 53 83.09 28.54 38.33
CA GLN H 53 81.93 29.33 38.66
C GLN H 53 80.68 28.71 38.06
N LYS H 54 79.59 28.72 38.82
CA LYS H 54 78.32 28.22 38.33
C LYS H 54 77.76 29.13 37.25
N ILE H 55 77.13 28.53 36.23
CA ILE H 55 76.54 29.31 35.15
C ILE H 55 75.42 30.18 35.69
N SER H 56 75.32 31.40 35.15
CA SER H 56 74.35 32.37 35.62
C SER H 56 73.00 32.16 34.94
N PRO H 57 71.90 32.55 35.59
CA PRO H 57 70.59 32.51 34.92
C PRO H 57 70.52 33.39 33.68
N SER H 58 71.30 34.47 33.62
CA SER H 58 71.30 35.32 32.44
C SER H 58 71.80 34.57 31.21
N LEU H 59 72.85 33.76 31.38
CA LEU H 59 73.37 33.00 30.25
C LEU H 59 72.40 31.91 29.81
N ILE H 60 71.74 31.27 30.77
CA ILE H 60 70.76 30.24 30.45
C ILE H 60 69.59 30.82 29.66
N GLU H 61 69.11 32.00 30.08
CA GLU H 61 67.96 32.62 29.43
C GLU H 61 68.25 33.05 28.00
N LYS H 62 69.52 33.21 27.64
CA LYS H 62 69.91 33.65 26.31
C LYS H 62 70.09 32.48 25.34
N ALA H 63 70.63 31.36 25.82
CA ALA H 63 70.90 30.22 24.94
C ALA H 63 69.60 29.60 24.42
N VAL H 64 68.57 29.52 25.27
CA VAL H 64 67.30 28.93 24.86
C VAL H 64 66.67 29.72 23.72
N ASN H 65 66.94 31.02 23.65
CA ASN H 65 66.34 31.87 22.63
C ASN H 65 67.02 31.75 21.27
N ILE H 66 68.26 31.28 21.24
CA ILE H 66 69.04 31.19 20.00
C ILE H 66 69.39 29.77 19.60
N TRP H 67 69.39 28.82 20.52
CA TRP H 67 69.77 27.43 20.27
C TRP H 67 68.59 26.51 20.56
N PRO H 68 68.55 25.31 19.95
CA PRO H 68 67.46 24.35 20.21
C PRO H 68 67.61 23.60 21.53
N VAL H 69 67.85 24.36 22.61
CA VAL H 69 68.04 23.82 23.94
C VAL H 69 66.95 24.36 24.86
N ASN H 70 66.67 23.61 25.92
CA ASN H 70 65.71 24.01 26.92
C ASN H 70 66.43 24.46 28.20
N GLU H 71 65.70 25.21 29.03
CA GLU H 71 66.28 25.72 30.26
C GLU H 71 66.71 24.58 31.18
N ARG H 72 65.88 23.54 31.26
CA ARG H 72 66.11 22.43 32.17
C ARG H 72 67.38 21.65 31.85
N ASP H 73 67.92 21.80 30.63
CA ASP H 73 69.14 21.11 30.25
C ASP H 73 70.37 21.61 31.00
N PHE H 74 70.28 22.75 31.68
CA PHE H 74 71.44 23.36 32.32
C PHE H 74 71.49 23.13 33.83
N TYR H 75 70.43 22.63 34.44
CA TYR H 75 70.36 22.43 35.88
C TYR H 75 70.57 20.95 36.21
N ILE H 76 71.67 20.65 36.91
CA ILE H 76 72.03 19.27 37.23
C ILE H 76 71.48 18.86 38.59
N VAL H 77 71.58 17.57 38.89
CA VAL H 77 71.14 17.02 40.18
C VAL H 77 72.25 17.20 41.20
N SER H 78 71.92 17.77 42.36
CA SER H 78 72.88 17.87 43.44
C SER H 78 73.03 16.52 44.13
N ASP H 79 74.27 16.09 44.35
CA ASP H 79 74.53 14.79 44.95
C ASP H 79 74.46 14.95 46.46
N ASP H 80 73.33 14.54 47.05
CA ASP H 80 73.12 14.60 48.49
C ASP H 80 73.48 13.31 49.21
N CYS H 81 74.15 12.36 48.53
CA CYS H 81 74.50 11.07 49.12
C CYS H 81 75.96 10.74 48.80
N SER H 82 76.87 11.64 49.20
CA SER H 82 78.27 11.53 48.78
C SER H 82 78.98 10.34 49.40
N SER H 83 78.49 9.80 50.51
CA SER H 83 79.11 8.64 51.16
C SER H 83 78.59 7.30 50.63
N GLY H 84 77.62 7.31 49.72
CA GLY H 84 77.08 6.10 49.14
C GLY H 84 75.79 5.62 49.78
N ILE H 85 75.56 5.96 51.04
CA ILE H 85 74.32 5.64 51.74
C ILE H 85 73.91 6.87 52.53
N LEU H 86 72.63 7.23 52.45
CA LEU H 86 72.09 8.38 53.17
C LEU H 86 71.03 7.89 54.14
N ILE H 87 71.18 8.27 55.41
CA ILE H 87 70.34 7.80 56.49
C ILE H 87 69.48 8.95 56.99
N MET H 88 68.21 8.67 57.25
CA MET H 88 67.30 9.62 57.89
C MET H 88 66.82 9.00 59.21
N THR H 89 66.93 9.77 60.29
CA THR H 89 66.59 9.25 61.60
C THR H 89 65.09 9.27 61.85
N SER H 90 64.64 8.44 62.79
CA SER H 90 63.25 8.44 63.20
C SER H 90 62.83 9.82 63.70
N GLN H 91 63.74 10.53 64.37
CA GLN H 91 63.41 11.86 64.88
C GLN H 91 63.16 12.85 63.76
N ASP H 92 63.97 12.79 62.69
CA ASP H 92 63.74 13.67 61.55
C ASP H 92 62.39 13.41 60.90
N SER H 93 61.94 12.14 60.87
CA SER H 93 60.63 11.84 60.34
C SER H 93 59.52 12.42 61.20
N ILE H 94 59.72 12.39 62.53
CA ILE H 94 58.73 12.96 63.42
C ILE H 94 58.61 14.47 63.20
N LYS H 95 59.73 15.14 62.94
CA LYS H 95 59.68 16.57 62.69
C LYS H 95 58.96 16.89 61.38
N SER H 96 58.98 15.96 60.43
CA SER H 96 58.32 16.17 59.13
C SER H 96 56.83 15.81 59.16
N SER H 97 56.29 15.47 60.33
CA SER H 97 54.91 15.03 60.43
C SER H 97 53.94 16.12 60.00
N ARG H 98 52.89 15.72 59.28
CA ARG H 98 51.78 16.62 58.97
C ARG H 98 50.51 15.78 58.90
N ILE H 99 49.48 16.22 59.61
CA ILE H 99 48.21 15.52 59.64
C ILE H 99 47.28 16.19 58.63
N MET H 100 46.63 15.36 57.81
CA MET H 100 45.73 15.83 56.77
C MET H 100 44.31 15.39 57.10
N GLU H 101 43.36 16.30 56.95
CA GLU H 101 41.96 16.03 57.20
C GLU H 101 41.25 15.71 55.89
N ARG H 102 40.26 14.82 55.97
CA ARG H 102 39.37 14.55 54.86
C ARG H 102 37.95 14.53 55.39
N ALA H 103 37.07 15.29 54.76
CA ALA H 103 35.68 15.41 55.19
C ALA H 103 35.59 15.89 56.64
N GLY H 104 36.49 16.80 57.01
CA GLY H 104 36.45 17.47 58.30
C GLY H 104 37.14 16.76 59.45
N LYS H 105 37.65 15.55 59.25
CA LYS H 105 38.31 14.83 60.33
C LYS H 105 39.71 14.41 59.91
N PRO H 106 40.66 14.41 60.85
CA PRO H 106 42.01 13.91 60.53
C PRO H 106 41.98 12.46 60.10
N TYR H 107 42.59 12.18 58.95
CA TYR H 107 42.53 10.89 58.29
C TYR H 107 43.87 10.19 58.20
N TYR H 108 44.93 10.91 57.85
CA TYR H 108 46.27 10.36 57.73
C TYR H 108 47.25 11.20 58.52
N GLU H 109 48.33 10.59 58.97
CA GLU H 109 49.51 11.30 59.41
C GLU H 109 50.65 10.88 58.51
N TYR H 110 51.11 11.81 57.67
CA TYR H 110 52.23 11.56 56.76
C TYR H 110 53.54 11.93 57.45
N ARG H 111 54.57 11.14 57.20
CA ARG H 111 55.92 11.48 57.59
C ARG H 111 56.87 11.13 56.45
N ASP H 112 57.79 12.04 56.14
CA ASP H 112 58.82 11.73 55.16
C ASP H 112 59.83 10.74 55.76
N THR H 113 60.34 9.87 54.91
CA THR H 113 61.43 8.98 55.26
C THR H 113 62.58 9.23 54.28
N ALA H 114 63.61 8.38 54.35
CA ALA H 114 64.86 8.62 53.63
C ALA H 114 64.61 8.84 52.15
N MET H 115 65.04 9.99 51.64
CA MET H 115 64.94 10.31 50.23
C MET H 115 66.24 10.94 49.76
N SER H 116 66.46 10.84 48.45
CA SER H 116 67.63 11.44 47.82
C SER H 116 67.20 12.15 46.55
N LYS H 117 67.82 13.30 46.29
CA LYS H 117 67.58 14.03 45.06
C LYS H 117 68.03 13.26 43.83
N THR H 118 68.86 12.23 44.03
CA THR H 118 69.43 11.47 42.93
C THR H 118 68.63 10.21 42.57
N ALA H 119 67.55 9.93 43.28
CA ALA H 119 66.78 8.70 43.15
C ALA H 119 65.30 9.01 43.02
N PRO H 120 64.52 8.09 42.44
CA PRO H 120 63.08 8.35 42.24
C PRO H 120 62.18 7.95 43.39
N PHE H 121 62.71 7.63 44.57
CA PHE H 121 61.87 7.22 45.68
C PHE H 121 61.01 8.38 46.18
N ARG H 122 59.76 8.08 46.50
CA ARG H 122 58.88 8.97 47.26
C ARG H 122 58.22 8.13 48.35
N PRO H 123 58.96 7.76 49.40
CA PRO H 123 58.42 6.84 50.41
C PRO H 123 57.71 7.56 51.54
N GLU H 124 56.47 7.18 51.82
CA GLU H 124 55.66 7.89 52.81
C GLU H 124 55.32 6.96 53.96
N TRP H 125 55.62 7.42 55.18
CA TRP H 125 55.11 6.84 56.40
C TRP H 125 53.72 7.41 56.65
N ILE H 126 52.69 6.56 56.70
CA ILE H 126 51.31 7.02 56.74
C ILE H 126 50.56 6.26 57.83
N LEU H 127 50.18 6.95 58.89
CA LEU H 127 49.39 6.37 59.97
C LEU H 127 47.90 6.55 59.67
N GLU H 128 47.12 5.49 59.87
CA GLU H 128 45.70 5.51 59.55
C GLU H 128 44.93 5.97 60.79
N LEU H 129 44.46 7.21 60.76
CA LEU H 129 43.79 7.81 61.91
C LEU H 129 42.30 7.55 61.95
N CYS H 130 41.71 7.12 60.84
CA CYS H 130 40.28 6.86 60.76
C CYS H 130 40.01 5.40 61.14
N LYS H 131 39.15 5.20 62.12
CA LYS H 131 38.77 3.86 62.56
C LYS H 131 37.41 3.48 62.01
N VAL H 132 37.29 2.24 61.56
CA VAL H 132 36.04 1.74 60.98
C VAL H 132 35.54 0.60 61.84
N GLU H 133 34.21 0.48 61.90
CA GLU H 133 33.53 -0.50 62.73
C GLU H 133 33.26 -1.81 62.00
N ASN H 134 33.38 -1.83 60.68
CA ASN H 134 33.17 -3.03 59.88
C ASN H 134 34.16 -3.02 58.73
N ASN H 135 34.11 -4.07 57.91
CA ASN H 135 34.97 -4.22 56.74
C ASN H 135 34.19 -4.07 55.45
N ASP H 136 33.18 -3.22 55.44
CA ASP H 136 32.40 -2.99 54.24
C ASP H 136 33.17 -2.05 53.32
N PRO H 137 33.48 -2.47 52.08
CA PRO H 137 34.20 -1.56 51.17
C PRO H 137 33.45 -0.29 50.83
N GLU H 138 32.13 -0.27 50.99
CA GLU H 138 31.33 0.91 50.71
C GLU H 138 31.22 1.84 51.91
N ASN H 139 31.85 1.51 53.03
CA ASN H 139 31.75 2.28 54.26
C ASN H 139 32.08 3.74 53.98
N PRO H 140 31.16 4.67 54.26
CA PRO H 140 31.40 6.08 53.93
C PRO H 140 32.52 6.72 54.72
N LYS H 141 33.01 6.08 55.78
CA LYS H 141 34.14 6.65 56.53
C LYS H 141 35.42 6.63 55.70
N ALA H 142 35.53 5.70 54.76
CA ALA H 142 36.70 5.66 53.88
C ALA H 142 36.64 6.85 52.93
N GLN H 143 37.69 7.66 52.95
CA GLN H 143 37.79 8.83 52.07
C GLN H 143 38.77 8.51 50.95
N TRP H 144 38.25 8.43 49.73
CA TRP H 144 39.00 7.95 48.58
C TRP H 144 39.77 9.09 47.92
N ASN H 145 40.89 8.74 47.30
CA ASN H 145 41.64 9.67 46.48
C ASN H 145 41.24 9.51 45.02
N ASN H 146 41.91 10.27 44.15
CA ASN H 146 41.67 10.20 42.71
C ASN H 146 42.62 9.24 42.01
N GLY H 147 43.45 8.53 42.76
CA GLY H 147 44.59 7.87 42.17
C GLY H 147 45.67 8.87 41.83
N HIS H 148 46.90 8.38 41.74
CA HIS H 148 48.03 9.26 41.51
C HIS H 148 49.01 8.66 40.52
N PHE H 149 49.88 9.53 40.02
CA PHE H 149 50.80 9.18 38.95
C PHE H 149 51.84 8.17 39.42
N MET H 150 52.28 8.27 40.66
CA MET H 150 53.35 7.42 41.17
C MET H 150 52.91 5.97 41.29
N HIS H 151 53.79 5.05 40.86
CA HIS H 151 53.64 3.66 41.25
C HIS H 151 53.70 3.55 42.76
N GLN H 152 52.99 2.57 43.32
CA GLN H 152 52.94 2.45 44.78
C GLN H 152 53.09 1.00 45.21
N PHE H 153 54.17 0.72 45.93
CA PHE H 153 54.29 -0.49 46.75
C PHE H 153 53.96 -0.11 48.19
N THR H 154 53.34 -1.04 48.92
CA THR H 154 52.91 -0.75 50.27
C THR H 154 53.14 -1.95 51.18
N TYR H 155 53.69 -1.70 52.36
CA TYR H 155 53.87 -2.72 53.39
C TYR H 155 53.00 -2.34 54.59
N PHE H 156 52.28 -3.31 55.12
CA PHE H 156 51.27 -3.06 56.15
C PHE H 156 51.79 -3.42 57.53
N ILE H 157 51.52 -2.55 58.50
CA ILE H 157 51.88 -2.74 59.90
C ILE H 157 50.63 -2.49 60.74
N GLY H 158 50.08 -3.55 61.33
CA GLY H 158 48.87 -3.44 62.11
C GLY H 158 47.64 -3.88 61.32
N GLU H 159 46.47 -3.56 61.90
CA GLU H 159 45.19 -4.02 61.34
C GLU H 159 44.66 -2.95 60.39
N VAL H 160 45.20 -2.97 59.17
CA VAL H 160 44.92 -1.97 58.14
C VAL H 160 43.95 -2.54 57.13
N ASN H 161 42.99 -1.72 56.70
CA ASN H 161 42.13 -2.01 55.57
C ASN H 161 42.63 -1.25 54.35
N PHE H 162 42.81 -1.98 53.25
CA PHE H 162 43.26 -1.41 51.98
C PHE H 162 42.07 -1.40 51.02
N TYR H 163 41.57 -0.20 50.72
CA TYR H 163 40.45 -0.02 49.80
C TYR H 163 40.99 0.34 48.42
N TYR H 164 40.37 -0.21 47.38
CA TYR H 164 40.79 0.07 46.01
C TYR H 164 39.62 -0.22 45.09
N LYS H 165 39.68 0.32 43.88
CA LYS H 165 38.66 0.09 42.86
C LYS H 165 39.21 -0.83 41.77
N ASP H 166 38.34 -1.69 41.25
CA ASP H 166 38.69 -2.57 40.14
C ASP H 166 38.61 -1.82 38.81
N PRO H 167 39.04 -2.43 37.71
CA PRO H 167 38.96 -1.72 36.41
C PRO H 167 37.55 -1.25 36.06
N GLU H 168 36.52 -1.85 36.64
CA GLU H 168 35.14 -1.47 36.37
C GLU H 168 34.67 -0.30 37.23
N GLY H 169 35.42 0.07 38.27
CA GLY H 169 35.06 1.16 39.14
C GLY H 169 34.46 0.75 40.47
N LYS H 170 34.21 -0.54 40.68
CA LYS H 170 33.57 -1.01 41.90
C LYS H 170 34.56 -1.02 43.07
N LYS H 171 34.05 -0.75 44.26
CA LYS H 171 34.89 -0.63 45.43
C LYS H 171 35.22 -1.99 46.03
N HIS H 172 36.49 -2.19 46.37
CA HIS H 172 36.96 -3.38 47.07
C HIS H 172 37.70 -2.97 48.33
N VAL H 173 37.89 -3.94 49.22
CA VAL H 173 38.72 -3.74 50.40
C VAL H 173 39.49 -5.03 50.67
N ALA H 174 40.75 -4.87 51.07
CA ALA H 174 41.59 -5.99 51.46
C ALA H 174 41.91 -5.83 52.95
N ILE H 175 41.60 -6.87 53.72
CA ILE H 175 41.79 -6.85 55.16
C ILE H 175 43.22 -7.30 55.43
N MET H 176 44.10 -6.34 55.71
CA MET H 176 45.53 -6.60 55.79
C MET H 176 46.00 -6.66 57.24
N ASN H 177 47.17 -7.28 57.42
CA ASN H 177 47.81 -7.41 58.72
C ASN H 177 49.31 -7.22 58.52
N THR H 178 50.05 -7.25 59.64
CA THR H 178 51.48 -6.98 59.61
C THR H 178 52.18 -7.99 58.71
N GLY H 179 53.02 -7.47 57.81
CA GLY H 179 53.73 -8.32 56.87
C GLY H 179 53.04 -8.50 55.54
N ASP H 180 51.76 -8.14 55.43
CA ASP H 180 51.13 -8.12 54.13
C ASP H 180 51.68 -6.96 53.31
N SER H 181 51.56 -7.06 52.00
CA SER H 181 52.07 -6.04 51.11
C SER H 181 51.23 -5.99 49.85
N MET H 182 51.37 -4.90 49.10
CA MET H 182 50.61 -4.78 47.88
C MET H 182 51.35 -3.90 46.88
N TYR H 183 50.93 -3.99 45.63
CA TYR H 183 51.30 -3.04 44.59
C TYR H 183 50.01 -2.59 43.92
N ILE H 184 49.95 -1.31 43.54
CA ILE H 184 48.77 -0.75 42.90
C ILE H 184 49.21 0.09 41.69
N THR H 185 48.59 -0.17 40.55
CA THR H 185 48.97 0.50 39.31
C THR H 185 48.68 1.99 39.39
N PRO H 186 49.51 2.83 38.78
CA PRO H 186 49.24 4.28 38.79
C PRO H 186 47.81 4.63 38.39
N PHE H 187 47.25 5.60 39.09
CA PHE H 187 45.92 6.19 38.88
C PHE H 187 44.78 5.29 39.33
N THR H 188 45.07 4.16 39.97
CA THR H 188 44.02 3.35 40.57
C THR H 188 43.62 3.96 41.92
N PRO H 189 42.36 4.34 42.11
CA PRO H 189 41.97 4.99 43.37
C PRO H 189 42.09 4.03 44.55
N HIS H 190 42.43 4.60 45.70
CA HIS H 190 42.67 3.81 46.89
C HIS H 190 42.58 4.70 48.13
N THR H 191 42.47 4.05 49.28
CA THR H 191 42.50 4.70 50.58
C THR H 191 42.74 3.63 51.64
N PHE H 192 43.09 4.09 52.84
CA PHE H 192 43.42 3.19 53.94
C PHE H 192 42.76 3.67 55.22
N THR H 193 42.33 2.72 56.05
CA THR H 193 41.76 3.00 57.36
C THR H 193 42.35 2.01 58.35
N THR H 194 42.03 2.23 59.63
CA THR H 194 42.35 1.29 60.69
C THR H 194 41.07 0.56 61.10
N ARG H 195 41.16 -0.75 61.27
CA ARG H 195 40.04 -1.51 61.77
C ARG H 195 39.88 -1.25 63.26
N ASP H 196 38.63 -1.31 63.73
CA ASP H 196 38.37 -1.10 65.14
C ASP H 196 39.01 -2.22 65.96
N GLY H 197 38.62 -2.39 67.22
CA GLY H 197 39.25 -3.39 68.09
C GLY H 197 40.76 -3.56 68.03
N ALA H 198 41.44 -2.84 67.16
CA ALA H 198 42.90 -2.91 67.06
C ALA H 198 43.55 -2.20 68.24
N SER H 199 44.67 -2.75 68.70
CA SER H 199 45.34 -2.19 69.88
C SER H 199 45.84 -0.77 69.62
N GLN H 200 46.29 -0.50 68.40
CA GLN H 200 46.74 0.82 68.02
C GLN H 200 46.35 1.08 66.57
N ASN H 201 46.55 2.32 66.13
CA ASN H 201 46.23 2.67 64.75
C ASN H 201 47.09 1.87 63.78
N GLY H 202 46.51 1.53 62.63
CA GLY H 202 47.28 0.88 61.60
C GLY H 202 48.26 1.82 60.93
N LEU H 203 49.34 1.24 60.41
CA LEU H 203 50.42 2.00 59.78
C LEU H 203 50.79 1.35 58.47
N ILE H 204 51.04 2.16 57.44
CA ILE H 204 51.55 1.67 56.18
C ILE H 204 52.84 2.41 55.83
N LEU H 205 53.75 1.69 55.19
CA LEU H 205 54.94 2.28 54.57
C LEU H 205 54.68 2.32 53.07
N ALA H 206 54.16 3.45 52.60
CA ALA H 206 53.79 3.64 51.19
C ALA H 206 55.02 4.07 50.40
N LEU H 207 55.67 3.12 49.76
CA LEU H 207 56.91 3.37 49.02
C LEU H 207 56.55 3.64 47.55
N THR H 208 56.29 4.90 47.23
CA THR H 208 55.92 5.29 45.88
C THR H 208 57.14 5.74 45.09
N TYR H 209 57.03 5.65 43.77
CA TYR H 209 58.18 5.93 42.92
C TYR H 209 57.74 6.06 41.47
N GLY H 210 58.56 6.75 40.69
CA GLY H 210 58.41 6.80 39.25
C GLY H 210 59.32 5.78 38.58
N SER H 211 58.99 5.44 37.33
CA SER H 211 59.78 4.46 36.60
C SER H 211 60.31 5.05 35.30
N LYS H 212 59.55 4.91 34.21
CA LYS H 212 60.00 5.35 32.90
C LYS H 212 59.08 6.41 32.30
N LEU H 213 58.23 7.06 33.12
CA LEU H 213 57.30 8.06 32.62
C LEU H 213 57.44 9.42 33.30
N THR H 214 58.46 9.60 34.15
CA THR H 214 58.64 10.86 34.85
C THR H 214 59.75 11.66 34.18
N GLY H 215 59.79 12.95 34.51
CA GLY H 215 60.92 13.76 34.06
C GLY H 215 60.96 13.99 32.57
N ASP H 216 62.08 13.62 31.96
CA ASP H 216 62.31 13.90 30.54
C ASP H 216 61.21 13.27 29.67
N ILE H 217 60.89 12.01 29.93
CA ILE H 217 59.94 11.30 29.09
C ILE H 217 58.59 11.98 29.10
N GLN H 218 58.11 12.36 30.29
CA GLN H 218 56.85 13.10 30.41
C GLN H 218 56.89 14.42 29.64
N GLN H 219 58.01 15.13 29.71
CA GLN H 219 58.12 16.41 29.01
C GLN H 219 58.04 16.22 27.50
N GLU H 220 58.71 15.18 26.98
CA GLU H 220 58.67 14.89 25.56
C GLU H 220 57.25 14.60 25.07
N LEU H 221 56.42 13.98 25.91
CA LEU H 221 55.05 13.69 25.52
C LEU H 221 54.14 14.90 25.62
N SER H 222 54.38 15.81 26.56
CA SER H 222 53.47 16.92 26.78
C SER H 222 53.46 17.89 25.60
N SER H 223 54.55 17.98 24.85
CA SER H 223 54.63 18.87 23.70
C SER H 223 53.90 18.33 22.49
N LEU H 224 53.45 17.08 22.51
CA LEU H 224 52.68 16.51 21.42
C LEU H 224 51.20 16.79 21.62
N SER H 225 50.46 16.82 20.50
CA SER H 225 49.02 16.89 20.57
C SER H 225 48.46 15.68 21.31
N LEU H 226 47.30 15.86 21.92
CA LEU H 226 46.66 14.75 22.64
C LEU H 226 46.40 13.59 21.70
N ASP H 227 46.05 13.88 20.44
CA ASP H 227 45.82 12.82 19.47
C ASP H 227 47.10 12.04 19.17
N CYS H 228 48.21 12.74 18.98
CA CYS H 228 49.46 12.05 18.66
C CYS H 228 50.04 11.34 19.87
N GLY H 229 50.03 12.00 21.04
CA GLY H 229 50.60 11.38 22.22
C GLY H 229 49.88 10.11 22.64
N SER H 230 48.56 10.10 22.50
CA SER H 230 47.79 8.93 22.92
C SER H 230 48.05 7.70 22.07
N GLN H 231 48.55 7.86 20.84
CA GLN H 231 48.79 6.70 19.98
C GLN H 231 50.04 5.91 20.38
N TYR H 232 50.86 6.44 21.30
CA TYR H 232 51.94 5.62 21.84
C TYR H 232 51.41 4.52 22.73
N ALA H 233 50.25 4.73 23.35
CA ALA H 233 49.68 3.75 24.26
C ALA H 233 49.10 2.61 23.43
N LEU H 234 49.81 1.50 23.39
CA LEU H 234 49.37 0.32 22.66
C LEU H 234 48.33 -0.46 23.47
N ASP H 235 47.63 -1.36 22.79
CA ASP H 235 46.62 -2.19 23.44
C ASP H 235 47.34 -3.31 24.17
N PHE H 236 47.50 -3.15 25.49
CA PHE H 236 48.10 -4.17 26.32
C PHE H 236 47.07 -4.78 27.29
N THR H 237 45.79 -4.76 26.91
CA THR H 237 44.77 -5.26 27.82
C THR H 237 44.91 -6.76 28.06
N ASN H 238 45.44 -7.50 27.09
CA ASN H 238 45.74 -8.92 27.28
C ASN H 238 46.88 -9.30 26.37
N HIS H 239 47.43 -10.51 26.60
CA HIS H 239 48.69 -10.90 25.96
C HIS H 239 48.55 -10.93 24.44
N GLU H 240 47.44 -11.45 23.93
CA GLU H 240 47.28 -11.60 22.49
C GLU H 240 47.17 -10.23 21.80
N ASN H 241 46.44 -9.30 22.40
CA ASN H 241 46.36 -7.95 21.84
C ASN H 241 47.70 -7.24 21.89
N ALA H 242 48.49 -7.46 22.95
CA ALA H 242 49.80 -6.84 23.01
C ALA H 242 50.71 -7.35 21.90
N SER H 243 50.61 -8.65 21.57
CA SER H 243 51.42 -9.19 20.48
C SER H 243 51.08 -8.50 19.17
N LEU H 244 49.78 -8.33 18.89
CA LEU H 244 49.38 -7.67 17.65
C LEU H 244 49.78 -6.20 17.68
N SER H 245 49.60 -5.54 18.83
CA SER H 245 49.97 -4.12 18.93
C SER H 245 51.44 -3.91 18.62
N LEU H 246 52.32 -4.76 19.18
CA LEU H 246 53.74 -4.61 18.91
C LEU H 246 54.08 -4.96 17.47
N LEU H 247 53.50 -6.04 16.93
CA LEU H 247 53.74 -6.40 15.54
C LEU H 247 53.28 -5.30 14.60
N GLU H 248 52.13 -4.69 14.90
CA GLU H 248 51.63 -3.60 14.07
C GLU H 248 52.55 -2.38 14.16
N TYR H 249 52.97 -2.02 15.37
CA TYR H 249 53.78 -0.82 15.56
C TYR H 249 55.08 -0.89 14.79
N TYR H 250 55.83 -2.00 14.92
CA TYR H 250 57.12 -2.09 14.26
C TYR H 250 56.99 -2.32 12.76
N PHE H 251 55.87 -2.89 12.30
CA PHE H 251 55.63 -2.94 10.87
C PHE H 251 55.50 -1.54 10.28
N GLU H 252 54.83 -0.64 11.01
CA GLU H 252 54.69 0.74 10.52
C GLU H 252 56.03 1.46 10.47
N LEU H 253 56.91 1.22 11.45
CA LEU H 253 58.24 1.82 11.42
C LEU H 253 59.05 1.37 10.21
N SER H 254 58.89 0.10 9.79
CA SER H 254 59.67 -0.40 8.67
C SER H 254 59.29 0.26 7.37
N ASN H 255 58.04 0.76 7.28
CA ASN H 255 57.48 1.35 6.07
C ASN H 255 57.40 0.36 4.93
N LEU H 256 57.45 -0.92 5.24
CA LEU H 256 57.23 -1.96 4.23
C LEU H 256 55.75 -2.04 3.87
N THR H 257 55.49 -2.50 2.65
CA THR H 257 54.16 -2.97 2.31
C THR H 257 54.03 -4.41 2.78
N LYS H 258 52.78 -4.89 2.87
CA LYS H 258 52.57 -6.29 3.19
C LYS H 258 53.22 -7.19 2.14
N GLU H 259 53.23 -6.75 0.88
CA GLU H 259 53.76 -7.58 -0.19
C GLU H 259 55.29 -7.63 -0.14
N LYS H 260 55.94 -6.51 0.15
CA LYS H 260 57.40 -6.53 0.35
C LYS H 260 57.76 -7.25 1.64
N PHE H 261 56.95 -7.05 2.70
CA PHE H 261 57.15 -7.77 3.94
C PHE H 261 57.07 -9.28 3.71
N ALA H 262 56.11 -9.72 2.88
CA ALA H 262 55.98 -11.14 2.57
C ALA H 262 57.19 -11.66 1.80
N LYS H 263 57.64 -10.91 0.79
CA LYS H 263 58.81 -11.33 0.02
C LYS H 263 60.05 -11.35 0.90
N ARG H 264 60.16 -10.41 1.84
CA ARG H 264 61.34 -10.33 2.69
C ARG H 264 61.41 -11.49 3.67
N THR H 265 60.28 -11.88 4.23
CA THR H 265 60.23 -13.03 5.14
C THR H 265 60.10 -14.35 4.41
N ASN H 266 59.74 -14.31 3.13
CA ASN H 266 59.37 -15.50 2.35
C ASN H 266 58.17 -16.21 2.99
N PHE H 267 57.28 -15.43 3.61
CA PHE H 267 55.98 -15.90 4.05
C PHE H 267 54.93 -15.54 3.01
N SER H 268 53.89 -16.36 2.91
CA SER H 268 52.78 -16.01 2.03
C SER H 268 52.00 -14.84 2.60
N MET H 269 51.23 -14.18 1.74
CA MET H 269 50.36 -13.10 2.20
C MET H 269 49.35 -13.61 3.21
N GLU H 270 48.83 -14.82 3.00
CA GLU H 270 47.87 -15.37 3.96
C GLU H 270 48.53 -15.68 5.29
N THR H 271 49.75 -16.24 5.26
CA THR H 271 50.49 -16.48 6.50
C THR H 271 50.67 -15.20 7.29
N LEU H 272 51.06 -14.13 6.59
CA LEU H 272 51.16 -12.82 7.22
C LEU H 272 49.80 -12.36 7.73
N ALA H 273 48.74 -12.60 6.94
CA ALA H 273 47.40 -12.18 7.33
C ALA H 273 46.96 -12.89 8.60
N ASP H 274 47.35 -14.16 8.78
CA ASP H 274 46.98 -14.86 10.00
C ASP H 274 47.60 -14.21 11.23
N PHE H 275 48.78 -13.61 11.07
CA PHE H 275 49.42 -12.91 12.19
C PHE H 275 48.69 -11.62 12.51
N PHE H 276 48.39 -10.81 11.48
CA PHE H 276 47.78 -9.51 11.70
C PHE H 276 46.29 -9.57 12.00
N THR H 277 45.66 -10.73 11.87
CA THR H 277 44.26 -10.91 12.23
C THR H 277 44.09 -11.78 13.48
N LYS H 278 45.18 -12.09 14.18
CA LYS H 278 45.17 -12.90 15.39
C LYS H 278 44.69 -14.34 15.13
N LYS H 279 44.69 -14.78 13.87
CA LYS H 279 44.30 -16.15 13.58
C LYS H 279 45.33 -17.15 14.09
N LYS H 280 46.61 -16.96 13.73
CA LYS H 280 47.69 -17.83 14.19
C LYS H 280 48.77 -17.02 14.88
N LEU H 281 49.51 -17.67 15.77
CA LEU H 281 50.56 -16.96 16.47
C LEU H 281 51.94 -17.40 15.97
N PRO H 282 52.86 -16.46 15.73
CA PRO H 282 54.18 -16.84 15.21
C PRO H 282 54.96 -17.70 16.19
N THR H 283 55.63 -18.72 15.65
CA THR H 283 56.55 -19.50 16.46
C THR H 283 57.77 -18.65 16.79
N PHE H 284 58.60 -19.15 17.73
CA PHE H 284 59.79 -18.39 18.11
C PHE H 284 60.73 -18.20 16.93
N ASP H 285 60.88 -19.22 16.08
CA ASP H 285 61.74 -19.05 14.90
C ASP H 285 61.11 -18.07 13.91
N GLU H 286 59.79 -18.11 13.76
CA GLU H 286 59.13 -17.18 12.85
C GLU H 286 59.24 -15.75 13.36
N LEU H 287 59.14 -15.55 14.68
CA LEU H 287 59.27 -14.22 15.24
C LEU H 287 60.66 -13.66 14.98
N LYS H 288 61.70 -14.50 15.05
CA LYS H 288 63.03 -14.02 14.74
C LYS H 288 63.15 -13.65 13.26
N ILE H 289 62.48 -14.41 12.38
CA ILE H 289 62.46 -14.06 10.96
C ILE H 289 61.70 -12.75 10.74
N ILE H 290 60.57 -12.58 11.43
CA ILE H 290 59.82 -11.33 11.34
C ILE H 290 60.65 -10.16 11.85
N ALA H 291 61.33 -10.36 12.98
CA ALA H 291 62.13 -9.30 13.57
C ALA H 291 63.28 -8.88 12.64
N LYS H 292 63.96 -9.86 12.03
CA LYS H 292 65.04 -9.51 11.12
C LYS H 292 64.54 -8.69 9.94
N ALA H 293 63.37 -9.05 9.41
CA ALA H 293 62.82 -8.32 8.27
C ALA H 293 62.45 -6.89 8.63
N LEU H 294 62.03 -6.65 9.87
CA LEU H 294 61.67 -5.32 10.30
C LEU H 294 62.86 -4.55 10.87
N ASN H 295 64.07 -5.12 10.78
CA ASN H 295 65.28 -4.47 11.28
C ASN H 295 65.17 -4.19 12.77
N VAL H 296 64.56 -5.12 13.50
CA VAL H 296 64.46 -5.07 14.95
C VAL H 296 64.76 -6.46 15.51
N ASN H 297 64.71 -6.58 16.83
CA ASN H 297 64.97 -7.82 17.53
C ASN H 297 63.68 -8.50 17.95
N SER H 298 63.71 -9.83 18.05
CA SER H 298 62.55 -10.55 18.54
C SER H 298 62.14 -10.06 19.92
N ARG H 299 63.12 -9.67 20.75
CA ARG H 299 62.84 -9.06 22.04
C ARG H 299 61.93 -7.85 21.91
N ASP H 300 62.09 -7.08 20.83
CA ASP H 300 61.28 -5.88 20.64
C ASP H 300 59.85 -6.21 20.22
N LEU H 301 59.64 -7.36 19.58
CA LEU H 301 58.29 -7.75 19.19
C LEU H 301 57.56 -8.48 20.31
N MET H 302 58.28 -8.97 21.32
CA MET H 302 57.65 -9.75 22.36
C MET H 302 56.96 -8.85 23.39
N PRO H 303 55.76 -9.20 23.81
CA PRO H 303 55.18 -8.60 25.03
C PRO H 303 55.75 -9.29 26.27
N ASN H 304 55.30 -8.83 27.43
CA ASN H 304 55.61 -9.56 28.66
C ASN H 304 55.01 -10.98 28.58
N ASP H 305 55.50 -11.85 29.46
CA ASP H 305 55.09 -13.25 29.39
C ASP H 305 53.61 -13.42 29.71
N LEU H 306 53.11 -12.70 30.71
CA LEU H 306 51.69 -12.69 31.04
C LEU H 306 51.27 -11.28 31.41
N THR H 307 49.95 -11.06 31.44
CA THR H 307 49.38 -9.77 31.79
C THR H 307 48.98 -9.79 33.26
N GLU H 308 49.58 -8.91 34.06
CA GLU H 308 49.30 -8.88 35.49
C GLU H 308 48.03 -8.10 35.79
N SER H 309 47.44 -8.41 36.95
CA SER H 309 46.34 -7.62 37.46
C SER H 309 46.84 -6.23 37.87
N LYS H 310 45.91 -5.26 37.85
CA LYS H 310 46.26 -3.89 38.20
C LYS H 310 46.53 -3.70 39.68
N VAL H 311 45.98 -4.54 40.54
CA VAL H 311 46.20 -4.47 41.98
C VAL H 311 46.70 -5.84 42.44
N ILE H 312 47.82 -5.85 43.16
CA ILE H 312 48.42 -7.08 43.66
C ILE H 312 48.38 -7.05 45.18
N VAL H 313 47.78 -8.07 45.79
CA VAL H 313 47.72 -8.21 47.24
C VAL H 313 48.37 -9.53 47.64
N LYS H 314 49.28 -9.47 48.61
CA LYS H 314 50.07 -10.63 48.99
C LYS H 314 50.23 -10.66 50.51
N THR H 315 49.65 -11.66 51.16
CA THR H 315 49.79 -11.81 52.60
C THR H 315 51.13 -12.41 52.98
N HIS H 316 51.48 -12.24 54.26
CA HIS H 316 52.75 -12.74 54.77
C HIS H 316 52.89 -14.23 54.53
N ASP H 317 51.79 -14.97 54.68
CA ASP H 317 51.83 -16.41 54.55
C ASP H 317 52.17 -16.84 53.12
N GLN H 318 51.89 -15.99 52.14
CA GLN H 318 52.12 -16.32 50.73
C GLN H 318 53.52 -15.98 50.26
N CYS H 319 54.36 -15.39 51.10
CA CYS H 319 55.70 -14.99 50.71
C CYS H 319 56.65 -16.18 50.76
N ASP H 320 57.25 -16.52 49.62
CA ASP H 320 58.35 -17.46 49.65
C ASP H 320 59.54 -16.85 50.37
N HIS H 321 60.37 -17.69 50.97
CA HIS H 321 61.49 -17.20 51.76
C HIS H 321 62.65 -18.17 51.69
N TRP H 322 63.84 -17.66 51.98
CA TRP H 322 65.05 -18.47 51.89
C TRP H 322 66.16 -17.80 52.69
N LYS H 323 67.17 -18.60 53.01
CA LYS H 323 68.35 -18.13 53.72
C LYS H 323 69.34 -17.53 52.72
N TYR H 324 69.91 -16.39 53.09
CA TYR H 324 70.91 -15.75 52.25
C TYR H 324 72.01 -15.13 53.12
N PRO H 325 73.28 -15.34 52.75
CA PRO H 325 73.66 -16.23 51.65
C PRO H 325 73.64 -17.68 52.12
N GLU H 326 74.42 -18.54 51.46
CA GLU H 326 74.57 -19.91 51.95
C GLU H 326 75.09 -19.91 53.38
N SER H 327 75.90 -18.90 53.75
CA SER H 327 76.44 -18.82 55.10
C SER H 327 75.35 -18.59 56.13
N GLY H 328 74.33 -17.80 55.79
CA GLY H 328 73.12 -17.71 56.58
C GLY H 328 72.93 -16.51 57.48
N ASN H 329 73.45 -15.33 57.11
CA ASN H 329 73.23 -14.14 57.93
C ASN H 329 71.82 -13.59 57.82
N TYR H 330 71.08 -13.88 56.75
CA TYR H 330 69.77 -13.27 56.53
C TYR H 330 68.73 -14.32 56.20
N GLU H 331 67.47 -13.94 56.37
CA GLU H 331 66.33 -14.69 55.84
C GLU H 331 65.49 -13.70 55.03
N PHE H 332 65.44 -13.90 53.71
CA PHE H 332 64.74 -13.01 52.80
C PHE H 332 63.31 -13.48 52.60
N TYR H 333 62.36 -12.55 52.67
CA TYR H 333 60.95 -12.82 52.39
C TYR H 333 60.52 -12.03 51.15
N GLU H 334 60.00 -12.73 50.16
CA GLU H 334 59.62 -12.13 48.88
C GLU H 334 58.25 -11.49 49.04
N LEU H 335 58.19 -10.16 49.02
CA LEU H 335 56.94 -9.44 49.20
C LEU H 335 56.21 -9.32 47.85
N ALA H 336 55.14 -8.51 47.82
CA ALA H 336 54.33 -8.37 46.61
C ALA H 336 55.17 -7.84 45.46
N SER H 337 54.82 -8.29 44.24
CA SER H 337 55.54 -7.88 43.05
C SER H 337 54.65 -8.05 41.83
N THR H 338 55.11 -7.50 40.71
CA THR H 338 54.42 -7.64 39.43
C THR H 338 55.47 -7.66 38.32
N THR H 339 55.29 -8.59 37.36
CA THR H 339 56.20 -8.64 36.21
C THR H 339 56.02 -7.45 35.29
N ALA H 340 55.01 -6.61 35.52
CA ALA H 340 54.94 -5.34 34.81
C ALA H 340 56.08 -4.41 35.17
N LEU H 341 56.70 -4.60 36.34
CA LEU H 341 57.87 -3.84 36.78
C LEU H 341 58.95 -4.83 37.20
N PRO H 342 59.68 -5.40 36.23
CA PRO H 342 60.66 -6.44 36.57
C PRO H 342 61.81 -5.97 37.43
N HIS H 343 62.03 -4.66 37.57
CA HIS H 343 63.13 -4.15 38.37
C HIS H 343 62.70 -3.65 39.73
N SER H 344 61.47 -3.93 40.14
CA SER H 344 60.99 -3.58 41.47
C SER H 344 60.96 -4.85 42.33
N LYS H 345 61.82 -4.89 43.34
CA LYS H 345 61.95 -6.03 44.24
C LYS H 345 61.72 -5.56 45.68
N ALA H 346 60.83 -6.23 46.39
CA ALA H 346 60.51 -5.89 47.76
C ALA H 346 60.76 -7.09 48.67
N PHE H 347 61.47 -6.86 49.77
CA PHE H 347 61.84 -7.93 50.68
C PHE H 347 61.57 -7.51 52.13
N GLU H 348 61.16 -8.48 52.94
CA GLU H 348 61.21 -8.38 54.39
C GLU H 348 62.33 -9.30 54.85
N ILE H 349 63.30 -8.75 55.59
CA ILE H 349 64.54 -9.45 55.87
C ILE H 349 64.72 -9.57 57.38
N ASP H 350 64.88 -10.81 57.84
CA ASP H 350 65.31 -11.10 59.21
C ASP H 350 66.82 -11.19 59.23
N VAL H 351 67.47 -10.37 60.05
CA VAL H 351 68.92 -10.35 60.15
C VAL H 351 69.32 -11.06 61.43
N SER H 352 70.12 -12.12 61.31
CA SER H 352 70.65 -12.87 62.45
C SER H 352 72.11 -13.16 62.10
N SER H 353 72.92 -12.11 62.14
CA SER H 353 74.29 -12.13 61.68
C SER H 353 75.26 -12.64 62.74
N SER H 354 76.23 -13.43 62.31
CA SER H 354 77.34 -13.86 63.15
C SER H 354 78.48 -12.87 62.98
N GLU H 355 79.63 -13.17 63.57
CA GLU H 355 80.83 -12.35 63.38
C GLU H 355 81.31 -12.55 61.95
N ASP H 356 80.95 -11.62 61.07
CA ASP H 356 81.18 -11.77 59.64
C ASP H 356 81.53 -10.41 59.07
N LEU H 357 82.75 -10.28 58.53
CA LEU H 357 83.19 -9.01 57.96
C LEU H 357 82.81 -8.85 56.50
N ASN H 358 82.40 -9.93 55.83
CA ASN H 358 82.07 -9.88 54.42
C ASN H 358 80.96 -8.87 54.15
N LEU H 359 81.14 -8.06 53.10
CA LEU H 359 80.04 -7.29 52.54
C LEU H 359 79.34 -8.23 51.58
N ASP H 360 78.19 -8.78 51.99
CA ASP H 360 77.56 -9.88 51.29
C ASP H 360 76.32 -9.50 50.50
N LEU H 361 75.96 -8.22 50.46
CA LEU H 361 74.82 -7.75 49.68
C LEU H 361 75.30 -6.76 48.63
N LYS H 362 74.85 -6.94 47.40
CA LYS H 362 75.24 -6.05 46.31
C LYS H 362 74.24 -6.22 45.17
N VAL H 363 73.66 -5.12 44.71
CA VAL H 363 72.61 -5.19 43.70
C VAL H 363 72.63 -3.91 42.88
N GLY H 364 72.47 -4.06 41.56
CA GLY H 364 72.48 -2.92 40.67
C GLY H 364 71.13 -2.23 40.53
N LEU H 365 70.59 -1.75 41.65
CA LEU H 365 69.33 -1.02 41.68
C LEU H 365 69.39 0.02 42.79
N HIS H 366 68.54 1.04 42.68
CA HIS H 366 68.31 1.92 43.82
C HIS H 366 67.64 1.13 44.92
N GLN H 367 67.97 1.46 46.17
CA GLN H 367 67.49 0.71 47.32
C GLN H 367 66.97 1.64 48.39
N TYR H 368 65.84 1.27 48.99
CA TYR H 368 65.28 1.96 50.14
C TYR H 368 65.19 0.96 51.28
N VAL H 369 65.63 1.37 52.46
CA VAL H 369 65.66 0.50 53.63
C VAL H 369 64.89 1.19 54.75
N TYR H 370 64.16 0.42 55.55
CA TYR H 370 63.47 0.94 56.72
C TYR H 370 63.55 -0.09 57.83
N ASN H 371 63.98 0.32 59.01
CA ASN H 371 64.07 -0.59 60.14
C ASN H 371 62.66 -0.75 60.72
N ILE H 372 62.01 -1.86 60.38
CA ILE H 372 60.67 -2.17 60.88
C ILE H 372 60.69 -2.97 62.16
N GLY H 373 61.86 -3.42 62.62
CA GLY H 373 61.98 -4.14 63.86
C GLY H 373 62.00 -3.22 65.06
N ASP H 374 62.29 -3.81 66.22
CA ASP H 374 62.40 -3.07 67.46
C ASP H 374 63.83 -3.09 68.01
N SER H 375 64.79 -3.55 67.22
CA SER H 375 66.19 -3.58 67.60
C SER H 375 67.00 -2.78 66.59
N ALA H 376 68.12 -2.25 67.05
CA ALA H 376 69.01 -1.53 66.16
C ALA H 376 69.85 -2.50 65.36
N LEU H 377 70.19 -2.11 64.14
CA LEU H 377 71.07 -2.88 63.28
C LEU H 377 72.17 -1.98 62.77
N THR H 378 73.29 -2.60 62.42
CA THR H 378 74.44 -1.88 61.89
C THR H 378 74.56 -2.13 60.40
N ILE H 379 74.83 -1.06 59.65
CA ILE H 379 75.07 -1.14 58.21
C ILE H 379 76.55 -0.89 57.98
N ASN H 380 77.23 -1.85 57.38
CA ASN H 380 78.60 -1.69 56.92
C ASN H 380 78.58 -1.62 55.39
N TRP H 381 79.38 -0.73 54.83
CA TRP H 381 79.40 -0.62 53.38
C TRP H 381 80.69 0.05 52.93
N ASN H 382 80.93 -0.02 51.62
CA ASN H 382 82.12 0.51 50.98
C ASN H 382 81.72 1.41 49.83
N TYR H 383 82.40 2.53 49.70
CA TYR H 383 82.11 3.49 48.63
C TYR H 383 83.34 4.37 48.41
N GLU H 384 83.88 4.34 47.19
CA GLU H 384 85.01 5.18 46.79
C GLU H 384 86.21 5.01 47.72
N ASN H 385 86.66 3.75 47.84
CA ASN H 385 87.87 3.38 48.58
C ASN H 385 87.77 3.70 50.07
N LYS H 386 86.57 3.90 50.60
CA LYS H 386 86.36 4.14 52.02
C LYS H 386 85.26 3.22 52.52
N THR H 387 85.52 2.52 53.62
CA THR H 387 84.55 1.66 54.26
C THR H 387 83.88 2.42 55.39
N TYR H 388 82.56 2.33 55.47
CA TYR H 388 81.79 3.08 56.46
C TYR H 388 81.00 2.12 57.34
N GLN H 389 80.54 2.64 58.47
CA GLN H 389 79.74 1.88 59.40
C GLN H 389 78.81 2.84 60.13
N LYS H 390 77.51 2.57 60.06
CA LYS H 390 76.51 3.40 60.72
C LYS H 390 75.48 2.50 61.38
N SER H 391 74.81 3.05 62.38
CA SER H 391 73.78 2.32 63.10
C SER H 391 72.42 2.71 62.53
N LEU H 392 71.52 1.74 62.42
CA LEU H 392 70.18 1.97 61.91
C LEU H 392 69.20 1.58 63.02
N ASN H 393 68.67 2.58 63.72
CA ASN H 393 67.76 2.33 64.82
C ASN H 393 66.34 2.06 64.33
N PRO H 394 65.48 1.48 65.17
CA PRO H 394 64.08 1.30 64.79
C PRO H 394 63.43 2.60 64.36
N GLY H 395 62.79 2.58 63.19
CA GLY H 395 62.21 3.76 62.61
C GLY H 395 63.13 4.58 61.72
N ASP H 396 64.43 4.28 61.72
CA ASP H 396 65.34 4.92 60.79
C ASP H 396 65.16 4.33 59.39
N SER H 397 65.46 5.15 58.38
CA SER H 397 65.41 4.72 57.00
C SER H 397 66.71 5.13 56.32
N ALA H 398 66.96 4.53 55.15
CA ALA H 398 68.19 4.81 54.43
C ALA H 398 67.96 4.61 52.93
N TYR H 399 68.71 5.38 52.15
CA TYR H 399 68.82 5.17 50.71
C TYR H 399 70.21 4.67 50.37
N ILE H 400 70.28 3.68 49.48
CA ILE H 400 71.54 3.07 49.09
C ILE H 400 71.68 3.20 47.58
N LYS H 401 72.80 3.76 47.13
CA LYS H 401 73.04 3.92 45.71
C LYS H 401 73.28 2.55 45.07
N PRO H 402 72.99 2.43 43.77
CA PRO H 402 73.16 1.13 43.10
C PRO H 402 74.58 0.62 43.18
N PHE H 403 74.71 -0.70 43.30
CA PHE H 403 75.93 -1.48 43.29
C PHE H 403 76.82 -1.26 44.51
N VAL H 404 76.40 -0.46 45.50
CA VAL H 404 77.19 -0.26 46.71
C VAL H 404 77.21 -1.55 47.53
N PRO H 405 78.38 -2.13 47.76
CA PRO H 405 78.44 -3.35 48.59
C PRO H 405 78.25 -3.04 50.06
N HIS H 406 77.43 -3.86 50.73
CA HIS H 406 77.04 -3.57 52.09
C HIS H 406 76.62 -4.86 52.79
N ASN H 407 76.37 -4.75 54.10
CA ASN H 407 75.76 -5.83 54.86
C ASN H 407 74.93 -5.21 55.98
N PHE H 408 74.19 -6.07 56.66
CA PHE H 408 73.48 -5.73 57.88
C PHE H 408 73.93 -6.69 58.98
N ARG H 409 74.25 -6.16 60.15
CA ARG H 409 74.80 -6.97 61.23
C ARG H 409 74.00 -6.75 62.50
N GLY H 410 73.76 -7.83 63.23
CA GLY H 410 72.95 -7.79 64.44
C GLY H 410 71.77 -8.74 64.41
N ASN H 411 70.74 -8.45 65.20
CA ASN H 411 69.51 -9.24 65.22
C ASN H 411 68.32 -8.30 65.10
N GLY H 412 67.58 -8.43 64.00
CA GLY H 412 66.47 -7.52 63.77
C GLY H 412 65.80 -7.79 62.44
N LYS H 413 64.96 -6.84 62.02
CA LYS H 413 64.17 -6.98 60.83
C LYS H 413 64.11 -5.65 60.09
N ILE H 414 64.27 -5.70 58.76
CA ILE H 414 64.23 -4.51 57.92
C ILE H 414 63.32 -4.75 56.72
N LEU H 415 62.84 -3.65 56.15
CA LEU H 415 62.10 -3.63 54.90
C LEU H 415 62.99 -3.07 53.80
N ILE H 416 63.03 -3.74 52.65
CA ILE H 416 63.86 -3.30 51.53
C ILE H 416 63.03 -3.27 50.25
N LEU H 417 63.06 -2.13 49.56
CA LEU H 417 62.48 -1.97 48.23
C LEU H 417 63.58 -1.54 47.28
N ARG H 418 63.70 -2.26 46.17
CA ARG H 418 64.67 -1.95 45.12
C ARG H 418 63.92 -1.58 43.85
N ILE H 419 64.35 -0.49 43.21
CA ILE H 419 63.74 -0.06 41.96
C ILE H 419 64.84 0.30 40.97
N GLY H 420 64.50 0.20 39.70
CA GLY H 420 65.46 0.39 38.63
C GLY H 420 65.63 1.84 38.25
N GLY H 421 64.66 2.67 38.60
CA GLY H 421 64.71 4.06 38.18
C GLY H 421 64.65 4.15 36.67
N LYS H 422 65.42 5.08 36.11
CA LYS H 422 65.47 5.27 34.67
C LYS H 422 66.61 4.51 34.00
N ILE H 423 67.51 3.89 34.77
CA ILE H 423 68.70 3.27 34.18
C ILE H 423 68.40 1.86 33.68
N SER H 424 67.80 1.03 34.53
CA SER H 424 67.62 -0.38 34.16
C SER H 424 66.70 -0.52 32.96
N GLY H 425 67.04 -1.48 32.09
CA GLY H 425 66.27 -1.69 30.87
C GLY H 425 66.97 -1.16 29.64
N ASP H 426 66.27 -0.28 28.90
CA ASP H 426 66.80 0.22 27.64
C ASP H 426 68.10 1.00 27.85
N SER H 427 68.12 1.88 28.85
CA SER H 427 69.30 2.71 29.08
C SER H 427 70.53 1.87 29.42
N GLN H 428 70.35 0.87 30.28
CA GLN H 428 71.46 -0.02 30.63
C GLN H 428 71.97 -0.77 29.41
N ARG H 429 71.05 -1.23 28.56
CA ARG H 429 71.46 -1.96 27.36
C ARG H 429 72.24 -1.07 26.42
N GLU H 430 71.77 0.17 26.22
CA GLU H 430 72.50 1.11 25.37
C GLU H 430 73.88 1.42 25.95
N LEU H 431 73.95 1.66 27.26
CA LEU H 431 75.25 1.91 27.90
C LEU H 431 76.19 0.71 27.77
N SER H 432 75.65 -0.51 27.77
CA SER H 432 76.47 -1.69 27.59
C SER H 432 77.04 -1.75 26.18
N PHE H 433 76.23 -1.34 25.19
CA PHE H 433 76.70 -1.33 23.81
C PHE H 433 77.79 -0.29 23.60
N VAL H 434 77.66 0.87 24.26
CA VAL H 434 78.67 1.91 24.14
C VAL H 434 80.02 1.41 24.65
N GLY H 435 80.02 0.58 25.66
CA GLY H 435 81.23 -0.04 26.14
C GLY H 435 81.61 0.44 27.54
N ARG H 436 82.27 -0.44 28.29
CA ARG H 436 82.68 -0.09 29.64
C ARG H 436 83.78 0.97 29.62
N GLU H 437 84.72 0.87 28.68
CA GLU H 437 85.81 1.84 28.60
C GLU H 437 85.33 3.24 28.25
N ASN H 438 84.10 3.38 27.75
CA ASN H 438 83.54 4.68 27.43
C ASN H 438 82.49 5.11 28.44
N THR H 439 82.26 4.32 29.49
CA THR H 439 81.22 4.64 30.46
C THR H 439 81.53 5.92 31.21
N GLN H 440 82.80 6.17 31.51
CA GLN H 440 83.18 7.36 32.25
C GLN H 440 82.80 8.63 31.51
N ARG H 441 83.13 8.70 30.22
CA ARG H 441 82.77 9.87 29.42
C ARG H 441 81.27 9.93 29.15
N ALA H 442 80.62 8.77 29.00
CA ALA H 442 79.18 8.74 28.75
C ALA H 442 78.41 9.31 29.93
N ILE H 443 78.87 9.03 31.15
CA ILE H 443 78.18 9.54 32.34
C ILE H 443 78.46 11.03 32.50
N SER H 444 79.71 11.45 32.30
CA SER H 444 80.11 12.84 32.46
C SER H 444 81.28 13.11 31.52
N GLU H 445 81.05 13.94 30.50
CA GLU H 445 82.09 14.24 29.52
C GLU H 445 83.09 15.24 30.09
N THR H 446 84.37 14.98 29.86
CA THR H 446 85.44 15.79 30.41
C THR H 446 86.35 16.43 29.36
N MET H 447 86.15 16.13 28.07
CA MET H 447 87.01 16.64 27.02
C MET H 447 86.18 17.17 25.85
N GLN H 448 86.73 18.16 25.17
CA GLN H 448 86.12 18.68 23.94
C GLN H 448 86.11 17.61 22.87
N TRP H 449 85.11 17.67 21.98
CA TRP H 449 84.93 16.59 21.03
C TRP H 449 86.03 16.52 19.98
N PHE H 450 86.80 17.61 19.80
CA PHE H 450 87.97 17.59 18.93
C PHE H 450 88.96 18.61 19.47
N ASP H 451 90.23 18.42 19.14
CA ASP H 451 91.26 19.37 19.53
C ASP H 451 91.58 20.32 18.39
#